data_8QCF
#
_entry.id   8QCF
#
_cell.length_a   1.00
_cell.length_b   1.00
_cell.length_c   1.00
_cell.angle_alpha   90.00
_cell.angle_beta   90.00
_cell.angle_gamma   90.00
#
_symmetry.space_group_name_H-M   'P 1'
#
loop_
_entity.id
_entity.type
_entity.pdbx_description
1 polymer 'Exosome complex component RRP45'
2 polymer 'Exosome complex component SKI6'
3 polymer 'Exosome complex component RRP43'
4 polymer 'RRP46 isoform 1'
5 polymer 'Exosome complex component RRP42'
6 polymer 'Exosome complex component MTR3'
7 polymer 'Exosome complex component RRP40'
8 polymer 'Exosome complex component RRP4'
9 polymer 'Exosome complex component CSL4'
10 polymer 'Exosome complex exonuclease DIS3'
11 polymer 'Superkiller protein 7'
12 polymer 'Antiviral helicase SKI2'
13 polymer "RNA (5'hairpin 60U)"
14 non-polymer "ADENOSINE-5'-TRIPHOSPHATE"
#
loop_
_entity_poly.entity_id
_entity_poly.type
_entity_poly.pdbx_seq_one_letter_code
_entity_poly.pdbx_strand_id
1 'polypeptide(L)'
;MAKDIEISASESKFILEALRQNYRLDGRSFDQFRDVEITFGKEFGDVSVKMGNTKVHCRISCQIAQPYEDRPFEGLFVIS
TEISPMAGSQFENGNITGEDEVLCSRIIEKSVRRSGALDVEGLCIVAGSKCWAVRADVHFLDCDGGFIDASCIAVMAGLM
HFKKPDITVHGEQIIVHPVNEREPVPLGILHIPICVTFSFFNPQDTEENIKGETNSEISIIDATLKEELLRDGVLTVTLN
KNREVVQVSKAGGLPMDALTLMKCCHEAYSIIEKITDQILQLLKEDSEKRNKYAAMLTSENAREI
;
B
2 'polypeptide(L)'
;GPHMSRLEIYSPEGLRLDGRRWNELRRFESSINTHPHAADGSSYMEQGNNKIITLVKGPKEPRLKSQMDTSKALLNVSVN
ITKFSKFERSKSSHKNERRVLEIQTSLVRMFEKNVMLNIYPRTVIDIEIHVLEQDGGIMGSLINGITLALIDAGISMFDY
ISGISVGLYDTTPLLDTNSLEENAMSTVTLGVVGKSEKLSLLLVEDKIPLDRLENVLAIGIAGAHRVRDLMDEELRKHAQ
KRVSNASAR
;
C
3 'polypeptide(L)'
;MAESTTLETIEIHPITFPPEVLARISPELSLQRHLSLGIRPCLRKYEEFRDVAIENNTLSRYADAGNIDTKNNILGSNVL
KSGKTIVITSITGGIIEETSASIKDLDDFGEEELFEVTKEEDIIANYASVYPVVEVERGRVGACTDEEMTISQKLHDSIL
HSRILPKKALKVKAGVRSANEDGTFSVLYPDELEDDTLNETNLKMKRKWSYVLYAKIVVLSRTGPVFDLCWNSLMYALQS
VKLPRAFIDERASDLRMTIRTRGRSATIRETYEIICDQTKSVPLMINAKNIAFASNYGIVELDPECQLQNSDNSEEEEVD
IDMDKLNTVLIADLDTEAEETSIHSTISILAAPSGNYKQLTLMGGGAKITPEMIKRSLLLSRVRADDLSTRFNI
;
D
4 'polypeptide(L)'
;AASMSVQAEIGILDHVDGSSEFVSQDTKVICSVTGPIEPKARQELPTQLALEIIVRPAKGVATTREKVLEDKLRAVLTPL
ITRHCYPRQLCQITCQILESGEDEAEFSLRELSCCINAAFLALVDAGIALNSMCASIPIAIIKDTSDIIVDPTAEQLKIS
LSVHTLALEFVNGGKVVKNVLLLDSNGDFNEDQLFSLLELGEQKCQELVTNIRRIIQDNISPRLVV
;
E
5 'polypeptide(L)'
;GPHMSLSVAEKSYLYDSLASTPSIRPDGRLPHQFRPIEIFTDFLPSSNGSSRIIASDGSECIVSIKSKVVDHHVENELLQ
VDVDIAGQRDDALVVETITSLLNKVLKSGSGVDSSKLQLTKKYSFKIFVDVLVISSHSHPISLISFAIYSALNSTYLPKL
ISAFDDLEVEELPTFHDYDMVKLDINPPLVFILAVVGNNMLLDPAANESEVANNGLIISWSNGKITSPIRSVALNDSNVK
SFKPHLLKQGLAMVEKYAPDVVRSLENL
;
F
6 'polypeptide(L)'
;MNVQDRRRLLGPAAAKPMAFSNTTTHVPEKKSTDLTPKGNESEQELSLHTGFIENCNGSALVEARSLGHQTSLITAVYGP
RSIRGSFTSQGTISIQLKNGLLEKYNTNELKEVSSFLMGIFNSVVNLSRYPKSGIDIFVYLTYDKDLTNNPQDDDSQSKM
TSSQISSLIPHCITSITLALADAGIELVDMAGAGEANGTVVSFIKNGEEIVGFWKDDGDDEDLLECLDRCKEQYNRYRDL
MISCLMNQET
;
G
7 'polypeptide(L)'
;GPDSMSTFIFPGDSFPVDPTTPVKLGPGIYCDPNTQEIRPVNTGVLHVSAKGKSGVQTAYIDYSSKRYIPSVNDFVIGVI
IGTFSDSYKVSLQNFSSSVSLSYMAFPNASKKNRPTLQVGDLVYARVCTAEKELEAEIECFDSTTGRDAGFGILEDGMII
DVNLNFARQLLFNNDFPLLKVLAAHTKFEVAIGLNGKIWVKCEELSNTLACYRTIMECCQKNDTAAFKDIAKRQFKEILT
VKEE
;
H
8 'polypeptide(L)'
;TGGRSMSEVITITKRNGAFQNSSNLSYNNTGISDDENDEEDIYMHDVNSASKSESDSQIVTPGELVTDDPIWMRGHGTYF
LDNMTYSSVAGTVSRVNRLLSVIPLKGRYAPETGDHVVGRIAEVGNKRWKVDIGGKQHAVLMLGSVNLPGGILRRKSESD
ELQMRSFLKEGDLLNAEVQSLFQDGSASLHTRSLKYGKLRNGMFCQVPSSLIVRAKNHTHNLPGNITVVLGVNGYIWLRK
TSQMDLARDTPSANNSSSIKSTGPTGAVSLNPSITRLEEESSWQIYSDENDPSISNNIRQAICRYANVIKALAFCEIGIT
QQRIVSAYEASMVYSNVGELIEKNVMESIGSDILTAEKMRGNGN
;
I
9 'polypeptide(L)'
;GPHMACNFQFPEIAYPGKLICPQYGTENKDGEDIIFNYVPGPGTKLIQYEHNGRTLEAITATLVGTVRCEEEKKTDQEEE
REGTDQSTEEEKSVDASPNDVTRRTVKNILVSVLPGTEKGRKTNKYANNDFANNLPKEGDIVLTRVTRLSLQRANVEILA
VEDKPSPIDSGIGSNGSGIVAAGGGSGAATFSVSQASSDLGETFRGIIRSQDVRSTDRDRVKVIECFKPGDIVRAQVLSL
GDGTNYYLTTARNDLGVVFARAANGAGGLMYATDWQMMTSPVTGATEKRKCAKPF
;
J
10 'polypeptide(L)'
;GPDSMSVPAIAPRRKRLADGLSVTQKVFVRSRNGGATKIVREHYLRSDIPCLSRSCTKCPQIVVPDAQNELPKFILSDSP
LELSAPIGKHYVVLDTNVVLQAIDLLENPNCFFDVIVPQIVLDEVRNKSYPVYTRLRTLCRDSDDHKRFIVFHNEFSEHT
FVERLPNETINDRNDRAIRKTCQWYSEHLKPYDINVVLVTNDRLNREAATKEVESNIITKSLVQYIELLPNADDIRDSIP
QMDSFDKDLERDTFSDFTFPEYYSTARVMGGLKNGVLYQGNIQISEYNFLEGSVSLPRFSKPVLIVGQKNLNRAFNGDQV
IVELLPQSEWKAPSSIVLDSEHFDVNDNPDIEAGDDDDNNESSSNTTVISDKQRRLLAKDAMIAQRSKKIQPTAKVVYIQ
RRSWRQYVGQLAPSSVDPQSSSTQNVFVILMDKCLPKVRIRTRRAAELLDKRIVISIDSWPTTHKYPLGHFVRDLGTIES
AQAETEALLLEHDVEYRPFSKKVLECLPAEGHDWKAPTKLDDPEAVSKDPLLTKRKDLRDKLICSIDPPGCVDIDDALHA
KKLPNGNWEVGVHIADVTHFVKPGTALDAEGAARGTSVYLVDKRIDMLPMLLGTDLCSLKPYVDRFAFSVIWELDDSANI
VNVNFMKSVIRSREAFSYEQAQLRIDDKTQNDELTMGMRALLKLSVKLKQKRLEAGALNLASPEVKVHMDSETSDPNEVE
IKKLLATNSLVEEFMLLANISVARKIYDAFPQTAMLRRHAAPPSTNFEILNEMLNTRKNMSISLESSKALADSLDRCVDP
EDPYFNTLVRIMSTRCMMAAQYFYSGAYSYPDFRHYGLAVDIYTHFTSPIRRYCDVVAHRQLAGAIGYEPLSLTHRDKNK
MDMICRNINRKHRNAQFAGRASIEYYVGQVMRNNESTETGYVIKVFNNGIVVLVPKFGVEGLIRLDNLTEDPNSAAFDEV
EYKLTFVPTNSDKPRDVYVFDKVEVQVRSVMDPITSKRKAELLLK
;
K
11 'polypeptide(L)'
;GPDSMSAGLEVLFQGPDSATHIKFSKRDEDGKELAGATMELRDSSGKTISTWISDGQVKDFYLYPGKYTFVETAAPDGYE
VATAITFTVNEQGQVTVNGSGSGSGSMSLLEQLARKRIEKSKGLLSADQSHSTSKSASLLERLHKNRETKDNNAETKRKD
LKTLLAKDKVKRSDFTPNQHSVSLSLKLSALKKSNSDLEKQGKSVTLDSKENELPTKRKSPDDKLNLEESWKAIKEMNHY
CFLKNDPCINQTDDFAFTNFIIKDKKNSLSTSIPLSSQNSSFLSLKKHNNELLGIFVPCNLPKTTRKVAIENFNRPSPDD
IIQSAQLNAFNEKLENLNIKSVGSAWSHPQFEK
;
L
12 'polypeptide(L)'
;MSEGFSSSSIQELYQSLKEITNNADVELFEDRITKLDFESTDEPKHANDIIKDRFLRPSNALPWSLLDMVQDVPHTSSPE
DCSGKLDYKELLKVPDPINRTSYQFKRTGLEGKISGYKEEVDLKEVANANASNSLSITRSINHNQNSVRGSTAQLPFTPG
GIPMKSVKTDSEQNGSSTMANATKLLHKDGQGLFDIPEGMNRGIKPMDSPAENEDQNGQFKELKQLNEIDNELDIRIEAN
EAKLKEEEKSAKSISEEIMEEATEETTADNADDAEIDELLPIGIDFGRTKPVSKSVPVKKEWAHVVDLNHKIENFDELIP
NPARSWPFELDTFQKEAVYHLEQGDSVFVAAHTSAGKTVVAEYAIAMAHRNMTKTIYTSPIKALSNQKFRDFKETFDDVN
IGLITGDVQINPDANCLIMTTEILRSMLYRGADLIRDVEFVIFDQVHYVNDQDRGVVWEEVIIMLPQHVKFILLSATVPN
TYEFANWIGRTKQKNIYVISTPKRPVPLEINIWAKKELIPVINQNSEFLEANFRKHKEILNGESAKGAPSKTDNGRGGST
ARGGRGGSNTRDGRGGRGNSTRGGANRGGSRGAGAIGSNKRKFFTQDGPSKKTWPEIVNYLRKRELLPMVVFVFSKKRCE
EYADWLEGINFCNNKEKSQIHMFIEKSITRLKKEDRDLPQILKTRSLLERGIAVHHGGLLPIVKELIEILFSKGFIKVLF
ATETFAMGLNLPTRTVIFSSIRKHDGNGLRELTPGEFTQMAGRAGRRGLDSTGTVIVMAYNSPLSIATFKEVTMGVPTRL
QSQFRLTYNMILNLLRIEALRVEEMIKYSFSENAGSRGLSLLPDYEKRLAVLKDTEFIDQNHNVLLKGRVACEINSGYEL
VLTELILDNFLGSFEPEEIVALLSVFVYEGKTREEEPPIVTPRLAKGKQRIEEIYKKMLCVFNTHQIPLTQDEAEFLDRK
RFAMMNVVYEWARGLSFKEIMEMSPEAEGTVVRVITWLDEICREVKTASIIIGNSTLHMKMSRAQELIKRDIVFAASLYL
;
M
13 'polyribonucleotide' CUACCCCGAGAGGGGUAGUUUUUUUUUUUUUUUUUUUUUUUUUUUUUUUUUUUUUUUUUUUUUUUUUUUUUUUUUUUU N
#
loop_
_chem_comp.id
_chem_comp.type
_chem_comp.name
_chem_comp.formula
A RNA linking ADENOSINE-5'-MONOPHOSPHATE 'C10 H14 N5 O7 P'
ATP non-polymer ADENOSINE-5'-TRIPHOSPHATE 'C10 H16 N5 O13 P3'
C RNA linking CYTIDINE-5'-MONOPHOSPHATE 'C9 H14 N3 O8 P'
G RNA linking GUANOSINE-5'-MONOPHOSPHATE 'C10 H14 N5 O8 P'
U RNA linking URIDINE-5'-MONOPHOSPHATE 'C9 H13 N2 O9 P'
#
# COMPACT_ATOMS: atom_id res chain seq x y z
N ALA A 2 -7.06 -15.15 -11.13
CA ALA A 2 -5.61 -15.23 -11.14
C ALA A 2 -5.00 -13.85 -10.92
N LYS A 3 -5.32 -12.92 -11.83
CA LYS A 3 -4.92 -11.50 -11.78
C LYS A 3 -3.43 -11.30 -11.97
N ASP A 4 -2.67 -12.34 -12.28
CA ASP A 4 -1.24 -12.25 -12.55
C ASP A 4 -1.01 -12.39 -14.05
N ILE A 5 -0.22 -11.48 -14.61
CA ILE A 5 0.19 -11.56 -16.00
C ILE A 5 1.47 -12.37 -16.06
N GLU A 6 1.44 -13.49 -16.77
CA GLU A 6 2.56 -14.42 -16.83
C GLU A 6 3.41 -14.15 -18.06
N ILE A 7 4.72 -14.06 -17.87
CA ILE A 7 5.68 -13.86 -18.95
C ILE A 7 6.64 -15.03 -18.95
N SER A 8 6.82 -15.65 -20.11
CA SER A 8 7.75 -16.76 -20.24
C SER A 8 9.19 -16.23 -20.36
N ALA A 9 10.14 -17.15 -20.16
CA ALA A 9 11.55 -16.79 -20.26
C ALA A 9 11.94 -16.41 -21.69
N SER A 10 11.33 -17.07 -22.68
CA SER A 10 11.65 -16.78 -24.08
C SER A 10 11.32 -15.33 -24.44
N GLU A 11 10.15 -14.86 -24.01
CA GLU A 11 9.74 -13.50 -24.33
C GLU A 11 10.68 -12.47 -23.71
N SER A 12 11.05 -12.67 -22.45
CA SER A 12 11.98 -11.76 -21.78
C SER A 12 13.33 -11.74 -22.50
N LYS A 13 13.87 -12.93 -22.80
CA LYS A 13 15.15 -12.99 -23.49
C LYS A 13 15.09 -12.31 -24.85
N PHE A 14 14.01 -12.55 -25.60
CA PHE A 14 13.88 -11.97 -26.94
C PHE A 14 13.82 -10.45 -26.86
N ILE A 15 13.02 -9.91 -25.94
CA ILE A 15 12.88 -8.46 -25.87
C ILE A 15 14.19 -7.81 -25.43
N LEU A 16 14.88 -8.40 -24.44
CA LEU A 16 16.15 -7.82 -24.02
C LEU A 16 17.20 -7.89 -25.12
N GLU A 17 17.27 -9.01 -25.85
CA GLU A 17 18.23 -9.12 -26.94
C GLU A 17 17.91 -8.18 -28.09
N ALA A 18 16.63 -7.93 -28.34
CA ALA A 18 16.26 -6.95 -29.36
C ALA A 18 16.65 -5.54 -28.92
N LEU A 19 16.53 -5.24 -27.62
CA LEU A 19 17.01 -3.95 -27.13
C LEU A 19 18.52 -3.82 -27.26
N ARG A 20 19.25 -4.92 -27.10
CA ARG A 20 20.70 -4.87 -27.29
C ARG A 20 21.09 -4.55 -28.73
N GLN A 21 20.22 -4.84 -29.70
CA GLN A 21 20.49 -4.57 -31.11
C GLN A 21 19.74 -3.36 -31.65
N ASN A 22 19.26 -2.49 -30.75
CA ASN A 22 18.56 -1.25 -31.13
C ASN A 22 17.27 -1.54 -31.89
N TYR A 23 16.43 -2.40 -31.32
CA TYR A 23 15.14 -2.73 -31.90
C TYR A 23 14.04 -2.57 -30.86
N ARG A 24 12.91 -2.00 -31.28
CA ARG A 24 11.68 -2.00 -30.51
C ARG A 24 10.63 -2.80 -31.28
N LEU A 25 9.73 -3.44 -30.54
CA LEU A 25 8.76 -4.33 -31.17
C LEU A 25 7.85 -3.57 -32.13
N ASP A 26 7.45 -2.35 -31.78
CA ASP A 26 6.52 -1.58 -32.60
C ASP A 26 7.22 -0.66 -33.59
N GLY A 27 8.54 -0.72 -33.70
CA GLY A 27 9.27 -0.04 -34.75
C GLY A 27 9.70 1.38 -34.46
N ARG A 28 9.57 1.86 -33.23
CA ARG A 28 10.02 3.20 -32.88
C ARG A 28 11.51 3.19 -32.55
N SER A 29 12.10 4.38 -32.51
CA SER A 29 13.44 4.55 -31.99
C SER A 29 13.40 4.81 -30.49
N PHE A 30 14.58 4.75 -29.85
CA PHE A 30 14.65 4.81 -28.40
C PHE A 30 14.13 6.12 -27.85
N ASP A 31 14.23 7.21 -28.62
CA ASP A 31 13.84 8.53 -28.14
C ASP A 31 12.60 9.08 -28.86
N GLN A 32 11.77 8.21 -29.41
CA GLN A 32 10.58 8.62 -30.15
C GLN A 32 9.34 8.51 -29.26
N PHE A 33 8.57 9.58 -29.19
CA PHE A 33 7.31 9.62 -28.49
C PHE A 33 6.18 9.19 -29.41
N ARG A 34 5.12 8.64 -28.83
CA ARG A 34 3.97 8.20 -29.59
C ARG A 34 3.14 9.39 -30.08
N ASP A 35 2.37 9.16 -31.15
CA ASP A 35 1.47 10.18 -31.67
C ASP A 35 0.28 10.38 -30.75
N VAL A 36 -0.20 11.61 -30.67
CA VAL A 36 -1.28 11.99 -29.78
C VAL A 36 -2.45 12.51 -30.60
N GLU A 37 -3.64 11.98 -30.33
CA GLU A 37 -4.88 12.46 -30.94
C GLU A 37 -5.78 13.01 -29.85
N ILE A 38 -6.34 14.19 -30.06
CA ILE A 38 -7.21 14.85 -29.10
C ILE A 38 -8.52 15.20 -29.78
N THR A 39 -9.63 14.83 -29.16
CA THR A 39 -10.96 15.09 -29.69
C THR A 39 -11.82 15.74 -28.61
N PHE A 40 -12.58 16.75 -29.00
CA PHE A 40 -13.42 17.51 -28.08
C PHE A 40 -14.89 17.12 -28.27
N GLY A 41 -15.62 17.04 -27.16
CA GLY A 41 -17.02 16.66 -27.19
C GLY A 41 -17.94 17.85 -27.41
N LYS A 42 -19.24 17.60 -27.28
CA LYS A 42 -20.23 18.64 -27.49
C LYS A 42 -20.21 19.66 -26.36
N GLU A 43 -20.03 19.21 -25.12
CA GLU A 43 -19.99 20.11 -23.97
C GLU A 43 -18.57 20.61 -23.73
N PHE A 44 -18.47 21.75 -23.06
CA PHE A 44 -17.19 22.30 -22.69
C PHE A 44 -16.57 21.49 -21.56
N GLY A 45 -15.32 21.10 -21.72
CA GLY A 45 -14.63 20.27 -20.76
C GLY A 45 -14.70 18.78 -21.01
N ASP A 46 -15.14 18.36 -22.20
CA ASP A 46 -15.25 16.95 -22.57
C ASP A 46 -14.19 16.65 -23.63
N VAL A 47 -13.20 15.84 -23.26
CA VAL A 47 -12.03 15.62 -24.10
C VAL A 47 -11.68 14.14 -24.13
N SER A 48 -11.29 13.64 -25.30
CA SER A 48 -10.78 12.29 -25.48
C SER A 48 -9.35 12.36 -26.00
N VAL A 49 -8.47 11.55 -25.42
CA VAL A 49 -7.05 11.55 -25.77
C VAL A 49 -6.65 10.12 -26.15
N LYS A 50 -5.95 10.00 -27.28
CA LYS A 50 -5.50 8.70 -27.79
C LYS A 50 -4.00 8.73 -28.01
N MET A 51 -3.30 7.72 -27.49
CA MET A 51 -1.85 7.56 -27.68
C MET A 51 -1.57 6.13 -28.10
N GLY A 52 -1.69 5.86 -29.40
CA GLY A 52 -1.41 4.55 -29.94
C GLY A 52 -2.52 3.55 -29.71
N ASN A 53 -2.55 2.99 -28.49
CA ASN A 53 -3.62 2.10 -28.07
C ASN A 53 -4.17 2.46 -26.70
N THR A 54 -3.57 3.42 -26.00
CA THR A 54 -4.06 3.90 -24.73
C THR A 54 -5.16 4.94 -24.96
N LYS A 55 -6.29 4.76 -24.29
CA LYS A 55 -7.43 5.67 -24.39
C LYS A 55 -7.80 6.20 -23.02
N VAL A 56 -7.97 7.52 -22.93
CA VAL A 56 -8.31 8.20 -21.68
C VAL A 56 -9.38 9.24 -21.98
N HIS A 57 -10.34 9.38 -21.07
CA HIS A 57 -11.40 10.36 -21.17
C HIS A 57 -11.42 11.22 -19.91
N CYS A 58 -11.70 12.52 -20.08
CA CYS A 58 -11.75 13.45 -18.96
C CYS A 58 -13.00 14.32 -19.03
N ARG A 59 -13.46 14.75 -17.86
CA ARG A 59 -14.64 15.61 -17.74
C ARG A 59 -14.40 16.64 -16.64
N ILE A 60 -14.82 17.88 -16.90
CA ILE A 60 -14.67 18.99 -15.96
C ILE A 60 -16.06 19.49 -15.57
N SER A 61 -16.24 19.81 -14.29
CA SER A 61 -17.50 20.32 -13.79
C SER A 61 -17.25 21.24 -12.60
N CYS A 62 -18.27 22.03 -12.26
CA CYS A 62 -18.14 22.99 -11.17
C CYS A 62 -19.49 23.18 -10.47
N GLN A 63 -19.43 23.68 -9.24
CA GLN A 63 -20.62 24.00 -8.46
C GLN A 63 -20.25 24.95 -7.34
N ILE A 64 -21.27 25.52 -6.70
CA ILE A 64 -21.10 26.51 -5.65
C ILE A 64 -20.82 25.81 -4.32
N ALA A 65 -19.87 26.36 -3.55
CA ALA A 65 -19.52 25.80 -2.25
C ALA A 65 -19.11 26.95 -1.33
N GLN A 66 -18.58 26.60 -0.15
CA GLN A 66 -18.09 27.53 0.83
C GLN A 66 -16.57 27.44 0.96
N PRO A 67 -15.87 28.56 1.05
CA PRO A 67 -14.41 28.53 1.21
C PRO A 67 -14.00 27.99 2.57
N TYR A 68 -12.73 27.59 2.65
CA TYR A 68 -12.17 27.15 3.91
C TYR A 68 -11.97 28.32 4.86
N GLU A 69 -12.05 28.04 6.16
CA GLU A 69 -11.86 29.09 7.16
C GLU A 69 -10.44 29.63 7.14
N ASP A 70 -9.44 28.75 6.97
CA ASP A 70 -8.05 29.20 6.94
C ASP A 70 -7.77 30.08 5.73
N ARG A 71 -8.32 29.72 4.56
CA ARG A 71 -8.08 30.45 3.31
C ARG A 71 -9.41 30.94 2.77
N PRO A 72 -9.83 32.15 3.13
CA PRO A 72 -11.14 32.66 2.68
C PRO A 72 -11.13 33.38 1.34
N PHE A 73 -10.02 33.39 0.61
CA PHE A 73 -9.92 34.11 -0.64
C PHE A 73 -9.74 33.20 -1.85
N GLU A 74 -9.89 31.89 -1.68
CA GLU A 74 -9.64 30.93 -2.75
C GLU A 74 -10.80 29.98 -2.90
N GLY A 75 -10.91 29.40 -4.11
CA GLY A 75 -11.85 28.34 -4.38
C GLY A 75 -11.25 26.98 -4.10
N LEU A 76 -11.92 25.95 -4.63
CA LEU A 76 -11.56 24.57 -4.38
C LEU A 76 -11.30 23.83 -5.70
N PHE A 77 -10.28 22.97 -5.69
CA PHE A 77 -9.90 22.20 -6.87
C PHE A 77 -9.50 20.80 -6.42
N VAL A 78 -10.00 19.77 -7.12
CA VAL A 78 -9.71 18.39 -6.78
C VAL A 78 -9.64 17.57 -8.06
N ILE A 79 -8.83 16.51 -8.03
CA ILE A 79 -8.62 15.62 -9.16
C ILE A 79 -8.83 14.19 -8.70
N SER A 80 -9.62 13.43 -9.46
CA SER A 80 -9.95 12.05 -9.13
C SER A 80 -9.55 11.13 -10.26
N THR A 81 -8.83 10.05 -9.93
CA THR A 81 -8.38 9.05 -10.90
C THR A 81 -8.58 7.67 -10.30
N GLU A 82 -9.74 7.07 -10.55
CA GLU A 82 -10.06 5.73 -10.07
C GLU A 82 -10.11 4.76 -11.24
N ILE A 83 -9.39 3.65 -11.11
CA ILE A 83 -9.24 2.69 -12.20
C ILE A 83 -10.20 1.53 -11.98
N SER A 84 -10.59 0.89 -13.07
CA SER A 84 -11.58 -0.18 -13.08
C SER A 84 -11.08 -1.31 -13.97
N PRO A 85 -11.66 -2.51 -13.85
CA PRO A 85 -11.26 -3.62 -14.73
C PRO A 85 -11.59 -3.40 -16.20
N MET A 86 -12.17 -2.27 -16.59
CA MET A 86 -12.41 -2.00 -18.01
C MET A 86 -11.10 -1.89 -18.77
N ALA A 87 -10.09 -1.24 -18.18
CA ALA A 87 -8.80 -1.07 -18.82
C ALA A 87 -7.96 -2.34 -18.82
N GLY A 88 -8.38 -3.38 -18.11
CA GLY A 88 -7.64 -4.62 -18.04
C GLY A 88 -7.98 -5.41 -16.79
N SER A 89 -7.99 -6.73 -16.90
CA SER A 89 -8.42 -7.59 -15.81
C SER A 89 -7.39 -7.70 -14.69
N GLN A 90 -6.23 -7.07 -14.81
CA GLN A 90 -5.24 -7.05 -13.74
C GLN A 90 -5.46 -5.92 -12.75
N PHE A 91 -6.51 -5.11 -12.94
CA PHE A 91 -6.81 -3.98 -12.06
C PHE A 91 -8.00 -4.31 -11.18
N GLU A 92 -7.85 -4.06 -9.87
CA GLU A 92 -8.95 -4.20 -8.93
C GLU A 92 -9.93 -3.02 -9.07
N ASN A 93 -11.14 -3.24 -8.58
CA ASN A 93 -12.17 -2.20 -8.69
C ASN A 93 -11.91 -1.05 -7.73
N GLY A 94 -11.95 -1.34 -6.43
CA GLY A 94 -11.63 -0.31 -5.46
C GLY A 94 -10.25 -0.50 -4.87
N ASN A 95 -9.27 0.25 -5.37
CA ASN A 95 -7.89 0.13 -4.88
C ASN A 95 -7.25 1.51 -5.05
N ILE A 96 -7.24 2.28 -3.96
CA ILE A 96 -6.61 3.59 -3.93
C ILE A 96 -5.43 3.63 -2.98
N THR A 97 -5.03 2.48 -2.44
CA THR A 97 -3.93 2.39 -1.50
C THR A 97 -2.72 1.69 -2.10
N GLY A 98 -2.89 1.00 -3.23
CA GLY A 98 -1.78 0.30 -3.85
C GLY A 98 -0.67 1.24 -4.29
N GLU A 99 0.50 0.65 -4.53
CA GLU A 99 1.71 1.44 -4.76
C GLU A 99 1.59 2.30 -6.01
N ASP A 100 1.25 1.68 -7.15
CA ASP A 100 1.24 2.40 -8.42
C ASP A 100 0.17 3.46 -8.46
N GLU A 101 -1.02 3.17 -7.92
CA GLU A 101 -2.09 4.14 -7.90
C GLU A 101 -1.73 5.35 -7.05
N VAL A 102 -1.14 5.12 -5.88
CA VAL A 102 -0.72 6.22 -5.02
C VAL A 102 0.35 7.06 -5.70
N LEU A 103 1.31 6.40 -6.35
CA LEU A 103 2.37 7.14 -7.04
C LEU A 103 1.82 8.00 -8.17
N CYS A 104 0.92 7.43 -8.98
CA CYS A 104 0.33 8.19 -10.08
C CYS A 104 -0.47 9.37 -9.56
N SER A 105 -1.27 9.15 -8.52
CA SER A 105 -2.06 10.24 -7.95
C SER A 105 -1.17 11.36 -7.42
N ARG A 106 -0.10 11.00 -6.71
CA ARG A 106 0.81 12.02 -6.18
C ARG A 106 1.51 12.79 -7.29
N ILE A 107 1.95 12.09 -8.33
CA ILE A 107 2.64 12.77 -9.44
C ILE A 107 1.71 13.74 -10.14
N ILE A 108 0.47 13.33 -10.41
CA ILE A 108 -0.48 14.22 -11.07
C ILE A 108 -0.79 15.42 -10.17
N GLU A 109 -0.97 15.18 -8.87
CA GLU A 109 -1.27 16.26 -7.94
C GLU A 109 -0.14 17.28 -7.91
N LYS A 110 1.11 16.81 -7.82
CA LYS A 110 2.24 17.73 -7.79
C LYS A 110 2.43 18.46 -9.11
N SER A 111 2.13 17.80 -10.24
CA SER A 111 2.32 18.45 -11.53
C SER A 111 1.26 19.52 -11.78
N VAL A 112 0.02 19.28 -11.36
CA VAL A 112 -1.07 20.17 -11.76
C VAL A 112 -1.49 21.09 -10.62
N ARG A 113 -1.87 20.53 -9.47
CA ARG A 113 -2.51 21.36 -8.46
C ARG A 113 -1.50 22.11 -7.60
N ARG A 114 -0.38 21.47 -7.25
CA ARG A 114 0.61 22.11 -6.40
C ARG A 114 1.42 23.16 -7.15
N SER A 115 1.61 22.98 -8.47
CA SER A 115 2.39 23.94 -9.25
C SER A 115 1.65 25.24 -9.51
N GLY A 116 0.37 25.32 -9.19
CA GLY A 116 -0.41 26.51 -9.46
C GLY A 116 -0.65 26.79 -10.94
N ALA A 117 -0.99 25.75 -11.70
CA ALA A 117 -1.35 25.98 -13.10
C ALA A 117 -2.73 26.60 -13.23
N LEU A 118 -3.61 26.37 -12.25
CA LEU A 118 -4.94 26.96 -12.22
C LEU A 118 -4.97 28.11 -11.23
N ASP A 119 -5.68 29.18 -11.59
CA ASP A 119 -5.82 30.35 -10.74
C ASP A 119 -7.02 30.13 -9.82
N VAL A 120 -6.75 29.72 -8.58
CA VAL A 120 -7.84 29.45 -7.64
C VAL A 120 -8.37 30.72 -6.98
N GLU A 121 -7.64 31.82 -7.05
CA GLU A 121 -8.15 33.07 -6.52
C GLU A 121 -9.21 33.70 -7.42
N GLY A 122 -9.26 33.31 -8.69
CA GLY A 122 -10.33 33.71 -9.57
C GLY A 122 -11.61 32.94 -9.39
N LEU A 123 -11.62 31.92 -8.55
CA LEU A 123 -12.80 31.13 -8.25
C LEU A 123 -13.61 31.69 -7.09
N CYS A 124 -13.12 32.75 -6.44
CA CYS A 124 -13.83 33.33 -5.30
C CYS A 124 -14.94 34.25 -5.79
N ILE A 125 -16.13 34.10 -5.21
CA ILE A 125 -17.28 34.91 -5.58
C ILE A 125 -17.48 36.00 -4.55
N VAL A 126 -17.73 35.60 -3.30
CA VAL A 126 -17.81 36.53 -2.17
C VAL A 126 -16.76 36.08 -1.16
N ALA A 127 -15.87 37.00 -0.79
CA ALA A 127 -14.72 36.65 0.04
C ALA A 127 -15.17 36.15 1.41
N GLY A 128 -14.89 34.88 1.69
CA GLY A 128 -15.21 34.29 2.97
C GLY A 128 -16.52 33.54 3.04
N SER A 129 -17.37 33.65 2.03
CA SER A 129 -18.67 32.99 2.12
C SER A 129 -19.02 32.12 0.92
N LYS A 130 -18.66 32.53 -0.29
CA LYS A 130 -19.06 31.80 -1.49
C LYS A 130 -17.90 31.71 -2.48
N CYS A 131 -17.80 30.59 -3.18
CA CYS A 131 -16.74 30.36 -4.14
C CYS A 131 -17.18 29.26 -5.11
N TRP A 132 -16.30 28.96 -6.07
CA TRP A 132 -16.49 27.86 -7.01
C TRP A 132 -15.66 26.65 -6.58
N ALA A 133 -16.21 25.46 -6.81
CA ALA A 133 -15.50 24.21 -6.62
C ALA A 133 -15.40 23.49 -7.95
N VAL A 134 -14.18 23.21 -8.40
CA VAL A 134 -13.92 22.63 -9.72
C VAL A 134 -13.43 21.19 -9.55
N ARG A 135 -13.94 20.29 -10.39
CA ARG A 135 -13.59 18.88 -10.37
C ARG A 135 -13.01 18.45 -11.71
N ALA A 136 -12.08 17.50 -11.66
CA ALA A 136 -11.57 16.83 -12.85
C ALA A 136 -11.68 15.34 -12.64
N ASP A 137 -12.41 14.66 -13.53
CA ASP A 137 -12.63 13.22 -13.44
C ASP A 137 -11.97 12.54 -14.64
N VAL A 138 -11.07 11.61 -14.36
CA VAL A 138 -10.31 10.92 -15.40
C VAL A 138 -10.80 9.47 -15.48
N HIS A 139 -11.14 9.04 -16.68
CA HIS A 139 -11.65 7.69 -16.93
C HIS A 139 -10.65 6.93 -17.80
N PHE A 140 -10.19 5.79 -17.32
CA PHE A 140 -9.21 4.96 -18.01
C PHE A 140 -9.94 3.85 -18.76
N LEU A 141 -9.83 3.85 -20.08
CA LEU A 141 -10.60 2.93 -20.91
C LEU A 141 -9.79 1.75 -21.42
N ASP A 142 -8.51 1.93 -21.71
CA ASP A 142 -7.72 0.88 -22.32
C ASP A 142 -6.25 1.15 -22.03
N CYS A 143 -5.53 0.14 -21.53
CA CYS A 143 -4.17 0.32 -21.03
C CYS A 143 -3.16 -0.34 -21.96
N ASP A 144 -2.30 0.48 -22.56
CA ASP A 144 -1.12 0.00 -23.26
C ASP A 144 0.13 0.74 -22.79
N GLY A 145 0.16 1.12 -21.51
CA GLY A 145 1.25 1.88 -20.94
C GLY A 145 1.01 3.38 -21.02
N GLY A 146 1.73 4.10 -20.15
CA GLY A 146 1.72 5.55 -20.15
C GLY A 146 0.43 6.25 -19.75
N PHE A 147 -0.21 5.79 -18.67
CA PHE A 147 -1.36 6.52 -18.13
C PHE A 147 -1.00 7.90 -17.59
N ILE A 148 0.21 8.09 -17.08
CA ILE A 148 0.54 9.37 -16.44
C ILE A 148 0.57 10.50 -17.47
N ASP A 149 1.26 10.28 -18.59
CA ASP A 149 1.37 11.31 -19.62
C ASP A 149 0.01 11.61 -20.24
N ALA A 150 -0.76 10.56 -20.57
CA ALA A 150 -2.08 10.76 -21.15
C ALA A 150 -3.01 11.48 -20.19
N SER A 151 -2.95 11.13 -18.89
CA SER A 151 -3.78 11.81 -17.91
C SER A 151 -3.42 13.28 -17.78
N CYS A 152 -2.12 13.60 -17.77
CA CYS A 152 -1.71 14.99 -17.68
C CYS A 152 -2.20 15.79 -18.88
N ILE A 153 -2.03 15.24 -20.08
CA ILE A 153 -2.47 15.93 -21.29
C ILE A 153 -3.99 16.13 -21.26
N ALA A 154 -4.73 15.08 -20.89
CA ALA A 154 -6.19 15.17 -20.88
C ALA A 154 -6.68 16.19 -19.87
N VAL A 155 -6.11 16.21 -18.67
CA VAL A 155 -6.54 17.16 -17.65
C VAL A 155 -6.25 18.59 -18.10
N MET A 156 -5.06 18.84 -18.64
CA MET A 156 -4.73 20.20 -19.07
C MET A 156 -5.63 20.65 -20.22
N ALA A 157 -5.87 19.79 -21.21
CA ALA A 157 -6.72 20.16 -22.33
C ALA A 157 -8.15 20.41 -21.87
N GLY A 158 -8.67 19.56 -20.97
CA GLY A 158 -10.01 19.76 -20.46
C GLY A 158 -10.15 21.05 -19.67
N LEU A 159 -9.13 21.39 -18.87
CA LEU A 159 -9.15 22.65 -18.15
C LEU A 159 -9.13 23.84 -19.09
N MET A 160 -8.34 23.75 -20.17
CA MET A 160 -8.29 24.84 -21.13
C MET A 160 -9.51 24.90 -22.04
N HIS A 161 -10.33 23.87 -22.08
CA HIS A 161 -11.55 23.86 -22.89
C HIS A 161 -12.80 24.26 -22.12
N PHE A 162 -12.77 24.25 -20.80
CA PHE A 162 -13.96 24.44 -19.97
C PHE A 162 -14.39 25.90 -19.91
N LYS A 163 -15.70 26.10 -19.74
CA LYS A 163 -16.28 27.41 -19.49
C LYS A 163 -17.35 27.29 -18.41
N LYS A 164 -17.43 28.30 -17.53
CA LYS A 164 -18.38 28.27 -16.44
C LYS A 164 -19.40 29.40 -16.57
N PRO A 165 -20.62 29.23 -16.04
CA PRO A 165 -21.66 30.24 -16.24
C PRO A 165 -21.32 31.56 -15.57
N ASP A 166 -21.79 32.64 -16.20
CA ASP A 166 -21.64 33.99 -15.66
C ASP A 166 -22.64 34.21 -14.53
N ILE A 167 -22.20 34.90 -13.48
CA ILE A 167 -23.01 35.15 -12.30
C ILE A 167 -22.90 36.61 -11.90
N THR A 168 -23.86 37.06 -11.09
CA THR A 168 -23.88 38.40 -10.56
C THR A 168 -24.34 38.37 -9.11
N VAL A 169 -23.85 39.33 -8.32
CA VAL A 169 -24.17 39.42 -6.90
C VAL A 169 -25.31 40.41 -6.73
N HIS A 170 -26.42 39.94 -6.17
CA HIS A 170 -27.61 40.76 -5.93
C HIS A 170 -27.80 40.90 -4.42
N GLY A 171 -27.14 41.90 -3.84
CA GLY A 171 -27.23 42.12 -2.42
C GLY A 171 -26.53 41.06 -1.60
N GLU A 172 -27.31 40.24 -0.89
CA GLU A 172 -26.75 39.18 -0.05
C GLU A 172 -26.55 37.88 -0.82
N GLN A 173 -27.48 37.53 -1.70
CA GLN A 173 -27.42 36.29 -2.46
C GLN A 173 -26.79 36.54 -3.83
N ILE A 174 -26.69 35.47 -4.62
CA ILE A 174 -26.11 35.53 -5.95
C ILE A 174 -27.11 34.93 -6.94
N ILE A 175 -26.93 35.31 -8.21
CA ILE A 175 -27.75 34.83 -9.31
C ILE A 175 -26.86 34.13 -10.32
N VAL A 176 -27.23 32.91 -10.69
CA VAL A 176 -26.52 32.13 -11.70
C VAL A 176 -27.36 32.17 -12.97
N HIS A 177 -26.83 32.82 -14.01
CA HIS A 177 -27.59 33.00 -15.24
C HIS A 177 -27.58 31.71 -16.07
N PRO A 178 -28.68 31.41 -16.76
CA PRO A 178 -28.67 30.26 -17.68
C PRO A 178 -27.75 30.50 -18.87
N VAL A 179 -27.28 29.40 -19.45
CA VAL A 179 -26.28 29.47 -20.51
C VAL A 179 -26.85 30.17 -21.74
N ASN A 180 -28.12 29.94 -22.03
CA ASN A 180 -28.72 30.59 -23.20
C ASN A 180 -28.99 32.07 -22.99
N GLU A 181 -28.46 32.68 -21.92
CA GLU A 181 -28.69 34.08 -21.63
C GLU A 181 -27.43 34.93 -21.66
N ARG A 182 -26.37 34.54 -20.94
CA ARG A 182 -25.28 35.47 -20.69
C ARG A 182 -23.90 34.83 -20.84
N GLU A 183 -23.72 33.99 -21.88
CA GLU A 183 -22.38 33.71 -22.42
C GLU A 183 -21.35 33.27 -21.39
N PRO A 184 -21.37 31.98 -20.97
CA PRO A 184 -20.42 31.52 -19.93
C PRO A 184 -18.96 31.89 -20.18
N VAL A 185 -18.16 31.89 -19.12
CA VAL A 185 -16.79 32.45 -19.16
C VAL A 185 -15.75 31.38 -18.85
N PRO A 186 -14.52 31.52 -19.34
CA PRO A 186 -13.49 30.48 -19.11
C PRO A 186 -12.70 30.67 -17.81
N LEU A 187 -11.74 29.78 -17.58
CA LEU A 187 -10.86 29.84 -16.43
C LEU A 187 -9.52 30.48 -16.83
N GLY A 188 -8.76 30.87 -15.81
CA GLY A 188 -7.44 31.42 -16.01
C GLY A 188 -6.35 30.39 -15.79
N ILE A 189 -5.52 30.19 -16.80
CA ILE A 189 -4.44 29.21 -16.79
C ILE A 189 -3.13 29.96 -16.78
N LEU A 190 -2.25 29.64 -15.82
CA LEU A 190 -0.99 30.34 -15.65
C LEU A 190 0.15 29.69 -16.44
N HIS A 191 0.20 28.36 -16.50
CA HIS A 191 1.19 27.67 -17.30
C HIS A 191 0.67 26.28 -17.63
N ILE A 192 1.32 25.63 -18.58
CA ILE A 192 0.88 24.35 -19.12
C ILE A 192 1.98 23.32 -18.87
N PRO A 193 1.84 22.47 -17.86
CA PRO A 193 2.84 21.43 -17.60
C PRO A 193 2.53 20.12 -18.30
N ILE A 194 3.60 19.43 -18.72
CA ILE A 194 3.50 18.18 -19.45
C ILE A 194 4.54 17.20 -18.91
N CYS A 195 4.14 15.95 -18.72
CA CYS A 195 4.98 14.91 -18.13
C CYS A 195 5.54 13.99 -19.21
N VAL A 196 6.75 13.48 -18.95
CA VAL A 196 7.41 12.51 -19.80
C VAL A 196 8.01 11.42 -18.91
N THR A 197 7.92 10.17 -19.35
CA THR A 197 8.37 9.02 -18.56
C THR A 197 9.44 8.24 -19.31
N PHE A 198 10.48 7.84 -18.59
CA PHE A 198 11.60 7.06 -19.13
C PHE A 198 11.68 5.71 -18.42
N SER A 199 12.15 4.70 -19.15
CA SER A 199 12.29 3.35 -18.63
C SER A 199 13.73 2.88 -18.79
N PHE A 200 14.23 2.15 -17.80
CA PHE A 200 15.64 1.74 -17.74
C PHE A 200 15.75 0.24 -17.69
N PHE A 201 16.73 -0.30 -18.42
CA PHE A 201 16.97 -1.74 -18.50
C PHE A 201 18.44 -2.03 -18.26
N ASN A 202 18.72 -3.13 -17.55
CA ASN A 202 20.09 -3.56 -17.28
C ASN A 202 20.43 -4.73 -18.17
N PRO A 203 21.34 -4.58 -19.14
CA PRO A 203 21.77 -5.73 -19.94
C PRO A 203 22.89 -6.56 -19.31
N GLN A 204 23.20 -6.34 -18.04
CA GLN A 204 24.26 -7.07 -17.35
C GLN A 204 23.68 -7.54 -16.01
N ASP A 205 24.56 -7.90 -15.07
CA ASP A 205 24.14 -8.28 -13.74
C ASP A 205 24.27 -7.09 -12.78
N THR A 206 23.88 -7.31 -11.52
CA THR A 206 23.90 -6.24 -10.52
C THR A 206 25.31 -5.82 -10.16
N GLU A 207 26.25 -6.77 -10.13
CA GLU A 207 27.63 -6.45 -9.80
C GLU A 207 28.23 -5.48 -10.81
N GLU A 208 27.94 -5.67 -12.09
CA GLU A 208 28.44 -4.75 -13.10
C GLU A 208 27.80 -3.37 -12.94
N ASN A 209 26.54 -3.31 -12.55
CA ASN A 209 25.87 -2.02 -12.39
C ASN A 209 26.43 -1.24 -11.21
N ILE A 210 26.77 -1.94 -10.12
CA ILE A 210 27.19 -1.25 -8.90
C ILE A 210 28.70 -1.01 -8.86
N LYS A 211 29.51 -1.98 -9.24
CA LYS A 211 30.96 -1.86 -9.15
C LYS A 211 31.65 -1.68 -10.50
N GLY A 212 30.92 -1.73 -11.60
CA GLY A 212 31.54 -1.62 -12.91
C GLY A 212 31.93 -0.20 -13.27
N GLU A 213 32.86 -0.09 -14.21
CA GLU A 213 33.32 1.21 -14.69
C GLU A 213 32.49 1.71 -15.86
N THR A 214 32.13 0.83 -16.79
CA THR A 214 31.29 1.23 -17.91
C THR A 214 29.86 1.48 -17.45
N ASN A 215 29.15 2.29 -18.22
CA ASN A 215 27.74 2.59 -17.97
C ASN A 215 26.97 2.17 -19.22
N SER A 216 26.50 0.92 -19.22
CA SER A 216 25.85 0.33 -20.39
C SER A 216 24.34 0.20 -20.21
N GLU A 217 23.74 0.99 -19.33
CA GLU A 217 22.30 0.94 -19.15
C GLU A 217 21.58 1.54 -20.36
N ILE A 218 20.32 1.15 -20.53
CA ILE A 218 19.53 1.48 -21.70
C ILE A 218 18.30 2.27 -21.27
N SER A 219 17.99 3.34 -22.01
CA SER A 219 16.85 4.20 -21.73
C SER A 219 15.96 4.31 -22.96
N ILE A 220 14.65 4.15 -22.77
CA ILE A 220 13.67 4.35 -23.83
C ILE A 220 12.55 5.25 -23.30
N ILE A 221 11.80 5.83 -24.23
CA ILE A 221 10.75 6.80 -23.93
C ILE A 221 9.39 6.19 -24.26
N ASP A 222 8.43 6.35 -23.34
CA ASP A 222 7.03 6.00 -23.56
C ASP A 222 6.87 4.51 -23.86
N ALA A 223 7.20 3.69 -22.87
CA ALA A 223 7.16 2.25 -23.03
C ALA A 223 5.72 1.73 -23.18
N THR A 224 5.58 0.61 -23.88
CA THR A 224 4.30 -0.08 -24.01
C THR A 224 4.09 -1.00 -22.81
N LEU A 225 2.98 -1.73 -22.83
CA LEU A 225 2.66 -2.62 -21.72
C LEU A 225 3.66 -3.77 -21.61
N LYS A 226 4.08 -4.34 -22.74
CA LYS A 226 5.06 -5.42 -22.71
C LYS A 226 6.41 -4.92 -22.20
N GLU A 227 6.83 -3.73 -22.63
CA GLU A 227 8.14 -3.21 -22.23
C GLU A 227 8.17 -2.86 -20.76
N GLU A 228 7.11 -2.24 -20.24
CA GLU A 228 7.13 -1.76 -18.86
C GLU A 228 6.90 -2.86 -17.84
N LEU A 229 6.57 -4.08 -18.27
CA LEU A 229 6.52 -5.21 -17.36
C LEU A 229 7.88 -5.85 -17.12
N LEU A 230 8.90 -5.43 -17.88
CA LEU A 230 10.25 -5.99 -17.77
C LEU A 230 11.31 -4.97 -17.40
N ARG A 231 10.93 -3.72 -17.14
CA ARG A 231 11.89 -2.68 -16.85
C ARG A 231 12.43 -2.79 -15.43
N ASP A 232 13.60 -2.20 -15.21
CA ASP A 232 14.24 -2.18 -13.91
C ASP A 232 14.06 -0.86 -13.16
N GLY A 233 13.77 0.23 -13.87
CA GLY A 233 13.58 1.52 -13.24
C GLY A 233 12.68 2.39 -14.08
N VAL A 234 12.32 3.55 -13.51
CA VAL A 234 11.41 4.48 -14.18
C VAL A 234 11.67 5.88 -13.64
N LEU A 235 11.50 6.87 -14.51
CA LEU A 235 11.70 8.28 -14.20
C LEU A 235 10.62 9.11 -14.86
N THR A 236 10.05 10.05 -14.12
CA THR A 236 9.06 10.99 -14.64
C THR A 236 9.53 12.41 -14.38
N VAL A 237 9.44 13.27 -15.40
CA VAL A 237 9.83 14.66 -15.30
C VAL A 237 8.76 15.53 -15.94
N THR A 238 8.41 16.62 -15.27
CA THR A 238 7.43 17.57 -15.76
C THR A 238 8.11 18.91 -16.07
N LEU A 239 7.70 19.52 -17.19
CA LEU A 239 8.35 20.72 -17.68
C LEU A 239 7.30 21.63 -18.33
N ASN A 240 7.64 22.90 -18.47
CA ASN A 240 6.84 23.84 -19.25
C ASN A 240 7.73 24.58 -20.24
N LYS A 241 7.10 25.39 -21.09
CA LYS A 241 7.80 26.06 -22.19
C LYS A 241 8.73 27.17 -21.71
N ASN A 242 8.65 27.58 -20.45
CA ASN A 242 9.56 28.55 -19.88
C ASN A 242 10.85 27.93 -19.35
N ARG A 243 11.13 26.68 -19.73
CA ARG A 243 12.35 25.97 -19.32
C ARG A 243 12.41 25.79 -17.81
N GLU A 244 11.27 25.48 -17.19
CA GLU A 244 11.19 25.21 -15.76
C GLU A 244 10.94 23.73 -15.53
N VAL A 245 11.65 23.17 -14.56
CA VAL A 245 11.39 21.81 -14.10
C VAL A 245 10.31 21.88 -13.04
N VAL A 246 9.10 21.41 -13.37
CA VAL A 246 8.01 21.47 -12.43
C VAL A 246 8.20 20.44 -11.31
N GLN A 247 8.52 19.20 -11.67
CA GLN A 247 8.82 18.18 -10.68
C GLN A 247 9.62 17.06 -11.32
N VAL A 248 10.37 16.34 -10.48
CA VAL A 248 11.13 15.16 -10.88
C VAL A 248 10.86 14.06 -9.87
N SER A 249 10.60 12.84 -10.35
CA SER A 249 10.33 11.71 -9.47
C SER A 249 11.11 10.50 -9.98
N LYS A 250 12.07 10.03 -9.18
CA LYS A 250 12.76 8.76 -9.39
C LYS A 250 12.80 8.08 -8.02
N ALA A 251 11.78 7.28 -7.73
CA ALA A 251 11.58 6.70 -6.40
C ALA A 251 12.17 5.29 -6.37
N GLY A 252 13.49 5.23 -6.26
CA GLY A 252 14.16 3.96 -6.20
C GLY A 252 14.33 3.32 -7.56
N GLY A 253 14.70 2.04 -7.54
CA GLY A 253 14.94 1.29 -8.75
C GLY A 253 16.41 1.13 -9.07
N LEU A 254 16.68 0.93 -10.35
CA LEU A 254 18.05 0.72 -10.80
C LEU A 254 18.86 2.00 -10.68
N PRO A 255 20.02 1.97 -10.03
CA PRO A 255 20.84 3.19 -9.94
C PRO A 255 21.35 3.64 -11.30
N MET A 256 21.26 4.95 -11.54
CA MET A 256 21.61 5.54 -12.82
C MET A 256 22.61 6.67 -12.62
N ASP A 257 23.53 6.79 -13.56
CA ASP A 257 24.49 7.88 -13.54
C ASP A 257 23.79 9.22 -13.77
N ALA A 258 24.29 10.26 -13.11
CA ALA A 258 23.61 11.55 -13.10
C ALA A 258 23.61 12.22 -14.48
N LEU A 259 24.68 12.05 -15.25
CA LEU A 259 24.75 12.66 -16.57
C LEU A 259 23.66 12.11 -17.49
N THR A 260 23.38 10.81 -17.39
CA THR A 260 22.30 10.22 -18.18
C THR A 260 20.94 10.81 -17.79
N LEU A 261 20.73 11.04 -16.50
CA LEU A 261 19.48 11.65 -16.06
C LEU A 261 19.34 13.08 -16.58
N MET A 262 20.45 13.84 -16.58
CA MET A 262 20.39 15.19 -17.15
C MET A 262 20.12 15.15 -18.64
N LYS A 263 20.69 14.17 -19.35
CA LYS A 263 20.40 14.01 -20.77
C LYS A 263 18.93 13.71 -21.01
N CYS A 264 18.33 12.87 -20.15
CA CYS A 264 16.90 12.60 -20.25
C CYS A 264 16.08 13.87 -20.05
N CYS A 265 16.45 14.67 -19.04
CA CYS A 265 15.73 15.91 -18.79
C CYS A 265 15.85 16.87 -19.97
N HIS A 266 16.98 16.87 -20.65
CA HIS A 266 17.14 17.72 -21.82
C HIS A 266 16.39 17.18 -23.04
N GLU A 267 16.24 15.86 -23.14
CA GLU A 267 15.48 15.31 -24.27
C GLU A 267 13.98 15.54 -24.12
N ALA A 268 13.48 15.67 -22.89
CA ALA A 268 12.04 15.84 -22.70
C ALA A 268 11.52 17.18 -23.23
N TYR A 269 12.38 18.22 -23.25
CA TYR A 269 11.93 19.57 -23.59
C TYR A 269 11.49 19.67 -25.05
N SER A 270 12.22 19.02 -25.95
CA SER A 270 11.85 19.05 -27.36
C SER A 270 10.47 18.45 -27.58
N ILE A 271 10.12 17.44 -26.80
CA ILE A 271 8.79 16.81 -26.92
C ILE A 271 7.72 17.75 -26.37
N ILE A 272 7.97 18.36 -25.20
CA ILE A 272 6.91 19.17 -24.60
C ILE A 272 6.59 20.38 -25.47
N GLU A 273 7.59 20.96 -26.13
CA GLU A 273 7.32 22.12 -26.98
C GLU A 273 6.31 21.77 -28.08
N LYS A 274 6.56 20.67 -28.78
CA LYS A 274 5.67 20.22 -29.85
C LYS A 274 4.28 19.90 -29.31
N ILE A 275 4.21 19.24 -28.15
CA ILE A 275 2.90 18.90 -27.59
C ILE A 275 2.11 20.16 -27.25
N THR A 276 2.77 21.16 -26.67
CA THR A 276 2.09 22.41 -26.32
C THR A 276 1.54 23.09 -27.58
N ASP A 277 2.36 23.15 -28.63
CA ASP A 277 1.90 23.78 -29.88
C ASP A 277 0.70 23.03 -30.45
N GLN A 278 0.74 21.70 -30.43
CA GLN A 278 -0.36 20.91 -30.97
C GLN A 278 -1.65 21.17 -30.20
N ILE A 279 -1.58 21.23 -28.87
CA ILE A 279 -2.78 21.49 -28.07
C ILE A 279 -3.35 22.85 -28.40
N LEU A 280 -2.49 23.87 -28.48
CA LEU A 280 -2.98 25.23 -28.76
C LEU A 280 -3.65 25.30 -30.14
N GLN A 281 -3.04 24.66 -31.14
CA GLN A 281 -3.62 24.68 -32.47
C GLN A 281 -4.98 23.98 -32.50
N LEU A 282 -5.09 22.84 -31.82
CA LEU A 282 -6.36 22.11 -31.81
C LEU A 282 -7.46 22.95 -31.13
N LEU A 283 -7.13 23.60 -30.02
CA LEU A 283 -8.12 24.44 -29.35
C LEU A 283 -8.57 25.59 -30.25
N LYS A 284 -7.62 26.23 -30.94
CA LYS A 284 -7.98 27.31 -31.86
C LYS A 284 -8.92 26.83 -32.96
N GLU A 285 -8.63 25.67 -33.54
CA GLU A 285 -9.47 25.15 -34.60
C GLU A 285 -10.88 24.82 -34.10
N ASP A 286 -10.98 24.24 -32.90
CA ASP A 286 -12.30 23.96 -32.33
C ASP A 286 -13.09 25.24 -32.12
N SER A 287 -12.44 26.29 -31.59
CA SER A 287 -13.13 27.55 -31.38
C SER A 287 -13.62 28.14 -32.70
N GLU A 288 -12.79 28.09 -33.74
CA GLU A 288 -13.20 28.62 -35.04
C GLU A 288 -14.38 27.84 -35.60
N LYS A 289 -14.35 26.51 -35.45
CA LYS A 289 -15.48 25.70 -35.94
C LYS A 289 -16.77 26.06 -35.24
N ARG A 290 -16.73 26.21 -33.91
CA ARG A 290 -17.94 26.58 -33.18
C ARG A 290 -18.44 27.96 -33.59
N ASN A 291 -17.54 28.93 -33.75
CA ASN A 291 -17.96 30.26 -34.18
C ASN A 291 -18.58 30.24 -35.57
N LYS A 292 -17.98 29.48 -36.50
CA LYS A 292 -18.53 29.39 -37.84
C LYS A 292 -19.91 28.77 -37.84
N TYR A 293 -20.10 27.69 -37.06
CA TYR A 293 -21.42 27.06 -37.00
C TYR A 293 -22.45 28.02 -36.39
N ALA A 294 -22.08 28.73 -35.32
CA ALA A 294 -23.00 29.68 -34.71
C ALA A 294 -23.38 30.79 -35.68
N ALA A 295 -22.41 31.26 -36.48
CA ALA A 295 -22.70 32.26 -37.49
C ALA A 295 -23.65 31.72 -38.55
N MET A 296 -23.41 30.47 -38.99
CA MET A 296 -24.27 29.87 -40.00
C MET A 296 -25.67 29.56 -39.47
N LEU A 297 -25.83 29.45 -38.16
CA LEU A 297 -27.12 29.18 -37.55
C LEU A 297 -27.89 30.45 -37.20
N THR A 298 -27.38 31.61 -37.58
CA THR A 298 -28.02 32.89 -37.25
C THR A 298 -29.38 33.01 -37.93
N ARG B 6 12.62 38.66 4.64
CA ARG B 6 13.27 39.90 5.03
C ARG B 6 14.53 39.63 5.83
N LEU B 7 14.79 38.36 6.11
CA LEU B 7 15.98 37.95 6.83
C LEU B 7 17.15 37.75 5.86
N GLU B 8 18.35 37.72 6.43
CA GLU B 8 19.58 37.51 5.66
C GLU B 8 19.83 36.01 5.59
N ILE B 9 19.26 35.36 4.58
CA ILE B 9 19.49 33.93 4.37
C ILE B 9 20.96 33.67 4.07
N TYR B 10 21.56 34.49 3.21
CA TYR B 10 22.97 34.38 2.88
C TYR B 10 23.56 35.78 2.88
N SER B 11 24.35 36.10 3.90
CA SER B 11 24.86 37.44 4.08
C SER B 11 25.98 37.75 3.07
N PRO B 12 26.25 39.03 2.83
CA PRO B 12 27.37 39.39 1.95
C PRO B 12 28.72 38.89 2.45
N GLU B 13 28.82 38.52 3.72
CA GLU B 13 30.05 37.97 4.28
C GLU B 13 30.13 36.45 4.16
N GLY B 14 29.13 35.82 3.56
CA GLY B 14 29.16 34.39 3.36
C GLY B 14 28.70 33.55 4.53
N LEU B 15 27.75 34.03 5.32
CA LEU B 15 27.27 33.32 6.50
C LEU B 15 25.77 33.12 6.43
N ARG B 16 25.31 31.99 6.94
CA ARG B 16 23.89 31.67 6.98
C ARG B 16 23.31 32.07 8.34
N LEU B 17 22.00 31.84 8.52
CA LEU B 17 21.32 32.32 9.71
C LEU B 17 21.81 31.64 10.98
N ASP B 18 22.23 30.38 10.89
CA ASP B 18 22.74 29.67 12.07
C ASP B 18 24.25 29.73 12.21
N GLY B 19 24.93 30.42 11.29
CA GLY B 19 26.37 30.60 11.36
C GLY B 19 27.20 29.69 10.49
N ARG B 20 26.57 28.83 9.69
CA ARG B 20 27.30 27.94 8.81
C ARG B 20 27.66 28.66 7.51
N ARG B 21 28.55 28.02 6.74
CA ARG B 21 28.90 28.50 5.41
C ARG B 21 28.20 27.62 4.36
N TRP B 22 28.43 27.95 3.09
CA TRP B 22 27.62 27.39 2.01
C TRP B 22 27.85 25.90 1.80
N ASN B 23 28.98 25.34 2.21
CA ASN B 23 29.29 23.94 1.94
C ASN B 23 29.65 23.21 3.22
N GLU B 24 28.88 23.41 4.28
CA GLU B 24 29.12 22.77 5.57
C GLU B 24 27.90 21.96 5.99
N LEU B 25 28.14 20.79 6.54
CA LEU B 25 27.09 19.93 7.06
C LEU B 25 26.75 20.30 8.50
N ARG B 26 25.55 19.92 8.92
CA ARG B 26 25.16 20.06 10.31
C ARG B 26 25.83 18.98 11.15
N ARG B 27 25.68 19.09 12.47
CA ARG B 27 26.25 18.10 13.37
C ARG B 27 25.62 16.73 13.12
N PHE B 28 26.46 15.71 13.04
CA PHE B 28 26.05 14.36 12.65
C PHE B 28 26.50 13.38 13.73
N GLU B 29 25.53 12.80 14.43
CA GLU B 29 25.79 11.81 15.47
C GLU B 29 24.88 10.61 15.28
N SER B 30 25.46 9.41 15.39
CA SER B 30 24.69 8.19 15.23
C SER B 30 25.14 7.16 16.26
N SER B 31 24.22 6.27 16.62
CA SER B 31 24.48 5.18 17.55
C SER B 31 23.93 3.89 16.95
N ILE B 32 24.55 2.78 17.33
CA ILE B 32 24.24 1.46 16.81
C ILE B 32 24.00 0.52 17.99
N ASN B 33 23.05 -0.41 17.82
CA ASN B 33 22.71 -1.41 18.82
C ASN B 33 22.14 -0.74 20.07
N THR B 34 21.11 0.07 19.87
CA THR B 34 20.49 0.82 20.97
C THR B 34 19.29 0.10 21.59
N HIS B 35 18.70 -0.87 20.89
CA HIS B 35 17.54 -1.61 21.38
C HIS B 35 17.78 -3.10 21.20
N PRO B 36 18.71 -3.68 21.97
CA PRO B 36 19.04 -5.10 21.77
C PRO B 36 17.88 -6.05 22.02
N HIS B 37 16.96 -5.71 22.92
CA HIS B 37 15.90 -6.62 23.31
C HIS B 37 14.66 -6.53 22.44
N ALA B 38 14.58 -5.53 21.54
CA ALA B 38 13.38 -5.32 20.75
C ALA B 38 13.53 -5.72 19.29
N ALA B 39 14.75 -5.80 18.77
CA ALA B 39 14.94 -6.05 17.35
C ALA B 39 16.31 -6.67 17.11
N ASP B 40 16.47 -7.24 15.92
CA ASP B 40 17.77 -7.78 15.51
C ASP B 40 18.76 -6.66 15.21
N GLY B 41 18.30 -5.58 14.60
CA GLY B 41 19.14 -4.43 14.34
C GLY B 41 18.44 -3.13 14.68
N SER B 42 19.19 -2.15 15.19
CA SER B 42 18.60 -0.87 15.59
C SER B 42 19.65 0.22 15.49
N SER B 43 19.17 1.45 15.38
CA SER B 43 20.05 2.61 15.32
C SER B 43 19.30 3.84 15.83
N TYR B 44 20.07 4.84 16.25
CA TYR B 44 19.54 6.13 16.67
C TYR B 44 20.32 7.23 15.98
N MET B 45 19.61 8.07 15.23
CA MET B 45 20.23 9.05 14.34
C MET B 45 19.93 10.47 14.81
N GLU B 46 20.96 11.30 14.87
CA GLU B 46 20.82 12.72 15.18
C GLU B 46 21.52 13.53 14.10
N GLN B 47 20.75 14.31 13.35
CA GLN B 47 21.27 15.15 12.28
C GLN B 47 20.70 16.55 12.47
N GLY B 48 21.50 17.45 13.04
CA GLY B 48 21.00 18.75 13.45
C GLY B 48 20.07 18.61 14.64
N ASN B 49 18.78 18.92 14.44
CA ASN B 49 17.76 18.73 15.46
C ASN B 49 16.79 17.61 15.10
N ASN B 50 17.17 16.71 14.20
CA ASN B 50 16.34 15.55 13.87
C ASN B 50 16.66 14.40 14.81
N LYS B 51 15.63 13.63 15.16
CA LYS B 51 15.78 12.48 16.05
C LYS B 51 14.92 11.35 15.51
N ILE B 52 15.55 10.23 15.16
CA ILE B 52 14.87 9.10 14.52
C ILE B 52 15.32 7.80 15.17
N ILE B 53 14.37 6.89 15.38
CA ILE B 53 14.63 5.54 15.88
C ILE B 53 14.23 4.54 14.80
N THR B 54 15.15 3.65 14.44
CA THR B 54 14.91 2.64 13.42
C THR B 54 15.13 1.26 14.01
N LEU B 55 14.20 0.34 13.76
CA LEU B 55 14.29 -1.04 14.20
C LEU B 55 14.14 -1.98 13.02
N VAL B 56 14.96 -3.02 12.97
CA VAL B 56 14.94 -4.02 11.92
C VAL B 56 14.63 -5.37 12.55
N LYS B 57 13.55 -6.01 12.12
CA LYS B 57 13.13 -7.31 12.61
C LYS B 57 13.19 -8.31 11.45
N GLY B 58 13.92 -9.40 11.65
CA GLY B 58 14.02 -10.43 10.65
C GLY B 58 15.45 -10.75 10.26
N PRO B 59 15.63 -11.70 9.33
CA PRO B 59 14.62 -12.50 8.62
C PRO B 59 13.90 -13.49 9.55
N LYS B 60 12.62 -13.75 9.31
CA LYS B 60 11.83 -14.55 10.23
C LYS B 60 10.68 -15.18 9.46
N GLU B 61 9.95 -16.06 10.13
CA GLU B 61 8.81 -16.73 9.53
C GLU B 61 7.70 -15.72 9.23
N PRO B 62 7.09 -15.78 8.05
CA PRO B 62 5.98 -14.88 7.73
C PRO B 62 4.78 -15.12 8.62
N ARG B 63 4.03 -14.05 8.87
CA ARG B 63 2.82 -14.14 9.69
C ARG B 63 1.74 -14.96 9.01
N LEU B 64 1.49 -14.68 7.73
CA LEU B 64 0.46 -15.37 6.96
C LEU B 64 1.11 -16.19 5.85
N LYS B 65 0.43 -17.27 5.47
CA LYS B 65 0.92 -18.12 4.38
C LYS B 65 0.74 -17.47 3.02
N SER B 66 -0.02 -16.38 2.92
CA SER B 66 -0.19 -15.69 1.65
C SER B 66 1.03 -14.85 1.30
N GLN B 67 1.67 -14.25 2.30
CA GLN B 67 2.85 -13.40 2.07
C GLN B 67 4.14 -14.21 2.13
N MET B 68 4.19 -15.29 1.34
CA MET B 68 5.37 -16.13 1.27
C MET B 68 5.81 -16.25 -0.18
N ASP B 69 7.11 -16.07 -0.42
CA ASP B 69 7.70 -16.17 -1.74
C ASP B 69 8.80 -17.22 -1.71
N THR B 70 8.80 -18.11 -2.70
CA THR B 70 9.74 -19.22 -2.74
C THR B 70 11.09 -18.85 -3.36
N SER B 71 11.24 -17.64 -3.88
CA SER B 71 12.48 -17.25 -4.54
C SER B 71 13.26 -16.17 -3.80
N LYS B 72 12.61 -15.37 -2.97
CA LYS B 72 13.29 -14.27 -2.27
C LYS B 72 12.45 -13.87 -1.06
N ALA B 73 12.98 -12.92 -0.29
CA ALA B 73 12.31 -12.40 0.89
C ALA B 73 11.43 -11.20 0.54
N LEU B 74 10.45 -10.96 1.39
CA LEU B 74 9.58 -9.79 1.29
C LEU B 74 10.07 -8.72 2.26
N LEU B 75 10.11 -7.47 1.78
CA LEU B 75 10.59 -6.34 2.55
C LEU B 75 9.46 -5.35 2.78
N ASN B 76 9.27 -4.94 4.03
CA ASN B 76 8.23 -4.00 4.42
C ASN B 76 8.84 -2.84 5.20
N VAL B 77 8.32 -1.64 4.98
CA VAL B 77 8.77 -0.44 5.66
C VAL B 77 7.55 0.28 6.24
N SER B 78 7.64 0.68 7.50
CA SER B 78 6.60 1.44 8.19
C SER B 78 7.21 2.69 8.80
N VAL B 79 6.58 3.84 8.58
CA VAL B 79 7.07 5.12 9.06
C VAL B 79 5.99 5.75 9.94
N ASN B 80 6.38 6.15 11.15
CA ASN B 80 5.48 6.79 12.10
C ASN B 80 6.00 8.18 12.43
N ILE B 81 5.20 9.20 12.16
CA ILE B 81 5.55 10.58 12.46
C ILE B 81 4.64 11.03 13.60
N THR B 82 5.24 11.37 14.74
CA THR B 82 4.48 11.68 15.93
C THR B 82 3.83 13.06 15.82
N LYS B 83 2.83 13.29 16.68
CA LYS B 83 2.12 14.56 16.71
C LYS B 83 2.93 15.68 17.34
N PHE B 84 4.03 15.36 18.03
CA PHE B 84 4.83 16.36 18.74
C PHE B 84 6.18 16.58 18.09
N SER B 85 6.33 16.26 16.80
CA SER B 85 7.62 16.38 16.15
C SER B 85 7.92 17.79 15.66
N LYS B 86 6.96 18.70 15.71
CA LYS B 86 7.14 20.08 15.30
C LYS B 86 6.82 21.03 16.45
N PHE B 87 7.01 22.33 16.20
CA PHE B 87 6.68 23.34 17.22
C PHE B 87 5.18 23.37 17.48
N GLU B 88 4.36 23.26 16.43
CA GLU B 88 2.92 23.24 16.55
C GLU B 88 2.42 21.82 16.52
N ARG B 89 1.56 21.46 17.48
CA ARG B 89 1.05 20.11 17.57
C ARG B 89 0.12 19.80 16.41
N SER B 90 0.26 18.60 15.84
CA SER B 90 -0.56 18.20 14.71
C SER B 90 -1.97 17.85 15.18
N LYS B 91 -2.97 18.24 14.37
CA LYS B 91 -4.36 18.01 14.75
C LYS B 91 -4.73 16.53 14.68
N SER B 92 -4.37 15.86 13.59
CA SER B 92 -4.78 14.49 13.35
C SER B 92 -3.55 13.62 13.08
N SER B 93 -3.79 12.31 13.00
CA SER B 93 -2.72 11.35 12.77
C SER B 93 -2.27 11.37 11.32
N HIS B 94 -1.02 10.94 11.10
CA HIS B 94 -0.42 10.89 9.78
C HIS B 94 -0.31 9.46 9.24
N LYS B 95 -0.96 8.49 9.89
CA LYS B 95 -0.70 7.08 9.60
C LYS B 95 -1.10 6.72 8.17
N ASN B 96 -2.25 7.22 7.71
CA ASN B 96 -2.82 6.79 6.43
C ASN B 96 -2.83 7.89 5.38
N GLU B 97 -1.97 8.89 5.52
CA GLU B 97 -1.86 9.92 4.49
C GLU B 97 -1.17 9.36 3.25
N ARG B 98 -1.50 9.96 2.09
CA ARG B 98 -0.88 9.53 0.84
C ARG B 98 0.61 9.87 0.80
N ARG B 99 1.01 10.95 1.47
CA ARG B 99 2.42 11.33 1.53
C ARG B 99 3.26 10.27 2.24
N VAL B 100 2.75 9.73 3.35
CA VAL B 100 3.48 8.71 4.10
C VAL B 100 3.57 7.41 3.29
N LEU B 101 2.49 7.04 2.62
CA LEU B 101 2.52 5.85 1.77
C LEU B 101 3.51 6.00 0.64
N GLU B 102 3.57 7.20 0.05
CA GLU B 102 4.57 7.48 -0.99
C GLU B 102 5.99 7.33 -0.45
N ILE B 103 6.24 7.86 0.75
CA ILE B 103 7.56 7.74 1.36
C ILE B 103 7.93 6.28 1.56
N GLN B 104 6.99 5.49 2.10
CA GLN B 104 7.25 4.08 2.36
C GLN B 104 7.54 3.31 1.07
N THR B 105 6.75 3.57 0.02
CA THR B 105 6.98 2.90 -1.25
C THR B 105 8.34 3.27 -1.84
N SER B 106 8.70 4.56 -1.75
CA SER B 106 10.01 4.99 -2.25
C SER B 106 11.15 4.29 -1.53
N LEU B 107 11.06 4.19 -0.20
CA LEU B 107 12.11 3.52 0.56
C LEU B 107 12.22 2.04 0.20
N VAL B 108 11.07 1.36 0.09
CA VAL B 108 11.09 -0.05 -0.26
C VAL B 108 11.73 -0.26 -1.63
N ARG B 109 11.33 0.55 -2.61
CA ARG B 109 11.89 0.39 -3.96
C ARG B 109 13.36 0.76 -4.01
N MET B 110 13.81 1.69 -3.17
CA MET B 110 15.23 1.98 -3.08
C MET B 110 16.00 0.76 -2.60
N PHE B 111 15.57 0.17 -1.48
CA PHE B 111 16.37 -0.85 -0.85
C PHE B 111 16.12 -2.26 -1.38
N GLU B 112 15.16 -2.44 -2.30
CA GLU B 112 15.00 -3.75 -2.93
C GLU B 112 16.22 -4.12 -3.78
N LYS B 113 16.80 -3.15 -4.48
CA LYS B 113 17.90 -3.42 -5.40
C LYS B 113 19.24 -3.60 -4.70
N ASN B 114 19.37 -3.15 -3.45
CA ASN B 114 20.63 -3.19 -2.73
C ASN B 114 20.77 -4.41 -1.83
N VAL B 115 19.71 -4.78 -1.12
CA VAL B 115 19.74 -5.97 -0.27
C VAL B 115 19.66 -7.21 -1.14
N MET B 116 20.48 -8.22 -0.82
CA MET B 116 20.46 -9.49 -1.53
C MET B 116 19.30 -10.34 -1.00
N LEU B 117 18.10 -9.99 -1.44
CA LEU B 117 16.90 -10.68 -0.96
C LEU B 117 16.81 -12.11 -1.46
N ASN B 118 17.56 -12.47 -2.49
CA ASN B 118 17.46 -13.80 -3.09
C ASN B 118 18.19 -14.88 -2.31
N ILE B 119 18.93 -14.53 -1.25
CA ILE B 119 19.56 -15.53 -0.41
C ILE B 119 18.80 -15.75 0.89
N TYR B 120 17.61 -15.17 1.03
CA TYR B 120 16.72 -15.45 2.15
C TYR B 120 15.31 -15.79 1.65
N PRO B 121 15.15 -16.89 0.92
CA PRO B 121 13.80 -17.25 0.47
C PRO B 121 12.90 -17.66 1.63
N ARG B 122 11.60 -17.38 1.46
CA ARG B 122 10.56 -17.77 2.41
C ARG B 122 10.71 -17.07 3.76
N THR B 123 11.14 -15.81 3.75
CA THR B 123 11.28 -15.03 4.97
C THR B 123 10.70 -13.64 4.74
N VAL B 124 10.61 -12.88 5.83
CA VAL B 124 10.14 -11.50 5.79
C VAL B 124 11.07 -10.65 6.64
N ILE B 125 11.34 -9.42 6.19
CA ILE B 125 12.13 -8.45 6.92
C ILE B 125 11.28 -7.21 7.13
N ASP B 126 11.14 -6.77 8.37
CA ASP B 126 10.26 -5.67 8.74
C ASP B 126 11.08 -4.51 9.29
N ILE B 127 10.80 -3.31 8.82
CA ILE B 127 11.47 -2.09 9.26
C ILE B 127 10.43 -1.15 9.83
N GLU B 128 10.62 -0.75 11.09
CA GLU B 128 9.72 0.17 11.79
C GLU B 128 10.51 1.41 12.20
N ILE B 129 9.96 2.59 11.89
CA ILE B 129 10.64 3.86 12.07
C ILE B 129 9.77 4.80 12.89
N HIS B 130 10.38 5.49 13.85
CA HIS B 130 9.70 6.47 14.69
C HIS B 130 10.45 7.79 14.62
N VAL B 131 9.75 8.84 14.21
CA VAL B 131 10.34 10.18 14.10
C VAL B 131 9.86 11.00 15.29
N LEU B 132 10.80 11.43 16.13
CA LEU B 132 10.50 12.17 17.34
C LEU B 132 10.62 13.68 17.19
N GLU B 133 11.62 14.15 16.45
CA GLU B 133 11.81 15.56 16.20
C GLU B 133 12.22 15.76 14.75
N GLN B 134 11.80 16.88 14.17
CA GLN B 134 11.89 17.10 12.73
C GLN B 134 12.24 18.55 12.47
N ASP B 135 13.36 18.79 11.79
CA ASP B 135 13.84 20.15 11.53
C ASP B 135 14.43 20.27 10.12
N GLY B 136 13.76 19.69 9.13
CA GLY B 136 14.19 19.83 7.75
C GLY B 136 15.11 18.72 7.27
N GLY B 137 14.98 18.34 6.00
CA GLY B 137 15.79 17.28 5.41
C GLY B 137 15.57 15.91 6.02
N ILE B 138 14.30 15.52 6.21
CA ILE B 138 14.00 14.30 6.95
C ILE B 138 14.19 13.05 6.10
N MET B 139 14.04 13.16 4.76
CA MET B 139 14.15 11.98 3.90
C MET B 139 15.58 11.43 3.88
N GLY B 140 16.58 12.30 3.80
CA GLY B 140 17.96 11.84 3.85
C GLY B 140 18.31 11.19 5.18
N SER B 141 17.79 11.75 6.28
CA SER B 141 18.00 11.15 7.59
C SER B 141 17.36 9.77 7.66
N LEU B 142 16.17 9.61 7.08
CA LEU B 142 15.54 8.29 7.03
C LEU B 142 16.41 7.30 6.27
N ILE B 143 16.96 7.72 5.14
CA ILE B 143 17.82 6.83 4.35
C ILE B 143 19.03 6.39 5.17
N ASN B 144 19.70 7.35 5.82
CA ASN B 144 20.90 7.03 6.59
C ASN B 144 20.59 6.10 7.75
N GLY B 145 19.48 6.35 8.46
CA GLY B 145 19.10 5.48 9.55
C GLY B 145 18.79 4.06 9.10
N ILE B 146 18.09 3.92 7.98
CA ILE B 146 17.80 2.59 7.46
C ILE B 146 19.09 1.85 7.10
N THR B 147 20.04 2.55 6.47
CA THR B 147 21.30 1.91 6.11
C THR B 147 22.04 1.41 7.35
N LEU B 148 22.13 2.27 8.37
CA LEU B 148 22.84 1.89 9.59
C LEU B 148 22.17 0.70 10.28
N ALA B 149 20.84 0.73 10.40
CA ALA B 149 20.14 -0.36 11.08
C ALA B 149 20.24 -1.66 10.30
N LEU B 150 20.19 -1.61 8.97
CA LEU B 150 20.33 -2.83 8.17
C LEU B 150 21.72 -3.43 8.32
N ILE B 151 22.76 -2.59 8.33
CA ILE B 151 24.11 -3.14 8.51
C ILE B 151 24.27 -3.70 9.92
N ASP B 152 23.66 -3.07 10.92
CA ASP B 152 23.76 -3.58 12.29
C ASP B 152 23.10 -4.95 12.47
N ALA B 153 22.13 -5.29 11.63
CA ALA B 153 21.44 -6.58 11.74
C ALA B 153 22.16 -7.71 11.04
N GLY B 154 23.30 -7.45 10.41
CA GLY B 154 24.03 -8.49 9.70
C GLY B 154 23.33 -9.03 8.46
N ILE B 155 22.76 -8.15 7.65
CA ILE B 155 22.03 -8.53 6.44
C ILE B 155 22.87 -8.12 5.23
N SER B 156 23.03 -9.04 4.29
CA SER B 156 23.92 -8.81 3.14
C SER B 156 23.40 -7.71 2.23
N MET B 157 24.31 -6.85 1.78
CA MET B 157 24.01 -5.79 0.84
C MET B 157 25.25 -5.51 0.00
N PHE B 158 25.06 -4.73 -1.06
CA PHE B 158 26.16 -4.44 -1.99
C PHE B 158 27.00 -3.24 -1.55
N ASP B 159 26.38 -2.19 -1.02
CA ASP B 159 27.11 -0.97 -0.68
C ASP B 159 26.25 -0.10 0.23
N TYR B 160 26.80 1.06 0.61
CA TYR B 160 26.08 2.06 1.37
C TYR B 160 25.17 2.89 0.47
N ILE B 161 24.12 3.45 1.07
CA ILE B 161 23.31 4.50 0.44
C ILE B 161 23.24 5.67 1.40
N SER B 162 23.55 6.87 0.91
CA SER B 162 23.60 8.08 1.73
C SER B 162 22.61 9.11 1.21
N GLY B 163 21.92 9.79 2.12
CA GLY B 163 20.95 10.81 1.79
C GLY B 163 21.47 12.20 2.09
N ILE B 164 21.02 13.18 1.30
CA ILE B 164 21.48 14.55 1.42
C ILE B 164 20.42 15.45 0.81
N SER B 165 20.43 16.73 1.20
CA SER B 165 19.50 17.72 0.68
C SER B 165 20.26 18.98 0.32
N VAL B 166 19.91 19.57 -0.83
CA VAL B 166 20.53 20.80 -1.31
C VAL B 166 19.43 21.79 -1.69
N GLY B 167 19.55 23.02 -1.22
CA GLY B 167 18.62 24.09 -1.57
C GLY B 167 19.29 25.07 -2.52
N LEU B 168 18.47 25.70 -3.37
CA LEU B 168 18.96 26.66 -4.35
C LEU B 168 18.34 28.02 -4.04
N TYR B 169 19.18 28.96 -3.63
CA TYR B 169 18.74 30.30 -3.25
C TYR B 169 19.22 31.27 -4.33
N ASP B 170 18.30 31.66 -5.22
CA ASP B 170 18.62 32.47 -6.39
C ASP B 170 19.68 31.79 -7.24
N THR B 171 20.95 32.15 -7.03
CA THR B 171 22.07 31.51 -7.73
C THR B 171 23.01 30.77 -6.79
N THR B 172 22.73 30.71 -5.50
CA THR B 172 23.65 30.14 -4.53
C THR B 172 23.14 28.79 -4.04
N PRO B 173 23.88 27.70 -4.24
CA PRO B 173 23.50 26.42 -3.65
C PRO B 173 23.89 26.34 -2.19
N LEU B 174 22.98 25.86 -1.35
CA LEU B 174 23.22 25.69 0.08
C LEU B 174 23.03 24.23 0.44
N LEU B 175 23.99 23.68 1.19
CA LEU B 175 24.04 22.27 1.50
C LEU B 175 23.41 22.00 2.87
N ASP B 176 22.56 20.96 2.94
CA ASP B 176 21.97 20.46 4.18
C ASP B 176 21.14 21.54 4.88
N THR B 177 20.03 21.88 4.23
CA THR B 177 19.17 22.96 4.69
C THR B 177 18.32 22.54 5.89
N ASN B 178 17.88 23.55 6.66
CA ASN B 178 17.01 23.37 7.81
C ASN B 178 15.61 23.91 7.51
N SER B 179 14.76 23.94 8.53
CA SER B 179 13.34 24.29 8.33
C SER B 179 13.17 25.72 7.84
N LEU B 180 13.97 26.66 8.36
CA LEU B 180 13.87 28.04 7.92
C LEU B 180 14.21 28.19 6.44
N GLU B 181 15.25 27.50 5.98
CA GLU B 181 15.65 27.60 4.58
C GLU B 181 14.68 26.85 3.68
N GLU B 182 14.14 25.72 4.15
CA GLU B 182 13.22 24.93 3.34
C GLU B 182 11.90 25.63 3.08
N ASN B 183 11.54 26.61 3.90
CA ASN B 183 10.32 27.39 3.71
C ASN B 183 10.54 28.62 2.84
N ALA B 184 11.77 28.84 2.35
CA ALA B 184 12.07 30.03 1.57
C ALA B 184 12.72 29.74 0.22
N MET B 185 12.93 28.47 -0.13
CA MET B 185 13.56 28.13 -1.40
C MET B 185 13.21 26.70 -1.77
N SER B 186 13.53 26.33 -3.00
CA SER B 186 13.33 24.98 -3.50
C SER B 186 14.52 24.10 -3.13
N THR B 187 14.24 22.81 -2.91
CA THR B 187 15.26 21.87 -2.45
C THR B 187 15.26 20.63 -3.33
N VAL B 188 16.38 19.91 -3.29
CA VAL B 188 16.57 18.66 -4.00
C VAL B 188 17.07 17.61 -3.02
N THR B 189 16.50 16.41 -3.07
CA THR B 189 16.92 15.30 -2.23
C THR B 189 17.56 14.21 -3.10
N LEU B 190 18.67 13.66 -2.60
CA LEU B 190 19.46 12.69 -3.35
C LEU B 190 19.72 11.44 -2.53
N GLY B 191 19.86 10.32 -3.22
CA GLY B 191 20.35 9.09 -2.64
C GLY B 191 21.48 8.50 -3.49
N VAL B 192 22.67 8.41 -2.92
CA VAL B 192 23.88 8.06 -3.67
C VAL B 192 24.38 6.70 -3.21
N VAL B 193 24.91 5.92 -4.15
CA VAL B 193 25.37 4.55 -3.90
C VAL B 193 26.89 4.56 -3.80
N GLY B 194 27.40 4.16 -2.64
CA GLY B 194 28.84 4.00 -2.46
C GLY B 194 29.60 5.29 -2.68
N LYS B 195 30.67 5.21 -3.48
CA LYS B 195 31.49 6.36 -3.83
C LYS B 195 31.39 6.71 -5.32
N SER B 196 30.29 6.35 -5.96
CA SER B 196 30.10 6.55 -7.38
C SER B 196 29.23 7.77 -7.64
N GLU B 197 28.89 7.99 -8.91
CA GLU B 197 28.01 9.07 -9.31
C GLU B 197 26.59 8.60 -9.60
N LYS B 198 26.26 7.35 -9.27
CA LYS B 198 24.97 6.79 -9.60
C LYS B 198 23.96 7.07 -8.49
N LEU B 199 22.77 7.48 -8.89
CA LEU B 199 21.73 7.91 -7.96
C LEU B 199 20.66 6.84 -7.83
N SER B 200 20.31 6.52 -6.59
CA SER B 200 19.18 5.64 -6.30
C SER B 200 17.88 6.41 -6.19
N LEU B 201 17.93 7.64 -5.65
CA LEU B 201 16.76 8.49 -5.49
C LEU B 201 17.07 9.90 -5.99
N LEU B 202 16.08 10.50 -6.65
CA LEU B 202 16.12 11.90 -7.05
C LEU B 202 14.71 12.46 -6.89
N LEU B 203 14.58 13.51 -6.08
CA LEU B 203 13.26 14.02 -5.71
C LEU B 203 13.29 15.55 -5.76
N VAL B 204 12.54 16.13 -6.71
CA VAL B 204 12.35 17.56 -6.83
C VAL B 204 10.86 17.84 -6.80
N GLU B 205 10.43 18.67 -5.85
CA GLU B 205 9.00 18.91 -5.64
C GLU B 205 8.56 20.33 -5.99
N ASP B 206 9.47 21.27 -6.15
CA ASP B 206 9.14 22.64 -6.52
C ASP B 206 9.96 23.04 -7.74
N LYS B 207 9.61 24.21 -8.29
CA LYS B 207 10.17 24.65 -9.56
C LYS B 207 11.65 24.98 -9.42
N ILE B 208 12.43 24.60 -10.44
CA ILE B 208 13.85 24.87 -10.51
C ILE B 208 14.19 25.12 -11.98
N PRO B 209 14.97 26.15 -12.31
CA PRO B 209 15.35 26.38 -13.71
C PRO B 209 16.12 25.20 -14.28
N LEU B 210 15.87 24.90 -15.56
CA LEU B 210 16.46 23.73 -16.19
C LEU B 210 17.97 23.83 -16.28
N ASP B 211 18.50 25.04 -16.45
CA ASP B 211 19.93 25.26 -16.65
C ASP B 211 20.68 25.48 -15.33
N ARG B 212 20.16 24.96 -14.22
CA ARG B 212 20.83 25.13 -12.94
C ARG B 212 20.83 23.86 -12.10
N LEU B 213 20.60 22.69 -12.70
CA LEU B 213 20.43 21.46 -11.94
C LEU B 213 21.70 20.63 -11.80
N GLU B 214 22.60 20.67 -12.79
CA GLU B 214 23.82 19.88 -12.71
C GLU B 214 24.72 20.31 -11.56
N ASN B 215 24.86 21.63 -11.35
CA ASN B 215 25.68 22.13 -10.26
C ASN B 215 25.15 21.66 -8.91
N VAL B 216 23.83 21.73 -8.73
CA VAL B 216 23.20 21.24 -7.50
C VAL B 216 23.47 19.75 -7.33
N LEU B 217 23.37 18.98 -8.41
CA LEU B 217 23.63 17.55 -8.33
C LEU B 217 25.06 17.25 -7.89
N ALA B 218 26.03 17.98 -8.45
CA ALA B 218 27.43 17.76 -8.08
C ALA B 218 27.68 18.10 -6.62
N ILE B 219 27.14 19.22 -6.14
CA ILE B 219 27.32 19.60 -4.74
C ILE B 219 26.72 18.54 -3.83
N GLY B 220 25.52 18.06 -4.16
CA GLY B 220 24.89 17.03 -3.35
C GLY B 220 25.68 15.73 -3.34
N ILE B 221 26.27 15.37 -4.48
CA ILE B 221 27.04 14.13 -4.55
C ILE B 221 28.27 14.21 -3.64
N ALA B 222 28.98 15.35 -3.66
CA ALA B 222 30.12 15.50 -2.76
C ALA B 222 29.70 15.43 -1.29
N GLY B 223 28.60 16.11 -0.94
CA GLY B 223 28.11 16.04 0.42
C GLY B 223 27.77 14.63 0.87
N ALA B 224 27.13 13.86 -0.02
CA ALA B 224 26.78 12.49 0.30
C ALA B 224 28.02 11.62 0.48
N HIS B 225 29.07 11.87 -0.28
CA HIS B 225 30.32 11.14 -0.05
C HIS B 225 30.87 11.40 1.34
N ARG B 226 30.84 12.67 1.78
CA ARG B 226 31.28 12.97 3.15
C ARG B 226 30.41 12.27 4.20
N VAL B 227 29.10 12.24 3.97
CA VAL B 227 28.19 11.55 4.89
C VAL B 227 28.52 10.06 4.98
N ARG B 228 28.80 9.43 3.84
CA ARG B 228 29.20 8.03 3.83
C ARG B 228 30.47 7.82 4.63
N ASP B 229 31.44 8.73 4.49
CA ASP B 229 32.66 8.61 5.28
C ASP B 229 32.37 8.63 6.78
N LEU B 230 31.51 9.55 7.22
CA LEU B 230 31.18 9.62 8.64
C LEU B 230 30.51 8.33 9.13
N MET B 231 29.56 7.81 8.36
CA MET B 231 28.89 6.57 8.76
C MET B 231 29.88 5.40 8.84
N ASP B 232 30.79 5.30 7.87
CA ASP B 232 31.77 4.22 7.89
C ASP B 232 32.69 4.33 9.10
N GLU B 233 33.12 5.54 9.44
CA GLU B 233 33.98 5.72 10.60
C GLU B 233 33.27 5.28 11.88
N GLU B 234 32.00 5.67 12.04
CA GLU B 234 31.27 5.27 13.24
C GLU B 234 31.12 3.76 13.32
N LEU B 235 30.80 3.11 12.19
CA LEU B 235 30.63 1.67 12.20
C LEU B 235 31.92 0.96 12.55
N ARG B 236 33.05 1.40 11.99
CA ARG B 236 34.33 0.77 12.29
C ARG B 236 34.69 0.94 13.76
N LYS B 237 34.43 2.13 14.33
CA LYS B 237 34.75 2.34 15.74
C LYS B 237 33.93 1.41 16.63
N HIS B 238 32.63 1.29 16.34
CA HIS B 238 31.80 0.38 17.14
C HIS B 238 32.27 -1.06 17.02
N ALA B 239 32.60 -1.50 15.80
CA ALA B 239 33.07 -2.87 15.62
C ALA B 239 34.37 -3.12 16.35
N GLN B 240 35.29 -2.15 16.33
CA GLN B 240 36.54 -2.30 17.05
C GLN B 240 36.29 -2.45 18.54
N LYS B 241 35.43 -1.61 19.10
CA LYS B 241 35.11 -1.73 20.52
C LYS B 241 34.46 -3.07 20.84
N ARG B 242 33.56 -3.54 19.97
CA ARG B 242 32.87 -4.81 20.21
C ARG B 242 33.84 -5.98 20.19
N VAL B 243 34.75 -6.02 19.23
CA VAL B 243 35.64 -7.17 19.10
C VAL B 243 36.85 -7.09 20.03
N SER B 244 37.17 -5.90 20.54
CA SER B 244 38.37 -5.75 21.35
C SER B 244 38.32 -6.59 22.63
N ASN B 245 37.16 -6.61 23.30
CA ASN B 245 37.02 -7.30 24.57
C ASN B 245 36.26 -8.62 24.45
N ALA B 246 35.12 -8.60 23.76
CA ALA B 246 34.28 -9.79 23.63
C ALA B 246 34.99 -10.87 22.82
N PRO C 14 -40.01 -43.81 9.04
CA PRO C 14 -39.51 -43.27 7.78
C PRO C 14 -38.52 -42.11 8.00
N ILE C 15 -37.64 -41.90 7.02
CA ILE C 15 -36.66 -40.82 7.13
C ILE C 15 -37.35 -39.49 6.89
N THR C 16 -37.16 -38.55 7.81
CA THR C 16 -37.92 -37.31 7.82
C THR C 16 -37.01 -36.19 8.32
N PHE C 17 -37.21 -34.99 7.78
CA PHE C 17 -36.48 -33.80 8.17
C PHE C 17 -37.42 -32.77 8.77
N PRO C 18 -36.95 -31.97 9.73
CA PRO C 18 -37.76 -30.86 10.24
C PRO C 18 -37.98 -29.81 9.18
N PRO C 19 -39.05 -29.02 9.28
CA PRO C 19 -39.35 -28.03 8.22
C PRO C 19 -38.25 -27.03 7.96
N GLU C 20 -37.55 -26.57 9.01
CA GLU C 20 -36.45 -25.62 8.81
C GLU C 20 -35.30 -26.28 8.06
N VAL C 21 -34.96 -27.52 8.41
CA VAL C 21 -33.89 -28.23 7.72
C VAL C 21 -34.25 -28.44 6.25
N LEU C 22 -35.51 -28.83 5.98
CA LEU C 22 -35.92 -29.05 4.61
C LEU C 22 -35.92 -27.76 3.80
N ALA C 23 -36.32 -26.65 4.42
CA ALA C 23 -36.23 -25.37 3.74
C ALA C 23 -34.79 -24.96 3.47
N ARG C 24 -33.85 -25.37 4.34
CA ARG C 24 -32.46 -25.05 4.13
C ARG C 24 -31.81 -25.91 3.04
N ILE C 25 -32.16 -27.19 2.97
CA ILE C 25 -31.45 -28.10 2.07
C ILE C 25 -32.13 -28.30 0.72
N SER C 26 -33.42 -28.03 0.60
CA SER C 26 -34.14 -28.20 -0.67
C SER C 26 -35.37 -27.30 -0.68
N PRO C 27 -35.19 -25.99 -0.82
CA PRO C 27 -36.34 -25.07 -0.72
C PRO C 27 -37.37 -25.24 -1.81
N GLU C 28 -36.96 -25.54 -3.04
CA GLU C 28 -37.91 -25.66 -4.14
C GLU C 28 -38.87 -26.82 -3.93
N LEU C 29 -38.34 -27.96 -3.48
CA LEU C 29 -39.20 -29.11 -3.21
C LEU C 29 -40.19 -28.82 -2.09
N SER C 30 -39.73 -28.13 -1.05
CA SER C 30 -40.62 -27.75 0.06
C SER C 30 -41.75 -26.83 -0.44
N LEU C 31 -41.39 -25.84 -1.25
CA LEU C 31 -42.40 -24.93 -1.78
C LEU C 31 -43.40 -25.65 -2.68
N GLN C 32 -42.92 -26.56 -3.53
CA GLN C 32 -43.82 -27.30 -4.41
C GLN C 32 -44.73 -28.22 -3.62
N ARG C 33 -44.20 -28.87 -2.58
CA ARG C 33 -45.01 -29.77 -1.76
C ARG C 33 -46.08 -29.01 -1.00
N HIS C 34 -45.74 -27.84 -0.45
CA HIS C 34 -46.72 -27.08 0.32
C HIS C 34 -47.85 -26.56 -0.56
N LEU C 35 -47.53 -26.12 -1.79
CA LEU C 35 -48.55 -25.51 -2.64
C LEU C 35 -49.59 -26.51 -3.12
N SER C 36 -49.20 -27.78 -3.32
CA SER C 36 -50.16 -28.77 -3.79
C SER C 36 -51.22 -29.10 -2.76
N LEU C 37 -51.00 -28.75 -1.49
CA LEU C 37 -51.99 -28.94 -0.44
C LEU C 37 -52.86 -27.71 -0.22
N GLY C 38 -52.62 -26.62 -0.95
CA GLY C 38 -53.39 -25.41 -0.79
C GLY C 38 -52.88 -24.45 0.26
N ILE C 39 -51.66 -24.65 0.76
CA ILE C 39 -51.10 -23.83 1.82
C ILE C 39 -49.74 -23.30 1.36
N ARG C 40 -49.06 -22.61 2.27
CA ARG C 40 -47.74 -22.03 2.04
C ARG C 40 -46.83 -22.41 3.19
N PRO C 41 -45.52 -22.44 2.97
CA PRO C 41 -44.60 -22.72 4.08
C PRO C 41 -44.68 -21.71 5.22
N CYS C 42 -45.20 -20.51 4.97
CA CYS C 42 -45.48 -19.56 6.03
C CYS C 42 -46.80 -19.81 6.73
N LEU C 43 -47.55 -20.84 6.30
CA LEU C 43 -48.81 -21.25 6.92
C LEU C 43 -49.89 -20.17 6.77
N ARG C 44 -50.09 -19.72 5.54
CA ARG C 44 -51.15 -18.80 5.19
C ARG C 44 -51.82 -19.28 3.91
N LYS C 45 -52.91 -18.60 3.54
CA LYS C 45 -53.55 -18.87 2.27
C LYS C 45 -52.84 -18.09 1.16
N TYR C 46 -53.23 -18.38 -0.08
CA TYR C 46 -52.53 -17.82 -1.24
C TYR C 46 -52.59 -16.30 -1.24
N GLU C 47 -53.76 -15.73 -0.97
CA GLU C 47 -53.99 -14.29 -1.07
C GLU C 47 -54.23 -13.64 0.29
N GLU C 48 -53.60 -14.17 1.34
CA GLU C 48 -53.79 -13.69 2.70
C GLU C 48 -52.58 -12.85 3.11
N PHE C 49 -52.84 -11.68 3.66
CA PHE C 49 -51.80 -10.78 4.15
C PHE C 49 -51.53 -11.01 5.63
N ARG C 50 -50.49 -10.38 6.13
CA ARG C 50 -50.18 -10.36 7.55
C ARG C 50 -50.88 -9.20 8.24
N ASP C 51 -51.17 -9.37 9.52
CA ASP C 51 -51.81 -8.31 10.30
C ASP C 51 -50.79 -7.26 10.73
N VAL C 52 -51.27 -6.04 10.93
CA VAL C 52 -50.43 -4.90 11.23
C VAL C 52 -50.94 -4.22 12.49
N ALA C 53 -50.05 -3.91 13.42
CA ALA C 53 -50.33 -3.11 14.60
C ALA C 53 -49.25 -2.05 14.76
N ILE C 54 -49.65 -0.82 15.10
CA ILE C 54 -48.72 0.30 15.18
C ILE C 54 -48.91 1.01 16.51
N GLU C 55 -47.97 1.92 16.79
CA GLU C 55 -47.96 2.71 18.02
C GLU C 55 -47.29 4.04 17.68
N ASN C 56 -48.10 5.08 17.48
CA ASN C 56 -47.62 6.33 16.92
C ASN C 56 -47.17 7.33 17.97
N ASN C 57 -46.03 7.96 17.71
CA ASN C 57 -45.61 9.21 18.35
C ASN C 57 -45.47 9.04 19.86
N THR C 58 -44.78 7.99 20.26
CA THR C 58 -44.52 7.73 21.67
C THR C 58 -43.07 7.99 22.08
N LEU C 59 -42.17 8.19 21.12
CA LEU C 59 -40.76 8.43 21.41
C LEU C 59 -40.33 9.86 21.11
N SER C 60 -41.26 10.71 20.69
CA SER C 60 -40.92 12.08 20.32
C SER C 60 -40.90 12.98 21.55
N ARG C 61 -40.29 14.16 21.38
CA ARG C 61 -40.23 15.13 22.47
C ARG C 61 -41.57 15.81 22.72
N TYR C 62 -42.52 15.70 21.79
CA TYR C 62 -43.87 16.21 21.99
C TYR C 62 -44.88 15.09 22.26
N ALA C 63 -44.41 13.94 22.75
CA ALA C 63 -45.31 12.82 23.02
C ALA C 63 -46.34 13.18 24.09
N ASP C 64 -45.90 13.84 25.16
CA ASP C 64 -46.79 14.33 26.19
C ASP C 64 -47.05 15.81 25.94
N ALA C 65 -48.32 16.16 25.73
CA ALA C 65 -48.67 17.52 25.36
C ALA C 65 -48.46 18.51 26.50
N GLY C 66 -48.52 18.06 27.75
CA GLY C 66 -48.35 18.96 28.88
C GLY C 66 -46.93 19.00 29.41
N ASN C 67 -46.22 17.89 29.32
CA ASN C 67 -44.84 17.78 29.81
C ASN C 67 -43.94 17.50 28.61
N ILE C 68 -43.20 18.53 28.18
CA ILE C 68 -42.35 18.43 27.01
C ILE C 68 -40.94 18.06 27.44
N ASP C 69 -40.40 16.98 26.87
CA ASP C 69 -39.04 16.58 27.17
C ASP C 69 -38.05 17.59 26.61
N THR C 70 -37.04 17.93 27.39
CA THR C 70 -36.07 18.94 27.02
C THR C 70 -34.73 18.37 26.58
N LYS C 71 -34.50 17.07 26.79
CA LYS C 71 -33.29 16.41 26.33
C LYS C 71 -33.52 15.56 25.09
N ASN C 72 -34.69 15.72 24.45
CA ASN C 72 -35.09 14.91 23.30
C ASN C 72 -35.16 15.79 22.06
N ASN C 73 -34.59 15.31 20.96
CA ASN C 73 -34.58 16.06 19.71
C ASN C 73 -35.36 15.35 18.61
N ILE C 74 -36.25 14.44 18.95
CA ILE C 74 -37.00 13.66 17.97
C ILE C 74 -38.32 14.36 17.69
N LEU C 75 -38.61 14.58 16.41
CA LEU C 75 -39.79 15.33 15.99
C LEU C 75 -40.99 14.45 15.65
N GLY C 76 -40.76 13.18 15.34
CA GLY C 76 -41.85 12.25 15.04
C GLY C 76 -41.36 10.83 15.19
N SER C 77 -42.31 9.92 15.37
CA SER C 77 -41.96 8.54 15.73
C SER C 77 -43.05 7.59 15.26
N ASN C 78 -42.67 6.31 15.15
CA ASN C 78 -43.62 5.24 14.87
C ASN C 78 -42.96 3.90 15.22
N VAL C 79 -43.77 2.97 15.73
CA VAL C 79 -43.36 1.60 15.97
C VAL C 79 -44.37 0.68 15.30
N LEU C 80 -43.88 -0.27 14.50
CA LEU C 80 -44.73 -1.13 13.68
C LEU C 80 -44.41 -2.59 13.95
N LYS C 81 -45.46 -3.41 14.03
CA LYS C 81 -45.31 -4.85 14.22
C LYS C 81 -46.15 -5.58 13.17
N SER C 82 -45.51 -6.50 12.45
CA SER C 82 -46.17 -7.28 11.41
C SER C 82 -45.63 -8.70 11.46
N GLY C 83 -46.46 -9.64 11.92
CA GLY C 83 -45.99 -10.99 12.13
C GLY C 83 -45.01 -11.08 13.28
N LYS C 84 -43.74 -11.31 12.97
CA LYS C 84 -42.68 -11.32 13.97
C LYS C 84 -41.68 -10.19 13.80
N THR C 85 -41.89 -9.30 12.84
CA THR C 85 -40.94 -8.26 12.49
C THR C 85 -41.33 -6.94 13.15
N ILE C 86 -40.35 -6.22 13.67
CA ILE C 86 -40.56 -4.96 14.38
C ILE C 86 -39.75 -3.87 13.69
N VAL C 87 -40.38 -2.73 13.43
CA VAL C 87 -39.74 -1.58 12.81
C VAL C 87 -39.88 -0.38 13.73
N ILE C 88 -38.78 0.34 13.94
CA ILE C 88 -38.76 1.56 14.74
C ILE C 88 -38.23 2.69 13.87
N THR C 89 -38.99 3.79 13.80
CA THR C 89 -38.66 4.93 12.96
C THR C 89 -38.67 6.20 13.81
N SER C 90 -37.63 7.02 13.67
CA SER C 90 -37.56 8.31 14.34
C SER C 90 -37.05 9.36 13.36
N ILE C 91 -37.53 10.59 13.52
CA ILE C 91 -37.25 11.69 12.60
C ILE C 91 -36.66 12.86 13.37
N THR C 92 -35.56 13.40 12.87
CA THR C 92 -34.92 14.60 13.41
C THR C 92 -34.85 15.67 12.33
N GLY C 93 -34.27 16.83 12.68
CA GLY C 93 -34.31 17.97 11.81
C GLY C 93 -33.01 18.75 11.81
N GLY C 94 -32.92 19.67 10.85
CA GLY C 94 -31.80 20.58 10.69
C GLY C 94 -32.27 21.83 9.98
N ILE C 95 -31.36 22.81 9.88
CA ILE C 95 -31.67 24.09 9.26
C ILE C 95 -30.53 24.49 8.33
N ILE C 96 -30.88 24.95 7.13
CA ILE C 96 -29.90 25.38 6.13
C ILE C 96 -30.31 26.76 5.61
N GLU C 97 -29.30 27.59 5.35
CA GLU C 97 -29.55 28.90 4.76
C GLU C 97 -29.69 28.78 3.26
N GLU C 98 -30.76 29.34 2.71
CA GLU C 98 -31.14 29.13 1.31
C GLU C 98 -30.63 30.30 0.47
N THR C 99 -29.35 30.25 0.13
CA THR C 99 -28.77 31.22 -0.78
C THR C 99 -29.16 30.88 -2.22
N SER C 100 -29.04 31.88 -3.09
CA SER C 100 -29.42 31.77 -4.50
C SER C 100 -30.88 31.35 -4.64
N GLU C 121 -47.88 24.32 -9.63
CA GLU C 121 -47.52 23.35 -10.66
C GLU C 121 -47.34 21.96 -10.06
N ASP C 122 -47.23 20.95 -10.94
CA ASP C 122 -47.01 19.58 -10.50
C ASP C 122 -45.65 19.04 -10.96
N ILE C 123 -44.75 19.93 -11.38
CA ILE C 123 -43.43 19.50 -11.85
C ILE C 123 -42.57 19.11 -10.65
N ILE C 124 -41.65 18.19 -10.88
CA ILE C 124 -40.87 17.61 -9.80
C ILE C 124 -39.81 18.55 -9.23
N ALA C 125 -39.59 19.70 -9.87
CA ALA C 125 -38.62 20.67 -9.38
C ALA C 125 -39.10 21.42 -8.14
N ASN C 126 -40.37 21.25 -7.75
CA ASN C 126 -40.95 22.00 -6.64
C ASN C 126 -41.18 21.13 -5.40
N TYR C 127 -40.48 20.01 -5.28
CA TYR C 127 -40.75 19.04 -4.22
C TYR C 127 -39.45 18.62 -3.55
N ALA C 128 -39.57 18.22 -2.28
CA ALA C 128 -38.44 17.82 -1.45
C ALA C 128 -38.59 16.36 -1.04
N SER C 129 -37.66 15.90 -0.20
CA SER C 129 -37.62 14.51 0.23
C SER C 129 -37.04 14.45 1.64
N VAL C 130 -36.84 13.23 2.13
CA VAL C 130 -36.25 12.95 3.43
C VAL C 130 -35.01 12.08 3.22
N TYR C 131 -34.02 12.23 4.10
CA TYR C 131 -32.78 11.48 3.98
C TYR C 131 -32.76 10.33 4.98
N PRO C 132 -33.02 9.09 4.54
CA PRO C 132 -33.11 7.98 5.51
C PRO C 132 -31.81 7.18 5.66
N VAL C 133 -31.65 6.54 6.81
CA VAL C 133 -30.57 5.58 7.05
C VAL C 133 -31.20 4.33 7.66
N VAL C 134 -30.97 3.18 7.04
CA VAL C 134 -31.65 1.93 7.39
C VAL C 134 -30.62 0.95 7.95
N GLU C 135 -30.96 0.33 9.07
CA GLU C 135 -30.15 -0.73 9.67
C GLU C 135 -31.00 -1.99 9.83
N VAL C 136 -30.53 -3.11 9.29
CA VAL C 136 -31.17 -4.40 9.46
C VAL C 136 -30.23 -5.27 10.30
N GLU C 137 -30.69 -5.65 11.48
CA GLU C 137 -29.85 -6.39 12.43
C GLU C 137 -29.83 -7.86 12.06
N ARG C 138 -28.67 -8.34 11.60
CA ARG C 138 -28.52 -9.74 11.22
C ARG C 138 -27.24 -10.35 11.77
N GLY C 139 -26.60 -9.72 12.75
CA GLY C 139 -25.41 -10.25 13.38
C GLY C 139 -24.10 -9.84 12.77
N ARG C 140 -24.06 -8.74 12.02
CA ARG C 140 -22.88 -8.33 11.28
C ARG C 140 -22.41 -6.96 11.78
N VAL C 141 -21.09 -6.81 11.87
CA VAL C 141 -20.47 -5.51 12.16
C VAL C 141 -19.60 -5.13 10.96
N GLY C 142 -19.74 -3.89 10.53
CA GLY C 142 -19.05 -3.40 9.35
C GLY C 142 -19.83 -2.28 8.72
N ALA C 143 -19.58 -2.06 7.42
CA ALA C 143 -20.27 -1.03 6.68
C ALA C 143 -21.60 -1.56 6.14
N CYS C 144 -22.30 -0.73 5.37
CA CYS C 144 -23.62 -1.08 4.87
C CYS C 144 -23.54 -2.17 3.81
N THR C 145 -24.59 -2.97 3.73
CA THR C 145 -24.73 -3.99 2.70
C THR C 145 -25.49 -3.43 1.50
N ASP C 146 -25.66 -4.26 0.48
CA ASP C 146 -26.43 -3.85 -0.70
C ASP C 146 -27.89 -3.58 -0.34
N GLU C 147 -28.45 -4.42 0.53
CA GLU C 147 -29.86 -4.29 0.91
C GLU C 147 -30.14 -2.93 1.54
N GLU C 148 -29.32 -2.54 2.52
CA GLU C 148 -29.56 -1.29 3.24
C GLU C 148 -29.43 -0.08 2.32
N MET C 149 -28.38 -0.07 1.50
CA MET C 149 -28.15 1.06 0.59
C MET C 149 -29.27 1.19 -0.43
N THR C 150 -29.67 0.07 -1.05
CA THR C 150 -30.73 0.13 -2.04
C THR C 150 -32.06 0.53 -1.43
N ILE C 151 -32.36 0.04 -0.22
CA ILE C 151 -33.62 0.40 0.43
C ILE C 151 -33.64 1.89 0.75
N SER C 152 -32.54 2.43 1.28
CA SER C 152 -32.48 3.86 1.59
C SER C 152 -32.68 4.71 0.34
N GLN C 153 -31.96 4.36 -0.74
CA GLN C 153 -32.08 5.13 -1.97
C GLN C 153 -33.49 5.07 -2.54
N LYS C 154 -34.11 3.89 -2.50
CA LYS C 154 -35.46 3.74 -3.05
C LYS C 154 -36.49 4.50 -2.22
N LEU C 155 -36.33 4.52 -0.89
CA LEU C 155 -37.23 5.31 -0.06
C LEU C 155 -37.13 6.79 -0.42
N HIS C 156 -35.90 7.30 -0.56
CA HIS C 156 -35.71 8.70 -0.93
C HIS C 156 -36.36 9.00 -2.28
N ASP C 157 -36.11 8.14 -3.28
CA ASP C 157 -36.62 8.39 -4.62
C ASP C 157 -38.14 8.31 -4.67
N SER C 158 -38.75 7.33 -3.99
CA SER C 158 -40.19 7.20 -4.02
C SER C 158 -40.88 8.33 -3.27
N ILE C 159 -40.27 8.85 -2.20
CA ILE C 159 -40.83 10.04 -1.58
C ILE C 159 -40.80 11.21 -2.55
N LEU C 160 -39.70 11.37 -3.28
CA LEU C 160 -39.62 12.47 -4.24
C LEU C 160 -40.65 12.32 -5.37
N HIS C 161 -40.82 11.11 -5.90
CA HIS C 161 -41.67 10.91 -7.07
C HIS C 161 -43.15 10.97 -6.74
N SER C 162 -43.53 10.80 -5.47
CA SER C 162 -44.94 10.75 -5.09
C SER C 162 -45.57 12.13 -4.91
N ARG C 163 -44.79 13.20 -4.99
CA ARG C 163 -45.28 14.57 -4.83
C ARG C 163 -45.95 14.75 -3.47
N ILE C 164 -45.31 14.24 -2.43
CA ILE C 164 -45.88 14.26 -1.08
C ILE C 164 -45.48 15.52 -0.31
N LEU C 165 -44.22 15.93 -0.43
CA LEU C 165 -43.67 17.02 0.39
C LEU C 165 -43.29 18.22 -0.46
N PRO C 166 -44.12 19.25 -0.53
CA PRO C 166 -43.76 20.45 -1.29
C PRO C 166 -42.59 21.18 -0.64
N LYS C 167 -41.86 21.93 -1.47
CA LYS C 167 -40.74 22.71 -0.96
C LYS C 167 -41.20 23.90 -0.13
N LYS C 168 -42.38 24.45 -0.43
CA LYS C 168 -42.87 25.59 0.33
C LYS C 168 -43.33 25.21 1.73
N ALA C 169 -43.45 23.93 2.03
CA ALA C 169 -43.85 23.48 3.35
C ALA C 169 -42.69 23.42 4.33
N LEU C 170 -41.46 23.67 3.88
CA LEU C 170 -40.28 23.65 4.73
C LEU C 170 -39.64 25.01 4.89
N LYS C 171 -40.31 26.08 4.48
CA LYS C 171 -39.78 27.42 4.64
C LYS C 171 -39.98 27.91 6.07
N VAL C 172 -38.97 28.58 6.60
CA VAL C 172 -38.94 29.01 8.00
C VAL C 172 -39.41 30.45 8.09
N LYS C 173 -40.41 30.69 8.96
CA LYS C 173 -40.87 32.04 9.26
C LYS C 173 -40.25 32.45 10.59
N ALA C 174 -39.00 32.92 10.51
CA ALA C 174 -38.23 33.19 11.71
C ALA C 174 -38.72 34.45 12.43
N GLY C 175 -38.60 34.43 13.76
CA GLY C 175 -38.90 35.58 14.58
C GLY C 175 -37.64 36.24 15.10
N VAL C 176 -37.85 37.23 15.98
CA VAL C 176 -36.77 38.00 16.58
C VAL C 176 -37.00 38.10 18.07
N ARG C 177 -35.92 38.00 18.84
CA ARG C 177 -35.97 38.09 20.30
C ARG C 177 -35.29 39.38 20.75
N SER C 178 -36.00 40.21 21.50
CA SER C 178 -35.49 41.48 21.96
C SER C 178 -35.96 41.73 23.40
N ALA C 179 -35.21 42.58 24.10
CA ALA C 179 -35.54 42.93 25.48
C ALA C 179 -36.80 43.77 25.55
N PHE C 185 -36.45 39.66 27.85
CA PHE C 185 -36.32 39.08 26.53
C PHE C 185 -37.58 38.32 26.13
N SER C 186 -38.10 38.64 24.94
CA SER C 186 -39.29 37.97 24.42
C SER C 186 -39.19 37.88 22.92
N VAL C 187 -39.95 36.94 22.34
CA VAL C 187 -39.90 36.64 20.91
C VAL C 187 -41.23 37.05 20.30
N LEU C 188 -41.16 37.78 19.19
CA LEU C 188 -42.35 38.19 18.44
C LEU C 188 -42.29 37.56 17.05
N TYR C 189 -43.33 36.80 16.70
CA TYR C 189 -43.40 36.13 15.41
C TYR C 189 -44.31 36.91 14.46
N PRO C 190 -44.04 36.87 13.15
CA PRO C 190 -44.79 37.68 12.17
C PRO C 190 -46.19 37.13 11.85
N ASP C 191 -46.94 36.79 12.90
CA ASP C 191 -48.31 36.29 12.76
C ASP C 191 -48.42 35.10 11.81
N LYS C 206 -34.72 39.92 3.90
CA LYS C 206 -33.40 39.60 4.44
C LYS C 206 -32.96 38.20 4.04
N ARG C 207 -32.51 37.42 5.03
CA ARG C 207 -32.04 36.07 4.77
C ARG C 207 -33.22 35.09 4.77
N LYS C 208 -32.94 33.88 4.28
CA LYS C 208 -33.94 32.83 4.16
C LYS C 208 -33.38 31.52 4.70
N TRP C 209 -34.26 30.68 5.24
CA TRP C 209 -33.87 29.40 5.80
C TRP C 209 -34.92 28.35 5.45
N SER C 210 -34.49 27.09 5.45
CA SER C 210 -35.37 25.96 5.20
C SER C 210 -35.06 24.84 6.19
N TYR C 211 -36.08 24.03 6.46
CA TYR C 211 -35.92 22.85 7.30
C TYR C 211 -35.35 21.68 6.49
N VAL C 212 -34.60 20.83 7.18
CA VAL C 212 -34.07 19.60 6.60
C VAL C 212 -34.45 18.45 7.53
N LEU C 213 -34.97 17.37 6.95
CA LEU C 213 -35.47 16.24 7.71
C LEU C 213 -34.62 14.99 7.49
N TYR C 214 -34.32 14.27 8.57
CA TYR C 214 -33.57 13.03 8.54
C TYR C 214 -34.38 11.94 9.22
N ALA C 215 -34.19 10.70 8.76
CA ALA C 215 -34.89 9.54 9.30
C ALA C 215 -33.92 8.44 9.65
N LYS C 216 -34.23 7.71 10.71
CA LYS C 216 -33.47 6.53 11.12
C LYS C 216 -34.44 5.37 11.33
N ILE C 217 -34.16 4.24 10.71
CA ILE C 217 -35.05 3.08 10.71
C ILE C 217 -34.26 1.85 11.15
N VAL C 218 -34.78 1.14 12.13
CA VAL C 218 -34.15 -0.07 12.66
C VAL C 218 -35.12 -1.22 12.51
N VAL C 219 -34.67 -2.31 11.89
CA VAL C 219 -35.49 -3.49 11.65
C VAL C 219 -34.94 -4.62 12.51
N LEU C 220 -35.82 -5.26 13.27
CA LEU C 220 -35.48 -6.38 14.13
C LEU C 220 -36.28 -7.61 13.73
N SER C 221 -35.66 -8.78 13.83
CA SER C 221 -36.32 -10.07 13.60
C SER C 221 -36.83 -10.19 12.16
N ARG C 222 -35.94 -9.92 11.21
CA ARG C 222 -36.28 -10.02 9.80
C ARG C 222 -36.47 -11.48 9.39
N THR C 223 -37.51 -11.74 8.59
CA THR C 223 -37.71 -13.05 7.98
C THR C 223 -37.89 -13.01 6.47
N GLY C 224 -37.93 -11.83 5.86
CA GLY C 224 -38.09 -11.71 4.42
C GLY C 224 -37.80 -10.30 3.95
N PRO C 225 -38.22 -9.97 2.73
CA PRO C 225 -38.02 -8.60 2.23
C PRO C 225 -38.76 -7.60 3.10
N VAL C 226 -38.14 -6.43 3.30
CA VAL C 226 -38.63 -5.50 4.31
C VAL C 226 -38.85 -4.09 3.77
N PHE C 227 -38.86 -3.92 2.44
CA PHE C 227 -39.09 -2.59 1.90
C PHE C 227 -40.49 -2.07 2.24
N ASP C 228 -41.51 -2.93 2.11
CA ASP C 228 -42.88 -2.48 2.37
C ASP C 228 -43.06 -2.06 3.81
N LEU C 229 -42.50 -2.82 4.74
CA LEU C 229 -42.62 -2.48 6.16
C LEU C 229 -41.96 -1.13 6.46
N CYS C 230 -40.77 -0.90 5.91
CA CYS C 230 -40.09 0.37 6.12
C CYS C 230 -40.88 1.53 5.53
N TRP C 231 -41.40 1.36 4.32
CA TRP C 231 -42.18 2.43 3.69
C TRP C 231 -43.44 2.74 4.50
N ASN C 232 -44.16 1.71 4.94
CA ASN C 232 -45.39 1.95 5.68
C ASN C 232 -45.12 2.58 7.04
N SER C 233 -44.06 2.13 7.72
CA SER C 233 -43.68 2.76 8.98
C SER C 233 -43.32 4.22 8.80
N LEU C 234 -42.55 4.54 7.75
CA LEU C 234 -42.20 5.94 7.49
C LEU C 234 -43.41 6.78 7.12
N MET C 235 -44.38 6.20 6.42
CA MET C 235 -45.61 6.92 6.12
C MET C 235 -46.37 7.23 7.40
N TYR C 236 -46.42 6.29 8.33
CA TYR C 236 -47.09 6.57 9.60
C TYR C 236 -46.35 7.62 10.40
N ALA C 237 -45.01 7.62 10.35
CA ALA C 237 -44.24 8.57 11.14
C ALA C 237 -44.30 9.99 10.59
N LEU C 238 -44.52 10.15 9.27
CA LEU C 238 -44.52 11.48 8.68
C LEU C 238 -45.76 12.28 9.04
N GLN C 239 -46.89 11.62 9.26
CA GLN C 239 -48.13 12.33 9.57
C GLN C 239 -48.23 12.76 11.03
N SER C 240 -47.13 12.73 11.77
CA SER C 240 -47.13 13.14 13.18
C SER C 240 -45.96 14.05 13.51
N VAL C 241 -45.33 14.65 12.51
CA VAL C 241 -44.15 15.48 12.70
C VAL C 241 -44.57 16.91 13.05
N LYS C 242 -43.91 17.49 14.05
CA LYS C 242 -44.10 18.89 14.42
C LYS C 242 -42.78 19.63 14.26
N LEU C 243 -42.83 20.79 13.61
CA LEU C 243 -41.64 21.59 13.35
C LEU C 243 -41.48 22.68 14.41
N PRO C 244 -40.34 22.74 15.09
CA PRO C 244 -40.16 23.80 16.09
C PRO C 244 -40.07 25.18 15.45
N ARG C 245 -40.56 26.18 16.19
CA ARG C 245 -40.44 27.57 15.75
C ARG C 245 -39.02 28.06 16.00
N ALA C 246 -38.56 28.95 15.11
CA ALA C 246 -37.19 29.44 15.13
C ALA C 246 -37.18 30.96 15.19
N PHE C 247 -36.15 31.50 15.84
CA PHE C 247 -35.98 32.94 15.96
C PHE C 247 -34.50 33.27 15.83
N ILE C 248 -34.20 34.57 15.81
CA ILE C 248 -32.83 35.05 15.67
C ILE C 248 -32.57 36.07 16.77
N ASP C 249 -31.29 36.22 17.12
CA ASP C 249 -30.88 37.17 18.15
C ASP C 249 -30.96 38.61 17.64
N ARG C 269 -18.68 40.14 6.28
CA ARG C 269 -18.78 38.91 7.05
C ARG C 269 -19.57 39.13 8.35
N GLU C 270 -20.67 38.39 8.50
CA GLU C 270 -21.51 38.51 9.68
C GLU C 270 -21.87 37.10 10.16
N THR C 271 -22.19 37.00 11.45
CA THR C 271 -22.54 35.74 12.08
C THR C 271 -23.92 35.87 12.70
N TYR C 272 -24.93 35.34 12.02
CA TYR C 272 -26.28 35.26 12.53
C TYR C 272 -26.57 33.81 12.88
N GLU C 273 -26.95 33.56 14.14
CA GLU C 273 -27.26 32.23 14.63
C GLU C 273 -28.76 32.12 14.84
N ILE C 274 -29.37 31.10 14.24
CA ILE C 274 -30.79 30.83 14.39
C ILE C 274 -30.98 29.79 15.48
N ILE C 275 -31.97 30.02 16.34
CA ILE C 275 -32.18 29.19 17.53
C ILE C 275 -33.62 28.67 17.50
N CYS C 276 -33.78 27.41 17.90
CA CYS C 276 -35.09 26.78 17.93
C CYS C 276 -35.80 27.08 19.24
N ASP C 277 -37.11 27.26 19.17
CA ASP C 277 -37.91 27.48 20.36
C ASP C 277 -37.99 26.21 21.19
N GLN C 278 -38.07 26.39 22.52
CA GLN C 278 -38.00 25.25 23.42
C GLN C 278 -39.31 24.46 23.46
N THR C 279 -40.45 25.13 23.36
CA THR C 279 -41.74 24.47 23.52
C THR C 279 -42.74 24.73 22.40
N LYS C 280 -42.63 25.82 21.65
CA LYS C 280 -43.59 26.13 20.61
C LYS C 280 -43.22 25.46 19.30
N SER C 281 -44.23 25.02 18.56
CA SER C 281 -44.02 24.26 17.33
C SER C 281 -45.23 24.44 16.42
N VAL C 282 -45.05 24.04 15.16
CA VAL C 282 -46.12 24.08 14.16
C VAL C 282 -46.16 22.73 13.45
N PRO C 283 -47.32 22.29 12.95
CA PRO C 283 -47.38 20.98 12.28
C PRO C 283 -46.86 21.04 10.86
N LEU C 284 -46.47 19.86 10.37
CA LEU C 284 -45.96 19.70 9.01
C LEU C 284 -47.11 19.48 8.05
N MET C 285 -47.16 20.26 6.98
CA MET C 285 -48.27 20.24 6.04
C MET C 285 -47.85 19.49 4.78
N ILE C 286 -48.46 18.32 4.56
CA ILE C 286 -48.14 17.48 3.41
C ILE C 286 -49.42 17.26 2.61
N ASN C 287 -49.24 16.86 1.36
CA ASN C 287 -50.37 16.51 0.50
C ASN C 287 -50.93 15.18 0.97
N ALA C 288 -52.06 15.25 1.69
CA ALA C 288 -52.62 14.05 2.31
C ALA C 288 -53.29 13.13 1.30
N LYS C 289 -53.57 13.61 0.09
CA LYS C 289 -54.17 12.76 -0.93
C LYS C 289 -53.15 11.94 -1.70
N ASN C 290 -51.85 12.20 -1.51
CA ASN C 290 -50.80 11.52 -2.23
C ASN C 290 -50.12 10.42 -1.41
N ILE C 291 -50.67 10.09 -0.25
CA ILE C 291 -50.09 9.05 0.60
C ILE C 291 -50.50 7.69 0.06
N ALA C 292 -49.52 6.78 -0.05
CA ALA C 292 -49.74 5.46 -0.61
C ALA C 292 -49.16 4.40 0.33
N PHE C 293 -49.53 3.15 0.09
CA PHE C 293 -49.09 2.02 0.90
C PHE C 293 -48.61 0.89 0.00
N ALA C 294 -47.72 0.07 0.54
CA ALA C 294 -46.92 -0.88 -0.24
C ALA C 294 -47.39 -2.32 -0.03
N SER C 295 -47.19 -3.13 -1.08
CA SER C 295 -47.43 -4.56 -1.04
C SER C 295 -46.63 -5.23 -2.14
N ASN C 296 -46.42 -6.55 -2.01
CA ASN C 296 -45.65 -7.30 -2.99
C ASN C 296 -46.27 -8.67 -3.21
N TYR C 297 -45.96 -9.26 -4.37
CA TYR C 297 -46.58 -10.50 -4.83
C TYR C 297 -45.52 -11.38 -5.51
N GLY C 298 -45.87 -12.64 -5.71
CA GLY C 298 -44.99 -13.59 -6.37
C GLY C 298 -45.77 -14.56 -7.22
N ILE C 299 -45.09 -15.12 -8.23
CA ILE C 299 -45.71 -16.01 -9.21
C ILE C 299 -44.88 -17.28 -9.31
N VAL C 300 -45.55 -18.43 -9.18
CA VAL C 300 -44.90 -19.73 -9.16
C VAL C 300 -45.57 -20.64 -10.19
N GLU C 301 -44.77 -21.50 -10.82
CA GLU C 301 -45.25 -22.50 -11.77
C GLU C 301 -45.18 -23.87 -11.12
N LEU C 302 -46.27 -24.63 -11.22
CA LEU C 302 -46.36 -25.93 -10.54
C LEU C 302 -45.63 -27.01 -11.32
N ASP C 303 -44.96 -27.90 -10.57
CA ASP C 303 -44.16 -28.98 -11.14
C ASP C 303 -44.88 -30.31 -10.95
N PRO C 304 -45.27 -31.00 -12.03
CA PRO C 304 -46.11 -32.20 -11.86
C PRO C 304 -45.50 -33.31 -11.03
N GLU C 305 -44.18 -33.51 -11.11
CA GLU C 305 -43.56 -34.64 -10.43
C GLU C 305 -43.42 -34.44 -8.92
N CYS C 306 -43.58 -33.20 -8.44
CA CYS C 306 -43.39 -32.90 -7.03
C CYS C 306 -44.69 -32.74 -6.25
N GLN C 307 -45.84 -32.75 -6.94
CA GLN C 307 -47.11 -32.59 -6.25
C GLN C 307 -47.43 -33.81 -5.41
N LEU C 308 -47.95 -33.57 -4.21
CA LEU C 308 -48.32 -34.66 -3.31
C LEU C 308 -49.71 -35.20 -3.68
N GLN C 309 -50.03 -36.36 -3.12
CA GLN C 309 -51.32 -37.00 -3.35
C GLN C 309 -52.46 -36.16 -2.75
N ASN C 327 -49.68 -24.97 -14.82
CA ASN C 327 -50.58 -23.97 -14.26
C ASN C 327 -49.83 -23.12 -13.23
N THR C 328 -50.26 -21.87 -13.07
CA THR C 328 -49.56 -20.92 -12.22
C THR C 328 -50.48 -20.40 -11.13
N VAL C 329 -49.87 -19.95 -10.03
CA VAL C 329 -50.59 -19.40 -8.88
C VAL C 329 -49.99 -18.06 -8.51
N LEU C 330 -50.79 -17.26 -7.82
CA LEU C 330 -50.38 -15.93 -7.36
C LEU C 330 -50.34 -15.91 -5.85
N ILE C 331 -49.25 -15.38 -5.30
CA ILE C 331 -48.98 -15.41 -3.87
C ILE C 331 -48.71 -13.99 -3.39
N ALA C 332 -49.25 -13.64 -2.22
CA ALA C 332 -49.14 -12.30 -1.67
C ALA C 332 -48.28 -12.30 -0.41
N ASP C 333 -47.49 -11.23 -0.24
CA ASP C 333 -46.73 -10.97 0.99
C ASP C 333 -45.74 -12.09 1.30
N LEU C 334 -44.72 -12.18 0.43
CA LEU C 334 -43.72 -13.23 0.52
C LEU C 334 -42.99 -13.20 1.86
N ASP C 335 -42.73 -14.38 2.41
CA ASP C 335 -42.10 -14.50 3.72
C ASP C 335 -41.46 -15.88 3.85
N THR C 336 -40.59 -16.01 4.85
CA THR C 336 -39.83 -17.22 5.18
C THR C 336 -38.77 -17.57 4.13
N GLU C 337 -37.88 -18.51 4.48
CA GLU C 337 -36.70 -18.77 3.67
C GLU C 337 -37.03 -19.47 2.36
N ALA C 338 -37.99 -20.40 2.38
CA ALA C 338 -38.28 -21.19 1.19
C ALA C 338 -38.84 -20.33 0.06
N GLU C 339 -39.68 -19.34 0.40
CA GLU C 339 -40.29 -18.51 -0.64
C GLU C 339 -39.28 -17.51 -1.22
N GLU C 340 -38.44 -16.91 -0.39
CA GLU C 340 -37.52 -15.90 -0.88
C GLU C 340 -36.40 -16.49 -1.73
N THR C 341 -36.08 -17.77 -1.54
CA THR C 341 -35.01 -18.41 -2.30
C THR C 341 -35.45 -18.96 -3.64
N SER C 342 -36.73 -19.31 -3.79
CA SER C 342 -37.18 -20.08 -4.94
C SER C 342 -37.99 -19.27 -5.96
N ILE C 343 -38.44 -18.07 -5.61
CA ILE C 343 -39.35 -17.29 -6.45
C ILE C 343 -38.56 -16.15 -7.09
N HIS C 344 -38.63 -16.06 -8.43
CA HIS C 344 -37.90 -15.05 -9.17
C HIS C 344 -38.77 -14.15 -10.04
N SER C 345 -40.08 -14.33 -10.03
CA SER C 345 -41.01 -13.42 -10.69
C SER C 345 -41.84 -12.72 -9.61
N THR C 346 -41.70 -11.40 -9.51
CA THR C 346 -42.29 -10.65 -8.41
C THR C 346 -42.93 -9.37 -8.94
N ILE C 347 -43.86 -8.83 -8.14
CA ILE C 347 -44.54 -7.57 -8.44
C ILE C 347 -44.54 -6.70 -7.19
N SER C 348 -44.24 -5.42 -7.36
CA SER C 348 -44.27 -4.44 -6.26
C SER C 348 -45.14 -3.27 -6.66
N ILE C 349 -45.98 -2.80 -5.72
CA ILE C 349 -46.95 -1.74 -5.98
C ILE C 349 -47.00 -0.77 -4.82
N LEU C 350 -47.07 0.53 -5.14
CA LEU C 350 -47.50 1.57 -4.20
C LEU C 350 -48.83 2.12 -4.68
N ALA C 351 -49.88 1.92 -3.89
CA ALA C 351 -51.24 2.30 -4.26
C ALA C 351 -51.82 3.29 -3.25
N ALA C 352 -52.50 4.31 -3.76
CA ALA C 352 -53.15 5.31 -2.92
C ALA C 352 -54.65 5.04 -2.82
N PRO C 353 -55.27 5.35 -1.68
CA PRO C 353 -56.71 5.13 -1.53
C PRO C 353 -57.57 5.99 -2.46
N SER C 354 -57.01 7.03 -3.06
CA SER C 354 -57.76 7.82 -4.03
C SER C 354 -58.16 6.97 -5.24
N GLY C 355 -57.25 6.14 -5.72
CA GLY C 355 -57.55 5.25 -6.82
C GLY C 355 -56.42 5.07 -7.82
N ASN C 356 -55.39 5.91 -7.71
CA ASN C 356 -54.27 5.87 -8.62
C ASN C 356 -53.11 5.10 -8.00
N TYR C 357 -52.02 4.97 -8.76
CA TYR C 357 -50.84 4.25 -8.34
C TYR C 357 -49.62 5.14 -8.47
N LYS C 358 -48.66 4.95 -7.56
CA LYS C 358 -47.44 5.75 -7.52
C LYS C 358 -46.20 4.98 -7.95
N GLN C 359 -46.24 3.65 -7.92
CA GLN C 359 -45.07 2.84 -8.24
C GLN C 359 -45.53 1.48 -8.73
N LEU C 360 -44.73 0.89 -9.62
CA LEU C 360 -44.99 -0.45 -10.11
C LEU C 360 -43.68 -1.05 -10.60
N THR C 361 -43.33 -2.23 -10.11
CA THR C 361 -42.12 -2.93 -10.51
C THR C 361 -42.48 -4.34 -10.95
N LEU C 362 -42.11 -4.69 -12.18
CA LEU C 362 -42.26 -6.03 -12.72
C LEU C 362 -40.89 -6.60 -13.01
N MET C 363 -40.61 -7.80 -12.51
CA MET C 363 -39.33 -8.48 -12.74
C MET C 363 -39.63 -9.95 -13.03
N GLY C 364 -39.57 -10.32 -14.31
CA GLY C 364 -39.80 -11.70 -14.68
C GLY C 364 -38.54 -12.50 -14.93
N GLY C 365 -38.10 -13.24 -13.92
CA GLY C 365 -36.93 -14.09 -14.05
C GLY C 365 -37.28 -15.55 -13.93
N GLY C 366 -38.57 -15.84 -13.82
CA GLY C 366 -39.08 -17.19 -13.66
C GLY C 366 -40.25 -17.47 -14.58
N ALA C 367 -41.39 -17.79 -14.00
CA ALA C 367 -42.61 -18.04 -14.77
C ALA C 367 -43.03 -16.78 -15.53
N LYS C 368 -43.81 -17.00 -16.59
CA LYS C 368 -44.26 -15.90 -17.43
C LYS C 368 -45.32 -15.07 -16.71
N ILE C 369 -45.27 -13.75 -16.93
CA ILE C 369 -46.19 -12.81 -16.29
C ILE C 369 -47.20 -12.35 -17.33
N THR C 370 -48.48 -12.59 -17.05
CA THR C 370 -49.58 -12.31 -17.96
C THR C 370 -50.40 -11.10 -17.49
N PRO C 371 -51.16 -10.48 -18.38
CA PRO C 371 -51.97 -9.31 -17.96
C PRO C 371 -52.99 -9.62 -16.88
N GLU C 372 -53.54 -10.84 -16.86
CA GLU C 372 -54.53 -11.19 -15.83
C GLU C 372 -53.93 -11.10 -14.43
N MET C 373 -52.70 -11.60 -14.26
CA MET C 373 -52.05 -11.54 -12.97
C MET C 373 -51.75 -10.10 -12.56
N ILE C 374 -51.42 -9.25 -13.54
CA ILE C 374 -51.20 -7.84 -13.24
C ILE C 374 -52.48 -7.19 -12.73
N LYS C 375 -53.60 -7.47 -13.40
CA LYS C 375 -54.88 -6.91 -12.97
C LYS C 375 -55.27 -7.40 -11.58
N ARG C 376 -55.08 -8.69 -11.31
CA ARG C 376 -55.37 -9.23 -9.99
C ARG C 376 -54.53 -8.57 -8.91
N SER C 377 -53.23 -8.38 -9.19
CA SER C 377 -52.35 -7.73 -8.23
C SER C 377 -52.79 -6.30 -7.96
N LEU C 378 -53.20 -5.58 -9.01
CA LEU C 378 -53.67 -4.21 -8.82
C LEU C 378 -54.90 -4.15 -7.92
N LEU C 379 -55.85 -5.06 -8.15
CA LEU C 379 -57.05 -5.09 -7.31
C LEU C 379 -56.70 -5.41 -5.86
N LEU C 380 -55.83 -6.40 -5.64
CA LEU C 380 -55.46 -6.78 -4.28
C LEU C 380 -54.75 -5.64 -3.56
N SER C 381 -53.86 -4.93 -4.27
CA SER C 381 -53.15 -3.81 -3.67
C SER C 381 -54.11 -2.67 -3.33
N ARG C 382 -55.13 -2.46 -4.16
CA ARG C 382 -56.14 -1.45 -3.83
C ARG C 382 -56.85 -1.80 -2.54
N VAL C 383 -57.26 -3.06 -2.38
CA VAL C 383 -57.94 -3.48 -1.16
C VAL C 383 -57.02 -3.31 0.05
N ARG C 384 -55.75 -3.72 -0.09
CA ARG C 384 -54.81 -3.63 1.02
C ARG C 384 -54.58 -2.19 1.44
N ALA C 385 -54.42 -1.28 0.48
CA ALA C 385 -54.23 0.13 0.81
C ALA C 385 -55.46 0.72 1.48
N ASP C 386 -56.66 0.37 1.00
CA ASP C 386 -57.87 0.84 1.66
C ASP C 386 -57.93 0.37 3.11
N ASP C 387 -57.55 -0.88 3.36
CA ASP C 387 -57.54 -1.37 4.73
C ASP C 387 -56.52 -0.63 5.59
N LEU C 388 -55.30 -0.43 5.06
CA LEU C 388 -54.24 0.16 5.88
C LEU C 388 -54.47 1.65 6.14
N SER C 389 -55.17 2.35 5.24
CA SER C 389 -55.37 3.78 5.43
C SER C 389 -56.34 4.07 6.58
N THR C 390 -57.51 3.45 6.55
CA THR C 390 -58.54 3.67 7.58
C THR C 390 -58.53 2.49 8.53
N ARG C 391 -57.53 2.46 9.42
CA ARG C 391 -57.43 1.41 10.42
C ARG C 391 -57.14 1.93 11.82
N PHE C 392 -56.60 3.12 11.96
CA PHE C 392 -56.20 3.65 13.26
C PHE C 392 -56.76 5.07 13.42
N ASN C 393 -56.75 5.53 14.67
CA ASN C 393 -57.33 6.81 15.11
C ASN C 393 -58.36 7.44 14.18
N SER D 5 -32.72 7.98 -34.41
CA SER D 5 -32.32 6.57 -34.36
C SER D 5 -31.16 6.39 -33.38
N VAL D 6 -30.60 5.18 -33.36
CA VAL D 6 -29.52 4.84 -32.44
C VAL D 6 -28.29 4.41 -33.23
N GLN D 7 -27.12 4.62 -32.63
CA GLN D 7 -25.84 4.22 -33.20
C GLN D 7 -25.15 3.25 -32.24
N ALA D 8 -24.61 2.17 -32.78
CA ALA D 8 -23.95 1.16 -31.97
C ALA D 8 -22.70 0.68 -32.68
N GLU D 9 -21.65 0.44 -31.89
CA GLU D 9 -20.37 -0.03 -32.40
C GLU D 9 -19.90 -1.21 -31.56
N ILE D 10 -19.17 -2.11 -32.19
CA ILE D 10 -18.83 -3.41 -31.61
C ILE D 10 -17.32 -3.63 -31.74
N GLY D 11 -16.69 -4.06 -30.64
CA GLY D 11 -15.29 -4.45 -30.66
C GLY D 11 -14.32 -3.29 -30.76
N ILE D 12 -14.29 -2.42 -29.76
CA ILE D 12 -13.50 -1.20 -29.80
C ILE D 12 -12.37 -1.18 -28.76
N LEU D 13 -12.32 -2.15 -27.85
CA LEU D 13 -11.28 -2.22 -26.84
C LEU D 13 -10.39 -3.44 -27.08
N ASP D 14 -9.16 -3.35 -26.60
CA ASP D 14 -8.13 -4.30 -26.98
C ASP D 14 -7.81 -5.35 -25.93
N HIS D 15 -8.05 -5.09 -24.66
CA HIS D 15 -7.62 -5.99 -23.58
C HIS D 15 -8.80 -6.60 -22.83
N VAL D 16 -9.95 -6.72 -23.50
CA VAL D 16 -11.13 -7.37 -22.93
C VAL D 16 -11.64 -8.39 -23.94
N ASP D 17 -12.53 -9.27 -23.48
CA ASP D 17 -13.08 -10.29 -24.35
C ASP D 17 -14.10 -9.71 -25.32
N GLY D 18 -14.91 -8.76 -24.86
CA GLY D 18 -15.90 -8.13 -25.72
C GLY D 18 -16.20 -6.73 -25.23
N SER D 19 -16.62 -5.86 -26.16
CA SER D 19 -16.89 -4.48 -25.83
C SER D 19 -17.88 -3.92 -26.85
N SER D 20 -18.50 -2.80 -26.48
CA SER D 20 -19.47 -2.13 -27.35
C SER D 20 -19.61 -0.68 -26.90
N GLU D 21 -20.41 0.06 -27.65
CA GLU D 21 -20.66 1.48 -27.36
C GLU D 21 -22.01 1.85 -27.95
N PHE D 22 -22.90 2.35 -27.11
CA PHE D 22 -24.28 2.64 -27.50
C PHE D 22 -24.54 4.14 -27.36
N VAL D 23 -25.14 4.74 -28.38
CA VAL D 23 -25.50 6.16 -28.36
C VAL D 23 -26.98 6.29 -28.69
N SER D 24 -27.70 7.05 -27.88
CA SER D 24 -29.11 7.34 -28.13
C SER D 24 -29.35 8.79 -27.76
N GLN D 25 -29.60 9.62 -28.77
CA GLN D 25 -29.73 11.07 -28.60
C GLN D 25 -28.47 11.65 -27.96
N ASP D 26 -28.56 12.02 -26.68
CA ASP D 26 -27.42 12.59 -25.97
C ASP D 26 -26.92 11.68 -24.85
N THR D 27 -27.26 10.40 -24.88
CA THR D 27 -26.81 9.43 -23.88
C THR D 27 -25.76 8.53 -24.52
N LYS D 28 -24.64 8.34 -23.82
CA LYS D 28 -23.50 7.61 -24.35
C LYS D 28 -22.92 6.71 -23.27
N VAL D 29 -22.83 5.41 -23.56
CA VAL D 29 -22.34 4.42 -22.61
C VAL D 29 -21.38 3.49 -23.34
N ILE D 30 -20.28 3.12 -22.69
CA ILE D 30 -19.34 2.13 -23.20
C ILE D 30 -19.24 1.00 -22.18
N CYS D 31 -19.25 -0.24 -22.67
CA CYS D 31 -19.29 -1.43 -21.82
C CYS D 31 -18.24 -2.45 -22.26
N SER D 32 -17.76 -3.23 -21.30
CA SER D 32 -16.79 -4.28 -21.57
C SER D 32 -17.17 -5.54 -20.82
N VAL D 33 -16.74 -6.69 -21.34
CA VAL D 33 -17.03 -8.00 -20.77
C VAL D 33 -15.77 -8.84 -20.80
N THR D 34 -15.45 -9.48 -19.68
CA THR D 34 -14.34 -10.43 -19.60
C THR D 34 -14.82 -11.69 -18.89
N GLY D 35 -14.81 -12.82 -19.61
CA GLY D 35 -15.19 -14.08 -19.03
C GLY D 35 -15.43 -15.15 -20.07
N PRO D 36 -15.51 -16.41 -19.62
CA PRO D 36 -15.38 -16.90 -18.24
C PRO D 36 -13.94 -16.94 -17.75
N ILE D 37 -13.70 -16.57 -16.50
CA ILE D 37 -12.37 -16.54 -15.89
C ILE D 37 -12.47 -17.11 -14.49
N GLU D 38 -11.32 -17.25 -13.84
CA GLU D 38 -11.29 -17.78 -12.48
C GLU D 38 -11.80 -16.74 -11.50
N PRO D 39 -12.74 -17.11 -10.61
CA PRO D 39 -13.24 -16.16 -9.63
C PRO D 39 -12.47 -16.23 -8.31
N LYS D 40 -12.76 -15.27 -7.45
CA LYS D 40 -12.29 -15.36 -6.07
C LYS D 40 -13.07 -16.44 -5.32
N ALA D 41 -12.46 -16.94 -4.26
CA ALA D 41 -13.06 -18.06 -3.53
C ALA D 41 -14.41 -17.70 -2.93
N ARG D 42 -14.61 -16.42 -2.58
CA ARG D 42 -15.87 -16.00 -1.98
C ARG D 42 -16.96 -15.67 -3.00
N GLN D 43 -16.61 -15.60 -4.29
CA GLN D 43 -17.61 -15.38 -5.34
C GLN D 43 -18.10 -16.68 -5.98
N GLU D 44 -17.48 -17.81 -5.65
CA GLU D 44 -17.69 -19.04 -6.41
C GLU D 44 -19.06 -19.64 -6.14
N LEU D 45 -19.67 -20.18 -7.19
CA LEU D 45 -20.93 -20.92 -7.11
C LEU D 45 -20.72 -22.32 -7.64
N PRO D 46 -21.19 -23.36 -6.94
CA PRO D 46 -20.82 -24.74 -7.31
C PRO D 46 -21.27 -25.17 -8.69
N THR D 47 -22.42 -24.70 -9.19
CA THR D 47 -23.01 -25.28 -10.38
C THR D 47 -23.23 -24.33 -11.54
N GLN D 48 -22.97 -23.03 -11.38
CA GLN D 48 -23.33 -22.07 -12.41
C GLN D 48 -22.36 -20.90 -12.39
N LEU D 49 -22.56 -19.99 -13.34
CA LEU D 49 -21.70 -18.82 -13.50
C LEU D 49 -22.06 -17.72 -12.52
N ALA D 50 -21.04 -17.02 -12.03
CA ALA D 50 -21.20 -15.87 -11.16
C ALA D 50 -20.94 -14.58 -11.93
N LEU D 51 -21.58 -13.50 -11.48
CA LEU D 51 -21.49 -12.21 -12.15
C LEU D 51 -20.93 -11.15 -11.20
N GLU D 52 -20.16 -10.22 -11.77
CA GLU D 52 -19.67 -9.05 -11.06
C GLU D 52 -19.95 -7.84 -11.93
N ILE D 53 -20.79 -6.92 -11.43
CA ILE D 53 -21.32 -5.82 -12.22
C ILE D 53 -20.90 -4.51 -11.59
N ILE D 54 -20.38 -3.59 -12.41
CA ILE D 54 -19.91 -2.28 -11.98
C ILE D 54 -20.49 -1.23 -12.92
N VAL D 55 -21.03 -0.15 -12.34
CA VAL D 55 -21.52 1.00 -13.11
C VAL D 55 -20.84 2.25 -12.57
N ARG D 56 -20.32 3.09 -13.46
CA ARG D 56 -19.64 4.32 -13.10
C ARG D 56 -20.34 5.53 -13.69
N PRO D 57 -20.47 6.62 -12.95
CA PRO D 57 -21.18 7.80 -13.45
C PRO D 57 -20.29 8.70 -14.31
N ALA D 58 -20.93 9.68 -14.95
CA ALA D 58 -20.23 10.62 -15.81
C ALA D 58 -19.46 11.66 -15.01
N LYS D 59 -20.01 12.12 -13.89
CA LYS D 59 -19.35 13.08 -13.03
C LYS D 59 -19.33 12.56 -11.59
N GLY D 60 -18.30 12.97 -10.85
CA GLY D 60 -18.19 12.58 -9.47
C GLY D 60 -17.76 11.13 -9.30
N VAL D 61 -17.86 10.67 -8.06
CA VAL D 61 -17.53 9.30 -7.70
C VAL D 61 -18.82 8.51 -7.55
N ALA D 62 -18.70 7.19 -7.51
CA ALA D 62 -19.88 6.33 -7.42
C ALA D 62 -20.49 6.38 -6.04
N THR D 63 -21.81 6.42 -5.98
CA THR D 63 -22.56 6.54 -4.73
C THR D 63 -23.68 5.50 -4.73
N THR D 64 -24.63 5.67 -3.82
CA THR D 64 -25.76 4.75 -3.73
C THR D 64 -26.73 4.88 -4.92
N ARG D 65 -26.60 5.93 -5.72
CA ARG D 65 -27.43 6.06 -6.92
C ARG D 65 -27.05 5.01 -7.95
N GLU D 66 -25.74 4.69 -8.05
CA GLU D 66 -25.28 3.66 -8.97
C GLU D 66 -25.54 2.24 -8.48
N LYS D 67 -25.70 2.05 -7.16
CA LYS D 67 -25.99 0.72 -6.63
C LYS D 67 -27.36 0.23 -7.11
N VAL D 68 -28.35 1.11 -7.16
CA VAL D 68 -29.66 0.74 -7.66
C VAL D 68 -29.59 0.35 -9.13
N LEU D 69 -28.82 1.09 -9.91
CA LEU D 69 -28.63 0.76 -11.33
C LEU D 69 -27.96 -0.60 -11.49
N GLU D 70 -26.95 -0.89 -10.66
CA GLU D 70 -26.30 -2.19 -10.70
C GLU D 70 -27.29 -3.30 -10.34
N ASP D 71 -28.13 -3.06 -9.35
CA ASP D 71 -29.13 -4.05 -8.95
C ASP D 71 -30.11 -4.35 -10.08
N LYS D 72 -30.59 -3.31 -10.76
CA LYS D 72 -31.54 -3.52 -11.86
C LYS D 72 -30.87 -4.19 -13.05
N LEU D 73 -29.62 -3.82 -13.36
CA LEU D 73 -28.90 -4.47 -14.44
C LEU D 73 -28.68 -5.95 -14.14
N ARG D 74 -28.36 -6.28 -12.88
CA ARG D 74 -28.19 -7.67 -12.50
C ARG D 74 -29.51 -8.43 -12.61
N ALA D 75 -30.62 -7.79 -12.24
CA ALA D 75 -31.92 -8.44 -12.39
C ALA D 75 -32.24 -8.74 -13.85
N VAL D 76 -31.92 -7.80 -14.74
CA VAL D 76 -32.22 -8.01 -16.16
C VAL D 76 -31.31 -9.09 -16.77
N LEU D 77 -30.02 -9.06 -16.43
CA LEU D 77 -29.06 -9.92 -17.13
C LEU D 77 -29.06 -11.36 -16.67
N THR D 78 -29.51 -11.65 -15.45
CA THR D 78 -29.41 -13.01 -14.92
C THR D 78 -30.20 -14.04 -15.73
N PRO D 79 -31.48 -13.82 -16.07
CA PRO D 79 -32.19 -14.84 -16.87
C PRO D 79 -31.77 -14.90 -18.33
N LEU D 80 -31.01 -13.93 -18.83
CA LEU D 80 -30.60 -13.94 -20.23
C LEU D 80 -29.47 -14.92 -20.53
N ILE D 81 -28.58 -15.14 -19.57
CA ILE D 81 -27.36 -15.92 -19.79
C ILE D 81 -27.62 -17.38 -19.43
N THR D 82 -27.12 -18.29 -20.25
CA THR D 82 -27.18 -19.72 -19.99
C THR D 82 -26.09 -20.05 -18.96
N ARG D 83 -26.39 -19.74 -17.69
CA ARG D 83 -25.38 -19.75 -16.65
C ARG D 83 -24.86 -21.15 -16.32
N HIS D 84 -25.64 -22.19 -16.57
CA HIS D 84 -25.25 -23.54 -16.19
C HIS D 84 -24.20 -24.14 -17.12
N CYS D 85 -23.80 -23.43 -18.18
CA CYS D 85 -22.75 -23.91 -19.06
C CYS D 85 -21.35 -23.61 -18.54
N TYR D 86 -21.20 -22.79 -17.51
CA TYR D 86 -19.90 -22.38 -16.98
C TYR D 86 -19.86 -22.54 -15.46
N PRO D 87 -19.84 -23.78 -14.96
CA PRO D 87 -19.82 -23.97 -13.51
C PRO D 87 -18.58 -23.38 -12.85
N ARG D 88 -18.79 -22.76 -11.69
CA ARG D 88 -17.78 -22.05 -10.89
C ARG D 88 -16.76 -21.27 -11.74
N GLN D 89 -17.31 -20.37 -12.56
CA GLN D 89 -16.52 -19.40 -13.30
C GLN D 89 -17.08 -18.01 -13.03
N LEU D 90 -16.38 -16.98 -13.50
CA LEU D 90 -16.77 -15.60 -13.27
C LEU D 90 -16.87 -14.84 -14.58
N CYS D 91 -17.81 -13.88 -14.64
CA CYS D 91 -17.93 -12.95 -15.74
C CYS D 91 -17.97 -11.53 -15.19
N GLN D 92 -17.05 -10.68 -15.63
CA GLN D 92 -16.96 -9.29 -15.21
C GLN D 92 -17.62 -8.40 -16.27
N ILE D 93 -18.51 -7.51 -15.83
CA ILE D 93 -19.21 -6.59 -16.71
C ILE D 93 -19.10 -5.19 -16.12
N THR D 94 -18.54 -4.27 -16.89
CA THR D 94 -18.29 -2.89 -16.45
C THR D 94 -18.92 -1.92 -17.43
N CYS D 95 -19.68 -0.96 -16.92
CA CYS D 95 -20.30 0.08 -17.73
C CYS D 95 -19.79 1.45 -17.28
N GLN D 96 -19.33 2.24 -18.23
CA GLN D 96 -18.92 3.63 -17.97
C GLN D 96 -19.87 4.56 -18.71
N ILE D 97 -20.51 5.45 -17.99
CA ILE D 97 -21.39 6.46 -18.58
C ILE D 97 -20.54 7.66 -18.96
N LEU D 98 -20.57 8.03 -20.23
CA LEU D 98 -19.81 9.18 -20.72
C LEU D 98 -20.64 10.45 -20.80
N GLU D 99 -21.93 10.33 -21.10
CA GLU D 99 -22.82 11.48 -21.18
C GLU D 99 -24.21 11.03 -20.76
N SER D 100 -24.79 11.70 -19.77
CA SER D 100 -26.04 11.24 -19.17
C SER D 100 -27.24 11.50 -20.05
N GLY D 101 -27.26 12.63 -20.76
CA GLY D 101 -28.40 12.95 -21.60
C GLY D 101 -29.64 13.39 -20.87
N GLU D 102 -29.54 13.66 -19.57
CA GLU D 102 -30.67 14.10 -18.75
C GLU D 102 -30.10 14.81 -17.52
N ASP D 103 -31.01 15.26 -16.66
CA ASP D 103 -30.62 15.90 -15.41
C ASP D 103 -30.47 14.83 -14.34
N GLU D 104 -29.22 14.52 -13.97
CA GLU D 104 -28.95 13.41 -13.07
C GLU D 104 -29.51 13.63 -11.68
N ALA D 105 -29.80 14.87 -11.29
CA ALA D 105 -30.36 15.13 -9.97
C ALA D 105 -31.79 14.63 -9.84
N GLU D 106 -32.46 14.33 -10.95
CA GLU D 106 -33.86 13.95 -10.88
C GLU D 106 -34.19 12.64 -11.58
N PHE D 107 -33.53 12.34 -12.70
CA PHE D 107 -33.91 11.22 -13.55
C PHE D 107 -32.72 10.33 -13.83
N SER D 108 -32.98 9.02 -13.97
CA SER D 108 -31.92 8.06 -14.29
C SER D 108 -32.37 6.95 -15.24
N LEU D 109 -33.46 7.12 -15.97
CA LEU D 109 -34.00 6.02 -16.76
C LEU D 109 -33.31 5.88 -18.12
N ARG D 110 -32.91 6.98 -18.74
CA ARG D 110 -32.20 6.91 -20.02
C ARG D 110 -30.88 6.17 -19.85
N GLU D 111 -30.16 6.44 -18.77
CA GLU D 111 -28.91 5.75 -18.50
C GLU D 111 -29.14 4.25 -18.31
N LEU D 112 -30.24 3.88 -17.64
CA LEU D 112 -30.54 2.46 -17.44
C LEU D 112 -30.80 1.75 -18.76
N SER D 113 -31.61 2.36 -19.63
CA SER D 113 -31.88 1.75 -20.94
C SER D 113 -30.60 1.62 -21.76
N CYS D 114 -29.79 2.68 -21.79
CA CYS D 114 -28.57 2.65 -22.59
C CYS D 114 -27.59 1.61 -22.05
N CYS D 115 -27.50 1.48 -20.73
CA CYS D 115 -26.64 0.45 -20.14
C CYS D 115 -27.11 -0.95 -20.50
N ILE D 116 -28.43 -1.17 -20.47
CA ILE D 116 -28.95 -2.49 -20.83
C ILE D 116 -28.58 -2.85 -22.26
N ASN D 117 -28.80 -1.91 -23.19
CA ASN D 117 -28.50 -2.19 -24.60
C ASN D 117 -27.00 -2.41 -24.83
N ALA D 118 -26.16 -1.57 -24.21
CA ALA D 118 -24.72 -1.72 -24.36
C ALA D 118 -24.21 -3.03 -23.79
N ALA D 119 -24.72 -3.44 -22.62
CA ALA D 119 -24.30 -4.69 -22.02
C ALA D 119 -24.71 -5.89 -22.87
N PHE D 120 -25.92 -5.86 -23.45
CA PHE D 120 -26.31 -6.94 -24.35
C PHE D 120 -25.39 -7.01 -25.56
N LEU D 121 -25.05 -5.86 -26.15
CA LEU D 121 -24.16 -5.87 -27.31
C LEU D 121 -22.78 -6.43 -26.94
N ALA D 122 -22.25 -6.04 -25.78
CA ALA D 122 -20.94 -6.55 -25.37
C ALA D 122 -20.97 -8.04 -25.09
N LEU D 123 -22.09 -8.54 -24.51
CA LEU D 123 -22.21 -9.97 -24.29
C LEU D 123 -22.25 -10.74 -25.60
N VAL D 124 -22.94 -10.19 -26.61
CA VAL D 124 -22.93 -10.82 -27.93
C VAL D 124 -21.52 -10.82 -28.51
N ASP D 125 -20.81 -9.71 -28.38
CA ASP D 125 -19.46 -9.60 -28.94
C ASP D 125 -18.48 -10.54 -28.25
N ALA D 126 -18.65 -10.80 -26.96
CA ALA D 126 -17.68 -11.62 -26.23
C ALA D 126 -17.77 -13.09 -26.61
N GLY D 127 -18.96 -13.60 -26.91
CA GLY D 127 -19.15 -15.00 -27.17
C GLY D 127 -19.80 -15.80 -26.06
N ILE D 128 -20.55 -15.17 -25.18
CA ILE D 128 -21.22 -15.85 -24.07
C ILE D 128 -22.53 -16.45 -24.57
N ALA D 129 -22.85 -17.66 -24.09
CA ALA D 129 -24.09 -18.31 -24.47
C ALA D 129 -25.30 -17.56 -23.91
N LEU D 130 -26.26 -17.26 -24.78
CA LEU D 130 -27.42 -16.47 -24.43
C LEU D 130 -28.69 -17.22 -24.80
N ASN D 131 -29.72 -17.05 -23.98
CA ASN D 131 -30.99 -17.74 -24.23
C ASN D 131 -31.78 -17.07 -25.35
N SER D 132 -31.73 -15.74 -25.44
CA SER D 132 -32.54 -15.01 -26.42
C SER D 132 -31.97 -13.60 -26.56
N MET D 133 -32.75 -12.72 -27.20
CA MET D 133 -32.37 -11.35 -27.46
C MET D 133 -33.18 -10.39 -26.58
N CYS D 134 -32.73 -9.15 -26.50
CA CYS D 134 -33.33 -8.18 -25.59
C CYS D 134 -33.29 -6.78 -26.20
N ALA D 135 -34.21 -5.94 -25.74
CA ALA D 135 -34.26 -4.53 -26.13
C ALA D 135 -34.96 -3.73 -25.03
N SER D 136 -34.58 -2.47 -24.90
CA SER D 136 -35.07 -1.63 -23.80
C SER D 136 -35.30 -0.20 -24.27
N ILE D 137 -36.40 0.40 -23.84
CA ILE D 137 -36.74 1.77 -24.23
C ILE D 137 -37.22 2.54 -23.02
N PRO D 138 -37.01 3.86 -23.02
CA PRO D 138 -37.64 4.73 -22.01
C PRO D 138 -38.94 5.34 -22.49
N ILE D 139 -39.88 5.58 -21.57
CA ILE D 139 -41.19 6.16 -21.89
C ILE D 139 -41.53 7.21 -20.86
N ALA D 140 -42.31 8.22 -21.27
CA ALA D 140 -42.77 9.27 -20.37
C ALA D 140 -44.19 9.68 -20.73
N ILE D 141 -44.88 10.26 -19.75
CA ILE D 141 -46.22 10.81 -19.94
C ILE D 141 -46.16 12.28 -19.57
N ILE D 142 -46.61 13.14 -20.49
CA ILE D 142 -46.43 14.59 -20.38
C ILE D 142 -47.69 15.22 -19.79
N LYS D 143 -47.50 16.30 -19.04
CA LYS D 143 -48.60 16.99 -18.40
C LYS D 143 -49.50 17.67 -19.41
N ASP D 144 -50.67 18.09 -18.94
CA ASP D 144 -51.67 18.80 -19.74
C ASP D 144 -52.17 17.97 -20.91
N THR D 145 -51.30 17.68 -21.86
CA THR D 145 -51.70 16.89 -23.02
C THR D 145 -52.00 15.45 -22.64
N SER D 146 -51.32 14.91 -21.62
CA SER D 146 -51.45 13.52 -21.22
C SER D 146 -51.13 12.57 -22.37
N ASP D 147 -50.09 12.91 -23.14
CA ASP D 147 -49.64 12.09 -24.25
C ASP D 147 -48.48 11.20 -23.81
N ILE D 148 -48.40 10.02 -24.41
CA ILE D 148 -47.37 9.03 -24.11
C ILE D 148 -46.26 9.17 -25.15
N ILE D 149 -45.06 9.50 -24.69
CA ILE D 149 -43.93 9.81 -25.56
C ILE D 149 -42.89 8.70 -25.41
N VAL D 150 -42.54 8.07 -26.53
CA VAL D 150 -41.48 7.08 -26.57
C VAL D 150 -40.17 7.78 -26.89
N ASP D 151 -39.13 7.48 -26.12
CA ASP D 151 -37.81 8.12 -26.20
C ASP D 151 -37.92 9.62 -25.98
N PRO D 152 -38.31 10.06 -24.79
CA PRO D 152 -38.41 11.51 -24.55
C PRO D 152 -37.05 12.19 -24.51
N THR D 153 -37.05 13.48 -24.84
CA THR D 153 -35.86 14.28 -24.74
C THR D 153 -35.69 14.78 -23.30
N ALA D 154 -34.61 15.52 -23.06
CA ALA D 154 -34.37 16.06 -21.72
C ALA D 154 -35.36 17.18 -21.38
N GLU D 155 -35.84 17.91 -22.39
CA GLU D 155 -36.82 18.97 -22.13
C GLU D 155 -38.18 18.40 -21.78
N GLN D 156 -38.56 17.28 -22.40
CA GLN D 156 -39.84 16.65 -22.12
C GLN D 156 -39.86 15.96 -20.76
N LEU D 157 -38.70 15.58 -20.22
CA LEU D 157 -38.67 14.97 -18.90
C LEU D 157 -38.96 15.98 -17.80
N LYS D 158 -38.63 17.25 -18.03
CA LYS D 158 -38.82 18.27 -17.00
C LYS D 158 -40.28 18.67 -16.80
N ILE D 159 -41.18 18.25 -17.70
CA ILE D 159 -42.59 18.60 -17.56
C ILE D 159 -43.43 17.34 -17.58
N SER D 160 -42.85 16.22 -17.15
CA SER D 160 -43.55 14.95 -17.17
C SER D 160 -44.29 14.70 -15.86
N LEU D 161 -45.15 13.69 -15.88
CA LEU D 161 -45.89 13.24 -14.70
C LEU D 161 -45.49 11.86 -14.22
N SER D 162 -45.04 10.99 -15.12
CA SER D 162 -44.52 9.69 -14.75
C SER D 162 -43.53 9.22 -15.80
N VAL D 163 -42.54 8.45 -15.38
CA VAL D 163 -41.47 7.98 -16.24
C VAL D 163 -41.36 6.46 -16.09
N HIS D 164 -41.12 5.77 -17.21
CA HIS D 164 -41.16 4.31 -17.24
C HIS D 164 -39.98 3.77 -18.03
N THR D 165 -39.55 2.56 -17.66
CA THR D 165 -38.51 1.83 -18.39
C THR D 165 -39.03 0.43 -18.67
N LEU D 166 -38.93 0.00 -19.93
CA LEU D 166 -39.45 -1.30 -20.36
C LEU D 166 -38.35 -2.07 -21.08
N ALA D 167 -38.14 -3.32 -20.66
CA ALA D 167 -37.20 -4.23 -21.30
C ALA D 167 -37.90 -5.54 -21.59
N LEU D 168 -37.82 -6.01 -22.83
CA LEU D 168 -38.55 -7.18 -23.28
C LEU D 168 -37.60 -8.25 -23.79
N GLU D 169 -38.15 -9.45 -24.00
CA GLU D 169 -37.40 -10.62 -24.41
C GLU D 169 -38.04 -11.19 -25.67
N PHE D 170 -37.24 -11.41 -26.71
CA PHE D 170 -37.72 -11.82 -28.02
C PHE D 170 -37.10 -13.15 -28.43
N VAL D 171 -37.90 -13.97 -29.12
CA VAL D 171 -37.44 -15.25 -29.68
C VAL D 171 -38.02 -15.39 -31.08
N ASN D 172 -37.57 -16.45 -31.77
CA ASN D 172 -38.09 -16.85 -33.07
C ASN D 172 -37.96 -15.73 -34.10
N GLY D 173 -36.72 -15.31 -34.33
CA GLY D 173 -36.46 -14.27 -35.32
C GLY D 173 -36.85 -12.88 -34.89
N GLY D 174 -36.94 -12.64 -33.59
CA GLY D 174 -37.35 -11.34 -33.08
C GLY D 174 -38.79 -10.98 -33.36
N LYS D 175 -39.70 -11.95 -33.27
CA LYS D 175 -41.11 -11.72 -33.54
C LYS D 175 -42.04 -12.23 -32.45
N VAL D 176 -41.55 -12.93 -31.44
CA VAL D 176 -42.37 -13.48 -30.38
C VAL D 176 -41.83 -12.98 -29.04
N VAL D 177 -42.72 -12.40 -28.22
CA VAL D 177 -42.34 -11.94 -26.90
C VAL D 177 -42.43 -13.11 -25.93
N LYS D 178 -41.34 -13.38 -25.22
CA LYS D 178 -41.25 -14.51 -24.31
C LYS D 178 -41.56 -14.13 -22.86
N ASN D 179 -41.09 -12.98 -22.40
CA ASN D 179 -41.33 -12.53 -21.03
C ASN D 179 -41.09 -11.04 -20.97
N VAL D 180 -41.56 -10.43 -19.88
CA VAL D 180 -41.24 -9.04 -19.55
C VAL D 180 -40.12 -9.08 -18.53
N LEU D 181 -38.92 -8.66 -18.93
CA LEU D 181 -37.77 -8.74 -18.03
C LEU D 181 -37.83 -7.66 -16.96
N LEU D 182 -38.21 -6.44 -17.32
CA LEU D 182 -38.27 -5.35 -16.35
C LEU D 182 -39.28 -4.31 -16.79
N LEU D 183 -40.13 -3.90 -15.86
CA LEU D 183 -40.95 -2.70 -16.00
C LEU D 183 -40.82 -1.90 -14.71
N ASP D 184 -40.44 -0.63 -14.84
CA ASP D 184 -40.18 0.23 -13.70
C ASP D 184 -40.92 1.55 -13.91
N SER D 185 -41.98 1.77 -13.15
CA SER D 185 -42.85 2.93 -13.31
C SER D 185 -42.85 3.77 -12.03
N ASN D 186 -42.69 5.08 -12.19
CA ASN D 186 -42.67 6.00 -11.06
C ASN D 186 -43.45 7.25 -11.42
N GLY D 187 -44.41 7.62 -10.58
CA GLY D 187 -45.20 8.81 -10.81
C GLY D 187 -46.64 8.70 -10.37
N ASP D 188 -47.58 8.94 -11.30
CA ASP D 188 -49.01 8.86 -11.01
C ASP D 188 -49.73 8.45 -12.28
N PHE D 189 -50.41 7.32 -12.23
CA PHE D 189 -51.02 6.75 -13.43
C PHE D 189 -52.18 5.85 -13.01
N ASN D 190 -53.05 5.55 -13.98
CA ASN D 190 -54.15 4.60 -13.78
C ASN D 190 -53.97 3.42 -14.72
N GLU D 191 -54.92 2.48 -14.65
CA GLU D 191 -54.77 1.19 -15.32
C GLU D 191 -54.80 1.33 -16.84
N ASP D 192 -55.69 2.17 -17.36
CA ASP D 192 -55.81 2.34 -18.82
C ASP D 192 -54.52 2.90 -19.40
N GLN D 193 -53.91 3.87 -18.72
CA GLN D 193 -52.64 4.42 -19.17
C GLN D 193 -51.56 3.34 -19.20
N LEU D 194 -51.53 2.49 -18.17
CA LEU D 194 -50.53 1.42 -18.11
C LEU D 194 -50.69 0.44 -19.27
N PHE D 195 -51.93 0.05 -19.55
CA PHE D 195 -52.13 -0.94 -20.60
C PHE D 195 -52.03 -0.36 -22.00
N SER D 196 -52.15 0.96 -22.15
CA SER D 196 -51.79 1.60 -23.42
C SER D 196 -50.28 1.69 -23.57
N LEU D 197 -49.59 2.01 -22.48
CA LEU D 197 -48.14 2.14 -22.50
C LEU D 197 -47.48 0.82 -22.87
N LEU D 198 -47.96 -0.29 -22.31
CA LEU D 198 -47.38 -1.58 -22.65
C LEU D 198 -47.54 -1.91 -24.14
N GLU D 199 -48.72 -1.62 -24.68
CA GLU D 199 -49.01 -1.94 -26.08
C GLU D 199 -48.11 -1.12 -27.01
N LEU D 200 -47.90 0.17 -26.70
CA LEU D 200 -47.00 0.96 -27.53
C LEU D 200 -45.55 0.51 -27.38
N GLY D 201 -45.14 0.20 -26.14
CA GLY D 201 -43.77 -0.20 -25.91
C GLY D 201 -43.39 -1.48 -26.61
N GLU D 202 -44.34 -2.42 -26.73
CA GLU D 202 -44.03 -3.68 -27.41
C GLU D 202 -43.63 -3.44 -28.87
N GLN D 203 -44.40 -2.60 -29.57
CA GLN D 203 -44.07 -2.29 -30.97
C GLN D 203 -42.74 -1.57 -31.10
N LYS D 204 -42.50 -0.59 -30.22
CA LYS D 204 -41.24 0.14 -30.30
C LYS D 204 -40.04 -0.79 -30.03
N CYS D 205 -40.19 -1.70 -29.06
CA CYS D 205 -39.12 -2.64 -28.76
C CYS D 205 -38.89 -3.60 -29.93
N GLN D 206 -39.95 -4.00 -30.61
CA GLN D 206 -39.79 -4.87 -31.79
C GLN D 206 -38.99 -4.17 -32.88
N GLU D 207 -39.31 -2.90 -33.15
CA GLU D 207 -38.53 -2.16 -34.14
C GLU D 207 -37.06 -2.06 -33.73
N LEU D 208 -36.81 -1.76 -32.45
CA LEU D 208 -35.44 -1.63 -31.98
C LEU D 208 -34.66 -2.94 -32.10
N VAL D 209 -35.30 -4.08 -31.78
CA VAL D 209 -34.59 -5.34 -31.85
C VAL D 209 -34.31 -5.73 -33.30
N THR D 210 -35.21 -5.40 -34.23
CA THR D 210 -34.90 -5.61 -35.64
C THR D 210 -33.68 -4.80 -36.08
N ASN D 211 -33.62 -3.53 -35.68
CA ASN D 211 -32.47 -2.70 -36.01
C ASN D 211 -31.18 -3.27 -35.42
N ILE D 212 -31.25 -3.76 -34.17
CA ILE D 212 -30.07 -4.33 -33.51
C ILE D 212 -29.61 -5.58 -34.24
N ARG D 213 -30.55 -6.41 -34.70
CA ARG D 213 -30.18 -7.58 -35.48
C ARG D 213 -29.40 -7.19 -36.73
N ARG D 214 -29.89 -6.17 -37.44
CA ARG D 214 -29.18 -5.74 -38.64
C ARG D 214 -27.77 -5.26 -38.33
N ILE D 215 -27.62 -4.47 -37.26
CA ILE D 215 -26.29 -3.97 -36.90
C ILE D 215 -25.35 -5.11 -36.55
N ILE D 216 -25.83 -6.08 -35.77
CA ILE D 216 -24.98 -7.20 -35.37
C ILE D 216 -24.55 -8.00 -36.59
N GLN D 217 -25.47 -8.27 -37.50
CA GLN D 217 -25.10 -9.05 -38.68
C GLN D 217 -24.10 -8.30 -39.55
N ASP D 218 -24.25 -6.98 -39.67
CA ASP D 218 -23.28 -6.21 -40.44
C ASP D 218 -21.90 -6.27 -39.81
N ASN D 219 -21.82 -6.19 -38.47
CA ASN D 219 -20.52 -6.14 -37.83
C ASN D 219 -19.82 -7.50 -37.77
N ILE D 220 -20.57 -8.57 -37.53
CA ILE D 220 -19.94 -9.86 -37.21
C ILE D 220 -19.55 -10.63 -38.47
N SER D 221 -20.36 -10.52 -39.53
CA SER D 221 -20.17 -11.36 -40.71
C SER D 221 -18.78 -11.27 -41.34
N PRO D 222 -18.15 -10.09 -41.46
CA PRO D 222 -16.80 -10.07 -42.06
C PRO D 222 -15.74 -10.84 -41.29
N ARG D 223 -15.96 -11.11 -40.00
CA ARG D 223 -14.95 -11.82 -39.21
C ARG D 223 -14.92 -13.32 -39.48
N LEU D 224 -15.93 -13.87 -40.14
CA LEU D 224 -16.01 -15.30 -40.39
C LEU D 224 -15.78 -15.60 -41.86
N VAL D 225 -15.58 -16.88 -42.16
CA VAL D 225 -15.29 -17.31 -43.52
C VAL D 225 -16.50 -18.00 -44.13
N SER E 5 3.39 -17.30 25.29
CA SER E 5 2.82 -18.63 25.14
C SER E 5 3.53 -19.63 26.04
N LEU E 6 2.76 -20.34 26.86
CA LEU E 6 3.29 -21.34 27.77
C LEU E 6 2.53 -22.64 27.60
N SER E 7 3.16 -23.74 27.99
CA SER E 7 2.51 -25.04 27.94
C SER E 7 1.75 -25.31 29.24
N VAL E 8 1.02 -26.42 29.25
CA VAL E 8 0.20 -26.78 30.41
C VAL E 8 1.09 -27.08 31.61
N ALA E 9 2.17 -27.82 31.40
CA ALA E 9 3.05 -28.18 32.51
C ALA E 9 3.72 -26.94 33.12
N GLU E 10 4.17 -26.01 32.27
CA GLU E 10 4.78 -24.79 32.77
C GLU E 10 3.81 -23.99 33.61
N LYS E 11 2.57 -23.85 33.13
CA LYS E 11 1.56 -23.10 33.86
C LYS E 11 1.23 -23.76 35.19
N SER E 12 1.13 -25.09 35.22
CA SER E 12 0.85 -25.78 36.47
C SER E 12 1.98 -25.57 37.47
N TYR E 13 3.23 -25.70 37.02
CA TYR E 13 4.37 -25.49 37.91
C TYR E 13 4.38 -24.07 38.47
N LEU E 14 4.18 -23.08 37.59
CA LEU E 14 4.24 -21.69 38.02
C LEU E 14 3.10 -21.35 38.97
N TYR E 15 1.89 -21.87 38.70
CA TYR E 15 0.76 -21.62 39.59
C TYR E 15 0.97 -22.27 40.94
N ASP E 16 1.52 -23.49 40.96
CA ASP E 16 1.80 -24.14 42.24
C ASP E 16 2.82 -23.35 43.04
N SER E 17 3.83 -22.77 42.37
CA SER E 17 4.79 -21.95 43.08
C SER E 17 4.15 -20.66 43.62
N LEU E 18 3.34 -19.99 42.80
CA LEU E 18 2.84 -18.67 43.20
C LEU E 18 1.75 -18.76 44.25
N ALA E 19 0.90 -19.78 44.18
CA ALA E 19 -0.22 -19.92 45.11
C ALA E 19 0.15 -20.82 46.30
N SER E 20 1.24 -20.47 46.98
CA SER E 20 1.70 -21.21 48.15
C SER E 20 1.86 -20.27 49.33
N THR E 21 2.00 -20.86 50.51
CA THR E 21 2.20 -20.09 51.75
C THR E 21 3.54 -20.47 52.37
N PRO E 22 4.56 -19.59 52.30
CA PRO E 22 4.58 -18.27 51.65
C PRO E 22 4.72 -18.38 50.14
N SER E 23 4.37 -17.32 49.40
CA SER E 23 4.44 -17.36 47.95
C SER E 23 5.89 -17.35 47.49
N ILE E 24 6.13 -18.04 46.37
CA ILE E 24 7.45 -18.11 45.75
C ILE E 24 7.35 -17.51 44.35
N ARG E 25 8.05 -16.44 44.12
CA ARG E 25 8.01 -15.87 42.80
C ARG E 25 9.15 -16.41 41.95
N PRO E 26 8.99 -16.46 40.62
CA PRO E 26 10.02 -17.10 39.78
C PRO E 26 11.39 -16.46 39.88
N ASP E 27 11.49 -15.16 40.15
CA ASP E 27 12.77 -14.49 40.32
C ASP E 27 13.12 -14.27 41.79
N GLY E 28 12.33 -14.78 42.71
CA GLY E 28 12.62 -14.68 44.13
C GLY E 28 12.26 -13.38 44.80
N ARG E 29 11.45 -12.54 44.15
CA ARG E 29 11.07 -11.26 44.75
C ARG E 29 10.08 -11.45 45.89
N LEU E 30 10.04 -10.44 46.76
CA LEU E 30 9.04 -10.34 47.80
C LEU E 30 7.70 -9.90 47.22
N PRO E 31 6.59 -10.16 47.92
CA PRO E 31 5.27 -9.82 47.36
C PRO E 31 5.07 -8.34 47.08
N HIS E 32 5.87 -7.46 47.67
CA HIS E 32 5.72 -6.02 47.51
C HIS E 32 6.92 -5.36 46.83
N GLN E 33 7.85 -6.14 46.29
CA GLN E 33 9.10 -5.60 45.78
C GLN E 33 8.99 -5.32 44.28
N PHE E 34 9.52 -4.17 43.86
CA PHE E 34 9.53 -3.76 42.46
C PHE E 34 10.85 -4.16 41.80
N ARG E 35 10.85 -4.07 40.46
CA ARG E 35 12.01 -4.34 39.60
C ARG E 35 12.71 -3.03 39.23
N PRO E 36 14.01 -3.08 38.98
CA PRO E 36 14.75 -1.84 38.66
C PRO E 36 14.30 -1.21 37.35
N ILE E 37 14.39 0.12 37.30
CA ILE E 37 14.04 0.89 36.10
C ILE E 37 15.06 2.01 35.92
N GLU E 38 15.07 2.57 34.71
CA GLU E 38 15.92 3.72 34.38
C GLU E 38 15.06 4.86 33.88
N ILE E 39 15.35 6.07 34.35
CA ILE E 39 14.55 7.25 34.06
C ILE E 39 15.45 8.32 33.45
N PHE E 40 14.98 8.94 32.37
CA PHE E 40 15.62 10.10 31.77
C PHE E 40 14.57 11.17 31.58
N THR E 41 14.95 12.43 31.79
CA THR E 41 14.04 13.56 31.64
C THR E 41 14.72 14.67 30.86
N ASP E 42 13.87 15.50 30.23
CA ASP E 42 14.31 16.72 29.56
C ASP E 42 15.31 16.43 28.45
N PHE E 43 14.85 15.62 27.49
CA PHE E 43 15.67 15.28 26.33
C PHE E 43 15.01 15.62 25.00
N LEU E 44 13.83 16.24 25.03
CA LEU E 44 13.19 16.78 23.83
C LEU E 44 13.11 18.29 23.98
N PRO E 45 14.05 19.05 23.41
CA PRO E 45 14.08 20.50 23.68
C PRO E 45 12.86 21.26 23.20
N SER E 46 12.12 20.72 22.24
CA SER E 46 10.97 21.42 21.67
C SER E 46 9.71 21.26 22.51
N SER E 47 9.72 20.43 23.55
CA SER E 47 8.58 20.21 24.42
C SER E 47 8.75 20.96 25.74
N ASN E 48 7.63 21.18 26.41
CA ASN E 48 7.67 21.79 27.75
C ASN E 48 8.18 20.79 28.80
N GLY E 49 7.98 19.50 28.56
CA GLY E 49 8.52 18.47 29.43
C GLY E 49 8.49 17.14 28.73
N SER E 50 9.39 16.25 29.15
CA SER E 50 9.50 14.95 28.52
C SER E 50 10.18 13.96 29.46
N SER E 51 10.00 12.68 29.17
CA SER E 51 10.64 11.62 29.95
C SER E 51 10.71 10.35 29.12
N ARG E 52 11.58 9.44 29.56
CA ARG E 52 11.70 8.12 28.95
C ARG E 52 11.99 7.10 30.04
N ILE E 53 11.22 6.01 30.06
CA ILE E 53 11.38 4.94 31.03
C ILE E 53 11.78 3.68 30.28
N ILE E 54 12.75 2.96 30.83
CA ILE E 54 13.18 1.67 30.29
C ILE E 54 13.06 0.64 31.40
N ALA E 55 12.28 -0.41 31.14
CA ALA E 55 12.12 -1.50 32.09
C ALA E 55 13.21 -2.55 31.89
N SER E 56 13.33 -3.45 32.87
CA SER E 56 14.39 -4.45 32.83
C SER E 56 14.15 -5.54 31.78
N ASP E 57 12.93 -5.67 31.28
CA ASP E 57 12.60 -6.69 30.29
C ASP E 57 12.49 -6.13 28.88
N GLY E 58 12.91 -4.88 28.67
CA GLY E 58 12.90 -4.28 27.35
C GLY E 58 11.78 -3.30 27.09
N SER E 59 10.81 -3.20 28.00
CA SER E 59 9.71 -2.27 27.81
C SER E 59 10.20 -0.83 27.87
N GLU E 60 9.64 0.02 27.00
CA GLU E 60 10.10 1.39 26.89
C GLU E 60 8.92 2.30 26.55
N CYS E 61 8.88 3.47 27.18
CA CYS E 61 7.82 4.44 26.97
C CYS E 61 8.43 5.84 26.90
N ILE E 62 7.81 6.70 26.08
CA ILE E 62 8.25 8.08 25.89
C ILE E 62 7.03 8.99 26.03
N VAL E 63 7.19 10.06 26.81
CA VAL E 63 6.11 11.01 27.08
C VAL E 63 6.56 12.41 26.69
N SER E 64 5.65 13.18 26.10
CA SER E 64 5.88 14.57 25.73
C SER E 64 4.75 15.45 26.29
N ILE E 65 5.11 16.65 26.74
CA ILE E 65 4.16 17.60 27.32
C ILE E 65 4.18 18.88 26.49
N LYS E 66 3.00 19.32 26.04
CA LYS E 66 2.86 20.56 25.29
C LYS E 66 1.63 21.30 25.78
N SER E 67 1.61 22.62 25.56
CA SER E 67 0.60 23.49 26.14
C SER E 67 0.03 24.42 25.06
N LYS E 68 -1.11 25.03 25.39
CA LYS E 68 -1.79 25.97 24.52
C LYS E 68 -2.68 26.87 25.36
N VAL E 69 -2.90 28.09 24.87
CA VAL E 69 -3.72 29.07 25.58
C VAL E 69 -5.14 29.00 25.05
N VAL E 70 -6.10 28.82 25.95
CA VAL E 70 -7.51 28.66 25.60
C VAL E 70 -8.36 29.52 26.52
N ASP E 71 -9.62 29.71 26.12
CA ASP E 71 -10.62 30.36 26.96
C ASP E 71 -11.24 29.29 27.86
N HIS E 72 -11.00 29.41 29.16
CA HIS E 72 -11.38 28.35 30.08
C HIS E 72 -12.86 28.34 30.43
N HIS E 73 -13.67 29.20 29.81
CA HIS E 73 -15.12 29.08 29.92
C HIS E 73 -15.68 28.13 28.86
N VAL E 74 -15.23 28.27 27.61
CA VAL E 74 -15.63 27.33 26.57
C VAL E 74 -14.99 25.96 26.80
N GLU E 75 -13.70 25.95 27.15
CA GLU E 75 -13.00 24.70 27.40
C GLU E 75 -13.31 24.19 28.80
N ASN E 76 -13.73 22.92 28.88
CA ASN E 76 -14.11 22.33 30.16
C ASN E 76 -12.97 21.54 30.81
N GLU E 77 -12.21 20.79 30.02
CA GLU E 77 -11.14 19.96 30.53
C GLU E 77 -9.80 20.50 30.04
N LEU E 78 -8.88 20.75 30.98
CA LEU E 78 -7.59 21.34 30.67
C LEU E 78 -6.47 20.31 30.55
N LEU E 79 -6.76 19.02 30.75
CA LEU E 79 -5.79 17.95 30.61
C LEU E 79 -6.33 16.93 29.62
N GLN E 80 -5.53 16.61 28.60
CA GLN E 80 -5.91 15.62 27.60
C GLN E 80 -4.75 14.66 27.36
N VAL E 81 -5.07 13.38 27.29
CA VAL E 81 -4.07 12.33 27.10
C VAL E 81 -4.35 11.63 25.78
N ASP E 82 -3.30 11.37 25.00
CA ASP E 82 -3.39 10.62 23.77
C ASP E 82 -2.35 9.50 23.80
N VAL E 83 -2.78 8.29 23.49
CA VAL E 83 -1.96 7.09 23.67
C VAL E 83 -1.74 6.42 22.32
N ASP E 84 -0.50 6.05 22.04
CA ASP E 84 -0.13 5.31 20.84
C ASP E 84 0.71 4.11 21.25
N ILE E 85 0.30 2.92 20.83
CA ILE E 85 1.03 1.68 21.11
C ILE E 85 1.44 1.06 19.78
N ALA E 86 2.73 0.77 19.63
CA ALA E 86 3.25 0.23 18.39
C ALA E 86 2.75 -1.20 18.19
N GLY E 87 2.27 -1.48 16.98
CA GLY E 87 1.71 -2.78 16.65
C GLY E 87 0.22 -2.93 16.88
N GLN E 88 -0.45 -1.92 17.42
CA GLN E 88 -1.89 -1.96 17.67
C GLN E 88 -2.60 -0.92 16.80
N ARG E 89 -3.86 -1.20 16.49
CA ARG E 89 -4.68 -0.25 15.76
C ARG E 89 -5.08 0.91 16.66
N ASP E 90 -5.39 2.04 16.03
CA ASP E 90 -5.79 3.23 16.78
C ASP E 90 -7.14 3.03 17.47
N ASP E 91 -7.97 2.11 17.00
CA ASP E 91 -9.28 1.85 17.59
C ASP E 91 -9.32 0.51 18.32
N ALA E 92 -8.18 0.00 18.75
CA ALA E 92 -8.15 -1.24 19.51
C ALA E 92 -8.78 -1.04 20.89
N LEU E 93 -9.35 -2.12 21.42
CA LEU E 93 -10.08 -2.04 22.68
C LEU E 93 -9.19 -1.65 23.84
N VAL E 94 -7.99 -2.24 23.93
CA VAL E 94 -7.11 -1.95 25.05
C VAL E 94 -6.61 -0.51 25.00
N VAL E 95 -6.34 0.00 23.79
CA VAL E 95 -5.86 1.37 23.65
C VAL E 95 -6.91 2.35 24.16
N GLU E 96 -8.17 2.15 23.75
CA GLU E 96 -9.22 3.07 24.16
C GLU E 96 -9.55 2.93 25.64
N THR E 97 -9.48 1.71 26.18
CA THR E 97 -9.70 1.54 27.61
C THR E 97 -8.64 2.28 28.43
N ILE E 98 -7.37 2.15 28.03
CA ILE E 98 -6.29 2.85 28.73
C ILE E 98 -6.46 4.36 28.59
N THR E 99 -6.84 4.83 27.39
CA THR E 99 -7.06 6.27 27.19
C THR E 99 -8.16 6.78 28.11
N SER E 100 -9.26 6.05 28.21
CA SER E 100 -10.37 6.47 29.07
C SER E 100 -9.95 6.51 30.53
N LEU E 101 -9.25 5.47 30.99
CA LEU E 101 -8.82 5.45 32.39
C LEU E 101 -7.85 6.59 32.70
N LEU E 102 -6.91 6.84 31.80
CA LEU E 102 -5.92 7.89 32.05
C LEU E 102 -6.54 9.28 31.99
N ASN E 103 -7.56 9.47 31.16
CA ASN E 103 -8.27 10.75 31.18
C ASN E 103 -9.12 10.89 32.43
N LYS E 104 -9.63 9.78 32.97
CA LYS E 104 -10.41 9.86 34.20
C LYS E 104 -9.54 10.16 35.40
N VAL E 105 -8.31 9.63 35.45
CA VAL E 105 -7.47 9.83 36.62
C VAL E 105 -6.93 11.26 36.69
N LEU E 106 -6.91 11.98 35.57
CA LEU E 106 -6.40 13.34 35.53
C LEU E 106 -7.51 14.37 35.31
N LYS E 107 -8.72 14.06 35.77
CA LYS E 107 -9.85 14.97 35.56
C LYS E 107 -9.69 16.22 36.42
N SER E 108 -10.67 17.11 36.33
CA SER E 108 -10.58 18.40 37.00
C SER E 108 -10.46 18.24 38.51
N GLY E 109 -11.47 17.67 39.14
CA GLY E 109 -11.35 17.36 40.55
C GLY E 109 -11.00 15.91 40.81
N SER E 110 -9.71 15.62 40.98
CA SER E 110 -9.26 14.28 41.33
C SER E 110 -8.07 14.30 42.27
N GLY E 111 -7.68 15.47 42.78
CA GLY E 111 -6.39 15.65 43.43
C GLY E 111 -5.40 16.40 42.57
N VAL E 112 -5.68 16.56 41.28
CA VAL E 112 -4.85 17.37 40.39
C VAL E 112 -5.23 18.83 40.57
N ASP E 113 -4.25 19.67 40.95
CA ASP E 113 -4.48 21.07 41.26
C ASP E 113 -4.45 21.87 39.96
N SER E 114 -5.62 22.07 39.36
CA SER E 114 -5.73 22.76 38.09
C SER E 114 -5.77 24.28 38.24
N SER E 115 -5.73 24.80 39.47
CA SER E 115 -5.68 26.24 39.68
C SER E 115 -4.35 26.85 39.26
N LYS E 116 -3.31 26.02 39.14
CA LYS E 116 -1.99 26.50 38.74
C LYS E 116 -1.87 26.72 37.23
N LEU E 117 -2.89 26.37 36.46
CA LEU E 117 -2.89 26.56 35.02
C LEU E 117 -3.59 27.84 34.59
N GLN E 118 -4.02 28.68 35.53
CA GLN E 118 -4.82 29.85 35.22
C GLN E 118 -3.94 31.06 34.98
N LEU E 119 -4.14 31.71 33.84
CA LEU E 119 -3.53 33.00 33.53
C LEU E 119 -4.64 33.93 33.07
N THR E 120 -4.72 35.12 33.67
CA THR E 120 -5.77 36.09 33.38
C THR E 120 -7.13 35.55 33.81
N LYS E 121 -8.09 36.43 34.11
CA LYS E 121 -9.40 36.01 34.56
C LYS E 121 -10.21 35.32 33.47
N LYS E 122 -9.75 35.33 32.23
CA LYS E 122 -10.48 34.73 31.10
C LYS E 122 -9.81 33.50 30.51
N TYR E 123 -8.48 33.42 30.54
CA TYR E 123 -7.74 32.40 29.82
C TYR E 123 -7.07 31.42 30.78
N SER E 124 -6.47 30.38 30.21
CA SER E 124 -5.74 29.36 30.96
C SER E 124 -4.88 28.56 29.99
N PHE E 125 -3.99 27.75 30.55
CA PHE E 125 -3.23 26.78 29.78
C PHE E 125 -3.97 25.46 29.68
N LYS E 126 -3.96 24.87 28.48
CA LYS E 126 -4.41 23.50 28.28
C LYS E 126 -3.20 22.62 28.01
N ILE E 127 -3.13 21.47 28.68
CA ILE E 127 -1.97 20.59 28.65
C ILE E 127 -2.29 19.39 27.78
N PHE E 128 -1.41 19.09 26.83
CA PHE E 128 -1.52 17.90 25.98
C PHE E 128 -0.47 16.88 26.41
N VAL E 129 -0.91 15.66 26.66
CA VAL E 129 -0.03 14.56 27.06
C VAL E 129 -0.04 13.52 25.94
N ASP E 130 1.12 13.32 25.32
CA ASP E 130 1.29 12.35 24.24
C ASP E 130 2.15 11.20 24.74
N VAL E 131 1.68 9.97 24.54
CA VAL E 131 2.33 8.77 25.04
C VAL E 131 2.64 7.87 23.85
N LEU E 132 3.87 7.38 23.76
CA LEU E 132 4.29 6.45 22.73
C LEU E 132 4.98 5.26 23.38
N VAL E 133 4.42 4.07 23.22
CA VAL E 133 4.97 2.85 23.78
C VAL E 133 5.71 2.12 22.67
N ILE E 134 7.02 1.98 22.83
CA ILE E 134 7.85 1.38 21.78
C ILE E 134 7.78 -0.15 21.86
N SER E 135 7.89 -0.70 23.06
CA SER E 135 7.89 -2.14 23.25
C SER E 135 7.24 -2.45 24.59
N SER E 136 6.43 -3.50 24.63
CA SER E 136 5.76 -3.88 25.86
C SER E 136 5.46 -5.38 25.82
N HIS E 137 5.36 -5.97 27.01
CA HIS E 137 5.11 -7.40 27.14
C HIS E 137 3.94 -7.73 28.06
N SER E 138 3.34 -6.73 28.70
CA SER E 138 2.17 -6.93 29.54
C SER E 138 1.37 -5.63 29.55
N HIS E 139 0.34 -5.57 30.39
CA HIS E 139 -0.52 -4.40 30.50
C HIS E 139 0.29 -3.19 30.95
N PRO E 140 0.50 -2.19 30.07
CA PRO E 140 1.39 -1.07 30.37
C PRO E 140 0.70 0.15 30.99
N ILE E 141 -0.15 -0.07 31.99
CA ILE E 141 -0.83 1.06 32.60
C ILE E 141 0.07 1.75 33.62
N SER E 142 0.75 0.97 34.46
CA SER E 142 1.58 1.55 35.51
C SER E 142 2.88 2.14 34.95
N LEU E 143 3.43 1.54 33.91
CA LEU E 143 4.62 2.13 33.26
C LEU E 143 4.32 3.49 32.68
N ILE E 144 3.19 3.61 31.97
CA ILE E 144 2.78 4.89 31.42
C ILE E 144 2.50 5.88 32.54
N SER E 145 1.87 5.42 33.63
CA SER E 145 1.60 6.31 34.76
C SER E 145 2.89 6.85 35.36
N PHE E 146 3.89 5.99 35.55
CA PHE E 146 5.16 6.43 36.11
C PHE E 146 5.85 7.42 35.17
N ALA E 147 5.81 7.17 33.86
CA ALA E 147 6.42 8.09 32.91
C ALA E 147 5.72 9.45 32.93
N ILE E 148 4.39 9.46 33.01
CA ILE E 148 3.65 10.72 33.08
C ILE E 148 3.99 11.46 34.37
N TYR E 149 4.10 10.73 35.48
CA TYR E 149 4.47 11.36 36.75
C TYR E 149 5.85 11.98 36.67
N SER E 150 6.80 11.29 36.05
CA SER E 150 8.15 11.84 35.92
C SER E 150 8.18 13.06 35.01
N ALA E 151 7.43 13.03 33.91
CA ALA E 151 7.48 14.14 32.95
C ALA E 151 6.81 15.40 33.50
N LEU E 152 5.74 15.26 34.28
CA LEU E 152 5.00 16.42 34.74
C LEU E 152 5.73 17.19 35.83
N ASN E 153 6.67 16.56 36.54
CA ASN E 153 7.42 17.21 37.59
C ASN E 153 8.68 17.92 37.09
N SER E 154 8.86 18.00 35.77
CA SER E 154 9.97 18.73 35.18
C SER E 154 9.49 19.54 33.98
N THR E 155 8.36 20.21 34.14
CA THR E 155 7.73 20.98 33.07
C THR E 155 7.80 22.47 33.39
N TYR E 156 8.09 23.28 32.38
CA TYR E 156 8.18 24.72 32.50
C TYR E 156 7.24 25.38 31.50
N LEU E 157 6.61 26.47 31.92
CA LEU E 157 5.60 27.14 31.12
C LEU E 157 5.96 28.61 30.94
N PRO E 158 5.48 29.24 29.87
CA PRO E 158 5.75 30.67 29.67
C PRO E 158 5.17 31.52 30.79
N LYS E 159 5.81 32.68 31.01
CA LYS E 159 5.48 33.58 32.10
C LYS E 159 4.71 34.78 31.55
N LEU E 160 3.53 35.04 32.10
CA LEU E 160 2.69 36.14 31.64
C LEU E 160 3.15 37.46 32.25
N ILE E 161 3.18 38.50 31.42
CA ILE E 161 3.65 39.81 31.85
C ILE E 161 2.68 40.91 31.42
N SER E 162 1.46 40.55 31.03
CA SER E 162 0.50 41.50 30.48
C SER E 162 -0.84 41.39 31.21
N ALA E 163 -0.94 42.09 32.35
CA ALA E 163 -2.21 42.27 33.08
C ALA E 163 -2.80 40.97 33.61
N PHE E 164 -3.74 41.09 34.54
CA PHE E 164 -4.47 39.93 35.05
C PHE E 164 -5.98 40.12 35.01
N ASP E 165 -6.47 41.33 35.25
CA ASP E 165 -7.90 41.62 35.25
C ASP E 165 -8.27 42.19 33.89
N ASP E 166 -9.11 41.46 33.15
CA ASP E 166 -9.52 41.89 31.81
C ASP E 166 -11.01 41.64 31.58
N LEU E 167 -11.81 41.66 32.64
CA LEU E 167 -13.24 41.44 32.49
C LEU E 167 -13.89 42.56 31.68
N GLU E 168 -13.52 43.81 31.96
CA GLU E 168 -14.09 44.96 31.27
C GLU E 168 -13.31 45.30 30.00
N VAL E 169 -12.02 45.59 30.15
CA VAL E 169 -11.14 45.89 29.03
C VAL E 169 -10.17 44.73 28.88
N GLU E 170 -10.15 44.12 27.69
CA GLU E 170 -9.38 42.92 27.43
C GLU E 170 -8.22 43.23 26.49
N GLU E 171 -7.03 42.81 26.87
CA GLU E 171 -5.84 42.92 26.04
C GLU E 171 -5.33 41.53 25.70
N LEU E 172 -4.69 41.41 24.54
CA LEU E 172 -4.11 40.13 24.14
C LEU E 172 -3.04 39.73 25.15
N PRO E 173 -3.08 38.50 25.65
CA PRO E 173 -2.03 38.05 26.57
C PRO E 173 -0.65 38.11 25.92
N THR E 174 0.34 38.56 26.69
CA THR E 174 1.70 38.72 26.21
C THR E 174 2.64 38.15 27.27
N PHE E 175 3.68 37.47 26.83
CA PHE E 175 4.54 36.69 27.70
C PHE E 175 5.98 37.15 27.59
N HIS E 176 6.73 36.94 28.67
CA HIS E 176 8.15 37.25 28.66
C HIS E 176 8.88 36.32 27.70
N ASP E 177 9.88 36.85 27.01
CA ASP E 177 10.51 36.16 25.90
C ASP E 177 11.63 35.21 26.32
N TYR E 178 12.04 35.20 27.58
CA TYR E 178 13.12 34.31 27.98
C TYR E 178 12.81 33.49 29.23
N ASP E 179 12.02 34.03 30.14
CA ASP E 179 11.81 33.40 31.44
C ASP E 179 10.63 32.43 31.40
N MET E 180 10.71 31.41 32.27
CA MET E 180 9.66 30.40 32.37
C MET E 180 9.47 30.03 33.84
N VAL E 181 8.30 29.48 34.13
CA VAL E 181 7.89 29.16 35.49
C VAL E 181 7.68 27.65 35.58
N LYS E 182 8.28 27.04 36.61
CA LYS E 182 8.11 25.61 36.83
C LYS E 182 6.68 25.31 37.28
N LEU E 183 6.11 24.25 36.73
CA LEU E 183 4.77 23.81 37.09
C LEU E 183 4.85 22.89 38.30
N ASP E 184 4.05 23.19 39.33
CA ASP E 184 4.09 22.43 40.58
C ASP E 184 2.76 21.78 40.86
N ILE E 185 2.20 21.13 39.84
CA ILE E 185 0.91 20.44 39.96
C ILE E 185 1.16 19.13 40.68
N ASN E 186 0.08 18.47 41.12
CA ASN E 186 0.21 17.26 41.93
C ASN E 186 -0.28 16.04 41.15
N PRO E 187 0.61 15.29 40.51
CA PRO E 187 0.17 14.19 39.65
C PRO E 187 -0.07 12.91 40.44
N PRO E 188 -1.00 12.06 39.99
CA PRO E 188 -1.26 10.80 40.69
C PRO E 188 -0.44 9.64 40.17
N LEU E 189 -0.61 8.46 40.76
CA LEU E 189 0.04 7.23 40.32
C LEU E 189 -0.99 6.11 40.26
N VAL E 190 -0.77 5.18 39.34
CA VAL E 190 -1.69 4.07 39.10
C VAL E 190 -0.92 2.76 39.27
N PHE E 191 -1.47 1.84 40.05
CA PHE E 191 -0.86 0.56 40.34
C PHE E 191 -1.72 -0.58 39.81
N ILE E 192 -1.08 -1.67 39.44
CA ILE E 192 -1.76 -2.88 38.98
C ILE E 192 -1.33 -4.05 39.85
N LEU E 193 -2.30 -4.87 40.25
CA LEU E 193 -2.07 -5.99 41.14
C LEU E 193 -2.60 -7.27 40.50
N ALA E 194 -2.07 -8.39 40.95
CA ALA E 194 -2.45 -9.71 40.44
C ALA E 194 -2.97 -10.57 41.57
N VAL E 195 -3.99 -11.37 41.28
CA VAL E 195 -4.60 -12.29 42.24
C VAL E 195 -4.27 -13.71 41.82
N VAL E 196 -3.53 -14.43 42.65
CA VAL E 196 -3.16 -15.82 42.38
C VAL E 196 -3.55 -16.62 43.61
N GLY E 197 -4.74 -17.21 43.58
CA GLY E 197 -5.23 -17.98 44.71
C GLY E 197 -5.67 -17.10 45.86
N ASN E 198 -4.91 -17.11 46.95
CA ASN E 198 -5.21 -16.30 48.13
C ASN E 198 -4.14 -15.25 48.39
N ASN E 199 -3.29 -14.98 47.40
CA ASN E 199 -2.18 -14.05 47.55
C ASN E 199 -2.38 -12.84 46.65
N MET E 200 -1.76 -11.74 47.04
CA MET E 200 -1.75 -10.49 46.28
C MET E 200 -0.32 -10.11 45.93
N LEU E 201 -0.11 -9.70 44.68
CA LEU E 201 1.22 -9.41 44.16
C LEU E 201 1.28 -8.00 43.61
N LEU E 202 2.40 -7.33 43.85
CA LEU E 202 2.67 -6.00 43.32
C LEU E 202 3.65 -6.10 42.16
N ASP E 203 3.35 -5.37 41.08
CA ASP E 203 4.20 -5.29 39.90
C ASP E 203 4.46 -6.67 39.30
N PRO E 204 3.44 -7.31 38.72
CA PRO E 204 3.63 -8.67 38.20
C PRO E 204 4.34 -8.70 36.87
N ALA E 205 5.06 -9.81 36.65
CA ALA E 205 5.81 -10.03 35.42
C ALA E 205 4.91 -10.68 34.36
N ALA E 206 5.47 -10.84 33.16
CA ALA E 206 4.68 -11.37 32.05
C ALA E 206 4.25 -12.81 32.28
N ASN E 207 5.14 -13.65 32.82
CA ASN E 207 4.76 -15.04 33.04
C ASN E 207 3.83 -15.20 34.23
N GLU E 208 3.91 -14.30 35.22
CA GLU E 208 2.97 -14.34 36.33
C GLU E 208 1.57 -13.90 35.90
N SER E 209 1.47 -13.06 34.88
CA SER E 209 0.16 -12.63 34.40
C SER E 209 -0.58 -13.72 33.65
N GLU E 210 0.12 -14.72 33.11
CA GLU E 210 -0.51 -15.78 32.35
C GLU E 210 -1.21 -16.82 33.22
N VAL E 211 -0.97 -16.82 34.54
CA VAL E 211 -1.59 -17.77 35.44
C VAL E 211 -2.45 -17.11 36.51
N ALA E 212 -2.59 -15.79 36.47
CA ALA E 212 -3.32 -15.08 37.51
C ALA E 212 -4.81 -15.31 37.39
N ASN E 213 -5.48 -15.36 38.55
CA ASN E 213 -6.93 -15.52 38.56
C ASN E 213 -7.66 -14.22 38.22
N ASN E 214 -7.13 -13.07 38.62
CA ASN E 214 -7.77 -11.79 38.33
C ASN E 214 -6.75 -10.68 38.57
N GLY E 215 -7.19 -9.43 38.46
CA GLY E 215 -6.32 -8.29 38.65
C GLY E 215 -7.10 -7.08 39.12
N LEU E 216 -6.37 -6.11 39.67
CA LEU E 216 -6.95 -4.89 40.19
C LEU E 216 -6.15 -3.68 39.73
N ILE E 217 -6.84 -2.57 39.50
CA ILE E 217 -6.23 -1.29 39.16
C ILE E 217 -6.64 -0.29 40.24
N ILE E 218 -5.66 0.32 40.89
CA ILE E 218 -5.89 1.21 42.03
C ILE E 218 -5.12 2.49 41.81
N SER E 219 -5.77 3.63 42.07
CA SER E 219 -5.16 4.94 41.92
C SER E 219 -4.73 5.50 43.27
N TRP E 220 -3.73 6.38 43.24
CA TRP E 220 -3.12 6.95 44.44
C TRP E 220 -2.86 8.43 44.21
N SER E 221 -3.11 9.24 45.24
CA SER E 221 -2.85 10.67 45.16
C SER E 221 -2.60 11.22 46.55
N ASN E 222 -1.46 11.89 46.71
CA ASN E 222 -1.06 12.64 47.91
C ASN E 222 -1.54 12.01 49.21
N GLY E 223 -1.23 10.73 49.38
CA GLY E 223 -1.45 10.03 50.62
C GLY E 223 -2.75 9.26 50.73
N LYS E 224 -3.62 9.30 49.73
CA LYS E 224 -4.92 8.65 49.83
C LYS E 224 -5.22 7.89 48.53
N ILE E 225 -6.06 6.86 48.67
CA ILE E 225 -6.57 6.14 47.52
C ILE E 225 -7.54 7.03 46.76
N THR E 226 -7.47 6.98 45.43
CA THR E 226 -8.22 7.86 44.55
C THR E 226 -9.30 7.07 43.82
N SER E 227 -10.29 7.80 43.28
CA SER E 227 -11.52 7.21 42.82
C SER E 227 -11.38 6.08 41.80
N PRO E 228 -10.59 6.22 40.71
CA PRO E 228 -10.66 5.19 39.66
C PRO E 228 -10.12 3.84 40.12
N ILE E 229 -11.02 2.88 40.34
CA ILE E 229 -10.68 1.53 40.76
C ILE E 229 -11.42 0.55 39.86
N ARG E 230 -10.69 -0.40 39.29
CA ARG E 230 -11.27 -1.37 38.38
C ARG E 230 -10.73 -2.76 38.69
N SER E 231 -11.51 -3.77 38.32
CA SER E 231 -11.04 -5.14 38.24
C SER E 231 -10.77 -5.47 36.78
N VAL E 232 -9.65 -6.12 36.52
CA VAL E 232 -9.20 -6.36 35.16
C VAL E 232 -8.73 -7.81 35.02
N ALA E 233 -8.96 -8.39 33.85
CA ALA E 233 -8.51 -9.73 33.54
C ALA E 233 -7.17 -9.65 32.81
N LEU E 234 -6.14 -10.25 33.40
CA LEU E 234 -4.81 -10.25 32.81
C LEU E 234 -4.59 -11.38 31.83
N ASN E 235 -5.51 -12.34 31.77
CA ASN E 235 -5.50 -13.40 30.77
C ASN E 235 -6.94 -13.83 30.54
N ASP E 236 -7.15 -14.75 29.61
CA ASP E 236 -8.49 -15.20 29.27
C ASP E 236 -8.75 -16.66 29.58
N SER E 237 -7.74 -17.44 29.94
CA SER E 237 -7.91 -18.86 30.17
C SER E 237 -7.91 -19.24 31.65
N ASN E 238 -7.72 -18.29 32.55
CA ASN E 238 -7.64 -18.62 33.97
C ASN E 238 -8.40 -17.63 34.86
N VAL E 239 -9.25 -16.78 34.28
CA VAL E 239 -9.94 -15.76 35.07
C VAL E 239 -11.05 -16.41 35.88
N LYS E 240 -11.11 -16.10 37.18
CA LYS E 240 -12.08 -16.67 38.10
C LYS E 240 -12.52 -15.59 39.08
N SER E 241 -13.47 -15.95 39.94
CA SER E 241 -13.98 -15.05 40.96
C SER E 241 -13.10 -15.10 42.22
N PHE E 242 -13.17 -14.02 42.99
CA PHE E 242 -12.37 -13.87 44.21
C PHE E 242 -13.24 -13.39 45.35
N LYS E 243 -12.82 -13.71 46.57
CA LYS E 243 -13.55 -13.35 47.78
C LYS E 243 -13.34 -11.88 48.13
N PRO E 244 -14.31 -11.26 48.80
CA PRO E 244 -14.22 -9.82 49.08
C PRO E 244 -13.04 -9.39 49.94
N HIS E 245 -12.47 -10.29 50.74
CA HIS E 245 -11.39 -9.85 51.63
C HIS E 245 -10.07 -9.61 50.88
N LEU E 246 -9.97 -10.03 49.62
CA LEU E 246 -8.77 -9.75 48.84
C LEU E 246 -8.74 -8.30 48.34
N LEU E 247 -9.91 -7.67 48.19
CA LEU E 247 -9.96 -6.28 47.78
C LEU E 247 -9.40 -5.37 48.87
N LYS E 248 -9.82 -5.60 50.12
CA LYS E 248 -9.33 -4.81 51.24
C LYS E 248 -7.83 -4.98 51.43
N GLN E 249 -7.34 -6.21 51.23
CA GLN E 249 -5.92 -6.49 51.35
C GLN E 249 -5.13 -5.71 50.31
N GLY E 250 -5.62 -5.64 49.07
CA GLY E 250 -4.95 -4.87 48.04
C GLY E 250 -4.94 -3.38 48.34
N LEU E 251 -6.07 -2.85 48.82
CA LEU E 251 -6.11 -1.43 49.19
C LEU E 251 -5.12 -1.12 50.30
N ALA E 252 -5.05 -1.98 51.32
CA ALA E 252 -4.10 -1.77 52.40
C ALA E 252 -2.67 -1.86 51.91
N MET E 253 -2.39 -2.80 51.01
CA MET E 253 -1.05 -2.95 50.45
C MET E 253 -0.62 -1.71 49.71
N VAL E 254 -1.50 -1.16 48.87
CA VAL E 254 -1.16 0.06 48.15
C VAL E 254 -0.94 1.21 49.12
N GLU E 255 -1.81 1.34 50.13
CA GLU E 255 -1.63 2.41 51.11
C GLU E 255 -0.30 2.29 51.84
N LYS E 256 0.12 1.07 52.16
CA LYS E 256 1.35 0.88 52.91
C LYS E 256 2.59 1.15 52.06
N TYR E 257 2.61 0.67 50.82
CA TYR E 257 3.85 0.66 50.05
C TYR E 257 3.93 1.74 48.99
N ALA E 258 2.88 2.54 48.80
CA ALA E 258 2.97 3.64 47.85
C ALA E 258 4.01 4.70 48.21
N PRO E 259 4.14 5.14 49.47
CA PRO E 259 5.13 6.22 49.76
C PRO E 259 6.55 5.87 49.38
N ASP E 260 6.96 4.61 49.48
CA ASP E 260 8.32 4.24 49.09
C ASP E 260 8.53 4.43 47.59
N VAL E 261 7.52 4.12 46.77
CA VAL E 261 7.63 4.31 45.33
C VAL E 261 7.76 5.78 44.99
N VAL E 262 7.09 6.65 45.75
CA VAL E 262 7.17 8.09 45.50
C VAL E 262 8.61 8.58 45.64
N ARG E 263 9.31 8.12 46.69
CA ARG E 263 10.68 8.55 46.91
C ARG E 263 11.63 8.05 45.83
N SER E 264 11.29 6.94 45.18
CA SER E 264 12.15 6.41 44.13
C SER E 264 12.06 7.21 42.84
N LEU E 265 10.98 7.97 42.64
CA LEU E 265 10.79 8.75 41.43
C LEU E 265 11.17 10.22 41.61
N GLU E 266 11.71 10.60 42.76
CA GLU E 266 12.02 12.00 43.02
C GLU E 266 13.18 12.46 42.15
N ASN E 267 13.28 13.79 42.01
CA ASN E 267 14.31 14.42 41.19
C ASN E 267 14.20 13.98 39.74
N ASP F 5 -19.74 10.58 2.40
CA ASP F 5 -20.05 9.16 2.54
C ASP F 5 -20.60 8.60 1.23
N ARG F 6 -19.94 7.58 0.69
CA ARG F 6 -20.39 6.93 -0.52
C ARG F 6 -21.46 5.88 -0.28
N ARG F 7 -21.70 5.50 0.98
CA ARG F 7 -22.62 4.43 1.30
C ARG F 7 -23.86 4.91 2.05
N ARG F 8 -23.99 6.21 2.29
CA ARG F 8 -25.11 6.74 3.05
C ARG F 8 -25.58 8.05 2.43
N LEU F 9 -26.83 8.41 2.71
CA LEU F 9 -27.42 9.67 2.29
C LEU F 9 -27.49 10.58 3.52
N LEU F 10 -26.57 11.54 3.60
CA LEU F 10 -26.46 12.41 4.76
C LEU F 10 -26.97 13.82 4.52
N GLY F 11 -27.40 14.15 3.30
CA GLY F 11 -27.98 15.43 3.02
C GLY F 11 -26.97 16.52 2.70
N PRO F 12 -27.43 17.76 2.63
CA PRO F 12 -26.55 18.87 2.24
C PRO F 12 -25.44 19.10 3.26
N ALA F 13 -24.30 19.56 2.76
CA ALA F 13 -23.13 19.74 3.61
C ALA F 13 -23.24 20.96 4.51
N ALA F 14 -24.00 21.97 4.08
CA ALA F 14 -24.07 23.25 4.80
C ALA F 14 -25.16 23.28 5.86
N ALA F 15 -25.93 22.21 6.03
CA ALA F 15 -26.99 22.20 7.04
C ALA F 15 -26.39 22.11 8.44
N LYS F 16 -27.13 22.63 9.42
CA LYS F 16 -26.71 22.60 10.81
C LYS F 16 -27.78 21.93 11.66
N PRO F 17 -27.38 21.10 12.63
CA PRO F 17 -28.36 20.44 13.49
C PRO F 17 -29.14 21.43 14.34
N MET F 18 -30.39 21.08 14.64
CA MET F 18 -31.24 21.95 15.43
C MET F 18 -30.71 22.09 16.85
N ALA F 19 -30.69 23.32 17.35
CA ALA F 19 -30.25 23.61 18.71
C ALA F 19 -31.41 24.24 19.47
N PHE F 20 -31.83 23.58 20.55
CA PHE F 20 -32.96 24.06 21.33
C PHE F 20 -32.49 24.92 22.51
N GLU F 43 -37.05 -1.52 45.03
CA GLU F 43 -37.40 -0.22 44.47
C GLU F 43 -37.88 -0.35 43.03
N GLN F 44 -36.95 -0.65 42.13
CA GLN F 44 -37.28 -0.73 40.71
C GLN F 44 -38.17 -1.94 40.42
N GLU F 45 -39.16 -1.74 39.56
CA GLU F 45 -40.03 -2.81 39.09
C GLU F 45 -39.55 -3.28 37.72
N LEU F 46 -39.45 -4.58 37.55
CA LEU F 46 -38.86 -5.17 36.35
C LEU F 46 -39.88 -6.01 35.58
N SER F 47 -39.57 -6.23 34.31
CA SER F 47 -40.33 -7.14 33.45
C SER F 47 -39.36 -7.84 32.53
N LEU F 48 -39.37 -9.17 32.53
CA LEU F 48 -38.37 -9.96 31.82
C LEU F 48 -39.06 -10.94 30.87
N HIS F 49 -38.59 -11.00 29.63
CA HIS F 49 -39.09 -11.94 28.64
C HIS F 49 -37.93 -12.37 27.73
N THR F 50 -38.03 -13.59 27.20
CA THR F 50 -36.97 -14.17 26.39
C THR F 50 -37.54 -14.80 25.13
N GLY F 51 -36.68 -14.91 24.12
CA GLY F 51 -36.97 -15.68 22.91
C GLY F 51 -38.03 -15.12 22.00
N PHE F 52 -37.78 -13.92 21.44
CA PHE F 52 -38.75 -13.30 20.55
C PHE F 52 -38.15 -12.84 19.23
N ILE F 53 -36.86 -13.08 18.98
CA ILE F 53 -36.20 -12.72 17.74
C ILE F 53 -35.92 -14.00 16.95
N GLU F 54 -36.31 -14.00 15.67
CA GLU F 54 -36.33 -15.23 14.89
C GLU F 54 -34.96 -15.60 14.33
N ASN F 55 -34.19 -14.63 13.85
CA ASN F 55 -32.99 -14.92 13.09
C ASN F 55 -31.73 -14.95 13.96
N CYS F 56 -31.86 -15.08 15.27
CA CYS F 56 -30.72 -15.25 16.17
C CYS F 56 -30.93 -16.50 17.01
N ASN F 57 -29.96 -16.78 17.88
CA ASN F 57 -30.01 -17.97 18.72
C ASN F 57 -30.71 -17.73 20.05
N GLY F 58 -30.55 -16.55 20.64
CA GLY F 58 -31.19 -16.23 21.90
C GLY F 58 -31.36 -14.73 22.07
N SER F 59 -32.39 -14.35 22.82
CA SER F 59 -32.71 -12.94 22.99
C SER F 59 -33.47 -12.74 24.29
N ALA F 60 -33.48 -11.49 24.75
CA ALA F 60 -34.15 -11.13 25.99
C ALA F 60 -34.54 -9.66 25.95
N LEU F 61 -35.59 -9.32 26.71
CA LEU F 61 -36.07 -7.95 26.84
C LEU F 61 -36.15 -7.62 28.33
N VAL F 62 -35.49 -6.55 28.75
CA VAL F 62 -35.47 -6.11 30.13
C VAL F 62 -36.03 -4.69 30.20
N GLU F 63 -36.97 -4.48 31.13
CA GLU F 63 -37.65 -3.19 31.23
C GLU F 63 -37.85 -2.87 32.70
N ALA F 64 -37.26 -1.76 33.16
CA ALA F 64 -37.26 -1.39 34.57
C ALA F 64 -37.84 0.01 34.75
N ARG F 65 -38.63 0.17 35.81
CA ARG F 65 -39.27 1.45 36.11
C ARG F 65 -39.17 1.74 37.60
N SER F 66 -39.06 3.02 37.92
CA SER F 66 -39.05 3.48 39.30
C SER F 66 -39.66 4.89 39.33
N LEU F 67 -39.47 5.59 40.43
CA LEU F 67 -39.92 6.98 40.56
C LEU F 67 -38.76 7.87 40.12
N GLY F 68 -38.79 8.31 38.87
CA GLY F 68 -37.75 9.17 38.33
C GLY F 68 -36.82 8.53 37.32
N HIS F 69 -37.11 7.32 36.84
CA HIS F 69 -36.29 6.70 35.81
C HIS F 69 -37.10 5.65 35.09
N GLN F 70 -36.68 5.34 33.87
CA GLN F 70 -37.34 4.32 33.05
C GLN F 70 -36.36 3.87 31.97
N THR F 71 -36.22 2.55 31.80
CA THR F 71 -35.22 2.00 30.90
C THR F 71 -35.78 0.78 30.18
N SER F 72 -35.37 0.60 28.92
CA SER F 72 -35.68 -0.59 28.15
C SER F 72 -34.43 -1.07 27.43
N LEU F 73 -34.24 -2.38 27.38
CA LEU F 73 -33.04 -2.98 26.78
C LEU F 73 -33.42 -4.23 26.00
N ILE F 74 -32.66 -4.48 24.92
CA ILE F 74 -32.80 -5.69 24.12
C ILE F 74 -31.41 -6.25 23.85
N THR F 75 -31.27 -7.56 23.98
CA THR F 75 -30.01 -8.23 23.75
C THR F 75 -30.21 -9.44 22.85
N ALA F 76 -29.20 -9.76 22.04
CA ALA F 76 -29.25 -10.85 21.08
C ALA F 76 -27.92 -11.57 21.04
N VAL F 77 -27.97 -12.89 20.89
CA VAL F 77 -26.79 -13.75 20.91
C VAL F 77 -26.70 -14.50 19.58
N TYR F 78 -25.53 -14.45 18.94
CA TYR F 78 -25.25 -15.18 17.72
C TYR F 78 -24.09 -16.14 17.96
N GLY F 79 -24.35 -17.44 17.82
CA GLY F 79 -23.31 -18.42 17.96
C GLY F 79 -23.75 -19.67 18.70
N PRO F 80 -22.85 -20.66 18.81
CA PRO F 80 -21.46 -20.67 18.32
C PRO F 80 -21.35 -20.75 16.80
N ARG F 81 -20.39 -20.00 16.25
CA ARG F 81 -20.24 -19.83 14.81
C ARG F 81 -18.77 -20.00 14.44
N SER F 82 -18.51 -20.12 13.14
CA SER F 82 -17.16 -20.28 12.65
C SER F 82 -16.36 -19.00 12.85
N ILE F 83 -15.04 -19.14 12.97
CA ILE F 83 -14.15 -18.02 13.24
C ILE F 83 -12.95 -18.09 12.29
N ARG F 84 -12.43 -16.92 11.96
CA ARG F 84 -11.30 -16.81 11.04
C ARG F 84 -9.98 -16.86 11.81
N GLY F 85 -9.02 -17.61 11.28
CA GLY F 85 -7.70 -17.67 11.87
C GLY F 85 -7.16 -19.07 12.02
N SER F 86 -6.31 -19.27 13.01
CA SER F 86 -5.72 -20.57 13.30
C SER F 86 -6.54 -21.29 14.37
N PHE F 87 -6.16 -22.54 14.64
CA PHE F 87 -6.88 -23.35 15.60
C PHE F 87 -6.79 -22.76 17.01
N THR F 88 -7.93 -22.73 17.69
CA THR F 88 -8.01 -22.32 19.08
C THR F 88 -8.71 -23.41 19.88
N SER F 89 -8.21 -23.67 21.08
CA SER F 89 -8.74 -24.76 21.90
C SER F 89 -9.99 -24.38 22.69
N GLN F 90 -10.30 -23.09 22.83
CA GLN F 90 -11.48 -22.66 23.56
C GLN F 90 -12.17 -21.54 22.80
N GLY F 91 -13.40 -21.24 23.21
CA GLY F 91 -14.21 -20.25 22.51
C GLY F 91 -13.78 -18.82 22.78
N THR F 92 -14.32 -17.93 21.94
CA THR F 92 -14.03 -16.50 22.01
C THR F 92 -15.33 -15.73 22.08
N ILE F 93 -15.35 -14.67 22.89
CA ILE F 93 -16.55 -13.88 23.14
C ILE F 93 -16.29 -12.46 22.67
N SER F 94 -17.28 -11.87 22.01
CA SER F 94 -17.26 -10.47 21.59
C SER F 94 -18.57 -9.81 22.01
N ILE F 95 -18.47 -8.59 22.53
CA ILE F 95 -19.63 -7.85 23.00
C ILE F 95 -19.66 -6.49 22.32
N GLN F 96 -20.80 -6.14 21.73
CA GLN F 96 -20.99 -4.88 21.03
C GLN F 96 -22.15 -4.11 21.67
N LEU F 97 -21.89 -2.86 22.03
CA LEU F 97 -22.91 -1.96 22.57
C LEU F 97 -23.28 -0.89 21.56
N LYS F 98 -24.57 -0.67 21.39
CA LYS F 98 -25.08 0.29 20.41
C LYS F 98 -26.07 1.23 21.08
N ASN F 99 -26.12 2.47 20.59
CA ASN F 99 -27.09 3.44 21.08
C ASN F 99 -28.49 3.09 20.58
N GLY F 100 -29.46 3.91 20.96
CA GLY F 100 -30.83 3.73 20.50
C GLY F 100 -31.62 5.01 20.59
N LEU F 101 -32.29 5.37 19.49
CA LEU F 101 -33.11 6.58 19.42
C LEU F 101 -32.27 7.84 19.62
N LEU F 102 -31.74 8.02 20.82
CA LEU F 102 -30.90 9.16 21.15
C LEU F 102 -29.45 8.70 21.30
N GLU F 103 -28.53 9.45 20.70
CA GLU F 103 -27.10 9.13 20.79
C GLU F 103 -26.52 9.84 22.01
N LYS F 104 -26.69 9.22 23.17
CA LYS F 104 -26.32 9.85 24.43
C LYS F 104 -24.92 9.49 24.90
N TYR F 105 -24.21 8.61 24.21
CA TYR F 105 -22.87 8.21 24.64
C TYR F 105 -21.95 8.13 23.43
N ASN F 106 -20.67 8.43 23.67
CA ASN F 106 -19.67 8.37 22.62
C ASN F 106 -18.96 7.02 22.62
N THR F 107 -18.07 6.85 21.63
CA THR F 107 -17.50 5.53 21.35
C THR F 107 -16.60 5.04 22.48
N ASN F 108 -15.82 5.94 23.09
CA ASN F 108 -14.80 5.52 24.04
C ASN F 108 -15.41 4.89 25.28
N GLU F 109 -16.43 5.54 25.86
CA GLU F 109 -17.05 5.01 27.07
C GLU F 109 -17.82 3.73 26.78
N LEU F 110 -18.48 3.64 25.62
CA LEU F 110 -19.16 2.42 25.24
C LEU F 110 -18.18 1.26 25.12
N LYS F 111 -17.01 1.51 24.53
CA LYS F 111 -16.00 0.47 24.40
C LYS F 111 -15.42 0.08 25.76
N GLU F 112 -15.27 1.04 26.67
CA GLU F 112 -14.79 0.71 28.01
C GLU F 112 -15.79 -0.18 28.75
N VAL F 113 -17.08 0.14 28.65
CA VAL F 113 -18.11 -0.70 29.27
C VAL F 113 -18.12 -2.09 28.63
N SER F 114 -17.93 -2.15 27.30
CA SER F 114 -17.87 -3.44 26.62
C SER F 114 -16.70 -4.28 27.13
N SER F 115 -15.54 -3.66 27.34
CA SER F 115 -14.40 -4.38 27.86
C SER F 115 -14.66 -4.90 29.27
N PHE F 116 -15.30 -4.07 30.11
CA PHE F 116 -15.64 -4.51 31.46
C PHE F 116 -16.59 -5.71 31.42
N LEU F 117 -17.61 -5.65 30.56
CA LEU F 117 -18.55 -6.76 30.44
C LEU F 117 -17.89 -8.03 29.92
N MET F 118 -16.98 -7.89 28.94
CA MET F 118 -16.25 -9.05 28.44
C MET F 118 -15.39 -9.67 29.53
N GLY F 119 -14.77 -8.84 30.36
CA GLY F 119 -14.04 -9.37 31.50
C GLY F 119 -14.93 -10.12 32.46
N ILE F 120 -16.15 -9.62 32.68
CA ILE F 120 -17.07 -10.33 33.57
C ILE F 120 -17.47 -11.67 33.00
N PHE F 121 -17.86 -11.71 31.72
CA PHE F 121 -18.48 -12.91 31.17
C PHE F 121 -17.46 -13.94 30.67
N ASN F 122 -16.16 -13.65 30.74
CA ASN F 122 -15.16 -14.67 30.54
C ASN F 122 -14.98 -15.56 31.76
N SER F 123 -15.57 -15.21 32.89
CA SER F 123 -15.49 -16.01 34.11
C SER F 123 -16.67 -16.94 34.33
N VAL F 124 -17.77 -16.76 33.59
CA VAL F 124 -18.97 -17.54 33.82
C VAL F 124 -19.29 -18.49 32.67
N VAL F 125 -18.88 -18.17 31.45
CA VAL F 125 -19.11 -19.06 30.31
C VAL F 125 -18.08 -20.18 30.34
N ASN F 126 -18.55 -21.41 30.09
CA ASN F 126 -17.68 -22.58 30.04
C ASN F 126 -17.04 -22.63 28.65
N LEU F 127 -16.01 -21.80 28.46
CA LEU F 127 -15.40 -21.62 27.15
C LEU F 127 -14.64 -22.85 26.67
N SER F 128 -14.26 -23.75 27.57
CA SER F 128 -13.56 -24.97 27.17
C SER F 128 -14.44 -25.93 26.38
N ARG F 129 -15.73 -25.69 26.33
CA ARG F 129 -16.68 -26.55 25.64
C ARG F 129 -16.85 -26.21 24.16
N TYR F 130 -16.28 -25.08 23.70
CA TYR F 130 -16.51 -24.58 22.35
C TYR F 130 -15.21 -24.27 21.64
N PRO F 131 -14.42 -25.28 21.29
CA PRO F 131 -13.17 -25.02 20.56
C PRO F 131 -13.43 -24.48 19.15
N LYS F 132 -12.50 -23.63 18.71
CA LYS F 132 -12.51 -22.98 17.40
C LYS F 132 -13.90 -22.50 16.99
N SER F 133 -14.45 -21.61 17.81
CA SER F 133 -15.74 -21.01 17.54
C SER F 133 -15.82 -19.66 18.25
N GLY F 134 -16.80 -18.85 17.83
CA GLY F 134 -17.01 -17.55 18.43
C GLY F 134 -18.45 -17.36 18.84
N ILE F 135 -18.64 -16.47 19.81
CA ILE F 135 -19.95 -16.08 20.30
C ILE F 135 -20.02 -14.56 20.28
N ASP F 136 -21.03 -14.01 19.60
CA ASP F 136 -21.19 -12.56 19.43
C ASP F 136 -22.46 -12.12 20.13
N ILE F 137 -22.35 -11.06 20.94
CA ILE F 137 -23.43 -10.57 21.77
C ILE F 137 -23.68 -9.10 21.44
N PHE F 138 -24.93 -8.75 21.18
CA PHE F 138 -25.31 -7.39 20.81
C PHE F 138 -26.33 -6.87 21.82
N VAL F 139 -26.12 -5.65 22.32
CA VAL F 139 -27.01 -5.00 23.26
C VAL F 139 -27.47 -3.67 22.66
N TYR F 140 -28.78 -3.45 22.65
CA TYR F 140 -29.38 -2.23 22.11
C TYR F 140 -29.96 -1.42 23.24
N LEU F 141 -29.54 -0.16 23.35
CA LEU F 141 -30.00 0.75 24.41
C LEU F 141 -31.20 1.53 23.89
N THR F 142 -32.35 0.87 23.90
CA THR F 142 -33.54 1.39 23.21
C THR F 142 -34.06 2.66 23.87
N TYR F 143 -34.27 2.63 25.18
CA TYR F 143 -35.07 3.65 25.85
C TYR F 143 -34.48 3.97 27.21
N ASP F 144 -34.37 5.27 27.52
CA ASP F 144 -33.85 5.71 28.81
C ASP F 144 -34.34 7.13 29.06
N LYS F 145 -35.28 7.28 29.99
CA LYS F 145 -35.91 8.57 30.25
C LYS F 145 -35.86 8.90 31.73
N ASP F 146 -35.60 10.18 32.04
CA ASP F 146 -35.59 10.67 33.41
C ASP F 146 -36.97 11.22 33.75
N LEU F 147 -37.71 10.50 34.57
CA LEU F 147 -39.07 10.90 34.94
C LEU F 147 -39.09 12.00 36.00
N THR F 148 -37.97 12.25 36.68
CA THR F 148 -37.90 13.30 37.69
C THR F 148 -36.48 13.82 37.81
N SER F 163 -21.60 9.21 35.54
CA SER F 163 -22.44 8.78 36.64
C SER F 163 -23.77 8.25 36.13
N GLN F 164 -24.02 8.41 34.84
CA GLN F 164 -25.24 7.94 34.22
C GLN F 164 -25.09 6.58 33.55
N ILE F 165 -23.88 6.23 33.11
CA ILE F 165 -23.67 4.92 32.50
C ILE F 165 -23.43 3.84 33.55
N SER F 166 -23.00 4.22 34.75
CA SER F 166 -22.74 3.22 35.79
C SER F 166 -24.03 2.58 36.28
N SER F 167 -25.11 3.36 36.38
CA SER F 167 -26.39 2.83 36.83
C SER F 167 -27.07 1.96 35.78
N LEU F 168 -26.56 1.96 34.54
CA LEU F 168 -27.11 1.14 33.47
C LEU F 168 -26.43 -0.23 33.38
N ILE F 169 -25.29 -0.42 34.05
CA ILE F 169 -24.55 -1.67 33.92
C ILE F 169 -25.32 -2.87 34.45
N PRO F 170 -25.98 -2.82 35.62
CA PRO F 170 -26.67 -4.05 36.10
C PRO F 170 -27.70 -4.62 35.14
N HIS F 171 -28.47 -3.77 34.46
CA HIS F 171 -29.48 -4.25 33.52
C HIS F 171 -28.86 -4.92 32.32
N CYS F 172 -27.71 -4.41 31.85
CA CYS F 172 -26.99 -5.06 30.77
C CYS F 172 -26.55 -6.48 31.16
N ILE F 173 -26.05 -6.62 32.39
CA ILE F 173 -25.62 -7.93 32.87
C ILE F 173 -26.80 -8.89 32.95
N THR F 174 -27.93 -8.42 33.48
CA THR F 174 -29.12 -9.26 33.56
C THR F 174 -29.58 -9.70 32.17
N SER F 175 -29.62 -8.77 31.22
CA SER F 175 -30.08 -9.09 29.88
C SER F 175 -29.15 -10.09 29.20
N ILE F 176 -27.84 -9.92 29.34
CA ILE F 176 -26.90 -10.83 28.70
C ILE F 176 -27.01 -12.22 29.33
N THR F 177 -27.15 -12.30 30.65
CA THR F 177 -27.34 -13.60 31.30
C THR F 177 -28.59 -14.30 30.78
N LEU F 178 -29.70 -13.56 30.68
CA LEU F 178 -30.94 -14.17 30.20
C LEU F 178 -30.82 -14.65 28.76
N ALA F 179 -30.21 -13.83 27.89
CA ALA F 179 -30.08 -14.24 26.49
C ALA F 179 -29.14 -15.43 26.33
N LEU F 180 -28.05 -15.49 27.10
CA LEU F 180 -27.15 -16.63 27.02
C LEU F 180 -27.83 -17.90 27.50
N ALA F 181 -28.65 -17.82 28.57
CA ALA F 181 -29.41 -18.98 28.99
C ALA F 181 -30.43 -19.39 27.94
N ASP F 182 -31.05 -18.41 27.27
CA ASP F 182 -32.04 -18.71 26.24
C ASP F 182 -31.40 -19.41 25.03
N ALA F 183 -30.19 -18.98 24.65
CA ALA F 183 -29.52 -19.56 23.48
C ALA F 183 -28.96 -20.96 23.74
N GLY F 184 -28.88 -21.40 24.99
CA GLY F 184 -28.35 -22.71 25.28
C GLY F 184 -26.85 -22.78 25.47
N ILE F 185 -26.23 -21.69 25.89
CA ILE F 185 -24.79 -21.66 26.16
C ILE F 185 -24.56 -22.02 27.62
N GLU F 186 -23.54 -22.82 27.88
CA GLU F 186 -23.30 -23.33 29.23
C GLU F 186 -22.71 -22.25 30.13
N LEU F 187 -23.34 -22.06 31.29
CA LEU F 187 -22.90 -21.10 32.29
C LEU F 187 -22.72 -21.79 33.63
N VAL F 188 -21.65 -21.47 34.33
CA VAL F 188 -21.41 -22.09 35.63
C VAL F 188 -22.28 -21.50 36.73
N ASP F 189 -22.78 -20.28 36.56
CA ASP F 189 -23.64 -19.66 37.57
C ASP F 189 -24.38 -18.50 36.92
N MET F 190 -25.40 -18.02 37.63
CA MET F 190 -26.17 -16.85 37.19
C MET F 190 -25.54 -15.59 37.78
N ALA F 191 -25.15 -14.66 36.90
CA ALA F 191 -24.44 -13.46 37.32
C ALA F 191 -25.40 -12.29 37.41
N GLY F 192 -25.32 -11.54 38.51
CA GLY F 192 -26.09 -10.32 38.68
C GLY F 192 -25.20 -9.20 39.17
N ALA F 193 -25.83 -8.06 39.44
CA ALA F 193 -25.07 -6.87 39.84
C ALA F 193 -25.98 -5.93 40.62
N GLY F 194 -25.35 -4.98 41.30
CA GLY F 194 -26.05 -3.91 41.96
C GLY F 194 -25.26 -2.62 41.87
N GLU F 195 -25.95 -1.51 42.08
CA GLU F 195 -25.37 -0.19 41.98
C GLU F 195 -25.71 0.63 43.22
N ALA F 196 -24.72 1.36 43.74
CA ALA F 196 -24.94 2.21 44.91
C ALA F 196 -23.88 3.30 44.93
N ASN F 197 -24.30 4.54 44.63
CA ASN F 197 -23.44 5.71 44.75
C ASN F 197 -22.17 5.58 43.91
N GLY F 198 -22.35 5.30 42.62
CA GLY F 198 -21.25 5.26 41.68
C GLY F 198 -20.40 4.02 41.73
N THR F 199 -20.78 3.01 42.53
CA THR F 199 -20.05 1.76 42.64
C THR F 199 -20.93 0.63 42.11
N VAL F 200 -20.35 -0.21 41.25
CA VAL F 200 -21.04 -1.37 40.69
C VAL F 200 -20.28 -2.61 41.11
N VAL F 201 -20.99 -3.59 41.66
CA VAL F 201 -20.40 -4.86 42.07
C VAL F 201 -21.24 -5.99 41.48
N SER F 202 -20.58 -6.99 40.92
CA SER F 202 -21.23 -8.15 40.32
C SER F 202 -20.90 -9.39 41.14
N PHE F 203 -21.91 -10.21 41.42
CA PHE F 203 -21.78 -11.35 42.31
C PHE F 203 -22.14 -12.66 41.61
N ILE F 204 -21.59 -13.75 42.14
CA ILE F 204 -22.05 -15.11 41.89
C ILE F 204 -22.05 -15.86 43.22
N LYS F 205 -22.54 -17.10 43.18
CA LYS F 205 -22.54 -18.01 44.34
C LYS F 205 -23.25 -17.38 45.55
N ASN F 206 -24.49 -16.92 45.31
CA ASN F 206 -25.33 -16.34 46.35
C ASN F 206 -24.67 -15.13 47.02
N GLY F 207 -23.90 -14.36 46.26
CA GLY F 207 -23.30 -13.15 46.78
C GLY F 207 -22.04 -13.33 47.59
N GLU F 208 -21.42 -14.52 47.54
CA GLU F 208 -20.20 -14.78 48.27
C GLU F 208 -18.94 -14.57 47.45
N GLU F 209 -19.08 -14.26 46.16
CA GLU F 209 -17.94 -14.08 45.27
C GLU F 209 -18.18 -12.86 44.40
N ILE F 210 -17.08 -12.29 43.90
CA ILE F 210 -17.12 -11.09 43.08
C ILE F 210 -16.49 -11.40 41.73
N VAL F 211 -17.19 -11.03 40.65
CA VAL F 211 -16.67 -11.17 39.30
C VAL F 211 -16.40 -9.83 38.62
N GLY F 212 -16.78 -8.72 39.24
CA GLY F 212 -16.53 -7.42 38.66
C GLY F 212 -16.65 -6.30 39.67
N PHE F 213 -15.74 -5.32 39.60
CA PHE F 213 -15.77 -4.17 40.49
C PHE F 213 -15.50 -2.90 39.71
N TRP F 214 -16.34 -1.90 39.91
CA TRP F 214 -16.28 -0.63 39.20
C TRP F 214 -16.54 0.48 40.21
N LYS F 215 -15.73 1.54 40.18
CA LYS F 215 -15.91 2.66 41.10
C LYS F 215 -15.42 3.94 40.45
N ASP F 216 -16.30 4.93 40.37
CA ASP F 216 -15.97 6.27 39.90
C ASP F 216 -16.54 7.29 40.87
N ASP F 217 -15.79 8.35 41.12
CA ASP F 217 -16.21 9.47 41.98
C ASP F 217 -16.57 8.91 43.35
N GLY F 218 -17.63 9.40 43.99
CA GLY F 218 -18.10 8.83 45.24
C GLY F 218 -17.23 9.18 46.43
N ASP F 219 -17.63 8.64 47.58
CA ASP F 219 -16.89 8.82 48.82
C ASP F 219 -15.79 7.78 48.92
N ASP F 220 -14.63 8.20 49.45
CA ASP F 220 -13.48 7.31 49.52
C ASP F 220 -13.61 6.29 50.64
N GLU F 221 -14.28 6.63 51.73
CA GLU F 221 -14.36 5.77 52.90
C GLU F 221 -15.60 4.87 52.90
N ASP F 222 -16.43 4.93 51.87
CA ASP F 222 -17.68 4.17 51.81
C ASP F 222 -17.46 2.95 50.93
N LEU F 223 -17.14 1.82 51.56
CA LEU F 223 -16.94 0.56 50.84
C LEU F 223 -17.85 -0.56 51.34
N LEU F 224 -18.05 -0.68 52.64
CA LEU F 224 -18.89 -1.75 53.18
C LEU F 224 -20.36 -1.50 52.87
N GLU F 225 -20.82 -0.26 52.99
CA GLU F 225 -22.21 0.07 52.70
C GLU F 225 -22.53 -0.19 51.23
N CYS F 226 -21.60 0.18 50.34
CA CYS F 226 -21.80 -0.09 48.92
C CYS F 226 -21.93 -1.58 48.65
N LEU F 227 -21.07 -2.39 49.27
CA LEU F 227 -21.14 -3.84 49.08
C LEU F 227 -22.49 -4.39 49.56
N ASP F 228 -22.94 -3.95 50.74
CA ASP F 228 -24.21 -4.45 51.27
C ASP F 228 -25.38 -4.06 50.37
N ARG F 229 -25.42 -2.82 49.91
CA ARG F 229 -26.52 -2.37 49.06
C ARG F 229 -26.52 -3.09 47.72
N CYS F 230 -25.33 -3.26 47.12
CA CYS F 230 -25.25 -3.96 45.84
C CYS F 230 -25.69 -5.41 45.98
N LYS F 231 -25.29 -6.08 47.07
CA LYS F 231 -25.71 -7.46 47.29
C LYS F 231 -27.22 -7.55 47.49
N GLU F 232 -27.79 -6.57 48.19
CA GLU F 232 -29.24 -6.55 48.40
C GLU F 232 -29.99 -6.44 47.08
N GLN F 233 -29.51 -5.60 46.15
CA GLN F 233 -30.12 -5.54 44.83
C GLN F 233 -29.91 -6.85 44.05
N TYR F 234 -28.71 -7.42 44.17
CA TYR F 234 -28.36 -8.61 43.41
C TYR F 234 -29.28 -9.78 43.75
N ASN F 235 -29.62 -9.95 45.04
CA ASN F 235 -30.47 -11.07 45.42
C ASN F 235 -31.85 -10.99 44.76
N ARG F 236 -32.46 -9.81 44.75
CA ARG F 236 -33.75 -9.64 44.09
C ARG F 236 -33.66 -9.90 42.60
N TYR F 237 -32.61 -9.37 41.96
CA TYR F 237 -32.49 -9.60 40.51
C TYR F 237 -32.32 -11.09 40.21
N ARG F 238 -31.55 -11.80 41.04
CA ARG F 238 -31.36 -13.24 40.85
C ARG F 238 -32.67 -14.00 41.00
N ASP F 239 -33.48 -13.65 42.01
CA ASP F 239 -34.78 -14.29 42.18
C ASP F 239 -35.64 -14.09 40.94
N LEU F 240 -35.71 -12.85 40.44
CA LEU F 240 -36.55 -12.57 39.28
C LEU F 240 -36.06 -13.31 38.04
N MET F 241 -34.74 -13.38 37.84
CA MET F 241 -34.20 -14.09 36.69
C MET F 241 -34.53 -15.58 36.74
N ILE F 242 -34.37 -16.21 37.90
CA ILE F 242 -34.67 -17.63 38.01
C ILE F 242 -36.16 -17.88 37.77
N SER F 243 -37.02 -17.00 38.31
CA SER F 243 -38.45 -17.16 38.08
C SER F 243 -38.78 -17.04 36.59
N CYS F 244 -38.17 -16.08 35.90
CA CYS F 244 -38.41 -15.92 34.47
C CYS F 244 -37.98 -17.16 33.69
N LEU F 245 -36.82 -17.71 34.02
CA LEU F 245 -36.36 -18.91 33.32
C LEU F 245 -37.26 -20.11 33.61
N MET F 246 -37.72 -20.25 34.85
CA MET F 246 -38.50 -21.43 35.23
C MET F 246 -39.92 -21.38 34.67
N ASN F 247 -40.55 -20.21 34.68
CA ASN F 247 -41.95 -20.14 34.26
C ASN F 247 -42.10 -20.24 32.75
N GLN F 248 -41.43 -19.36 32.00
CA GLN F 248 -41.55 -19.33 30.54
C GLN F 248 -40.76 -20.51 29.95
N GLU F 249 -41.38 -21.68 29.98
CA GLU F 249 -40.78 -22.88 29.41
C GLU F 249 -41.06 -22.96 27.92
N SER G 6 -24.12 -22.05 -43.44
CA SER G 6 -24.78 -21.65 -44.68
C SER G 6 -25.69 -20.45 -44.45
N THR G 7 -26.27 -20.36 -43.26
CA THR G 7 -27.19 -19.28 -42.90
C THR G 7 -26.74 -18.63 -41.60
N PHE G 8 -27.09 -17.36 -41.44
CA PHE G 8 -26.79 -16.62 -40.22
C PHE G 8 -27.91 -16.82 -39.22
N ILE G 9 -27.55 -17.15 -37.98
CA ILE G 9 -28.51 -17.52 -36.96
C ILE G 9 -28.24 -16.73 -35.68
N PHE G 10 -29.28 -16.57 -34.87
CA PHE G 10 -29.24 -15.85 -33.62
C PHE G 10 -29.75 -16.73 -32.50
N PRO G 11 -29.34 -16.47 -31.25
CA PRO G 11 -29.91 -17.22 -30.12
C PRO G 11 -31.41 -17.02 -30.00
N GLY G 12 -32.12 -18.11 -29.74
CA GLY G 12 -33.56 -18.11 -29.69
C GLY G 12 -34.27 -18.33 -31.01
N ASP G 13 -33.52 -18.50 -32.11
CA ASP G 13 -34.13 -18.73 -33.41
C ASP G 13 -34.60 -20.17 -33.54
N SER G 14 -35.46 -20.39 -34.53
CA SER G 14 -35.90 -21.74 -34.84
C SER G 14 -34.74 -22.55 -35.43
N PHE G 15 -34.62 -23.79 -34.98
CA PHE G 15 -33.56 -24.67 -35.46
C PHE G 15 -34.03 -25.39 -36.72
N PRO G 16 -33.38 -25.17 -37.87
CA PRO G 16 -33.89 -25.73 -39.14
C PRO G 16 -33.37 -27.14 -39.42
N VAL G 17 -33.74 -28.07 -38.56
CA VAL G 17 -33.38 -29.48 -38.71
C VAL G 17 -34.62 -30.32 -38.41
N ASP G 18 -34.85 -31.33 -39.24
CA ASP G 18 -35.99 -32.22 -39.02
C ASP G 18 -35.84 -32.94 -37.69
N PRO G 19 -36.84 -32.90 -36.82
CA PRO G 19 -36.71 -33.58 -35.52
C PRO G 19 -36.57 -35.09 -35.63
N THR G 20 -36.99 -35.69 -36.75
CA THR G 20 -36.91 -37.14 -36.88
C THR G 20 -35.48 -37.61 -37.08
N THR G 21 -34.73 -36.94 -37.93
CA THR G 21 -33.37 -37.39 -38.24
C THR G 21 -32.44 -37.12 -37.05
N PRO G 22 -31.63 -38.10 -36.65
CA PRO G 22 -30.67 -37.85 -35.56
C PRO G 22 -29.45 -37.11 -36.06
N VAL G 23 -29.09 -36.02 -35.36
CA VAL G 23 -27.96 -35.19 -35.71
C VAL G 23 -27.11 -35.00 -34.46
N LYS G 24 -25.80 -35.22 -34.59
CA LYS G 24 -24.88 -34.97 -33.49
C LYS G 24 -24.61 -33.48 -33.38
N LEU G 25 -24.56 -32.99 -32.14
CA LEU G 25 -24.52 -31.55 -31.85
C LEU G 25 -23.09 -31.09 -31.63
N GLY G 26 -22.74 -29.97 -32.25
CA GLY G 26 -21.44 -29.38 -32.06
C GLY G 26 -21.49 -28.11 -31.23
N PRO G 27 -20.42 -27.33 -31.25
CA PRO G 27 -20.39 -26.09 -30.45
C PRO G 27 -21.45 -25.10 -30.89
N GLY G 28 -21.95 -24.33 -29.92
CA GLY G 28 -22.95 -23.32 -30.15
C GLY G 28 -24.39 -23.79 -30.09
N ILE G 29 -24.64 -25.07 -29.85
CA ILE G 29 -25.98 -25.63 -29.82
C ILE G 29 -26.21 -26.29 -28.46
N TYR G 30 -27.35 -26.02 -27.85
CA TYR G 30 -27.66 -26.43 -26.50
C TYR G 30 -28.90 -27.33 -26.49
N CYS G 31 -28.86 -28.38 -25.69
CA CYS G 31 -30.01 -29.24 -25.44
C CYS G 31 -30.56 -28.93 -24.05
N ASP G 32 -31.80 -28.50 -23.98
CA ASP G 32 -32.39 -28.08 -22.71
C ASP G 32 -32.56 -29.28 -21.79
N PRO G 33 -32.04 -29.22 -20.55
CA PRO G 33 -32.18 -30.36 -19.64
C PRO G 33 -33.58 -30.52 -19.07
N ASN G 34 -34.44 -29.52 -19.17
CA ASN G 34 -35.80 -29.59 -18.63
C ASN G 34 -36.84 -29.92 -19.69
N THR G 35 -36.74 -29.33 -20.88
CA THR G 35 -37.72 -29.53 -21.94
C THR G 35 -37.24 -30.45 -23.05
N GLN G 36 -35.95 -30.82 -23.04
CA GLN G 36 -35.35 -31.66 -24.09
C GLN G 36 -35.52 -31.02 -25.48
N GLU G 37 -35.28 -29.72 -25.56
CA GLU G 37 -35.41 -28.97 -26.80
C GLU G 37 -34.03 -28.53 -27.29
N ILE G 38 -33.85 -28.56 -28.61
CA ILE G 38 -32.61 -28.16 -29.26
C ILE G 38 -32.75 -26.72 -29.71
N ARG G 39 -31.87 -25.85 -29.23
CA ARG G 39 -31.90 -24.44 -29.58
C ARG G 39 -30.49 -23.89 -29.70
N PRO G 40 -30.29 -22.88 -30.54
CA PRO G 40 -28.96 -22.25 -30.62
C PRO G 40 -28.78 -21.18 -29.57
N VAL G 41 -27.54 -21.05 -29.10
CA VAL G 41 -27.20 -20.09 -28.06
C VAL G 41 -26.11 -19.12 -28.48
N ASN G 42 -25.56 -19.26 -29.68
CA ASN G 42 -24.51 -18.38 -30.16
C ASN G 42 -24.91 -17.75 -31.48
N THR G 43 -24.22 -16.67 -31.83
CA THR G 43 -24.48 -15.91 -33.04
C THR G 43 -23.40 -16.20 -34.07
N GLY G 44 -23.80 -16.52 -35.29
CA GLY G 44 -22.81 -16.81 -36.32
C GLY G 44 -23.44 -17.58 -37.47
N VAL G 45 -22.60 -18.39 -38.12
CA VAL G 45 -22.98 -19.14 -39.32
C VAL G 45 -23.17 -20.60 -38.93
N LEU G 46 -24.32 -21.17 -39.32
CA LEU G 46 -24.65 -22.55 -39.01
C LEU G 46 -24.24 -23.46 -40.16
N HIS G 47 -23.40 -24.44 -39.86
CA HIS G 47 -22.94 -25.42 -40.85
C HIS G 47 -23.53 -26.79 -40.53
N VAL G 48 -24.17 -27.39 -41.53
CA VAL G 48 -24.73 -28.73 -41.41
C VAL G 48 -24.04 -29.61 -42.45
N SER G 49 -23.42 -30.69 -41.99
CA SER G 49 -22.68 -31.57 -42.88
C SER G 49 -23.60 -32.45 -43.70
N VAL G 56 -25.55 -39.35 -38.74
CA VAL G 56 -24.14 -39.34 -39.09
C VAL G 56 -23.71 -37.94 -39.50
N GLN G 57 -24.69 -37.06 -39.66
CA GLN G 57 -24.43 -35.67 -39.99
C GLN G 57 -24.31 -34.82 -38.73
N THR G 58 -23.47 -33.80 -38.78
CA THR G 58 -23.15 -32.97 -37.63
C THR G 58 -23.50 -31.51 -37.94
N ALA G 59 -24.02 -30.82 -36.93
CA ALA G 59 -24.35 -29.40 -37.04
C ALA G 59 -23.63 -28.62 -35.95
N TYR G 60 -23.12 -27.44 -36.32
CA TYR G 60 -22.45 -26.56 -35.38
C TYR G 60 -22.54 -25.14 -35.89
N ILE G 61 -22.25 -24.19 -35.01
CA ILE G 61 -22.27 -22.77 -35.33
C ILE G 61 -20.85 -22.23 -35.20
N ASP G 62 -20.40 -21.51 -36.22
CA ASP G 62 -19.11 -20.85 -36.20
C ASP G 62 -19.29 -19.42 -35.71
N TYR G 63 -18.70 -19.12 -34.55
CA TYR G 63 -18.82 -17.81 -33.94
C TYR G 63 -17.45 -17.28 -33.55
N SER G 64 -17.37 -15.96 -33.39
CA SER G 64 -16.13 -15.29 -33.05
C SER G 64 -15.89 -15.33 -31.55
N SER G 65 -14.65 -15.63 -31.15
CA SER G 65 -14.31 -15.71 -29.74
C SER G 65 -12.83 -15.42 -29.53
N LYS G 66 -12.50 -15.05 -28.29
CA LYS G 66 -11.12 -14.82 -27.88
C LYS G 66 -10.72 -15.59 -26.63
N ARG G 67 -11.66 -16.05 -25.81
CA ARG G 67 -11.37 -16.74 -24.56
C ARG G 67 -11.46 -18.23 -24.78
N TYR G 68 -10.38 -18.95 -24.49
CA TYR G 68 -10.29 -20.37 -24.80
C TYR G 68 -10.91 -21.21 -23.68
N ILE G 69 -11.61 -22.27 -24.08
CA ILE G 69 -12.18 -23.24 -23.16
C ILE G 69 -11.65 -24.62 -23.55
N PRO G 70 -11.01 -25.36 -22.63
CA PRO G 70 -10.33 -26.61 -23.02
C PRO G 70 -11.28 -27.65 -23.60
N SER G 71 -10.78 -28.39 -24.58
CA SER G 71 -11.53 -29.45 -25.23
C SER G 71 -10.56 -30.56 -25.64
N VAL G 72 -11.04 -31.80 -25.55
CA VAL G 72 -10.17 -32.96 -25.78
C VAL G 72 -9.68 -32.96 -27.23
N ASN G 73 -8.42 -33.39 -27.41
CA ASN G 73 -7.76 -33.55 -28.70
C ASN G 73 -7.36 -32.21 -29.33
N ASP G 74 -7.10 -31.20 -28.51
CA ASP G 74 -6.65 -29.90 -28.99
C ASP G 74 -5.16 -29.73 -28.75
N PHE G 75 -4.49 -29.04 -29.68
CA PHE G 75 -3.07 -28.73 -29.58
C PHE G 75 -2.91 -27.34 -28.99
N VAL G 76 -2.18 -27.24 -27.87
CA VAL G 76 -2.08 -26.00 -27.12
C VAL G 76 -0.62 -25.73 -26.77
N ILE G 77 -0.35 -24.48 -26.40
CA ILE G 77 0.96 -24.05 -25.92
C ILE G 77 0.77 -23.44 -24.53
N GLY G 78 1.56 -23.92 -23.56
CA GLY G 78 1.41 -23.51 -22.18
C GLY G 78 2.70 -23.01 -21.57
N VAL G 79 2.56 -22.42 -20.39
CA VAL G 79 3.68 -21.88 -19.62
C VAL G 79 3.70 -22.57 -18.26
N ILE G 80 4.87 -23.03 -17.84
CA ILE G 80 5.03 -23.64 -16.52
C ILE G 80 5.06 -22.53 -15.48
N ILE G 81 4.12 -22.59 -14.53
CA ILE G 81 4.02 -21.57 -13.48
C ILE G 81 4.26 -22.13 -12.09
N GLY G 82 4.34 -23.46 -11.93
CA GLY G 82 4.61 -24.05 -10.63
C GLY G 82 4.93 -25.52 -10.71
N THR G 83 5.81 -25.99 -9.84
CA THR G 83 6.20 -27.40 -9.79
C THR G 83 5.73 -28.00 -8.48
N PHE G 84 5.04 -29.12 -8.56
CA PHE G 84 4.54 -29.85 -7.39
C PHE G 84 5.30 -31.17 -7.25
N SER G 85 4.84 -32.00 -6.33
CA SER G 85 5.54 -33.25 -6.04
C SER G 85 5.43 -34.24 -7.20
N ASP G 86 4.32 -34.23 -7.93
CA ASP G 86 4.08 -35.23 -8.97
C ASP G 86 3.68 -34.67 -10.32
N SER G 87 3.53 -33.35 -10.46
CA SER G 87 3.07 -32.78 -11.71
C SER G 87 3.43 -31.30 -11.77
N TYR G 88 3.26 -30.71 -12.94
CA TYR G 88 3.44 -29.29 -13.16
C TYR G 88 2.11 -28.56 -13.11
N LYS G 89 2.19 -27.25 -12.87
CA LYS G 89 1.05 -26.35 -12.96
C LYS G 89 1.25 -25.47 -14.20
N VAL G 90 0.28 -25.50 -15.10
CA VAL G 90 0.44 -24.91 -16.43
C VAL G 90 -0.69 -23.92 -16.68
N SER G 91 -0.33 -22.77 -17.26
CA SER G 91 -1.29 -21.74 -17.65
C SER G 91 -1.42 -21.73 -19.18
N LEU G 92 -2.66 -21.71 -19.67
CA LEU G 92 -2.93 -21.60 -21.09
C LEU G 92 -3.35 -20.20 -21.52
N GLN G 93 -3.84 -19.38 -20.60
CA GLN G 93 -4.23 -18.01 -20.89
C GLN G 93 -4.24 -17.23 -19.60
N ASN G 94 -3.93 -15.94 -19.69
CA ASN G 94 -3.95 -15.08 -18.52
C ASN G 94 -5.36 -15.00 -17.94
N PHE G 95 -5.45 -15.03 -16.61
CA PHE G 95 -6.67 -14.90 -15.82
C PHE G 95 -7.57 -16.13 -15.89
N SER G 96 -7.11 -17.23 -16.48
CA SER G 96 -7.88 -18.45 -16.57
C SER G 96 -7.44 -19.46 -15.50
N SER G 97 -8.29 -20.45 -15.26
CA SER G 97 -7.94 -21.54 -14.38
C SER G 97 -6.83 -22.38 -15.00
N SER G 98 -5.91 -22.85 -14.17
CA SER G 98 -4.74 -23.57 -14.66
C SER G 98 -5.08 -25.03 -14.96
N VAL G 99 -4.19 -25.67 -15.72
CA VAL G 99 -4.29 -27.09 -16.02
C VAL G 99 -3.07 -27.79 -15.44
N SER G 100 -3.07 -29.12 -15.51
CA SER G 100 -2.05 -29.94 -14.89
C SER G 100 -1.38 -30.84 -15.92
N LEU G 101 -0.05 -30.97 -15.80
CA LEU G 101 0.74 -31.83 -16.67
C LEU G 101 1.53 -32.80 -15.80
N SER G 102 1.31 -34.09 -16.01
CA SER G 102 1.87 -35.11 -15.13
C SER G 102 3.30 -35.46 -15.51
N TYR G 103 4.10 -35.81 -14.50
CA TYR G 103 5.49 -36.19 -14.73
C TYR G 103 5.60 -37.47 -15.56
N MET G 104 4.57 -38.30 -15.58
CA MET G 104 4.57 -39.53 -16.36
C MET G 104 3.97 -39.34 -17.74
N ALA G 105 3.71 -38.10 -18.15
CA ALA G 105 3.10 -37.80 -19.44
C ALA G 105 4.15 -37.40 -20.48
N PHE G 106 5.32 -38.02 -20.43
CA PHE G 106 6.40 -37.81 -21.38
C PHE G 106 6.83 -39.15 -21.95
N PRO G 107 7.38 -39.18 -23.15
CA PRO G 107 7.79 -40.45 -23.76
C PRO G 107 8.92 -41.12 -22.96
N ASN G 108 8.79 -42.45 -22.81
CA ASN G 108 9.77 -43.27 -22.10
C ASN G 108 10.01 -42.76 -20.68
N ALA G 109 8.93 -42.39 -20.00
CA ALA G 109 9.02 -41.83 -18.66
C ALA G 109 8.98 -42.92 -17.60
N SER G 110 9.79 -42.74 -16.56
CA SER G 110 9.83 -43.65 -15.43
C SER G 110 10.23 -42.85 -14.20
N LYS G 111 10.24 -43.51 -13.05
CA LYS G 111 10.57 -42.82 -11.80
C LYS G 111 12.04 -42.45 -11.70
N LYS G 112 12.88 -42.94 -12.61
CA LYS G 112 14.27 -42.53 -12.69
C LYS G 112 14.53 -41.54 -13.82
N ASN G 113 13.72 -41.55 -14.87
CA ASN G 113 13.87 -40.62 -15.99
C ASN G 113 12.91 -39.45 -15.84
N ARG G 114 13.23 -38.60 -14.86
CA ARG G 114 12.40 -37.45 -14.54
C ARG G 114 12.57 -36.34 -15.57
N PRO G 115 11.52 -35.53 -15.79
CA PRO G 115 11.67 -34.36 -16.66
C PRO G 115 12.44 -33.26 -15.96
N THR G 116 12.96 -32.33 -16.77
CA THR G 116 13.83 -31.25 -16.28
C THR G 116 13.33 -29.90 -16.76
N LEU G 117 12.03 -29.65 -16.63
CA LEU G 117 11.47 -28.35 -16.95
C LEU G 117 11.47 -27.45 -15.72
N GLN G 118 11.56 -26.15 -15.95
CA GLN G 118 11.59 -25.16 -14.89
C GLN G 118 10.40 -24.22 -15.01
N VAL G 119 10.22 -23.40 -13.98
CA VAL G 119 9.17 -22.38 -14.00
C VAL G 119 9.55 -21.32 -15.03
N GLY G 120 8.66 -21.10 -16.00
CA GLY G 120 8.90 -20.15 -17.06
C GLY G 120 9.15 -20.76 -18.43
N ASP G 121 9.11 -22.08 -18.56
CA ASP G 121 9.34 -22.72 -19.84
C ASP G 121 8.06 -22.79 -20.67
N LEU G 122 8.24 -22.88 -21.98
CA LEU G 122 7.14 -23.06 -22.93
C LEU G 122 7.05 -24.52 -23.33
N VAL G 123 5.82 -25.02 -23.48
CA VAL G 123 5.60 -26.43 -23.79
C VAL G 123 4.52 -26.55 -24.85
N TYR G 124 4.63 -27.59 -25.68
CA TYR G 124 3.65 -27.94 -26.70
C TYR G 124 3.03 -29.27 -26.31
N ALA G 125 1.71 -29.31 -26.17
CA ALA G 125 1.05 -30.48 -25.60
C ALA G 125 -0.32 -30.66 -26.24
N ARG G 126 -1.01 -31.71 -25.81
CA ARG G 126 -2.33 -32.07 -26.30
C ARG G 126 -3.27 -32.28 -25.11
N VAL G 127 -4.50 -31.79 -25.23
CA VAL G 127 -5.49 -31.95 -24.18
C VAL G 127 -6.04 -33.37 -24.20
N CYS G 128 -5.96 -34.05 -23.06
CA CYS G 128 -6.37 -35.44 -22.98
C CYS G 128 -7.61 -35.67 -22.13
N THR G 129 -7.87 -34.83 -21.12
CA THR G 129 -9.02 -35.00 -20.25
C THR G 129 -9.62 -33.63 -19.95
N ALA G 130 -10.92 -33.48 -20.17
CA ALA G 130 -11.62 -32.21 -19.98
C ALA G 130 -12.97 -32.44 -19.29
N GLU G 131 -12.96 -33.16 -18.17
CA GLU G 131 -14.19 -33.40 -17.42
C GLU G 131 -14.77 -32.09 -16.89
N LYS G 132 -16.10 -32.02 -16.85
CA LYS G 132 -16.77 -30.79 -16.44
C LYS G 132 -16.57 -30.51 -14.95
N GLU G 133 -16.44 -31.54 -14.13
CA GLU G 133 -16.35 -31.38 -12.68
C GLU G 133 -14.92 -31.36 -12.15
N LEU G 134 -13.92 -31.42 -13.02
CA LEU G 134 -12.53 -31.56 -12.59
C LEU G 134 -11.65 -30.55 -13.32
N GLU G 135 -10.36 -30.65 -13.07
CA GLU G 135 -9.36 -29.82 -13.72
C GLU G 135 -8.78 -30.54 -14.94
N ALA G 136 -8.65 -29.80 -16.03
CA ALA G 136 -8.21 -30.39 -17.30
C ALA G 136 -6.76 -30.86 -17.21
N GLU G 137 -6.44 -31.86 -18.03
CA GLU G 137 -5.10 -32.44 -18.08
C GLU G 137 -4.55 -32.42 -19.49
N ILE G 138 -3.24 -32.29 -19.60
CA ILE G 138 -2.54 -32.27 -20.88
C ILE G 138 -1.41 -33.28 -20.83
N GLU G 139 -0.98 -33.72 -22.01
CA GLU G 139 0.10 -34.68 -22.16
C GLU G 139 1.02 -34.25 -23.28
N CYS G 140 2.29 -34.65 -23.18
CA CYS G 140 3.30 -34.28 -24.16
C CYS G 140 3.58 -35.39 -25.16
N PHE G 141 2.57 -36.21 -25.47
CA PHE G 141 2.67 -37.19 -26.54
C PHE G 141 1.25 -37.62 -26.91
N ASP G 142 1.05 -37.92 -28.18
CA ASP G 142 -0.26 -38.35 -28.67
C ASP G 142 -0.47 -39.80 -28.22
N SER G 143 -1.25 -39.98 -27.16
CA SER G 143 -1.50 -41.32 -26.64
C SER G 143 -2.44 -42.13 -27.54
N THR G 144 -3.27 -41.46 -28.34
CA THR G 144 -4.19 -42.18 -29.21
C THR G 144 -3.42 -42.98 -30.27
N THR G 145 -2.39 -42.38 -30.85
CA THR G 145 -1.63 -43.01 -31.93
C THR G 145 -0.24 -43.45 -31.53
N GLY G 146 0.27 -43.01 -30.38
CA GLY G 146 1.64 -43.29 -30.01
C GLY G 146 2.66 -42.43 -30.73
N ARG G 147 2.22 -41.41 -31.45
CA ARG G 147 3.10 -40.52 -32.18
C ARG G 147 3.59 -39.39 -31.27
N ASP G 148 4.82 -38.95 -31.51
CA ASP G 148 5.42 -37.83 -30.80
C ASP G 148 5.92 -36.85 -31.86
N ALA G 149 5.04 -35.95 -32.28
CA ALA G 149 5.33 -35.02 -33.39
C ALA G 149 5.37 -33.60 -32.84
N GLY G 150 6.56 -33.18 -32.42
CA GLY G 150 6.79 -31.81 -32.01
C GLY G 150 6.41 -31.46 -30.59
N PHE G 151 5.88 -32.41 -29.82
CA PHE G 151 5.49 -32.13 -28.45
C PHE G 151 6.72 -32.02 -27.56
N GLY G 152 6.68 -31.08 -26.62
CA GLY G 152 7.78 -30.86 -25.72
C GLY G 152 8.13 -29.40 -25.50
N ILE G 153 9.37 -29.12 -25.14
CA ILE G 153 9.80 -27.76 -24.80
C ILE G 153 10.10 -27.00 -26.09
N LEU G 154 9.79 -25.70 -26.09
CA LEU G 154 10.14 -24.79 -27.17
C LEU G 154 11.20 -23.82 -26.65
N GLU G 155 12.40 -23.91 -27.20
CA GLU G 155 13.52 -23.08 -26.78
C GLU G 155 13.57 -21.79 -27.59
N ASP G 156 13.86 -20.68 -26.92
CA ASP G 156 14.02 -19.36 -27.53
C ASP G 156 12.74 -19.02 -28.32
N GLY G 157 12.88 -18.27 -29.41
CA GLY G 157 11.74 -17.89 -30.20
C GLY G 157 10.95 -16.74 -29.60
N MET G 158 9.77 -16.51 -30.19
CA MET G 158 8.86 -15.46 -29.73
C MET G 158 7.43 -15.98 -29.82
N ILE G 159 6.56 -15.39 -29.00
CA ILE G 159 5.17 -15.82 -28.85
C ILE G 159 4.26 -14.69 -29.34
N ILE G 160 3.21 -15.07 -30.07
CA ILE G 160 2.27 -14.11 -30.66
C ILE G 160 0.85 -14.50 -30.23
N ASP G 161 0.07 -13.53 -29.79
CA ASP G 161 -1.32 -13.74 -29.39
C ASP G 161 -2.26 -13.40 -30.55
N VAL G 162 -3.21 -14.29 -30.82
CA VAL G 162 -4.20 -14.13 -31.89
C VAL G 162 -5.55 -14.61 -31.38
N ASN G 163 -6.59 -14.37 -32.17
CA ASN G 163 -7.91 -14.88 -31.84
C ASN G 163 -8.03 -16.33 -32.30
N LEU G 164 -9.12 -16.99 -31.89
CA LEU G 164 -9.24 -18.43 -32.07
C LEU G 164 -9.51 -18.81 -33.52
N ASN G 165 -10.32 -18.02 -34.23
CA ASN G 165 -10.62 -18.31 -35.62
C ASN G 165 -9.36 -18.27 -36.50
N PHE G 166 -8.48 -17.28 -36.24
CA PHE G 166 -7.23 -17.19 -36.97
C PHE G 166 -6.34 -18.40 -36.73
N ALA G 167 -6.25 -18.85 -35.47
CA ALA G 167 -5.44 -20.02 -35.16
C ALA G 167 -5.98 -21.27 -35.82
N ARG G 168 -7.32 -21.43 -35.82
CA ARG G 168 -7.91 -22.57 -36.50
C ARG G 168 -7.63 -22.53 -38.00
N GLN G 169 -7.73 -21.34 -38.61
CA GLN G 169 -7.44 -21.21 -40.03
C GLN G 169 -6.01 -21.58 -40.34
N LEU G 170 -5.07 -21.15 -39.50
CA LEU G 170 -3.67 -21.51 -39.71
C LEU G 170 -3.44 -23.01 -39.56
N LEU G 171 -4.04 -23.63 -38.53
CA LEU G 171 -3.72 -25.02 -38.25
C LEU G 171 -4.38 -25.99 -39.23
N PHE G 172 -5.64 -25.77 -39.57
CA PHE G 172 -6.40 -26.78 -40.27
C PHE G 172 -6.64 -26.51 -41.75
N ASN G 173 -6.51 -25.27 -42.21
CA ASN G 173 -6.75 -24.92 -43.61
C ASN G 173 -5.42 -24.84 -44.34
N ASN G 174 -5.27 -25.66 -45.38
CA ASN G 174 -4.06 -25.67 -46.18
C ASN G 174 -4.09 -24.65 -47.32
N ASP G 175 -5.24 -24.02 -47.57
CA ASP G 175 -5.33 -22.96 -48.57
C ASP G 175 -5.13 -21.57 -47.98
N PHE G 176 -4.94 -21.48 -46.67
CA PHE G 176 -4.60 -20.20 -46.04
C PHE G 176 -3.18 -19.83 -46.46
N PRO G 177 -2.96 -18.66 -47.07
CA PRO G 177 -1.69 -18.40 -47.76
C PRO G 177 -0.57 -17.79 -46.91
N LEU G 178 -0.73 -17.70 -45.59
CA LEU G 178 0.26 -16.98 -44.79
C LEU G 178 1.58 -17.72 -44.69
N LEU G 179 1.53 -19.04 -44.44
CA LEU G 179 2.77 -19.79 -44.28
C LEU G 179 3.55 -19.85 -45.59
N LYS G 180 2.86 -19.94 -46.71
CA LYS G 180 3.55 -19.97 -48.00
C LYS G 180 4.23 -18.64 -48.30
N VAL G 181 3.58 -17.52 -48.01
CA VAL G 181 4.22 -16.24 -48.28
C VAL G 181 5.35 -15.98 -47.28
N LEU G 182 5.24 -16.50 -46.06
CA LEU G 182 6.34 -16.36 -45.12
C LEU G 182 7.54 -17.20 -45.53
N ALA G 183 7.30 -18.39 -46.07
CA ALA G 183 8.40 -19.26 -46.48
C ALA G 183 9.16 -18.73 -47.69
N ALA G 184 8.58 -17.78 -48.43
CA ALA G 184 9.25 -17.19 -49.57
C ALA G 184 10.24 -16.10 -49.18
N HIS G 185 10.31 -15.74 -47.90
CA HIS G 185 11.26 -14.73 -47.43
C HIS G 185 12.36 -15.30 -46.56
N THR G 186 12.09 -16.36 -45.79
CA THR G 186 13.07 -16.88 -44.85
C THR G 186 12.72 -18.31 -44.50
N LYS G 187 13.68 -18.99 -43.86
CA LYS G 187 13.47 -20.31 -43.28
C LYS G 187 13.17 -20.16 -41.79
N PHE G 188 12.17 -20.89 -41.31
CA PHE G 188 11.69 -20.69 -39.95
C PHE G 188 11.08 -21.97 -39.41
N GLU G 189 10.91 -22.00 -38.08
CA GLU G 189 10.18 -23.04 -37.38
C GLU G 189 8.92 -22.43 -36.77
N VAL G 190 7.86 -23.23 -36.67
CA VAL G 190 6.57 -22.74 -36.21
C VAL G 190 5.86 -23.82 -35.40
N ALA G 191 5.10 -23.37 -34.39
CA ALA G 191 4.18 -24.22 -33.65
C ALA G 191 2.89 -23.42 -33.43
N ILE G 192 1.75 -24.07 -33.66
CA ILE G 192 0.45 -23.43 -33.63
C ILE G 192 -0.40 -24.07 -32.55
N GLY G 193 -0.90 -23.25 -31.63
CA GLY G 193 -1.78 -23.70 -30.55
C GLY G 193 -3.18 -23.16 -30.75
N LEU G 194 -4.17 -24.01 -30.50
CA LEU G 194 -5.57 -23.62 -30.66
C LEU G 194 -6.08 -22.76 -29.52
N ASN G 195 -5.29 -22.56 -28.46
CA ASN G 195 -5.65 -21.63 -27.41
C ASN G 195 -5.31 -20.19 -27.74
N GLY G 196 -4.75 -19.92 -28.92
CA GLY G 196 -4.50 -18.57 -29.37
C GLY G 196 -3.05 -18.15 -29.31
N LYS G 197 -2.14 -19.09 -29.53
CA LYS G 197 -0.70 -18.85 -29.41
C LYS G 197 0.00 -19.31 -30.68
N ILE G 198 0.99 -18.54 -31.13
CA ILE G 198 1.86 -18.92 -32.23
C ILE G 198 3.31 -18.71 -31.80
N TRP G 199 4.15 -19.71 -32.03
CA TRP G 199 5.57 -19.66 -31.72
C TRP G 199 6.37 -19.75 -33.01
N VAL G 200 7.33 -18.85 -33.18
CA VAL G 200 8.18 -18.82 -34.36
C VAL G 200 9.63 -18.69 -33.93
N LYS G 201 10.54 -19.09 -34.82
CA LYS G 201 11.96 -18.93 -34.58
C LYS G 201 12.71 -18.99 -35.90
N CYS G 202 13.64 -18.07 -36.09
CA CYS G 202 14.55 -18.04 -37.24
C CYS G 202 15.99 -18.06 -36.74
N GLU G 203 16.93 -18.09 -37.69
CA GLU G 203 18.34 -18.11 -37.33
C GLU G 203 18.84 -16.74 -36.89
N GLU G 204 18.31 -15.67 -37.45
CA GLU G 204 18.66 -14.30 -37.09
C GLU G 204 17.48 -13.63 -36.41
N LEU G 205 17.80 -12.72 -35.47
CA LEU G 205 16.75 -12.05 -34.71
C LEU G 205 15.92 -11.12 -35.58
N SER G 206 16.52 -10.50 -36.59
CA SER G 206 15.78 -9.58 -37.45
C SER G 206 14.69 -10.31 -38.23
N ASN G 207 14.99 -11.53 -38.69
CA ASN G 207 13.98 -12.32 -39.40
C ASN G 207 12.83 -12.70 -38.49
N THR G 208 13.13 -13.09 -37.25
CA THR G 208 12.08 -13.40 -36.29
C THR G 208 11.22 -12.17 -36.00
N LEU G 209 11.84 -11.01 -35.86
CA LEU G 209 11.11 -9.78 -35.63
C LEU G 209 10.19 -9.45 -36.81
N ALA G 210 10.69 -9.62 -38.04
CA ALA G 210 9.86 -9.37 -39.21
C ALA G 210 8.68 -10.33 -39.28
N CYS G 211 8.91 -11.60 -38.93
CA CYS G 211 7.81 -12.56 -38.89
C CYS G 211 6.77 -12.16 -37.85
N TYR G 212 7.22 -11.73 -36.68
CA TYR G 212 6.30 -11.30 -35.62
C TYR G 212 5.45 -10.13 -36.09
N ARG G 213 6.08 -9.12 -36.68
CA ARG G 213 5.33 -7.95 -37.15
C ARG G 213 4.35 -8.32 -38.25
N THR G 214 4.77 -9.17 -39.19
CA THR G 214 3.89 -9.59 -40.27
C THR G 214 2.67 -10.33 -39.73
N ILE G 215 2.88 -11.25 -38.79
CA ILE G 215 1.77 -12.02 -38.26
C ILE G 215 0.80 -11.12 -37.50
N MET G 216 1.32 -10.20 -36.68
CA MET G 216 0.44 -9.29 -35.95
C MET G 216 -0.41 -8.45 -36.92
N GLU G 217 0.24 -7.88 -37.94
CA GLU G 217 -0.51 -7.04 -38.88
C GLU G 217 -1.53 -7.84 -39.68
N CYS G 218 -1.17 -9.06 -40.10
CA CYS G 218 -2.11 -9.88 -40.85
C CYS G 218 -3.30 -10.28 -40.00
N CYS G 219 -3.08 -10.55 -38.71
CA CYS G 219 -4.20 -10.86 -37.83
C CYS G 219 -5.10 -9.64 -37.59
N GLN G 220 -4.51 -8.44 -37.56
CA GLN G 220 -5.34 -7.24 -37.40
C GLN G 220 -6.31 -7.06 -38.56
N LYS G 221 -5.99 -7.60 -39.74
CA LYS G 221 -6.82 -7.44 -40.92
C LYS G 221 -7.69 -8.67 -41.13
N ASN G 222 -8.62 -8.57 -42.08
CA ASN G 222 -9.50 -9.66 -42.43
C ASN G 222 -9.36 -10.16 -43.86
N ASP G 223 -8.57 -9.48 -44.69
CA ASP G 223 -8.45 -9.82 -46.10
C ASP G 223 -7.18 -10.63 -46.31
N THR G 224 -7.34 -11.87 -46.78
CA THR G 224 -6.21 -12.76 -47.00
C THR G 224 -5.47 -12.47 -48.30
N ALA G 225 -5.99 -11.57 -49.14
CA ALA G 225 -5.33 -11.22 -50.38
C ALA G 225 -4.26 -10.15 -50.21
N ALA G 226 -4.19 -9.50 -49.05
CA ALA G 226 -3.21 -8.46 -48.79
C ALA G 226 -2.02 -8.96 -47.98
N PHE G 227 -1.93 -10.27 -47.74
CA PHE G 227 -0.84 -10.80 -46.93
C PHE G 227 0.52 -10.61 -47.59
N LYS G 228 0.60 -10.82 -48.91
CA LYS G 228 1.88 -10.74 -49.60
C LYS G 228 2.47 -9.33 -49.55
N ASP G 229 1.64 -8.31 -49.78
CA ASP G 229 2.13 -6.94 -49.71
C ASP G 229 2.60 -6.59 -48.30
N ILE G 230 1.86 -7.02 -47.29
CA ILE G 230 2.24 -6.76 -45.91
C ILE G 230 3.60 -7.40 -45.61
N ALA G 231 3.78 -8.65 -46.03
CA ALA G 231 5.03 -9.34 -45.79
C ALA G 231 6.19 -8.65 -46.51
N LYS G 232 5.99 -8.25 -47.76
CA LYS G 232 7.05 -7.58 -48.50
C LYS G 232 7.44 -6.25 -47.83
N ARG G 233 6.44 -5.47 -47.43
CA ARG G 233 6.72 -4.19 -46.78
C ARG G 233 7.45 -4.38 -45.46
N GLN G 234 7.01 -5.35 -44.65
CA GLN G 234 7.64 -5.57 -43.35
C GLN G 234 9.07 -6.08 -43.50
N PHE G 235 9.32 -6.97 -44.46
CA PHE G 235 10.67 -7.47 -44.66
C PHE G 235 11.59 -6.47 -45.33
N LYS G 236 11.02 -5.48 -46.05
CA LYS G 236 11.83 -4.37 -46.52
C LYS G 236 12.13 -3.38 -45.41
N GLU G 237 11.24 -3.27 -44.41
CA GLU G 237 11.45 -2.30 -43.33
C GLU G 237 12.71 -2.60 -42.53
N ILE G 238 12.98 -3.88 -42.25
CA ILE G 238 14.11 -4.26 -41.40
C ILE G 238 15.43 -4.14 -42.16
N LEU G 239 15.35 -3.76 -43.44
CA LEU G 239 16.53 -3.67 -44.31
C LEU G 239 17.27 -5.00 -44.39
N SER H 57 41.11 -10.73 13.57
CA SER H 57 41.64 -10.64 12.21
C SER H 57 41.49 -9.23 11.65
N GLN H 58 41.00 -9.13 10.42
CA GLN H 58 40.80 -7.86 9.74
C GLN H 58 39.32 -7.57 9.63
N ILE H 59 38.92 -6.36 10.02
CA ILE H 59 37.52 -5.95 9.99
C ILE H 59 37.23 -5.28 8.65
N VAL H 60 36.16 -5.72 7.99
CA VAL H 60 35.74 -5.18 6.71
C VAL H 60 34.28 -4.77 6.80
N THR H 61 33.87 -3.92 5.87
CA THR H 61 32.52 -3.37 5.79
C THR H 61 31.96 -3.63 4.41
N PRO H 62 30.63 -3.60 4.25
CA PRO H 62 30.05 -3.88 2.93
C PRO H 62 30.57 -2.94 1.85
N GLY H 63 30.84 -3.51 0.69
CA GLY H 63 31.38 -2.76 -0.43
C GLY H 63 32.87 -2.54 -0.43
N GLU H 64 33.60 -3.16 0.50
CA GLU H 64 35.03 -2.95 0.61
C GLU H 64 35.79 -4.01 -0.18
N LEU H 65 36.85 -3.58 -0.85
CA LEU H 65 37.67 -4.50 -1.62
C LEU H 65 38.54 -5.34 -0.69
N VAL H 66 38.45 -6.66 -0.83
CA VAL H 66 39.22 -7.57 0.00
C VAL H 66 40.54 -7.95 -0.66
N THR H 67 40.48 -8.40 -1.91
CA THR H 67 41.69 -8.77 -2.64
C THR H 67 41.42 -8.64 -4.13
N ASP H 68 42.51 -8.51 -4.90
CA ASP H 68 42.44 -8.51 -6.36
C ASP H 68 43.28 -9.63 -6.97
N ASP H 69 43.65 -10.63 -6.17
CA ASP H 69 44.46 -11.74 -6.65
C ASP H 69 43.55 -12.80 -7.26
N PRO H 70 43.73 -13.15 -8.54
CA PRO H 70 42.86 -14.16 -9.15
C PRO H 70 43.27 -15.58 -8.80
N ILE H 71 43.55 -15.82 -7.53
CA ILE H 71 43.97 -17.15 -7.06
C ILE H 71 43.04 -17.70 -5.99
N TRP H 72 42.16 -16.89 -5.41
CA TRP H 72 41.30 -17.32 -4.33
C TRP H 72 39.95 -17.80 -4.87
N MET H 73 39.37 -18.75 -4.16
CA MET H 73 38.01 -19.22 -4.42
C MET H 73 37.07 -18.57 -3.41
N ARG H 74 35.96 -18.04 -3.89
CA ARG H 74 35.07 -17.22 -3.06
C ARG H 74 34.04 -18.07 -2.34
N GLY H 75 33.77 -17.70 -1.08
CA GLY H 75 32.78 -18.39 -0.27
C GLY H 75 31.64 -17.50 0.18
N HIS H 76 31.13 -17.76 1.39
CA HIS H 76 30.02 -16.99 1.91
C HIS H 76 30.46 -15.58 2.31
N GLY H 77 29.53 -14.63 2.18
CA GLY H 77 29.75 -13.27 2.60
C GLY H 77 30.50 -12.39 1.62
N THR H 78 30.65 -12.82 0.37
CA THR H 78 31.43 -12.08 -0.62
C THR H 78 30.70 -12.06 -1.95
N TYR H 79 31.06 -11.09 -2.78
CA TYR H 79 30.69 -11.08 -4.19
C TYR H 79 31.89 -10.55 -4.98
N PHE H 80 31.90 -10.84 -6.27
CA PHE H 80 33.08 -10.57 -7.08
C PHE H 80 32.70 -10.05 -8.45
N LEU H 81 33.66 -9.38 -9.09
CA LEU H 81 33.53 -8.91 -10.47
C LEU H 81 34.89 -9.10 -11.12
N ASP H 82 34.99 -10.07 -12.03
CA ASP H 82 36.26 -10.48 -12.64
C ASP H 82 37.22 -11.00 -11.58
N ASN H 83 38.29 -10.26 -11.31
CA ASN H 83 39.30 -10.67 -10.35
C ASN H 83 39.22 -9.90 -9.04
N MET H 84 38.20 -9.07 -8.85
CA MET H 84 38.05 -8.26 -7.65
C MET H 84 37.02 -8.89 -6.73
N THR H 85 37.38 -9.06 -5.46
CA THR H 85 36.51 -9.65 -4.45
C THR H 85 36.10 -8.58 -3.45
N TYR H 86 34.82 -8.57 -3.11
CA TYR H 86 34.23 -7.57 -2.23
C TYR H 86 33.54 -8.22 -1.04
N SER H 87 33.24 -7.41 -0.03
CA SER H 87 32.56 -7.85 1.17
C SER H 87 31.11 -7.39 1.13
N SER H 88 30.20 -8.29 1.51
CA SER H 88 28.77 -7.97 1.58
C SER H 88 28.27 -7.77 3.01
N VAL H 89 29.10 -8.00 4.01
CA VAL H 89 28.71 -7.85 5.41
C VAL H 89 29.84 -7.15 6.16
N ALA H 90 29.57 -6.82 7.42
CA ALA H 90 30.60 -6.36 8.35
C ALA H 90 31.07 -7.54 9.18
N GLY H 91 32.37 -7.85 9.10
CA GLY H 91 32.89 -9.01 9.77
C GLY H 91 34.38 -9.17 9.60
N THR H 92 34.84 -10.41 9.72
CA THR H 92 36.26 -10.73 9.66
C THR H 92 36.55 -11.65 8.49
N VAL H 93 37.75 -11.52 7.93
CA VAL H 93 38.17 -12.31 6.78
C VAL H 93 38.70 -13.66 7.26
N SER H 94 38.29 -14.73 6.58
CA SER H 94 38.70 -16.09 6.92
C SER H 94 39.28 -16.77 5.70
N ARG H 95 40.37 -17.52 5.90
CA ARG H 95 41.05 -18.22 4.82
C ARG H 95 41.19 -19.69 5.18
N VAL H 96 40.78 -20.57 4.26
CA VAL H 96 40.94 -22.01 4.40
C VAL H 96 41.46 -22.53 3.06
N ASN H 97 42.74 -22.89 3.02
CA ASN H 97 43.41 -23.26 1.77
C ASN H 97 43.26 -22.15 0.74
N ARG H 98 42.49 -22.39 -0.31
CA ARG H 98 42.24 -21.41 -1.35
C ARG H 98 40.85 -20.80 -1.27
N LEU H 99 40.12 -21.03 -0.19
CA LEU H 99 38.77 -20.50 -0.02
C LEU H 99 38.83 -19.22 0.81
N LEU H 100 38.14 -18.19 0.35
CA LEU H 100 38.10 -16.88 1.00
C LEU H 100 36.66 -16.51 1.30
N SER H 101 36.40 -16.09 2.55
CA SER H 101 35.04 -15.76 2.98
C SER H 101 35.09 -14.76 4.12
N VAL H 102 33.93 -14.19 4.42
CA VAL H 102 33.78 -13.20 5.49
C VAL H 102 32.74 -13.71 6.48
N ILE H 103 33.08 -13.69 7.76
CA ILE H 103 32.22 -14.18 8.83
C ILE H 103 31.52 -12.99 9.47
N PRO H 104 30.19 -12.93 9.46
CA PRO H 104 29.49 -11.78 10.03
C PRO H 104 29.67 -11.67 11.54
N LEU H 105 29.63 -10.43 12.03
CA LEU H 105 29.74 -10.19 13.47
C LEU H 105 28.45 -10.54 14.20
N LYS H 106 27.30 -10.37 13.56
CA LYS H 106 26.01 -10.62 14.18
C LYS H 106 25.14 -11.45 13.25
N GLY H 107 24.22 -12.22 13.85
CA GLY H 107 23.31 -13.02 13.07
C GLY H 107 22.52 -13.96 13.95
N ARG H 108 21.50 -14.56 13.35
CA ARG H 108 20.66 -15.52 14.05
C ARG H 108 21.33 -16.89 14.09
N TYR H 109 20.77 -17.78 14.90
CA TYR H 109 21.27 -19.14 15.00
C TYR H 109 21.07 -19.89 13.69
N ALA H 110 22.11 -20.60 13.27
CA ALA H 110 22.05 -21.40 12.04
C ALA H 110 22.19 -22.88 12.39
N PRO H 111 21.15 -23.69 12.16
CA PRO H 111 21.21 -25.09 12.59
C PRO H 111 22.23 -25.91 11.80
N GLU H 112 22.76 -26.92 12.47
CA GLU H 112 23.73 -27.86 11.89
C GLU H 112 23.33 -29.27 12.26
N THR H 113 23.67 -30.22 11.39
CA THR H 113 23.37 -31.63 11.64
C THR H 113 24.02 -32.09 12.93
N GLY H 114 23.24 -32.77 13.76
CA GLY H 114 23.71 -33.25 15.05
C GLY H 114 23.50 -32.32 16.22
N ASP H 115 22.94 -31.13 15.99
CA ASP H 115 22.74 -30.18 17.07
C ASP H 115 21.68 -30.65 18.05
N HIS H 116 21.82 -30.24 19.30
CA HIS H 116 20.87 -30.52 20.37
C HIS H 116 20.14 -29.21 20.69
N VAL H 117 18.84 -29.18 20.41
CA VAL H 117 18.08 -27.93 20.46
C VAL H 117 16.83 -28.11 21.33
N VAL H 118 16.31 -26.97 21.78
CA VAL H 118 15.06 -26.90 22.53
C VAL H 118 14.11 -26.01 21.74
N GLY H 119 12.87 -26.46 21.55
CA GLY H 119 11.92 -25.72 20.75
C GLY H 119 10.51 -25.83 21.26
N ARG H 120 9.64 -25.02 20.68
CA ARG H 120 8.23 -24.96 21.03
C ARG H 120 7.37 -25.27 19.82
N ILE H 121 6.32 -26.06 20.03
CA ILE H 121 5.44 -26.44 18.93
C ILE H 121 4.64 -25.23 18.48
N ALA H 122 4.70 -24.93 17.18
CA ALA H 122 4.05 -23.76 16.61
C ALA H 122 2.79 -24.10 15.83
N GLU H 123 2.85 -25.11 14.97
CA GLU H 123 1.72 -25.47 14.12
C GLU H 123 1.55 -26.98 14.09
N VAL H 124 0.29 -27.42 14.02
CA VAL H 124 -0.06 -28.82 13.85
C VAL H 124 -0.55 -28.98 12.42
N GLY H 125 0.18 -29.77 11.63
CA GLY H 125 -0.10 -29.85 10.21
C GLY H 125 -0.54 -31.21 9.70
N ASN H 126 -0.25 -31.48 8.43
CA ASN H 126 -0.63 -32.73 7.78
C ASN H 126 0.53 -33.71 7.93
N LYS H 127 0.41 -34.60 8.92
CA LYS H 127 1.45 -35.60 9.22
C LYS H 127 2.79 -34.95 9.56
N ARG H 128 2.76 -33.77 10.15
CA ARG H 128 3.99 -33.07 10.51
C ARG H 128 3.69 -32.01 11.55
N TRP H 129 4.74 -31.52 12.18
CA TRP H 129 4.66 -30.42 13.13
C TRP H 129 5.62 -29.31 12.70
N LYS H 130 5.32 -28.09 13.12
CA LYS H 130 6.21 -26.95 12.94
C LYS H 130 6.73 -26.53 14.30
N VAL H 131 8.06 -26.41 14.41
CA VAL H 131 8.73 -26.16 15.68
C VAL H 131 9.53 -24.87 15.56
N ASP H 132 9.38 -23.99 16.55
CA ASP H 132 10.13 -22.75 16.61
C ASP H 132 11.38 -22.94 17.45
N ILE H 133 12.55 -22.74 16.84
CA ILE H 133 13.82 -22.91 17.52
C ILE H 133 14.66 -21.63 17.50
N GLY H 134 14.07 -20.52 17.09
CA GLY H 134 14.78 -19.25 17.10
C GLY H 134 15.59 -18.93 15.87
N GLY H 135 15.45 -19.71 14.79
CA GLY H 135 16.17 -19.44 13.57
C GLY H 135 15.39 -18.54 12.63
N LYS H 136 15.87 -18.47 11.39
CA LYS H 136 15.20 -17.67 10.37
C LYS H 136 13.92 -18.35 9.87
N GLN H 137 13.84 -19.67 9.97
CA GLN H 137 12.68 -20.43 9.55
C GLN H 137 12.31 -21.45 10.62
N HIS H 138 11.05 -21.89 10.57
CA HIS H 138 10.60 -22.96 11.44
C HIS H 138 11.21 -24.29 11.01
N ALA H 139 11.43 -25.17 11.99
CA ALA H 139 11.89 -26.52 11.73
C ALA H 139 10.71 -27.44 11.47
N VAL H 140 11.00 -28.62 10.93
CA VAL H 140 10.00 -29.60 10.54
C VAL H 140 10.21 -30.87 11.35
N LEU H 141 9.14 -31.40 11.92
CA LEU H 141 9.16 -32.66 12.66
C LEU H 141 8.11 -33.58 12.03
N MET H 142 8.56 -34.55 11.23
CA MET H 142 7.63 -35.46 10.59
C MET H 142 7.04 -36.44 11.60
N LEU H 143 5.84 -36.93 11.28
CA LEU H 143 5.18 -37.91 12.15
C LEU H 143 5.96 -39.20 12.24
N GLY H 144 6.72 -39.54 11.20
CA GLY H 144 7.55 -40.73 11.23
C GLY H 144 8.86 -40.59 11.98
N SER H 145 9.18 -39.39 12.46
CA SER H 145 10.41 -39.14 13.19
C SER H 145 10.23 -39.21 14.69
N VAL H 146 9.04 -39.53 15.19
CA VAL H 146 8.77 -39.62 16.61
C VAL H 146 8.38 -41.06 16.95
N ASN H 147 8.37 -41.36 18.24
CA ASN H 147 8.01 -42.68 18.76
C ASN H 147 6.58 -42.65 19.27
N LEU H 148 5.75 -43.55 18.76
CA LEU H 148 4.36 -43.60 19.19
C LEU H 148 4.13 -44.72 20.20
N PRO H 149 3.39 -44.42 21.27
CA PRO H 149 3.25 -45.42 22.35
C PRO H 149 2.63 -46.73 21.91
N GLY H 150 1.66 -46.70 21.01
CA GLY H 150 0.97 -47.91 20.61
C GLY H 150 1.49 -48.55 19.33
N GLY H 151 1.62 -47.74 18.29
CA GLY H 151 2.05 -48.23 16.99
C GLY H 151 1.74 -47.22 15.93
N ILE H 152 2.17 -47.54 14.72
CA ILE H 152 2.04 -46.65 13.57
C ILE H 152 0.90 -47.06 12.65
N LEU H 153 0.71 -48.36 12.45
CA LEU H 153 -0.32 -48.87 11.53
C LEU H 153 -1.12 -49.96 12.25
N ARG H 154 -2.17 -49.54 12.94
CA ARG H 154 -3.04 -50.45 13.67
C ARG H 154 -4.39 -50.54 12.97
N ARG H 155 -4.88 -51.76 12.80
CA ARG H 155 -6.13 -52.00 12.10
C ARG H 155 -7.29 -52.11 13.10
N SER H 159 -6.26 -44.04 12.34
CA SER H 159 -6.08 -42.92 13.25
C SER H 159 -4.61 -42.60 13.46
N ASP H 160 -4.33 -41.82 14.51
CA ASP H 160 -2.99 -41.37 14.86
C ASP H 160 -2.41 -40.42 13.82
N GLU H 161 -3.12 -40.23 12.72
CA GLU H 161 -2.84 -39.18 11.76
C GLU H 161 -3.79 -38.00 11.91
N LEU H 162 -5.04 -38.26 12.29
CA LEU H 162 -6.01 -37.24 12.63
C LEU H 162 -6.04 -36.91 14.11
N GLN H 163 -5.29 -37.65 14.93
CA GLN H 163 -5.27 -37.46 16.38
C GLN H 163 -3.87 -37.10 16.86
N MET H 164 -3.18 -36.24 16.10
CA MET H 164 -1.82 -35.86 16.46
C MET H 164 -1.78 -34.92 17.65
N ARG H 165 -2.88 -34.23 17.96
CA ARG H 165 -2.91 -33.32 19.10
C ARG H 165 -3.00 -34.04 20.44
N SER H 166 -3.26 -35.35 20.44
CA SER H 166 -3.21 -36.12 21.67
C SER H 166 -1.79 -36.39 22.13
N PHE H 167 -0.79 -36.11 21.30
CA PHE H 167 0.62 -36.26 21.66
C PHE H 167 1.33 -34.93 21.81
N LEU H 168 1.28 -34.08 20.79
CA LEU H 168 1.88 -32.75 20.84
C LEU H 168 0.90 -31.74 20.27
N LYS H 169 0.78 -30.60 20.94
CA LYS H 169 -0.12 -29.54 20.51
C LYS H 169 0.58 -28.20 20.65
N GLU H 170 -0.10 -27.15 20.21
CA GLU H 170 0.51 -25.83 20.15
C GLU H 170 0.90 -25.34 21.53
N GLY H 171 2.14 -24.88 21.66
CA GLY H 171 2.66 -24.36 22.91
C GLY H 171 3.57 -25.29 23.68
N ASP H 172 3.63 -26.58 23.32
CA ASP H 172 4.43 -27.52 24.06
C ASP H 172 5.92 -27.30 23.80
N LEU H 173 6.73 -27.56 24.82
CA LEU H 173 8.18 -27.55 24.71
C LEU H 173 8.70 -28.98 24.60
N LEU H 174 9.76 -29.16 23.82
CA LEU H 174 10.29 -30.50 23.58
C LEU H 174 11.80 -30.43 23.37
N ASN H 175 12.42 -31.59 23.46
CA ASN H 175 13.85 -31.77 23.28
C ASN H 175 14.07 -32.60 22.01
N ALA H 176 14.95 -32.13 21.13
CA ALA H 176 15.11 -32.77 19.82
C ALA H 176 16.56 -32.65 19.35
N GLU H 177 16.84 -33.37 18.27
CA GLU H 177 18.13 -33.36 17.60
C GLU H 177 17.95 -33.07 16.12
N VAL H 178 18.87 -32.32 15.53
CA VAL H 178 18.80 -32.00 14.11
C VAL H 178 19.26 -33.21 13.31
N GLN H 179 18.43 -33.65 12.38
CA GLN H 179 18.69 -34.84 11.57
C GLN H 179 19.37 -34.49 10.25
N SER H 180 18.83 -33.51 9.52
CA SER H 180 19.40 -33.07 8.26
C SER H 180 18.92 -31.65 7.98
N LEU H 181 19.56 -31.02 7.01
CA LEU H 181 19.21 -29.68 6.58
C LEU H 181 18.61 -29.73 5.19
N PHE H 182 17.62 -28.87 4.95
CA PHE H 182 16.99 -28.79 3.63
C PHE H 182 17.87 -27.95 2.71
N GLN H 183 17.34 -27.60 1.53
CA GLN H 183 18.13 -26.88 0.55
C GLN H 183 18.43 -25.45 0.98
N ASP H 184 17.50 -24.80 1.69
CA ASP H 184 17.65 -23.41 2.07
C ASP H 184 18.19 -23.22 3.48
N GLY H 185 18.55 -24.31 4.17
CA GLY H 185 19.10 -24.22 5.51
C GLY H 185 18.13 -24.58 6.62
N SER H 186 16.85 -24.75 6.32
CA SER H 186 15.89 -25.14 7.35
C SER H 186 16.19 -26.55 7.84
N ALA H 187 15.85 -26.81 9.10
CA ALA H 187 16.23 -28.02 9.79
C ALA H 187 15.12 -29.07 9.78
N SER H 188 15.53 -30.33 9.89
CA SER H 188 14.64 -31.46 10.05
C SER H 188 14.99 -32.14 11.38
N LEU H 189 13.98 -32.37 12.21
CA LEU H 189 14.19 -32.85 13.57
C LEU H 189 13.69 -34.28 13.72
N HIS H 190 14.25 -34.97 14.72
CA HIS H 190 13.80 -36.30 15.08
C HIS H 190 13.89 -36.47 16.59
N THR H 191 13.05 -37.36 17.12
CA THR H 191 12.92 -37.62 18.55
C THR H 191 12.92 -39.13 18.81
N ARG H 192 13.87 -39.83 18.18
CA ARG H 192 13.90 -41.29 18.18
C ARG H 192 14.83 -41.86 19.24
N SER H 193 14.88 -41.25 20.42
CA SER H 193 15.68 -41.78 21.52
C SER H 193 14.97 -41.46 22.83
N LEU H 194 15.29 -42.25 23.86
CA LEU H 194 14.66 -42.05 25.16
C LEU H 194 15.11 -40.77 25.86
N LYS H 195 16.19 -40.15 25.40
CA LYS H 195 16.69 -38.90 25.98
C LYS H 195 16.00 -37.67 25.43
N TYR H 196 15.07 -37.82 24.49
CA TYR H 196 14.38 -36.71 23.85
C TYR H 196 12.88 -36.85 24.08
N GLY H 197 12.19 -35.73 24.07
CA GLY H 197 10.75 -35.76 24.19
C GLY H 197 10.22 -34.52 24.89
N LYS H 198 9.07 -34.70 25.53
CA LYS H 198 8.38 -33.59 26.19
C LYS H 198 9.09 -33.18 27.47
N LEU H 199 9.06 -31.88 27.76
CA LEU H 199 9.74 -31.31 28.91
C LEU H 199 8.75 -30.95 30.00
N ARG H 200 9.09 -31.28 31.25
CA ARG H 200 8.20 -31.03 32.38
C ARG H 200 9.03 -30.85 33.63
N ASN H 201 8.34 -30.48 34.72
CA ASN H 201 8.90 -30.41 36.07
C ASN H 201 9.95 -29.30 36.22
N GLY H 202 9.71 -28.14 35.62
CA GLY H 202 10.68 -27.07 35.75
C GLY H 202 10.27 -25.79 35.07
N MET H 203 11.28 -24.99 34.73
CA MET H 203 11.11 -23.62 34.28
C MET H 203 11.98 -23.37 33.04
N PHE H 204 11.60 -22.36 32.26
CA PHE H 204 12.24 -22.04 30.99
C PHE H 204 12.93 -20.68 31.08
N CYS H 205 14.10 -20.57 30.45
CA CYS H 205 14.82 -19.31 30.35
C CYS H 205 15.58 -19.26 29.03
N GLN H 206 15.98 -18.05 28.64
CA GLN H 206 16.53 -17.81 27.31
C GLN H 206 17.76 -16.91 27.38
N VAL H 207 18.80 -17.28 26.64
CA VAL H 207 19.99 -16.45 26.46
C VAL H 207 20.38 -16.47 24.98
N PRO H 208 21.16 -15.48 24.54
CA PRO H 208 21.63 -15.50 23.15
C PRO H 208 22.47 -16.73 22.84
N SER H 209 22.32 -17.24 21.62
CA SER H 209 22.98 -18.49 21.25
C SER H 209 24.49 -18.35 21.13
N SER H 210 25.00 -17.15 20.88
CA SER H 210 26.44 -16.95 20.78
C SER H 210 27.16 -17.10 22.11
N LEU H 211 26.43 -17.12 23.23
CA LEU H 211 27.04 -17.28 24.55
C LEU H 211 27.08 -18.73 25.01
N ILE H 212 26.60 -19.67 24.21
CA ILE H 212 26.62 -21.09 24.55
C ILE H 212 27.92 -21.67 24.01
N VAL H 213 28.83 -22.04 24.91
CA VAL H 213 30.12 -22.59 24.51
C VAL H 213 29.92 -23.99 23.95
N ARG H 214 30.53 -24.27 22.80
CA ARG H 214 30.40 -25.58 22.17
C ARG H 214 31.09 -26.64 23.03
N ALA H 215 30.40 -27.77 23.22
CA ALA H 215 30.92 -28.84 24.06
C ALA H 215 30.41 -30.16 23.53
N LYS H 216 30.84 -31.26 24.16
CA LYS H 216 30.44 -32.59 23.74
C LYS H 216 29.16 -33.07 24.41
N ASN H 217 28.86 -32.57 25.61
CA ASN H 217 27.64 -32.91 26.33
C ASN H 217 26.90 -31.62 26.68
N HIS H 218 25.57 -31.71 26.72
CA HIS H 218 24.73 -30.53 26.94
C HIS H 218 23.71 -30.74 28.05
N THR H 219 23.79 -31.81 28.83
CA THR H 219 22.92 -32.05 29.97
C THR H 219 23.78 -32.34 31.18
N HIS H 220 23.58 -31.57 32.26
CA HIS H 220 24.45 -31.63 33.42
C HIS H 220 23.62 -31.72 34.70
N ASN H 221 24.16 -32.42 35.69
CA ASN H 221 23.56 -32.53 37.00
C ASN H 221 24.27 -31.56 37.95
N LEU H 222 23.48 -30.72 38.62
CA LEU H 222 23.98 -29.66 39.47
C LEU H 222 23.71 -29.96 40.94
N PRO H 223 24.51 -29.41 41.86
CA PRO H 223 24.22 -29.59 43.29
C PRO H 223 22.87 -29.01 43.65
N GLY H 224 22.18 -29.68 44.57
CA GLY H 224 20.83 -29.29 44.93
C GLY H 224 19.73 -30.02 44.20
N ASN H 225 20.06 -31.14 43.54
CA ASN H 225 19.08 -31.98 42.85
C ASN H 225 18.43 -31.25 41.66
N ILE H 226 19.25 -30.53 40.90
CA ILE H 226 18.77 -29.75 39.75
C ILE H 226 19.52 -30.20 38.50
N THR H 227 18.80 -30.26 37.38
CA THR H 227 19.37 -30.62 36.08
C THR H 227 19.10 -29.50 35.09
N VAL H 228 20.09 -29.23 34.24
CA VAL H 228 19.99 -28.15 33.25
C VAL H 228 20.21 -28.74 31.86
N VAL H 229 19.38 -28.31 30.91
CA VAL H 229 19.50 -28.69 29.51
C VAL H 229 19.87 -27.43 28.74
N LEU H 230 21.10 -27.40 28.21
CA LEU H 230 21.63 -26.23 27.53
C LEU H 230 21.46 -26.42 26.03
N GLY H 231 20.49 -25.71 25.45
CA GLY H 231 20.27 -25.80 24.02
C GLY H 231 21.30 -25.02 23.23
N VAL H 232 21.70 -25.58 22.08
CA VAL H 232 22.67 -24.92 21.21
C VAL H 232 22.09 -23.62 20.66
N ASN H 233 20.78 -23.58 20.41
CA ASN H 233 20.13 -22.37 19.94
C ASN H 233 19.93 -21.32 21.02
N GLY H 234 20.27 -21.63 22.27
CA GLY H 234 20.16 -20.68 23.36
C GLY H 234 18.95 -20.84 24.25
N TYR H 235 18.16 -21.90 24.08
CA TYR H 235 16.98 -22.16 24.90
C TYR H 235 17.38 -23.11 26.03
N ILE H 236 17.03 -22.74 27.27
CA ILE H 236 17.51 -23.45 28.45
C ILE H 236 16.32 -23.96 29.25
N TRP H 237 16.46 -25.17 29.81
CA TRP H 237 15.44 -25.78 30.65
C TRP H 237 16.07 -26.20 31.96
N LEU H 238 15.47 -25.77 33.07
CA LEU H 238 15.87 -26.17 34.42
C LEU H 238 14.75 -27.01 35.03
N ARG H 239 15.12 -28.13 35.64
CA ARG H 239 14.12 -29.06 36.13
C ARG H 239 14.69 -29.83 37.32
N LYS H 240 13.82 -30.60 37.96
CA LYS H 240 14.22 -31.50 39.03
C LYS H 240 14.85 -32.77 38.45
N THR H 241 15.95 -33.20 39.06
CA THR H 241 16.65 -34.39 38.59
C THR H 241 15.79 -35.62 38.75
N SER H 242 15.77 -36.46 37.72
CA SER H 242 14.97 -37.68 37.69
C SER H 242 15.86 -38.91 37.71
N GLN H 243 15.22 -40.09 37.61
CA GLN H 243 15.97 -41.34 37.61
C GLN H 243 16.84 -41.49 36.37
N MET H 244 16.34 -41.06 35.22
CA MET H 244 17.11 -41.16 33.99
C MET H 244 18.38 -40.32 34.07
N ASP H 245 18.28 -39.11 34.63
CA ASP H 245 19.45 -38.26 34.79
C ASP H 245 20.48 -38.89 35.71
N LEU H 246 20.03 -39.51 36.80
CA LEU H 246 20.96 -40.20 37.69
C LEU H 246 21.61 -41.38 37.00
N ALA H 247 20.86 -42.12 36.19
CA ALA H 247 21.42 -43.26 35.47
C ALA H 247 22.35 -42.84 34.35
N ARG H 248 22.25 -41.59 33.87
CA ARG H 248 23.18 -41.12 32.85
C ARG H 248 24.60 -41.10 33.37
N ASP H 249 24.81 -40.61 34.59
CA ASP H 249 26.15 -40.45 35.13
C ASP H 249 26.42 -41.48 36.23
N SER H 282 5.57 -45.85 29.17
CA SER H 282 5.35 -45.98 27.74
C SER H 282 4.38 -44.93 27.23
N TRP H 283 3.17 -44.94 27.79
CA TRP H 283 2.12 -44.01 27.38
C TRP H 283 2.24 -42.66 28.08
N GLN H 284 3.08 -42.54 29.10
CA GLN H 284 3.17 -41.33 29.91
C GLN H 284 4.23 -40.36 29.42
N ILE H 285 4.92 -40.64 28.32
CA ILE H 285 5.94 -39.73 27.82
C ILE H 285 5.36 -38.51 27.14
N TYR H 286 4.05 -38.45 26.95
CA TYR H 286 3.37 -37.28 26.40
C TYR H 286 2.39 -36.68 27.41
N SER H 287 2.65 -36.89 28.70
CA SER H 287 1.75 -36.43 29.75
C SER H 287 2.06 -34.98 30.11
N ASP H 288 1.01 -34.23 30.44
CA ASP H 288 1.14 -32.83 30.85
C ASP H 288 1.20 -32.66 32.36
N GLU H 289 1.22 -33.74 33.12
CA GLU H 289 1.23 -33.66 34.58
C GLU H 289 2.65 -33.57 35.11
N ASN H 290 2.83 -32.71 36.11
CA ASN H 290 4.10 -32.59 36.78
C ASN H 290 4.20 -33.58 37.93
N ASP H 291 5.40 -33.70 38.47
CA ASP H 291 5.60 -34.57 39.63
C ASP H 291 4.83 -34.01 40.82
N PRO H 292 4.04 -34.83 41.51
CA PRO H 292 3.26 -34.33 42.66
C PRO H 292 4.07 -34.14 43.94
N SER H 293 5.39 -34.28 43.90
CA SER H 293 6.23 -34.23 45.09
C SER H 293 7.44 -33.33 44.87
N ILE H 294 7.20 -32.13 44.37
CA ILE H 294 8.25 -31.12 44.22
C ILE H 294 8.24 -30.23 45.46
N SER H 295 9.36 -30.20 46.17
CA SER H 295 9.44 -29.51 47.45
C SER H 295 9.88 -28.06 47.27
N ASN H 296 9.90 -27.31 48.39
CA ASN H 296 10.22 -25.89 48.34
C ASN H 296 11.70 -25.65 48.10
N ASN H 297 12.56 -26.53 48.60
CA ASN H 297 13.99 -26.36 48.40
C ASN H 297 14.37 -26.41 46.93
N ILE H 298 13.74 -27.32 46.17
CA ILE H 298 14.01 -27.42 44.74
C ILE H 298 13.56 -26.16 44.03
N ARG H 299 12.41 -25.61 44.40
CA ARG H 299 11.94 -24.37 43.79
C ARG H 299 12.88 -23.22 44.07
N GLN H 300 13.36 -23.10 45.31
CA GLN H 300 14.32 -22.06 45.65
C GLN H 300 15.61 -22.21 44.85
N ALA H 301 16.10 -23.44 44.73
CA ALA H 301 17.34 -23.68 43.98
C ALA H 301 17.16 -23.32 42.51
N ILE H 302 16.01 -23.66 41.92
CA ILE H 302 15.75 -23.32 40.52
C ILE H 302 15.72 -21.81 40.35
N CYS H 303 15.09 -21.10 41.28
CA CYS H 303 15.07 -19.63 41.22
C CYS H 303 16.50 -19.06 41.25
N ARG H 304 17.33 -19.57 42.16
CA ARG H 304 18.70 -19.07 42.27
C ARG H 304 19.50 -19.37 41.00
N TYR H 305 19.33 -20.56 40.43
CA TYR H 305 20.05 -20.92 39.22
C TYR H 305 19.65 -20.03 38.05
N ALA H 306 18.34 -19.76 37.91
CA ALA H 306 17.89 -18.86 36.86
C ALA H 306 18.48 -17.47 37.05
N ASN H 307 18.52 -16.98 38.29
CA ASN H 307 19.07 -15.65 38.55
C ASN H 307 20.55 -15.59 38.18
N VAL H 308 21.33 -16.60 38.56
CA VAL H 308 22.76 -16.53 38.26
C VAL H 308 23.01 -16.72 36.76
N ILE H 309 22.18 -17.49 36.06
CA ILE H 309 22.33 -17.59 34.61
C ILE H 309 22.07 -16.25 33.95
N LYS H 310 21.01 -15.55 34.39
CA LYS H 310 20.74 -14.22 33.86
C LYS H 310 21.88 -13.25 34.19
N ALA H 311 22.47 -13.38 35.38
CA ALA H 311 23.61 -12.53 35.73
C ALA H 311 24.80 -12.79 34.83
N LEU H 312 25.09 -14.05 34.53
CA LEU H 312 26.18 -14.37 33.61
C LEU H 312 25.90 -13.81 32.21
N ALA H 313 24.65 -13.91 31.76
CA ALA H 313 24.31 -13.36 30.44
C ALA H 313 24.42 -11.84 30.42
N PHE H 314 24.17 -11.18 31.55
CA PHE H 314 24.25 -9.73 31.61
C PHE H 314 25.68 -9.25 31.39
N CYS H 315 26.66 -9.97 31.93
CA CYS H 315 28.07 -9.60 31.78
C CYS H 315 28.69 -10.12 30.49
N GLU H 316 27.91 -10.82 29.65
CA GLU H 316 28.38 -11.36 28.38
C GLU H 316 29.52 -12.37 28.59
N ILE H 317 29.33 -13.25 29.55
CA ILE H 317 30.25 -14.34 29.82
C ILE H 317 29.65 -15.64 29.28
N GLY H 318 30.45 -16.42 28.58
CA GLY H 318 29.96 -17.68 28.04
C GLY H 318 29.51 -18.61 29.16
N ILE H 319 28.43 -19.34 28.90
CA ILE H 319 27.80 -20.19 29.90
C ILE H 319 28.35 -21.61 29.77
N THR H 320 28.95 -22.11 30.85
CA THR H 320 29.39 -23.49 30.95
C THR H 320 28.93 -24.05 32.30
N GLN H 321 29.02 -25.37 32.45
CA GLN H 321 28.61 -26.00 33.69
C GLN H 321 29.45 -25.54 34.87
N GLN H 322 30.77 -25.49 34.69
CA GLN H 322 31.66 -25.08 35.77
C GLN H 322 31.39 -23.65 36.21
N ARG H 323 31.20 -22.75 35.25
CA ARG H 323 30.90 -21.36 35.58
C ARG H 323 29.54 -21.24 36.27
N ILE H 324 28.56 -22.03 35.84
CA ILE H 324 27.24 -22.00 36.49
C ILE H 324 27.37 -22.41 37.95
N VAL H 325 28.09 -23.50 38.22
CA VAL H 325 28.26 -23.97 39.59
C VAL H 325 29.02 -22.95 40.42
N SER H 326 30.08 -22.37 39.85
CA SER H 326 30.88 -21.40 40.59
C SER H 326 30.06 -20.15 40.93
N ALA H 327 29.25 -19.67 39.99
CA ALA H 327 28.42 -18.51 40.26
C ALA H 327 27.33 -18.82 41.27
N TYR H 328 26.78 -20.04 41.23
CA TYR H 328 25.79 -20.43 42.22
C TYR H 328 26.40 -20.48 43.62
N GLU H 329 27.61 -21.02 43.75
CA GLU H 329 28.23 -21.12 45.06
C GLU H 329 28.65 -19.77 45.61
N ALA H 330 29.08 -18.85 44.75
CA ALA H 330 29.54 -17.54 45.20
C ALA H 330 28.40 -16.60 45.57
N SER H 331 27.17 -16.92 45.21
CA SER H 331 26.02 -16.08 45.52
C SER H 331 25.37 -16.42 46.85
N MET H 332 25.91 -17.37 47.60
CA MET H 332 25.35 -17.73 48.89
C MET H 332 25.55 -16.66 49.95
N VAL H 333 26.34 -15.62 49.66
CA VAL H 333 26.48 -14.51 50.59
C VAL H 333 25.13 -13.84 50.82
N TYR H 334 24.37 -13.61 49.75
CA TYR H 334 23.03 -13.04 49.86
C TYR H 334 22.05 -14.11 50.28
N SER H 335 21.35 -13.89 51.40
CA SER H 335 20.38 -14.87 51.87
C SER H 335 19.09 -14.83 51.07
N ASN H 336 18.75 -13.69 50.49
CA ASN H 336 17.52 -13.53 49.72
C ASN H 336 17.82 -13.62 48.23
N VAL H 337 17.12 -14.52 47.53
CA VAL H 337 17.33 -14.69 46.10
C VAL H 337 16.96 -13.43 45.35
N GLY H 338 16.01 -12.64 45.86
CA GLY H 338 15.53 -11.46 45.16
C GLY H 338 16.52 -10.32 45.07
N GLU H 339 17.60 -10.35 45.84
CA GLU H 339 18.61 -9.31 45.76
C GLU H 339 19.58 -9.50 44.58
N LEU H 340 19.49 -10.62 43.87
CA LEU H 340 20.37 -10.89 42.75
C LEU H 340 19.92 -10.24 41.45
N ILE H 341 18.81 -9.52 41.45
CA ILE H 341 18.31 -8.89 40.22
C ILE H 341 18.83 -7.47 40.04
N GLU H 342 19.53 -6.92 41.02
CA GLU H 342 20.12 -5.60 40.88
C GLU H 342 21.36 -5.64 39.99
N LYS H 343 21.64 -4.53 39.32
CA LYS H 343 22.73 -4.48 38.35
C LYS H 343 24.09 -4.64 39.01
N ASN H 344 24.30 -3.97 40.15
CA ASN H 344 25.62 -4.00 40.79
C ASN H 344 25.96 -5.41 41.27
N VAL H 345 24.97 -6.14 41.78
CA VAL H 345 25.22 -7.51 42.22
C VAL H 345 25.60 -8.40 41.04
N MET H 346 24.89 -8.24 39.91
CA MET H 346 25.21 -9.04 38.73
C MET H 346 26.61 -8.76 38.23
N GLU H 347 26.98 -7.48 38.16
CA GLU H 347 28.33 -7.12 37.73
C GLU H 347 29.38 -7.64 38.70
N SER H 348 29.09 -7.60 39.99
CA SER H 348 30.03 -8.11 40.98
C SER H 348 30.24 -9.62 40.82
N ILE H 349 29.16 -10.36 40.60
CA ILE H 349 29.28 -11.81 40.42
C ILE H 349 30.10 -12.13 39.18
N GLY H 350 29.82 -11.43 38.07
CA GLY H 350 30.57 -11.67 36.85
C GLY H 350 32.05 -11.34 37.01
N SER H 351 32.35 -10.20 37.62
CA SER H 351 33.74 -9.80 37.81
C SER H 351 34.47 -10.76 38.73
N ASP H 352 33.80 -11.25 39.78
CA ASP H 352 34.42 -12.23 40.66
C ASP H 352 34.73 -13.52 39.91
N ILE H 353 33.81 -13.98 39.06
CA ILE H 353 34.06 -15.18 38.28
C ILE H 353 35.28 -14.99 37.38
N LEU H 354 35.33 -13.86 36.68
CA LEU H 354 36.45 -13.61 35.77
C LEU H 354 37.77 -13.51 36.52
N THR H 355 37.77 -12.82 37.66
CA THR H 355 39.01 -12.67 38.43
C THR H 355 39.49 -14.01 38.97
N ALA H 356 38.57 -14.84 39.47
CA ALA H 356 38.95 -16.15 39.96
C ALA H 356 39.52 -17.01 38.85
N GLU H 357 38.92 -16.96 37.66
CA GLU H 357 39.45 -17.73 36.54
C GLU H 357 40.83 -17.24 36.13
N LYS H 358 41.00 -15.91 36.05
CA LYS H 358 42.25 -15.36 35.53
C LYS H 358 43.42 -15.59 36.49
N MET H 359 43.14 -15.74 37.78
CA MET H 359 44.20 -15.97 38.76
C MET H 359 44.79 -17.38 38.62
N GLN I 9 -32.56 -37.06 47.72
CA GLN I 9 -33.08 -37.37 46.39
C GLN I 9 -32.63 -36.32 45.37
N PHE I 10 -32.54 -36.74 44.11
CA PHE I 10 -32.05 -35.87 43.06
C PHE I 10 -33.13 -34.87 42.64
N PRO I 11 -32.73 -33.67 42.20
CA PRO I 11 -33.72 -32.72 41.70
C PRO I 11 -34.28 -33.15 40.35
N GLU I 12 -35.45 -32.61 40.03
CA GLU I 12 -36.13 -32.95 38.79
C GLU I 12 -35.83 -31.96 37.67
N ILE I 13 -35.70 -30.68 37.99
CA ILE I 13 -35.43 -29.64 37.00
C ILE I 13 -34.19 -28.86 37.43
N ALA I 14 -33.51 -28.27 36.46
CA ALA I 14 -32.23 -27.63 36.72
C ALA I 14 -32.12 -26.30 35.99
N TYR I 15 -31.31 -25.41 36.55
CA TYR I 15 -30.95 -24.13 35.96
C TYR I 15 -29.48 -23.89 36.24
N PRO I 16 -28.84 -23.00 35.48
CA PRO I 16 -27.40 -22.75 35.71
C PRO I 16 -27.11 -22.31 37.14
N GLY I 17 -26.16 -23.00 37.78
CA GLY I 17 -25.78 -22.70 39.14
C GLY I 17 -26.46 -23.52 40.21
N LYS I 18 -27.23 -24.53 39.84
CA LYS I 18 -27.99 -25.33 40.79
C LYS I 18 -27.21 -26.60 41.14
N LEU I 19 -26.95 -26.80 42.43
CA LEU I 19 -26.26 -28.00 42.87
C LEU I 19 -27.16 -29.21 42.77
N ILE I 20 -26.59 -30.34 42.37
CA ILE I 20 -27.34 -31.56 42.10
C ILE I 20 -27.07 -32.63 43.15
N CYS I 21 -25.82 -33.03 43.32
CA CYS I 21 -25.49 -34.14 44.19
C CYS I 21 -24.02 -34.05 44.56
N PRO I 22 -23.60 -34.72 45.63
CA PRO I 22 -22.17 -34.83 45.94
C PRO I 22 -21.51 -35.90 45.08
N GLN I 23 -20.22 -36.11 45.31
CA GLN I 23 -19.46 -37.06 44.50
C GLN I 23 -19.78 -38.50 44.86
N TYR I 24 -20.19 -38.77 46.09
CA TYR I 24 -20.40 -40.12 46.58
C TYR I 24 -21.80 -40.25 47.16
N GLY I 25 -22.30 -41.48 47.18
CA GLY I 25 -23.62 -41.77 47.72
C GLY I 25 -24.04 -43.20 47.56
N PHE I 36 -20.84 -45.87 45.18
CA PHE I 36 -21.22 -45.06 44.02
C PHE I 36 -20.36 -43.81 43.91
N ASN I 37 -19.73 -43.63 42.76
CA ASN I 37 -18.93 -42.45 42.45
C ASN I 37 -19.59 -41.73 41.29
N TYR I 38 -19.91 -40.45 41.49
CA TYR I 38 -20.63 -39.67 40.50
C TYR I 38 -19.65 -38.97 39.55
N VAL I 39 -19.99 -38.97 38.27
CA VAL I 39 -19.13 -38.39 37.24
C VAL I 39 -19.92 -37.38 36.43
N PRO I 40 -19.43 -36.15 36.26
CA PRO I 40 -20.18 -35.16 35.48
C PRO I 40 -20.22 -35.51 33.99
N GLY I 41 -21.41 -35.41 33.41
CA GLY I 41 -21.59 -35.60 31.99
C GLY I 41 -21.85 -34.28 31.28
N PRO I 42 -22.52 -34.35 30.14
CA PRO I 42 -22.87 -33.11 29.43
C PRO I 42 -23.88 -32.28 30.22
N GLY I 43 -23.67 -30.98 30.22
CA GLY I 43 -24.54 -30.07 30.94
C GLY I 43 -24.27 -29.94 32.42
N THR I 44 -23.19 -30.54 32.92
CA THR I 44 -22.87 -30.50 34.34
C THR I 44 -21.39 -30.18 34.51
N LYS I 45 -21.00 -29.85 35.74
CA LYS I 45 -19.63 -29.48 36.05
C LYS I 45 -19.37 -29.76 37.53
N LEU I 46 -18.09 -29.84 37.89
CA LEU I 46 -17.65 -30.08 39.26
C LEU I 46 -17.00 -28.80 39.79
N ILE I 47 -17.50 -28.31 40.92
CA ILE I 47 -17.10 -27.01 41.45
C ILE I 47 -16.83 -27.13 42.94
N GLN I 48 -15.81 -26.41 43.41
CA GLN I 48 -15.49 -26.36 44.83
C GLN I 48 -16.35 -25.32 45.54
N TYR I 49 -16.88 -25.70 46.71
CA TYR I 49 -17.72 -24.82 47.49
C TYR I 49 -17.27 -24.82 48.95
N GLU I 50 -17.44 -23.66 49.59
CA GLU I 50 -17.11 -23.50 51.00
C GLU I 50 -18.37 -23.07 51.74
N HIS I 51 -18.90 -23.95 52.59
CA HIS I 51 -20.10 -23.67 53.35
C HIS I 51 -19.81 -23.92 54.83
N ASN I 52 -20.08 -22.91 55.66
CA ASN I 52 -19.86 -22.99 57.11
C ASN I 52 -18.41 -23.33 57.45
N GLY I 53 -17.47 -22.87 56.64
CA GLY I 53 -16.06 -23.07 56.91
C GLY I 53 -15.51 -24.43 56.53
N ARG I 54 -16.28 -25.26 55.84
CA ARG I 54 -15.82 -26.58 55.43
C ARG I 54 -15.92 -26.71 53.91
N THR I 55 -14.95 -27.43 53.34
CA THR I 55 -14.91 -27.63 51.90
C THR I 55 -16.01 -28.59 51.46
N LEU I 56 -16.61 -28.30 50.30
CA LEU I 56 -17.68 -29.11 49.76
C LEU I 56 -17.45 -29.35 48.27
N GLU I 57 -17.76 -30.57 47.83
CA GLU I 57 -17.73 -30.93 46.42
C GLU I 57 -19.14 -31.24 45.95
N ALA I 58 -19.48 -30.81 44.75
CA ALA I 58 -20.82 -31.04 44.22
C ALA I 58 -20.79 -30.99 42.70
N ILE I 59 -21.81 -31.55 42.09
CA ILE I 59 -22.04 -31.47 40.65
C ILE I 59 -23.05 -30.36 40.41
N THR I 60 -22.70 -29.42 39.53
CA THR I 60 -23.49 -28.23 39.29
C THR I 60 -23.99 -28.22 37.86
N ALA I 61 -25.28 -27.93 37.68
CA ALA I 61 -25.87 -27.83 36.36
C ALA I 61 -25.41 -26.56 35.65
N THR I 62 -25.29 -26.65 34.32
CA THR I 62 -24.92 -25.51 33.51
C THR I 62 -25.98 -25.13 32.49
N LEU I 63 -27.08 -25.86 32.41
CA LEU I 63 -28.12 -25.63 31.43
C LEU I 63 -29.49 -25.69 32.10
N VAL I 64 -30.49 -25.19 31.38
CA VAL I 64 -31.89 -25.32 31.78
C VAL I 64 -32.43 -26.59 31.14
N GLY I 65 -32.98 -27.48 31.96
CA GLY I 65 -33.49 -28.75 31.44
C GLY I 65 -33.85 -29.70 32.56
N THR I 66 -33.78 -30.99 32.24
CA THR I 66 -34.10 -32.04 33.20
C THR I 66 -32.87 -32.91 33.45
N VAL I 67 -32.83 -33.54 34.62
CA VAL I 67 -31.69 -34.31 35.08
C VAL I 67 -31.97 -35.79 34.87
N ARG I 68 -31.03 -36.48 34.22
CA ARG I 68 -31.11 -37.93 34.07
C ARG I 68 -29.74 -38.52 34.32
N CYS I 69 -29.69 -39.68 34.97
CA CYS I 69 -28.46 -40.37 35.28
C CYS I 69 -28.52 -41.80 34.75
N GLU I 70 -27.44 -42.23 34.08
CA GLU I 70 -27.35 -43.58 33.54
C GLU I 70 -26.07 -44.23 34.03
N GLU I 71 -26.16 -45.54 34.27
CA GLU I 71 -25.02 -46.29 34.80
C GLU I 71 -24.07 -46.65 33.67
N GLU I 72 -22.79 -46.35 33.86
CA GLU I 72 -21.77 -46.64 32.85
C GLU I 72 -20.56 -47.33 33.47
N LYS I 107 -19.10 -48.71 41.45
CA LYS I 107 -19.77 -48.35 40.20
C LYS I 107 -19.53 -46.88 39.85
N ASN I 108 -19.75 -46.53 38.59
CA ASN I 108 -19.59 -45.16 38.11
C ASN I 108 -20.88 -44.72 37.44
N ILE I 109 -21.37 -43.54 37.82
CA ILE I 109 -22.62 -43.00 37.30
C ILE I 109 -22.34 -41.67 36.64
N LEU I 110 -22.95 -41.45 35.48
CA LEU I 110 -22.81 -40.22 34.73
C LEU I 110 -24.07 -39.38 34.87
N VAL I 111 -23.90 -38.13 35.32
CA VAL I 111 -25.02 -37.21 35.53
C VAL I 111 -25.03 -36.20 34.39
N SER I 112 -26.19 -36.04 33.75
CA SER I 112 -26.32 -35.16 32.60
C SER I 112 -27.59 -34.32 32.74
N VAL I 113 -27.57 -33.16 32.09
CA VAL I 113 -28.74 -32.29 32.00
C VAL I 113 -29.12 -32.17 30.54
N LEU I 114 -30.38 -32.51 30.22
CA LEU I 114 -30.85 -32.51 28.84
C LEU I 114 -31.83 -31.36 28.65
N PRO I 115 -31.60 -30.47 27.68
CA PRO I 115 -32.56 -29.38 27.44
C PRO I 115 -33.93 -29.90 27.06
N GLY I 116 -34.96 -29.22 27.53
CA GLY I 116 -36.33 -29.61 27.28
C GLY I 116 -36.90 -30.49 28.37
N THR I 117 -38.22 -30.66 28.32
CA THR I 117 -38.93 -31.48 29.29
C THR I 117 -39.37 -32.81 28.68
N ASN I 134 -25.99 -26.84 16.71
CA ASN I 134 -24.97 -26.59 17.73
C ASN I 134 -23.59 -26.49 17.10
N LEU I 135 -22.59 -27.03 17.79
CA LEU I 135 -21.21 -27.05 17.31
C LEU I 135 -20.84 -28.47 16.93
N PRO I 136 -20.40 -28.72 15.69
CA PRO I 136 -20.06 -30.10 15.30
C PRO I 136 -18.89 -30.64 16.10
N LYS I 137 -18.94 -31.95 16.38
CA LYS I 137 -17.91 -32.63 17.15
C LYS I 137 -17.85 -34.08 16.69
N GLU I 138 -16.83 -34.79 17.15
CA GLU I 138 -16.59 -36.16 16.71
C GLU I 138 -17.78 -37.05 17.05
N GLY I 139 -18.23 -37.83 16.07
CA GLY I 139 -19.37 -38.70 16.23
C GLY I 139 -20.70 -38.10 15.80
N ASP I 140 -20.74 -36.81 15.50
CA ASP I 140 -21.98 -36.16 15.10
C ASP I 140 -22.35 -36.51 13.65
N ILE I 141 -23.63 -36.38 13.34
CA ILE I 141 -24.16 -36.57 11.99
C ILE I 141 -24.52 -35.20 11.43
N VAL I 142 -24.05 -34.91 10.23
CA VAL I 142 -24.24 -33.60 9.60
C VAL I 142 -24.80 -33.79 8.20
N LEU I 143 -25.43 -32.74 7.70
CA LEU I 143 -25.90 -32.66 6.32
C LEU I 143 -25.11 -31.58 5.60
N THR I 144 -24.56 -31.92 4.44
CA THR I 144 -23.59 -31.07 3.77
C THR I 144 -23.99 -30.88 2.30
N ARG I 145 -23.36 -29.88 1.68
CA ARG I 145 -23.48 -29.63 0.24
C ARG I 145 -22.10 -29.69 -0.39
N VAL I 146 -21.99 -30.42 -1.50
CA VAL I 146 -20.70 -30.54 -2.19
C VAL I 146 -20.39 -29.26 -2.94
N THR I 147 -19.16 -28.76 -2.79
CA THR I 147 -18.71 -27.54 -3.44
C THR I 147 -17.66 -27.78 -4.52
N ARG I 148 -16.63 -28.57 -4.24
CA ARG I 148 -15.58 -28.83 -5.22
C ARG I 148 -15.24 -30.32 -5.22
N LEU I 149 -14.74 -30.79 -6.36
CA LEU I 149 -14.22 -32.14 -6.49
C LEU I 149 -12.83 -32.11 -7.07
N SER I 150 -12.02 -33.09 -6.70
CA SER I 150 -10.73 -33.34 -7.32
C SER I 150 -10.52 -34.85 -7.35
N LEU I 151 -9.31 -35.27 -7.68
CA LEU I 151 -9.02 -36.70 -7.74
C LEU I 151 -8.77 -37.31 -6.36
N GLN I 152 -8.46 -36.49 -5.36
CA GLN I 152 -8.11 -37.00 -4.04
C GLN I 152 -9.15 -36.78 -2.96
N ARG I 153 -10.02 -35.78 -3.10
CA ARG I 153 -10.93 -35.46 -2.01
C ARG I 153 -12.12 -34.67 -2.54
N ALA I 154 -13.10 -34.48 -1.66
CA ALA I 154 -14.27 -33.66 -1.92
C ALA I 154 -14.38 -32.59 -0.85
N ASN I 155 -14.77 -31.37 -1.25
CA ASN I 155 -14.97 -30.27 -0.34
C ASN I 155 -16.47 -30.01 -0.19
N VAL I 156 -16.92 -29.87 1.06
CA VAL I 156 -18.33 -29.68 1.37
C VAL I 156 -18.48 -28.49 2.31
N GLU I 157 -19.73 -28.06 2.49
CA GLU I 157 -20.08 -27.08 3.51
C GLU I 157 -21.23 -27.62 4.35
N ILE I 158 -21.15 -27.39 5.65
CA ILE I 158 -22.09 -27.98 6.60
C ILE I 158 -23.33 -27.10 6.70
N LEU I 159 -24.51 -27.70 6.52
CA LEU I 159 -25.77 -26.98 6.53
C LEU I 159 -26.61 -27.20 7.77
N ALA I 160 -26.46 -28.35 8.44
CA ALA I 160 -27.26 -28.66 9.62
C ALA I 160 -26.52 -29.66 10.49
N VAL I 161 -26.57 -29.45 11.79
CA VAL I 161 -25.90 -30.32 12.76
C VAL I 161 -26.99 -30.96 13.61
N GLU I 162 -27.28 -32.23 13.34
CA GLU I 162 -28.30 -32.99 14.07
C GLU I 162 -29.64 -32.27 14.04
N ASP I 163 -30.18 -32.21 12.82
CA ASP I 163 -31.51 -31.63 12.49
C ASP I 163 -31.75 -30.28 13.16
N LYS I 164 -30.74 -29.41 13.08
CA LYS I 164 -30.85 -28.03 13.50
C LYS I 164 -30.04 -27.15 12.55
N PRO I 165 -30.67 -26.16 11.90
CA PRO I 165 -29.94 -25.37 10.88
C PRO I 165 -28.77 -24.61 11.48
N SER I 166 -27.71 -24.50 10.70
CA SER I 166 -26.48 -23.86 11.13
C SER I 166 -25.85 -23.07 9.98
N PRO I 167 -25.82 -21.74 10.04
CA PRO I 167 -26.38 -20.85 11.08
C PRO I 167 -27.88 -20.65 10.95
N ILE I 168 -28.50 -19.92 11.89
CA ILE I 168 -29.94 -19.68 11.82
C ILE I 168 -30.27 -18.81 10.61
N ASP I 169 -29.51 -17.74 10.40
CA ASP I 169 -29.71 -16.83 9.28
C ASP I 169 -28.70 -17.15 8.19
N SER I 170 -29.18 -17.49 7.00
CA SER I 170 -28.31 -17.84 5.89
C SER I 170 -27.87 -16.64 5.06
N GLY I 171 -28.42 -15.46 5.31
CA GLY I 171 -28.03 -14.28 4.57
C GLY I 171 -28.73 -14.06 3.25
N ILE I 172 -29.82 -14.79 2.99
CA ILE I 172 -30.55 -14.63 1.73
C ILE I 172 -31.10 -13.22 1.63
N GLY I 173 -30.94 -12.61 0.47
CA GLY I 173 -31.43 -11.26 0.22
C GLY I 173 -30.52 -10.15 0.67
N SER I 174 -29.38 -10.46 1.29
CA SER I 174 -28.47 -9.43 1.78
C SER I 174 -27.67 -8.77 0.66
N ASN I 175 -27.53 -9.42 -0.49
CA ASN I 175 -26.73 -8.91 -1.60
C ASN I 175 -27.59 -8.39 -2.74
N GLY I 176 -28.92 -8.32 -2.56
CA GLY I 176 -29.78 -7.77 -3.58
C GLY I 176 -30.41 -8.82 -4.48
N SER I 177 -30.55 -8.49 -5.75
CA SER I 177 -31.22 -9.35 -6.72
C SER I 177 -30.23 -10.34 -7.34
N GLY I 178 -30.73 -11.21 -8.19
CA GLY I 178 -29.92 -12.21 -8.85
C GLY I 178 -29.63 -13.40 -7.95
N ILE I 179 -28.65 -14.19 -8.38
CA ILE I 179 -28.18 -15.36 -7.64
C ILE I 179 -26.73 -15.11 -7.27
N VAL I 180 -26.49 -14.81 -6.00
CA VAL I 180 -25.17 -14.40 -5.51
C VAL I 180 -24.76 -15.33 -4.37
N ALA I 181 -23.46 -15.54 -4.25
CA ALA I 181 -22.92 -16.25 -3.10
C ALA I 181 -22.93 -15.35 -1.87
N ALA I 182 -22.73 -15.97 -0.71
CA ALA I 182 -22.82 -15.23 0.56
C ALA I 182 -21.77 -14.12 0.63
N GLY I 183 -20.55 -14.41 0.17
CA GLY I 183 -19.48 -13.43 0.22
C GLY I 183 -19.22 -12.73 -1.10
N GLY I 184 -20.17 -12.76 -2.01
CA GLY I 184 -20.01 -12.22 -3.34
C GLY I 184 -20.55 -10.82 -3.57
N GLY I 185 -20.91 -10.08 -2.52
CA GLY I 185 -21.47 -8.77 -2.65
C GLY I 185 -20.53 -7.67 -2.19
N SER I 186 -21.10 -6.49 -1.97
CA SER I 186 -20.31 -5.33 -1.59
C SER I 186 -19.87 -5.35 -0.13
N GLY I 187 -20.65 -5.99 0.75
CA GLY I 187 -20.31 -6.01 2.16
C GLY I 187 -19.14 -6.89 2.51
N ALA I 188 -18.73 -7.78 1.61
CA ALA I 188 -17.61 -8.68 1.90
C ALA I 188 -16.28 -7.94 1.99
N ALA I 189 -16.14 -6.81 1.32
CA ALA I 189 -14.90 -6.05 1.33
C ALA I 189 -14.82 -5.06 2.49
N THR I 190 -15.87 -4.89 3.27
CA THR I 190 -15.89 -3.93 4.38
C THR I 190 -16.22 -4.60 5.71
N PHE I 191 -16.03 -5.91 5.82
CA PHE I 191 -16.27 -6.60 7.07
C PHE I 191 -15.18 -6.30 8.09
N SER I 192 -15.57 -6.01 9.32
CA SER I 192 -14.63 -5.70 10.40
C SER I 192 -14.04 -7.00 10.92
N VAL I 193 -12.79 -7.28 10.52
CA VAL I 193 -12.16 -8.55 10.88
C VAL I 193 -11.87 -8.61 12.37
N SER I 194 -11.46 -7.50 12.96
CA SER I 194 -10.96 -7.48 14.33
C SER I 194 -12.05 -7.24 15.37
N GLN I 195 -13.32 -7.16 14.97
CA GLN I 195 -14.40 -6.90 15.92
C GLN I 195 -15.48 -7.98 15.90
N ALA I 196 -15.29 -9.06 15.17
CA ALA I 196 -16.28 -10.13 15.11
C ALA I 196 -15.58 -11.45 14.81
N SER I 197 -16.36 -12.52 14.78
CA SER I 197 -15.85 -13.87 14.50
C SER I 197 -15.87 -14.18 13.00
N SER I 198 -17.01 -13.99 12.34
CA SER I 198 -17.13 -14.26 10.92
C SER I 198 -18.26 -13.41 10.37
N ASP I 199 -18.35 -13.38 9.04
CA ASP I 199 -19.32 -12.55 8.34
C ASP I 199 -20.66 -13.26 8.16
N LEU I 200 -21.64 -12.51 7.67
CA LEU I 200 -23.01 -13.00 7.53
C LEU I 200 -23.08 -14.12 6.52
N GLY I 201 -23.61 -15.27 6.93
CA GLY I 201 -23.80 -16.40 6.05
C GLY I 201 -22.66 -17.40 5.99
N GLU I 202 -21.57 -17.17 6.73
CA GLU I 202 -20.45 -18.10 6.72
C GLU I 202 -20.81 -19.39 7.44
N THR I 203 -20.24 -20.49 6.97
CA THR I 203 -20.56 -21.82 7.46
C THR I 203 -19.28 -22.57 7.81
N PHE I 204 -19.43 -23.68 8.52
CA PHE I 204 -18.32 -24.59 8.74
C PHE I 204 -18.02 -25.37 7.46
N ARG I 205 -16.73 -25.69 7.27
CA ARG I 205 -16.27 -26.39 6.10
C ARG I 205 -15.72 -27.77 6.48
N GLY I 206 -15.84 -28.72 5.56
CA GLY I 206 -15.35 -30.06 5.79
C GLY I 206 -14.70 -30.64 4.55
N ILE I 207 -13.99 -31.75 4.75
CA ILE I 207 -13.27 -32.44 3.68
C ILE I 207 -13.55 -33.93 3.81
N ILE I 208 -13.88 -34.56 2.68
CA ILE I 208 -14.02 -36.02 2.60
C ILE I 208 -12.91 -36.54 1.71
N ARG I 209 -11.99 -37.30 2.29
CA ARG I 209 -10.92 -37.91 1.51
C ARG I 209 -11.42 -39.17 0.84
N SER I 210 -10.79 -39.52 -0.29
CA SER I 210 -11.25 -40.66 -1.07
C SER I 210 -11.13 -41.97 -0.29
N GLN I 211 -10.14 -42.08 0.59
CA GLN I 211 -10.00 -43.27 1.41
C GLN I 211 -11.07 -43.38 2.50
N ASP I 212 -11.82 -42.30 2.74
CA ASP I 212 -12.89 -42.30 3.72
C ASP I 212 -14.28 -42.43 3.12
N VAL I 213 -14.38 -42.54 1.79
CA VAL I 213 -15.69 -42.67 1.14
C VAL I 213 -16.35 -43.98 1.54
N ARG I 214 -15.59 -45.08 1.54
CA ARG I 214 -16.10 -46.37 1.96
C ARG I 214 -15.05 -47.06 2.82
N SER I 215 -15.44 -48.20 3.39
CA SER I 215 -14.57 -48.96 4.28
C SER I 215 -13.78 -50.05 3.57
N THR I 216 -14.18 -50.45 2.37
CA THR I 216 -13.52 -51.50 1.62
C THR I 216 -13.11 -50.98 0.25
N ASP I 217 -12.06 -51.58 -0.31
CA ASP I 217 -11.51 -51.19 -1.60
C ASP I 217 -11.19 -49.70 -1.63
N ARG I 218 -10.65 -49.19 -0.52
CA ARG I 218 -10.38 -47.77 -0.42
C ARG I 218 -9.04 -47.43 -1.06
N ASP I 219 -8.81 -47.95 -2.26
CA ASP I 219 -7.69 -47.54 -3.09
C ASP I 219 -8.06 -47.48 -4.57
N ARG I 220 -9.32 -47.76 -4.92
CA ARG I 220 -9.80 -47.70 -6.30
C ARG I 220 -11.07 -46.86 -6.41
N VAL I 221 -11.28 -45.96 -5.46
CA VAL I 221 -12.49 -45.13 -5.44
C VAL I 221 -12.32 -44.00 -6.44
N LYS I 222 -13.32 -43.81 -7.29
CA LYS I 222 -13.38 -42.68 -8.21
C LYS I 222 -14.37 -41.67 -7.66
N VAL I 223 -13.89 -40.46 -7.37
CA VAL I 223 -14.69 -39.47 -6.67
C VAL I 223 -15.90 -39.04 -7.51
N ILE I 224 -15.69 -38.82 -8.81
CA ILE I 224 -16.77 -38.34 -9.66
C ILE I 224 -17.83 -39.41 -9.95
N GLU I 225 -17.57 -40.66 -9.59
CA GLU I 225 -18.59 -41.70 -9.66
C GLU I 225 -19.34 -41.85 -8.34
N CYS I 226 -19.03 -41.03 -7.34
CA CYS I 226 -19.69 -41.06 -6.05
C CYS I 226 -20.49 -39.80 -5.76
N PHE I 227 -19.89 -38.62 -5.95
CA PHE I 227 -20.54 -37.35 -5.66
C PHE I 227 -20.45 -36.44 -6.88
N LYS I 228 -21.32 -35.44 -6.89
CA LYS I 228 -21.29 -34.34 -7.85
C LYS I 228 -21.49 -33.03 -7.10
N PRO I 229 -20.96 -31.93 -7.63
CA PRO I 229 -21.19 -30.63 -6.99
C PRO I 229 -22.68 -30.30 -6.94
N GLY I 230 -23.12 -29.81 -5.78
CA GLY I 230 -24.51 -29.47 -5.56
C GLY I 230 -25.33 -30.53 -4.85
N ASP I 231 -24.77 -31.70 -4.59
CA ASP I 231 -25.49 -32.77 -3.93
C ASP I 231 -25.58 -32.52 -2.43
N ILE I 232 -26.61 -33.10 -1.82
CA ILE I 232 -26.78 -33.10 -0.36
C ILE I 232 -26.31 -34.45 0.16
N VAL I 233 -25.35 -34.45 1.07
CA VAL I 233 -24.71 -35.66 1.57
C VAL I 233 -24.81 -35.70 3.09
N ARG I 234 -25.09 -36.88 3.63
CA ARG I 234 -25.07 -37.13 5.07
C ARG I 234 -23.76 -37.81 5.44
N ALA I 235 -23.03 -37.23 6.39
CA ALA I 235 -21.71 -37.71 6.77
C ALA I 235 -21.58 -37.71 8.29
N GLN I 236 -20.43 -38.18 8.77
CA GLN I 236 -20.13 -38.24 10.19
C GLN I 236 -18.74 -37.66 10.44
N VAL I 237 -18.59 -36.96 11.56
CA VAL I 237 -17.35 -36.26 11.87
C VAL I 237 -16.32 -37.26 12.39
N LEU I 238 -15.10 -37.19 11.87
CA LEU I 238 -13.98 -38.00 12.33
C LEU I 238 -13.03 -37.23 13.23
N SER I 239 -12.70 -35.99 12.87
CA SER I 239 -11.71 -35.22 13.61
C SER I 239 -12.03 -33.74 13.48
N LEU I 240 -11.51 -32.95 14.42
CA LEU I 240 -11.69 -31.51 14.38
C LEU I 240 -10.83 -30.86 13.29
N GLY I 241 -9.76 -31.52 12.86
CA GLY I 241 -8.94 -30.99 11.79
C GLY I 241 -8.19 -29.75 12.22
N ASP I 242 -7.92 -28.89 11.24
CA ASP I 242 -7.28 -27.61 11.48
C ASP I 242 -8.35 -26.54 11.71
N GLY I 243 -7.94 -25.28 11.66
CA GLY I 243 -8.88 -24.19 11.84
C GLY I 243 -9.77 -23.91 10.67
N THR I 244 -9.56 -24.59 9.54
CA THR I 244 -10.34 -24.37 8.32
C THR I 244 -11.38 -25.45 8.08
N ASN I 245 -11.00 -26.72 8.22
CA ASN I 245 -11.87 -27.83 7.81
C ASN I 245 -11.98 -28.87 8.91
N TYR I 246 -13.15 -29.50 8.97
CA TYR I 246 -13.33 -30.76 9.67
C TYR I 246 -12.98 -31.91 8.75
N TYR I 247 -12.93 -33.11 9.30
CA TYR I 247 -12.71 -34.33 8.53
C TYR I 247 -13.91 -35.24 8.68
N LEU I 248 -14.46 -35.71 7.56
CA LEU I 248 -15.73 -36.41 7.53
C LEU I 248 -15.58 -37.74 6.80
N THR I 249 -16.52 -38.65 7.07
CA THR I 249 -16.55 -39.96 6.45
C THR I 249 -17.98 -40.31 6.09
N THR I 250 -18.13 -41.18 5.07
CA THR I 250 -19.43 -41.69 4.67
C THR I 250 -19.43 -43.22 4.63
N ALA I 251 -18.48 -43.87 5.31
CA ALA I 251 -18.28 -45.31 5.19
C ALA I 251 -19.26 -46.09 6.07
N ARG I 252 -20.54 -45.94 5.76
CA ARG I 252 -21.59 -46.69 6.44
C ARG I 252 -22.82 -46.68 5.55
N ASN I 253 -23.71 -47.65 5.78
CA ASN I 253 -24.82 -47.86 4.85
C ASN I 253 -25.81 -46.71 4.87
N ASP I 254 -25.91 -45.97 5.98
CA ASP I 254 -26.85 -44.87 6.09
C ASP I 254 -26.25 -43.52 5.73
N LEU I 255 -25.02 -43.49 5.24
CA LEU I 255 -24.34 -42.24 4.88
C LEU I 255 -24.14 -42.19 3.37
N GLY I 256 -24.31 -41.00 2.80
CA GLY I 256 -24.15 -40.82 1.36
C GLY I 256 -25.09 -39.76 0.85
N VAL I 257 -25.45 -39.89 -0.42
CA VAL I 257 -26.28 -38.91 -1.12
C VAL I 257 -27.74 -39.11 -0.77
N VAL I 258 -28.43 -38.04 -0.40
CA VAL I 258 -29.85 -38.08 -0.10
C VAL I 258 -30.67 -37.30 -1.13
N PHE I 259 -30.13 -36.19 -1.64
CA PHE I 259 -30.80 -35.41 -2.68
C PHE I 259 -29.82 -35.13 -3.81
N ALA I 260 -30.29 -35.23 -5.05
CA ALA I 260 -29.46 -34.97 -6.22
C ALA I 260 -30.35 -34.56 -7.39
N ARG I 261 -29.73 -33.88 -8.36
CA ARG I 261 -30.42 -33.41 -9.55
C ARG I 261 -29.68 -33.89 -10.79
N ALA I 262 -30.43 -34.09 -11.87
CA ALA I 262 -29.86 -34.53 -13.13
C ALA I 262 -29.18 -33.38 -13.85
N ALA I 263 -28.29 -33.74 -14.78
CA ALA I 263 -27.54 -32.79 -15.61
C ALA I 263 -26.73 -31.82 -14.76
N ASN I 264 -26.11 -32.33 -13.70
CA ASN I 264 -25.24 -31.55 -12.82
C ASN I 264 -25.96 -30.33 -12.25
N GLY I 265 -27.17 -30.54 -11.76
CA GLY I 265 -27.94 -29.50 -11.10
C GLY I 265 -28.81 -28.66 -12.00
N ALA I 266 -28.81 -28.91 -13.30
CA ALA I 266 -29.65 -28.15 -14.21
C ALA I 266 -31.01 -28.79 -14.48
N GLY I 267 -31.17 -30.07 -14.14
CA GLY I 267 -32.38 -30.80 -14.41
C GLY I 267 -33.27 -30.94 -13.18
N GLY I 268 -34.12 -31.96 -13.21
CA GLY I 268 -34.99 -32.25 -12.09
C GLY I 268 -34.37 -33.22 -11.10
N LEU I 269 -35.10 -33.45 -10.00
CA LEU I 269 -34.63 -34.35 -8.96
C LEU I 269 -34.68 -35.79 -9.43
N MET I 270 -33.73 -36.58 -8.92
CA MET I 270 -33.68 -38.01 -9.15
C MET I 270 -34.03 -38.76 -7.88
N TYR I 271 -34.39 -40.03 -8.03
CA TYR I 271 -34.72 -40.89 -6.90
C TYR I 271 -33.78 -42.10 -6.88
N ALA I 272 -33.44 -42.54 -5.68
CA ALA I 272 -32.52 -43.65 -5.52
C ALA I 272 -33.18 -44.96 -5.94
N THR I 273 -32.43 -45.77 -6.70
CA THR I 273 -32.90 -47.06 -7.20
C THR I 273 -32.12 -48.23 -6.66
N ASP I 274 -30.81 -48.11 -6.52
CA ASP I 274 -29.96 -49.18 -6.03
C ASP I 274 -28.86 -48.57 -5.16
N TRP I 275 -28.00 -49.42 -4.62
CA TRP I 275 -26.92 -48.95 -3.77
C TRP I 275 -25.97 -48.01 -4.51
N GLN I 276 -25.95 -48.06 -5.84
CA GLN I 276 -25.03 -47.24 -6.62
C GLN I 276 -25.70 -46.65 -7.86
N MET I 277 -26.99 -46.36 -7.81
CA MET I 277 -27.69 -45.86 -8.98
C MET I 277 -28.84 -44.96 -8.58
N MET I 278 -29.07 -43.91 -9.38
CA MET I 278 -30.23 -43.04 -9.27
C MET I 278 -30.86 -42.90 -10.64
N THR I 279 -32.17 -42.60 -10.65
CA THR I 279 -32.93 -42.59 -11.89
C THR I 279 -33.74 -41.30 -11.99
N SER I 280 -33.78 -40.73 -13.20
CA SER I 280 -34.59 -39.55 -13.52
C SER I 280 -35.99 -39.97 -13.95
N PRO I 281 -37.04 -39.43 -13.32
CA PRO I 281 -38.39 -39.94 -13.63
C PRO I 281 -38.92 -39.46 -14.97
N VAL I 282 -38.62 -38.22 -15.37
CA VAL I 282 -39.19 -37.69 -16.60
C VAL I 282 -38.64 -38.43 -17.82
N THR I 283 -37.33 -38.60 -17.88
CA THR I 283 -36.67 -39.42 -18.89
C THR I 283 -35.85 -40.48 -18.18
N GLY I 284 -36.05 -41.74 -18.56
CA GLY I 284 -35.46 -42.84 -17.82
C GLY I 284 -33.96 -42.95 -17.94
N ALA I 285 -33.24 -41.88 -17.61
CA ALA I 285 -31.79 -41.87 -17.61
C ALA I 285 -31.28 -42.16 -16.21
N THR I 286 -30.11 -42.80 -16.13
CA THR I 286 -29.53 -43.22 -14.88
C THR I 286 -28.12 -42.65 -14.74
N GLU I 287 -27.74 -42.37 -13.50
CA GLU I 287 -26.40 -41.91 -13.16
C GLU I 287 -25.88 -42.70 -11.96
N LYS I 288 -24.58 -42.64 -11.75
CA LYS I 288 -23.91 -43.36 -10.67
C LYS I 288 -23.68 -42.42 -9.49
N ARG I 289 -24.06 -42.87 -8.30
CA ARG I 289 -23.81 -42.16 -7.05
C ARG I 289 -23.44 -43.19 -5.99
N LYS I 290 -23.17 -42.72 -4.79
CA LYS I 290 -23.09 -43.58 -3.61
C LYS I 290 -24.31 -43.25 -2.76
N CYS I 291 -25.40 -43.99 -3.00
CA CYS I 291 -26.68 -43.66 -2.41
C CYS I 291 -26.73 -44.06 -0.94
N ALA I 292 -27.16 -43.12 -0.10
CA ALA I 292 -27.51 -43.45 1.27
C ALA I 292 -28.82 -44.22 1.29
N LYS I 293 -28.91 -45.21 2.16
CA LYS I 293 -30.08 -46.07 2.20
C LYS I 293 -31.30 -45.28 2.65
N PRO I 294 -32.39 -45.30 1.91
CA PRO I 294 -33.63 -44.68 2.37
C PRO I 294 -34.35 -45.62 3.34
N PHE I 295 -35.52 -45.18 3.81
CA PHE I 295 -36.36 -45.94 4.74
C PHE I 295 -35.58 -46.68 5.83
N ARG J 13 26.52 24.82 27.57
CA ARG J 13 27.09 23.57 27.11
C ARG J 13 27.28 23.55 25.61
N ARG J 14 28.53 23.63 25.16
CA ARG J 14 28.87 23.63 23.74
C ARG J 14 29.75 22.44 23.42
N LYS J 15 29.74 22.05 22.15
CA LYS J 15 30.50 20.89 21.67
C LYS J 15 31.40 21.30 20.52
N ARG J 16 32.64 20.81 20.56
CA ARG J 16 33.61 21.05 19.48
C ARG J 16 33.43 19.97 18.43
N LEU J 17 33.21 20.37 17.18
CA LEU J 17 32.84 19.39 16.18
C LEU J 17 34.01 18.87 15.36
N ALA J 18 34.61 19.70 14.51
CA ALA J 18 35.64 19.19 13.61
C ALA J 18 36.90 20.04 13.52
N ASP J 19 36.74 21.36 13.46
CA ASP J 19 37.83 22.24 13.07
C ASP J 19 37.80 23.53 13.89
N GLY J 20 37.63 23.39 15.21
CA GLY J 20 37.38 24.58 16.00
C GLY J 20 36.02 25.16 15.78
N LEU J 21 35.07 24.35 15.30
CA LEU J 21 33.70 24.78 15.10
C LEU J 21 32.84 24.21 16.23
N SER J 22 32.11 25.09 16.91
CA SER J 22 31.30 24.71 18.05
C SER J 22 29.85 25.08 17.80
N VAL J 23 28.94 24.40 18.50
CA VAL J 23 27.51 24.62 18.33
C VAL J 23 26.85 24.72 19.71
N THR J 24 25.92 25.66 19.85
CA THR J 24 25.14 25.82 21.08
C THR J 24 23.66 25.80 20.76
N GLN J 25 22.82 26.16 21.72
CA GLN J 25 21.38 26.19 21.55
C GLN J 25 20.84 27.59 21.83
N LYS J 26 19.73 27.93 21.18
CA LYS J 26 19.09 29.23 21.33
C LYS J 26 17.61 29.02 21.54
N VAL J 27 17.10 29.39 22.72
CA VAL J 27 15.72 29.16 23.10
C VAL J 27 15.09 30.50 23.48
N PHE J 28 13.89 30.75 22.96
CA PHE J 28 13.12 31.94 23.33
C PHE J 28 11.64 31.64 23.16
N VAL J 29 10.80 32.60 23.53
CA VAL J 29 9.34 32.48 23.45
C VAL J 29 8.81 33.54 22.51
N ARG J 30 7.96 33.12 21.57
CA ARG J 30 7.32 34.03 20.63
C ARG J 30 5.87 34.25 21.05
N SER J 31 5.44 35.51 21.01
CA SER J 31 4.09 35.90 21.39
C SER J 31 3.32 36.31 20.13
N ARG J 32 2.40 35.47 19.70
CA ARG J 32 1.50 35.78 18.61
C ARG J 32 0.24 36.42 19.20
N ASN J 33 -0.83 36.51 18.41
CA ASN J 33 -2.06 37.13 18.91
C ASN J 33 -2.74 36.25 19.94
N GLY J 34 -2.19 36.20 21.15
CA GLY J 34 -2.75 35.42 22.23
C GLY J 34 -2.05 34.11 22.51
N GLY J 35 -1.14 33.68 21.64
CA GLY J 35 -0.48 32.40 21.80
C GLY J 35 0.94 32.50 22.31
N ALA J 36 1.42 31.41 22.91
CA ALA J 36 2.78 31.30 23.41
C ALA J 36 3.42 30.06 22.83
N THR J 37 4.60 30.22 22.22
CA THR J 37 5.33 29.12 21.62
C THR J 37 6.81 29.29 21.92
N LYS J 38 7.47 28.18 22.24
CA LYS J 38 8.91 28.20 22.45
C LYS J 38 9.62 27.70 21.19
N ILE J 39 10.72 28.37 20.85
CA ILE J 39 11.46 28.10 19.63
C ILE J 39 12.86 27.65 20.00
N VAL J 40 13.32 26.58 19.37
CA VAL J 40 14.67 26.04 19.59
C VAL J 40 15.45 26.17 18.29
N ARG J 41 16.65 26.73 18.38
CA ARG J 41 17.53 26.93 17.24
C ARG J 41 18.92 26.44 17.61
N GLU J 42 19.68 26.04 16.60
CA GLU J 42 21.09 25.72 16.79
C GLU J 42 21.96 26.88 16.33
N HIS J 43 23.08 27.07 17.04
CA HIS J 43 23.90 28.26 16.89
C HIS J 43 25.36 27.85 16.81
N TYR J 44 26.02 28.16 15.69
CA TYR J 44 27.39 27.72 15.44
C TYR J 44 28.37 28.86 15.71
N LEU J 45 29.50 28.51 16.31
CA LEU J 45 30.56 29.46 16.65
C LEU J 45 31.81 29.13 15.85
N ARG J 46 32.39 30.14 15.22
CA ARG J 46 33.50 29.97 14.28
C ARG J 46 34.77 30.60 14.84
N SER J 47 35.87 30.40 14.10
CA SER J 47 37.15 31.02 14.44
C SER J 47 37.85 31.55 13.19
N ASP J 48 37.09 31.95 12.18
CA ASP J 48 37.67 32.50 10.95
C ASP J 48 37.00 33.81 10.56
N ILE J 49 36.58 34.60 11.55
CA ILE J 49 35.96 35.90 11.31
C ILE J 49 37.07 36.94 11.25
N PRO J 50 37.32 37.58 10.12
CA PRO J 50 38.41 38.55 10.03
C PRO J 50 38.05 39.90 10.66
N CYS J 51 39.09 40.61 11.07
CA CYS J 51 38.91 41.95 11.62
C CYS J 51 38.67 43.00 10.55
N LEU J 52 38.97 42.67 9.29
CA LEU J 52 38.72 43.55 8.15
C LEU J 52 39.48 44.87 8.25
N SER J 53 40.66 44.85 8.84
CA SER J 53 41.52 46.01 8.94
C SER J 53 42.72 45.83 8.03
N ARG J 54 43.02 46.86 7.23
CA ARG J 54 44.11 46.77 6.25
C ARG J 54 45.49 46.76 6.89
N SER J 55 45.61 47.12 8.17
CA SER J 55 46.90 47.08 8.84
C SER J 55 47.21 45.71 9.45
N CYS J 56 46.22 44.83 9.56
CA CYS J 56 46.45 43.52 10.16
C CYS J 56 47.24 42.63 9.20
N THR J 57 48.09 41.78 9.78
CA THR J 57 48.93 40.88 9.01
C THR J 57 48.71 39.42 9.34
N LYS J 58 47.79 39.09 10.26
CA LYS J 58 47.53 37.72 10.64
C LYS J 58 46.12 37.24 10.32
N CYS J 59 45.17 38.14 10.09
CA CYS J 59 43.82 37.78 9.67
C CYS J 59 43.74 37.36 8.20
N PRO J 60 44.51 37.96 7.28
CA PRO J 60 44.47 37.50 5.88
C PRO J 60 44.90 36.04 5.70
N GLN J 61 45.36 35.37 6.75
CA GLN J 61 45.80 33.98 6.65
C GLN J 61 44.72 32.99 7.08
N ILE J 62 43.52 33.47 7.42
CA ILE J 62 42.44 32.60 7.88
C ILE J 62 41.17 32.73 7.05
N VAL J 63 41.16 33.60 6.05
CA VAL J 63 39.95 33.85 5.28
C VAL J 63 39.75 32.74 4.26
N VAL J 64 38.49 32.51 3.88
CA VAL J 64 38.13 31.50 2.89
C VAL J 64 37.22 32.14 1.85
N PRO J 65 37.20 31.64 0.62
CA PRO J 65 36.29 32.19 -0.40
C PRO J 65 34.84 31.81 -0.13
N ASP J 66 33.95 32.57 -0.75
CA ASP J 66 32.51 32.35 -0.62
C ASP J 66 32.03 31.40 -1.72
N ALA J 67 30.71 31.35 -1.92
CA ALA J 67 30.14 30.43 -2.90
C ALA J 67 30.61 30.76 -4.32
N GLN J 68 30.72 32.05 -4.64
CA GLN J 68 31.22 32.48 -5.93
C GLN J 68 32.74 32.53 -6.00
N ASN J 69 33.42 31.99 -5.00
CA ASN J 69 34.88 31.93 -4.95
C ASN J 69 35.49 33.34 -5.00
N GLU J 70 35.14 34.14 -4.00
CA GLU J 70 35.67 35.49 -3.84
C GLU J 70 36.22 35.64 -2.44
N LEU J 71 37.44 36.17 -2.33
CA LEU J 71 38.03 36.39 -1.02
C LEU J 71 37.49 37.68 -0.39
N PRO J 72 37.41 37.73 0.94
CA PRO J 72 36.95 38.96 1.59
C PRO J 72 37.92 40.11 1.37
N LYS J 73 37.38 41.32 1.33
CA LYS J 73 38.17 42.53 1.15
C LYS J 73 38.34 43.24 2.49
N PHE J 74 39.51 43.85 2.67
CA PHE J 74 39.82 44.60 3.87
C PHE J 74 39.65 46.08 3.59
N ILE J 75 38.83 46.74 4.41
CA ILE J 75 38.30 48.06 4.10
C ILE J 75 38.91 49.14 4.98
N LEU J 76 38.96 48.91 6.29
CA LEU J 76 39.37 49.95 7.23
C LEU J 76 40.79 50.43 6.95
N SER J 77 41.00 51.73 7.07
CA SER J 77 42.27 52.34 6.71
C SER J 77 43.35 52.01 7.74
N ASP J 78 44.58 51.92 7.26
CA ASP J 78 45.74 51.68 8.13
C ASP J 78 46.25 52.96 8.80
N SER J 79 45.83 54.13 8.34
CA SER J 79 46.18 55.41 8.94
C SER J 79 44.91 56.21 9.13
N PRO J 80 44.15 55.93 10.18
CA PRO J 80 42.87 56.61 10.39
C PRO J 80 43.07 58.00 10.98
N LEU J 81 41.95 58.66 11.28
CA LEU J 81 41.99 60.02 11.82
C LEU J 81 42.63 60.02 13.20
N GLU J 82 43.45 61.05 13.44
CA GLU J 82 44.18 61.19 14.70
C GLU J 82 43.59 62.33 15.50
N LEU J 83 43.18 62.02 16.74
CA LEU J 83 42.67 63.03 17.65
C LEU J 83 43.81 63.56 18.51
N SER J 84 43.47 64.31 19.56
CA SER J 84 44.48 64.84 20.46
C SER J 84 44.86 63.80 21.51
N ALA J 85 45.72 64.20 22.43
CA ALA J 85 46.14 63.31 23.50
C ALA J 85 44.96 63.01 24.43
N PRO J 86 44.88 61.80 24.98
CA PRO J 86 45.81 60.69 24.80
C PRO J 86 45.27 59.57 23.90
N ILE J 87 44.32 59.82 23.00
CA ILE J 87 43.71 58.72 22.26
C ILE J 87 44.47 58.46 20.98
N GLY J 88 44.38 59.38 20.02
CA GLY J 88 45.08 59.24 18.75
C GLY J 88 44.56 58.10 17.89
N LYS J 89 44.66 58.23 16.57
CA LYS J 89 44.49 57.12 15.62
C LYS J 89 43.41 56.13 16.02
N HIS J 90 42.16 56.56 16.07
CA HIS J 90 41.10 55.78 16.69
C HIS J 90 40.17 55.17 15.65
N TYR J 91 39.47 54.11 16.07
CA TYR J 91 38.31 53.57 15.41
C TYR J 91 37.08 53.86 16.26
N VAL J 92 35.90 53.70 15.66
CA VAL J 92 34.64 53.99 16.33
C VAL J 92 33.75 52.76 16.26
N VAL J 93 33.18 52.38 17.41
CA VAL J 93 32.21 51.29 17.51
C VAL J 93 30.88 51.91 17.93
N LEU J 94 29.82 51.59 17.20
CA LEU J 94 28.53 52.24 17.38
C LEU J 94 27.65 51.49 18.37
N ASP J 95 26.51 52.10 18.70
CA ASP J 95 25.55 51.56 19.64
C ASP J 95 24.16 51.66 19.02
N THR J 96 23.23 50.85 19.55
CA THR J 96 21.91 50.73 18.94
C THR J 96 21.16 52.07 18.95
N ASN J 97 21.11 52.72 20.10
CA ASN J 97 20.34 53.97 20.21
C ASN J 97 20.98 55.08 19.38
N VAL J 98 22.30 55.11 19.32
CA VAL J 98 22.99 56.12 18.50
C VAL J 98 22.62 55.94 17.03
N VAL J 99 22.61 54.70 16.55
CA VAL J 99 22.24 54.43 15.15
C VAL J 99 20.78 54.81 14.91
N LEU J 100 19.89 54.42 15.82
CA LEU J 100 18.47 54.68 15.63
C LEU J 100 18.16 56.18 15.63
N GLN J 101 18.81 56.93 16.52
CA GLN J 101 18.49 58.35 16.65
C GLN J 101 19.30 59.24 15.73
N ALA J 102 20.58 58.93 15.52
CA ALA J 102 21.48 59.78 14.74
C ALA J 102 21.95 58.99 13.52
N ILE J 103 21.14 59.03 12.45
CA ILE J 103 21.49 58.39 11.19
C ILE J 103 21.97 59.46 10.22
N ASP J 104 21.53 60.71 10.43
CA ASP J 104 21.95 61.80 9.58
C ASP J 104 23.43 62.14 9.78
N LEU J 105 23.93 62.01 11.01
CA LEU J 105 25.34 62.28 11.27
C LEU J 105 26.24 61.25 10.58
N LEU J 106 25.81 59.98 10.56
CA LEU J 106 26.62 58.94 9.94
C LEU J 106 26.77 59.18 8.45
N GLU J 107 25.70 59.60 7.78
CA GLU J 107 25.77 59.90 6.36
C GLU J 107 26.44 61.23 6.05
N ASN J 108 26.76 62.02 7.07
CA ASN J 108 27.45 63.30 6.85
C ASN J 108 28.84 63.03 6.30
N PRO J 109 29.24 63.68 5.20
CA PRO J 109 30.58 63.47 4.65
C PRO J 109 31.70 64.17 5.42
N ASN J 110 31.45 64.66 6.63
CA ASN J 110 32.46 65.37 7.40
C ASN J 110 32.84 64.70 8.71
N CYS J 111 32.31 63.50 8.98
CA CYS J 111 32.63 62.80 10.21
C CYS J 111 32.35 61.32 10.03
N PHE J 112 32.81 60.52 11.00
CA PHE J 112 32.59 59.07 11.03
C PHE J 112 33.18 58.42 9.78
N PHE J 113 34.51 58.46 9.71
CA PHE J 113 35.24 57.96 8.55
C PHE J 113 35.53 56.45 8.63
N ASP J 114 35.80 55.93 9.83
CA ASP J 114 36.10 54.52 10.02
C ASP J 114 35.21 53.99 11.15
N VAL J 115 34.19 53.21 10.79
CA VAL J 115 33.15 52.81 11.72
C VAL J 115 32.97 51.30 11.69
N ILE J 116 32.80 50.71 12.87
CA ILE J 116 32.53 49.28 13.02
C ILE J 116 31.13 49.11 13.58
N VAL J 117 30.34 48.26 12.92
CA VAL J 117 28.97 47.98 13.32
C VAL J 117 28.90 46.53 13.77
N PRO J 118 28.61 46.26 15.05
CA PRO J 118 28.45 44.87 15.48
C PRO J 118 27.15 44.26 14.97
N GLN J 119 27.11 42.92 15.03
CA GLN J 119 25.98 42.17 14.48
C GLN J 119 24.70 42.39 15.29
N ILE J 120 24.82 42.43 16.62
CA ILE J 120 23.63 42.60 17.47
C ILE J 120 22.99 43.97 17.23
N VAL J 121 23.82 45.00 17.04
CA VAL J 121 23.28 46.33 16.76
C VAL J 121 22.48 46.31 15.47
N LEU J 122 23.01 45.66 14.43
CA LEU J 122 22.31 45.57 13.15
C LEU J 122 21.00 44.82 13.30
N ASP J 123 21.01 43.72 14.06
CA ASP J 123 19.77 42.96 14.26
C ASP J 123 18.71 43.79 14.99
N GLU J 124 19.12 44.50 16.05
CA GLU J 124 18.16 45.31 16.79
C GLU J 124 17.61 46.45 15.94
N VAL J 125 18.47 47.09 15.14
CA VAL J 125 18.00 48.16 14.27
C VAL J 125 17.02 47.61 13.24
N ARG J 126 17.31 46.44 12.68
CA ARG J 126 16.39 45.85 11.72
C ARG J 126 15.06 45.52 12.38
N ASN J 127 15.09 45.02 13.62
CA ASN J 127 13.85 44.70 14.31
C ASN J 127 13.01 45.96 14.56
N LYS J 128 13.65 47.05 14.99
CA LYS J 128 12.88 48.22 15.39
C LYS J 128 12.52 49.12 14.21
N SER J 129 13.38 49.22 13.20
CA SER J 129 13.11 50.12 12.08
C SER J 129 13.80 49.58 10.83
N TYR J 130 13.01 49.03 9.90
CA TYR J 130 13.57 48.48 8.67
C TYR J 130 14.24 49.53 7.78
N PRO J 131 13.63 50.71 7.51
CA PRO J 131 14.31 51.67 6.62
C PRO J 131 15.67 52.14 7.13
N VAL J 132 15.83 52.31 8.44
CA VAL J 132 17.13 52.68 8.98
C VAL J 132 18.13 51.55 8.76
N TYR J 133 17.68 50.31 8.91
CA TYR J 133 18.54 49.16 8.62
C TYR J 133 18.96 49.15 7.15
N THR J 134 18.04 49.48 6.25
CA THR J 134 18.37 49.53 4.84
C THR J 134 19.40 50.61 4.56
N ARG J 135 19.24 51.79 5.17
CA ARG J 135 20.21 52.86 4.98
C ARG J 135 21.58 52.47 5.51
N LEU J 136 21.63 51.80 6.66
CA LEU J 136 22.90 51.37 7.22
C LEU J 136 23.57 50.32 6.33
N ARG J 137 22.79 49.38 5.79
CA ARG J 137 23.35 48.41 4.85
C ARG J 137 23.89 49.09 3.60
N THR J 138 23.18 50.12 3.11
CA THR J 138 23.67 50.88 1.98
C THR J 138 24.99 51.59 2.31
N LEU J 139 25.10 52.13 3.52
CA LEU J 139 26.35 52.74 3.94
C LEU J 139 27.48 51.73 3.95
N CYS J 140 27.20 50.51 4.44
CA CYS J 140 28.23 49.47 4.44
C CYS J 140 28.62 49.07 3.02
N ARG J 141 27.65 48.99 2.11
CA ARG J 141 27.93 48.48 0.77
C ARG J 141 28.75 49.48 -0.04
N ASP J 142 28.44 50.77 0.06
CA ASP J 142 29.09 51.79 -0.76
C ASP J 142 30.28 52.40 0.00
N SER J 143 31.30 51.58 0.16
CA SER J 143 32.52 52.00 0.84
C SER J 143 33.57 52.41 -0.17
N ASP J 144 34.26 53.51 0.11
CA ASP J 144 35.26 54.06 -0.79
C ASP J 144 36.35 54.72 0.04
N ASP J 145 37.17 55.54 -0.59
CA ASP J 145 38.29 56.20 0.08
C ASP J 145 37.89 57.43 0.87
N HIS J 146 36.60 57.64 1.10
CA HIS J 146 36.11 58.73 1.93
C HIS J 146 35.39 58.27 3.18
N LYS J 147 34.55 57.24 3.07
CA LYS J 147 33.86 56.66 4.22
C LYS J 147 33.95 55.15 4.13
N ARG J 148 34.17 54.51 5.28
CA ARG J 148 34.37 53.07 5.32
C ARG J 148 33.58 52.49 6.49
N PHE J 149 32.64 51.59 6.18
CA PHE J 149 31.81 50.92 7.17
C PHE J 149 31.92 49.41 6.96
N ILE J 150 32.04 48.68 8.07
CA ILE J 150 32.10 47.21 8.03
C ILE J 150 31.11 46.66 9.05
N VAL J 151 30.81 45.37 8.90
CA VAL J 151 29.98 44.63 9.84
C VAL J 151 30.82 43.48 10.39
N PHE J 152 30.87 43.39 11.72
CA PHE J 152 31.60 42.33 12.41
C PHE J 152 30.61 41.39 13.07
N HIS J 153 30.78 40.09 12.85
CA HIS J 153 29.85 39.08 13.34
C HIS J 153 30.30 38.60 14.72
N ASN J 154 29.97 39.39 15.73
CA ASN J 154 30.43 39.09 17.09
C ASN J 154 29.68 37.90 17.69
N GLU J 155 28.47 37.63 17.24
CA GLU J 155 27.71 36.51 17.78
C GLU J 155 28.18 35.17 17.25
N PHE J 156 28.73 35.14 16.03
CA PHE J 156 29.21 33.90 15.44
C PHE J 156 30.66 33.61 15.76
N SER J 157 31.35 34.53 16.42
CA SER J 157 32.75 34.35 16.78
C SER J 157 32.86 33.76 18.17
N GLU J 158 33.80 32.82 18.34
CA GLU J 158 33.98 32.17 19.63
C GLU J 158 34.83 32.99 20.60
N HIS J 159 35.40 34.11 20.16
CA HIS J 159 36.17 34.97 21.04
C HIS J 159 35.33 36.06 21.69
N THR J 160 34.14 36.34 21.16
CA THR J 160 33.33 37.45 21.63
C THR J 160 31.91 37.07 22.02
N PHE J 161 31.56 35.79 22.00
CA PHE J 161 30.20 35.37 22.32
C PHE J 161 30.03 35.27 23.84
N VAL J 162 28.94 35.83 24.35
CA VAL J 162 28.63 35.82 25.77
C VAL J 162 27.30 35.11 25.99
N GLU J 163 27.14 34.53 27.16
CA GLU J 163 25.93 33.78 27.52
C GLU J 163 25.16 34.54 28.59
N ARG J 164 23.85 34.58 28.43
CA ARG J 164 22.98 35.41 29.27
C ARG J 164 22.98 34.88 30.70
N LEU J 165 23.39 35.73 31.64
CA LEU J 165 23.42 35.35 33.03
C LEU J 165 21.99 35.28 33.60
N PRO J 166 21.77 34.46 34.63
CA PRO J 166 20.44 34.37 35.22
C PRO J 166 20.00 35.70 35.82
N ASN J 167 18.70 35.99 35.68
CA ASN J 167 18.10 37.21 36.21
C ASN J 167 18.80 38.46 35.67
N GLU J 168 18.72 38.62 34.35
CA GLU J 168 19.33 39.75 33.67
C GLU J 168 18.53 40.08 32.42
N THR J 169 18.23 41.36 32.24
CA THR J 169 17.46 41.79 31.08
C THR J 169 18.31 41.71 29.81
N ILE J 170 17.62 41.72 28.66
CA ILE J 170 18.29 41.58 27.38
C ILE J 170 19.21 42.76 27.10
N ASN J 171 18.84 43.96 27.56
CA ASN J 171 19.67 45.13 27.34
C ASN J 171 21.04 44.98 27.99
N ASP J 172 21.08 44.45 29.21
CA ASP J 172 22.36 44.24 29.89
C ASP J 172 23.23 43.26 29.12
N ARG J 173 22.64 42.17 28.62
CA ARG J 173 23.40 41.20 27.85
C ARG J 173 23.95 41.81 26.57
N ASN J 174 23.13 42.59 25.87
CA ASN J 174 23.58 43.23 24.64
C ASN J 174 24.72 44.22 24.91
N ASP J 175 24.59 45.01 25.98
CA ASP J 175 25.65 45.96 26.32
C ASP J 175 26.94 45.24 26.68
N ARG J 176 26.83 44.14 27.42
CA ARG J 176 28.02 43.36 27.76
C ARG J 176 28.68 42.79 26.51
N ALA J 177 27.87 42.32 25.55
CA ALA J 177 28.42 41.82 24.30
C ALA J 177 29.16 42.91 23.53
N ILE J 178 28.58 44.13 23.48
CA ILE J 178 29.24 45.24 22.80
C ILE J 178 30.58 45.56 23.47
N ARG J 179 30.59 45.58 24.81
CA ARG J 179 31.84 45.87 25.52
C ARG J 179 32.88 44.79 25.28
N LYS J 180 32.46 43.53 25.21
CA LYS J 180 33.39 42.45 24.90
C LYS J 180 33.99 42.61 23.51
N THR J 181 33.17 43.00 22.53
CA THR J 181 33.68 43.25 21.19
C THR J 181 34.68 44.39 21.19
N CYS J 182 34.38 45.46 21.93
CA CYS J 182 35.30 46.59 22.02
C CYS J 182 36.62 46.17 22.63
N GLN J 183 36.59 45.34 23.67
CA GLN J 183 37.82 44.85 24.28
C GLN J 183 38.62 44.00 23.29
N TRP J 184 37.95 43.13 22.55
CA TRP J 184 38.66 42.28 21.60
C TRP J 184 39.37 43.11 20.54
N TYR J 185 38.71 44.15 20.02
CA TYR J 185 39.41 45.09 19.15
C TYR J 185 40.55 45.81 19.85
N SER J 186 40.34 46.22 21.11
CA SER J 186 41.37 46.98 21.81
C SER J 186 42.67 46.19 21.91
N GLU J 187 42.57 44.90 22.24
CA GLU J 187 43.79 44.09 22.33
C GLU J 187 44.26 43.55 20.98
N HIS J 188 43.37 43.43 20.00
CA HIS J 188 43.78 42.85 18.72
C HIS J 188 44.63 43.82 17.90
N LEU J 189 44.28 45.11 17.93
CA LEU J 189 44.94 46.11 17.09
C LEU J 189 46.03 46.87 17.85
N LYS J 190 46.37 46.44 19.05
CA LYS J 190 47.39 47.15 19.83
C LYS J 190 48.75 47.23 19.15
N PRO J 191 49.30 46.17 18.53
CA PRO J 191 50.62 46.31 17.89
C PRO J 191 50.68 47.36 16.79
N TYR J 192 49.57 47.99 16.43
CA TYR J 192 49.55 49.03 15.40
C TYR J 192 49.13 50.38 15.97
N ASP J 193 49.27 50.56 17.29
CA ASP J 193 48.89 51.76 18.05
C ASP J 193 47.61 52.42 17.53
N ILE J 194 46.57 51.61 17.43
CA ILE J 194 45.23 52.08 17.08
C ILE J 194 44.29 51.76 18.23
N ASN J 195 43.55 52.77 18.68
CA ASN J 195 42.60 52.62 19.77
C ASN J 195 41.18 52.52 19.22
N VAL J 196 40.27 52.10 20.09
CA VAL J 196 38.85 51.98 19.77
C VAL J 196 38.05 52.81 20.76
N VAL J 197 37.07 53.55 20.25
CA VAL J 197 36.24 54.42 21.07
C VAL J 197 34.80 53.94 20.94
N LEU J 198 34.17 53.65 22.08
CA LEU J 198 32.78 53.24 22.11
C LEU J 198 31.91 54.48 22.31
N VAL J 199 31.00 54.71 21.36
CA VAL J 199 30.13 55.89 21.36
C VAL J 199 28.74 55.44 21.75
N THR J 200 28.27 55.89 22.91
CA THR J 200 26.94 55.52 23.39
C THR J 200 26.47 56.54 24.42
N ASN J 201 25.23 57.00 24.28
CA ASN J 201 24.66 57.98 25.20
C ASN J 201 23.80 57.30 26.26
N ASP J 202 24.46 56.50 27.09
CA ASP J 202 23.81 55.82 28.20
C ASP J 202 24.87 55.38 29.19
N ARG J 203 24.42 54.96 30.37
CA ARG J 203 25.32 54.48 31.41
C ARG J 203 24.75 53.26 32.11
N ASN J 216 41.35 49.71 29.66
CA ASN J 216 39.89 49.65 29.76
C ASN J 216 39.25 49.93 28.40
N ILE J 217 38.11 50.60 28.41
CA ILE J 217 37.40 50.99 27.20
C ILE J 217 37.22 52.50 27.22
N ILE J 218 37.64 53.17 26.16
CA ILE J 218 37.45 54.61 26.02
C ILE J 218 35.99 54.83 25.65
N THR J 219 35.17 55.19 26.63
CA THR J 219 33.74 55.40 26.44
C THR J 219 33.43 56.89 26.44
N LYS J 220 32.75 57.35 25.40
CA LYS J 220 32.34 58.74 25.29
C LYS J 220 30.93 58.81 24.74
N SER J 221 30.18 59.81 25.18
CA SER J 221 28.84 60.04 24.67
C SER J 221 28.92 60.74 23.31
N LEU J 222 27.76 60.88 22.67
CA LEU J 222 27.72 61.52 21.36
C LEU J 222 28.14 62.97 21.44
N VAL J 223 27.70 63.68 22.48
CA VAL J 223 28.10 65.08 22.65
C VAL J 223 29.60 65.18 22.94
N GLN J 224 30.11 64.29 23.79
CA GLN J 224 31.53 64.33 24.15
C GLN J 224 32.42 64.06 22.95
N TYR J 225 32.04 63.09 22.11
CA TYR J 225 32.88 62.74 20.97
C TYR J 225 32.90 63.86 19.93
N ILE J 226 31.78 64.56 19.76
CA ILE J 226 31.72 65.62 18.76
C ILE J 226 32.68 66.75 19.12
N GLU J 227 32.75 67.11 20.40
CA GLU J 227 33.60 68.22 20.83
C GLU J 227 35.08 67.92 20.61
N LEU J 228 35.46 66.65 20.46
CA LEU J 228 36.85 66.31 20.22
C LEU J 228 37.27 66.48 18.76
N LEU J 229 36.31 66.62 17.84
CA LEU J 229 36.64 66.73 16.43
C LEU J 229 37.22 68.10 16.11
N PRO J 230 38.09 68.18 15.11
CA PRO J 230 38.69 69.49 14.76
C PRO J 230 37.69 70.47 14.14
N ASN J 231 36.53 70.02 13.69
CA ASN J 231 35.54 70.87 13.05
C ASN J 231 34.19 70.72 13.75
N ALA J 232 34.22 70.77 15.09
CA ALA J 232 33.01 70.57 15.88
C ALA J 232 31.99 71.67 15.61
N ASP J 233 32.46 72.91 15.42
CA ASP J 233 31.54 74.03 15.21
C ASP J 233 30.76 73.91 13.91
N ASP J 234 31.19 73.05 12.99
CA ASP J 234 30.52 72.91 11.71
C ASP J 234 29.44 71.83 11.70
N ILE J 235 29.45 70.92 12.68
CA ILE J 235 28.52 69.79 12.69
C ILE J 235 27.79 69.64 14.02
N ARG J 236 28.01 70.53 14.99
CA ARG J 236 27.40 70.36 16.30
C ARG J 236 25.89 70.59 16.26
N ASP J 237 25.38 71.30 15.26
CA ASP J 237 23.95 71.60 15.19
C ASP J 237 23.12 70.45 14.65
N SER J 238 23.73 69.38 14.16
CA SER J 238 23.00 68.23 13.65
C SER J 238 22.77 67.15 14.70
N ILE J 239 23.20 67.39 15.93
CA ILE J 239 22.98 66.41 17.02
C ILE J 239 21.48 66.32 17.30
N PRO J 240 20.92 65.12 17.42
CA PRO J 240 19.47 65.00 17.67
C PRO J 240 19.07 65.69 18.98
N GLN J 241 17.90 66.31 18.95
CA GLN J 241 17.41 67.06 20.09
C GLN J 241 16.56 66.19 21.01
N THR J 258 -1.22 69.56 28.38
CA THR J 258 -0.67 68.22 28.57
C THR J 258 -1.51 67.18 27.85
N PHE J 259 -0.97 66.64 26.77
CA PHE J 259 -1.69 65.66 25.97
C PHE J 259 -1.86 64.35 26.76
N PRO J 260 -2.94 63.61 26.51
CA PRO J 260 -3.08 62.28 27.10
C PRO J 260 -2.08 61.29 26.51
N GLU J 261 -1.71 60.31 27.32
CA GLU J 261 -0.75 59.30 26.89
C GLU J 261 -1.39 58.32 25.91
N TYR J 262 -0.56 57.77 25.03
CA TYR J 262 -1.02 56.73 24.13
C TYR J 262 -1.24 55.42 24.88
N TYR J 263 -2.14 54.60 24.35
CA TYR J 263 -2.39 53.29 24.94
C TYR J 263 -1.20 52.36 24.69
N SER J 264 -1.10 51.33 25.52
CA SER J 264 -0.06 50.34 25.34
C SER J 264 -0.36 49.49 24.10
N THR J 265 0.69 48.86 23.58
CA THR J 265 0.54 48.05 22.37
C THR J 265 -0.39 46.86 22.61
N ALA J 266 -0.28 46.22 23.77
CA ALA J 266 -1.17 45.11 24.09
C ALA J 266 -2.62 45.58 24.18
N ARG J 267 -2.85 46.73 24.81
CA ARG J 267 -4.20 47.29 24.89
C ARG J 267 -4.75 47.62 23.51
N VAL J 268 -3.92 48.23 22.66
CA VAL J 268 -4.35 48.58 21.31
C VAL J 268 -4.70 47.32 20.52
N MET J 269 -3.87 46.28 20.62
CA MET J 269 -4.14 45.05 19.90
C MET J 269 -5.40 44.37 20.39
N GLY J 270 -5.61 44.35 21.72
CA GLY J 270 -6.84 43.80 22.26
C GLY J 270 -8.07 44.55 21.80
N GLY J 271 -7.99 45.88 21.78
CA GLY J 271 -9.12 46.67 21.29
C GLY J 271 -9.38 46.46 19.81
N LEU J 272 -8.32 46.33 19.02
CA LEU J 272 -8.48 46.08 17.59
C LEU J 272 -9.12 44.72 17.32
N LYS J 273 -8.69 43.70 18.06
CA LYS J 273 -9.21 42.35 17.81
C LYS J 273 -10.68 42.25 18.17
N ASN J 274 -11.09 42.82 19.31
CA ASN J 274 -12.47 42.73 19.75
C ASN J 274 -13.42 43.60 18.93
N GLY J 275 -12.91 44.46 18.06
CA GLY J 275 -13.76 45.37 17.32
C GLY J 275 -14.06 46.67 18.03
N VAL J 276 -13.28 47.03 19.04
CA VAL J 276 -13.51 48.27 19.78
C VAL J 276 -12.79 49.43 19.11
N LEU J 277 -11.55 49.22 18.67
CA LEU J 277 -10.74 50.26 18.05
C LEU J 277 -10.69 50.07 16.55
N TYR J 278 -10.40 51.16 15.84
CA TYR J 278 -10.41 51.17 14.39
C TYR J 278 -9.16 51.90 13.88
N GLN J 279 -8.76 51.57 12.65
CA GLN J 279 -7.51 52.03 12.08
C GLN J 279 -7.74 52.59 10.69
N GLY J 280 -7.01 53.66 10.36
CA GLY J 280 -7.11 54.25 9.05
C GLY J 280 -6.23 55.49 8.96
N ASN J 281 -6.14 56.02 7.74
CA ASN J 281 -5.40 57.24 7.51
C ASN J 281 -6.12 58.45 8.08
N ILE J 282 -5.37 59.52 8.32
CA ILE J 282 -5.92 60.78 8.82
C ILE J 282 -5.52 61.89 7.85
N GLN J 283 -6.48 62.74 7.52
CA GLN J 283 -6.27 63.86 6.60
C GLN J 283 -6.60 65.16 7.31
N ILE J 284 -5.66 66.10 7.29
CA ILE J 284 -5.82 67.40 7.93
C ILE J 284 -5.52 68.49 6.90
N SER J 285 -6.40 69.46 6.78
CA SER J 285 -6.26 70.55 5.83
C SER J 285 -5.57 71.75 6.48
N GLU J 286 -5.02 72.63 5.63
CA GLU J 286 -4.29 73.79 6.12
C GLU J 286 -5.19 74.94 6.53
N TYR J 287 -6.47 74.94 6.13
CA TYR J 287 -7.37 76.01 6.54
C TYR J 287 -7.83 75.87 7.98
N ASN J 288 -8.01 74.63 8.45
CA ASN J 288 -8.44 74.37 9.82
C ASN J 288 -7.55 73.27 10.40
N PHE J 289 -6.79 73.60 11.45
CA PHE J 289 -5.88 72.66 12.08
C PHE J 289 -6.46 72.01 13.32
N LEU J 290 -7.74 72.23 13.60
CA LEU J 290 -8.39 71.67 14.78
C LEU J 290 -9.45 70.63 14.41
N GLU J 291 -9.39 70.07 13.21
CA GLU J 291 -10.37 69.08 12.78
C GLU J 291 -9.73 68.17 11.75
N GLY J 292 -10.13 66.89 11.79
CA GLY J 292 -9.62 65.91 10.85
C GLY J 292 -10.66 64.85 10.57
N SER J 293 -10.36 64.00 9.59
CA SER J 293 -11.27 62.94 9.18
C SER J 293 -10.50 61.64 8.99
N VAL J 294 -11.11 60.54 9.41
CA VAL J 294 -10.54 59.20 9.25
C VAL J 294 -11.60 58.31 8.60
N SER J 295 -11.20 57.56 7.58
CA SER J 295 -12.10 56.65 6.88
C SER J 295 -11.94 55.25 7.44
N LEU J 296 -13.07 54.59 7.70
CA LEU J 296 -13.06 53.25 8.26
C LEU J 296 -13.86 52.30 7.37
N PRO J 297 -13.40 51.06 7.20
CA PRO J 297 -14.13 50.12 6.32
C PRO J 297 -15.56 49.86 6.77
N ARG J 298 -15.83 49.86 8.07
CA ARG J 298 -17.16 49.52 8.58
C ARG J 298 -18.15 50.65 8.47
N PHE J 299 -17.74 51.84 8.05
CA PHE J 299 -18.61 53.01 8.00
C PHE J 299 -18.64 53.57 6.59
N SER J 300 -19.81 54.08 6.20
CA SER J 300 -19.98 54.64 4.86
C SER J 300 -19.32 56.02 4.74
N LYS J 301 -19.21 56.75 5.85
CA LYS J 301 -18.69 58.11 5.82
C LYS J 301 -17.58 58.26 6.85
N PRO J 302 -16.65 59.19 6.61
CA PRO J 302 -15.56 59.39 7.57
C PRO J 302 -16.06 59.87 8.92
N VAL J 303 -15.34 59.49 9.96
CA VAL J 303 -15.65 59.88 11.33
C VAL J 303 -14.86 61.15 11.67
N LEU J 304 -15.54 62.14 12.23
CA LEU J 304 -14.92 63.41 12.54
C LEU J 304 -14.14 63.34 13.86
N ILE J 305 -13.05 64.08 13.92
CA ILE J 305 -12.25 64.24 15.14
C ILE J 305 -12.06 65.73 15.35
N VAL J 306 -12.58 66.25 16.46
CA VAL J 306 -12.63 67.69 16.72
C VAL J 306 -11.97 67.96 18.06
N GLY J 307 -11.04 68.91 18.08
CA GLY J 307 -10.40 69.32 19.32
C GLY J 307 -8.88 69.31 19.27
N GLN J 308 -8.26 70.29 19.92
CA GLN J 308 -6.81 70.31 20.00
C GLN J 308 -6.27 69.15 20.84
N LYS J 309 -7.02 68.73 21.85
CA LYS J 309 -6.64 67.58 22.66
C LYS J 309 -7.16 66.27 22.09
N ASN J 310 -8.34 66.28 21.44
CA ASN J 310 -8.84 65.07 20.81
C ASN J 310 -7.91 64.58 19.72
N LEU J 311 -7.40 65.52 18.91
CA LEU J 311 -6.30 65.20 18.01
C LEU J 311 -5.02 65.18 18.82
N ASN J 312 -4.41 64.01 18.96
CA ASN J 312 -3.13 63.90 19.63
C ASN J 312 -2.06 64.46 18.71
N ARG J 313 -0.79 64.28 19.08
CA ARG J 313 0.29 64.81 18.28
C ARG J 313 0.38 64.02 16.97
N ALA J 314 -0.32 64.49 15.95
CA ALA J 314 -0.44 63.78 14.69
C ALA J 314 -0.22 64.73 13.52
N PHE J 315 0.32 64.19 12.44
CA PHE J 315 0.60 64.93 11.22
C PHE J 315 -0.40 64.53 10.14
N ASN J 316 -0.21 65.08 8.95
CA ASN J 316 -1.06 64.76 7.82
C ASN J 316 -0.60 63.47 7.17
N GLY J 317 -1.55 62.57 6.90
CA GLY J 317 -1.22 61.30 6.27
C GLY J 317 -0.75 60.20 7.20
N ASP J 318 -0.84 60.41 8.52
CA ASP J 318 -0.41 59.41 9.47
C ASP J 318 -1.39 58.23 9.50
N GLN J 319 -0.91 57.11 9.99
CA GLN J 319 -1.74 55.93 10.26
C GLN J 319 -2.02 55.90 11.75
N VAL J 320 -3.29 55.99 12.12
CA VAL J 320 -3.69 56.23 13.51
C VAL J 320 -4.70 55.18 13.94
N ILE J 321 -4.95 55.14 15.24
CA ILE J 321 -5.96 54.30 15.87
C ILE J 321 -6.96 55.20 16.56
N VAL J 322 -8.24 55.04 16.25
CA VAL J 322 -9.28 55.92 16.76
C VAL J 322 -10.19 55.14 17.70
N GLU J 323 -10.98 55.90 18.46
CA GLU J 323 -11.94 55.34 19.41
C GLU J 323 -13.16 56.26 19.45
N LEU J 324 -14.35 55.67 19.34
CA LEU J 324 -15.57 56.45 19.23
C LEU J 324 -15.87 57.20 20.52
N LEU J 325 -16.61 58.31 20.37
CA LEU J 325 -16.96 59.21 21.46
C LEU J 325 -18.44 59.10 21.81
N PRO J 326 -18.81 59.44 23.05
CA PRO J 326 -20.21 59.28 23.47
C PRO J 326 -21.15 60.20 22.68
N GLN J 327 -22.43 59.80 22.65
CA GLN J 327 -23.43 60.56 21.90
C GLN J 327 -23.60 61.97 22.47
N SER J 328 -23.32 62.16 23.76
CA SER J 328 -23.46 63.48 24.37
C SER J 328 -22.41 64.46 23.88
N GLU J 329 -21.40 64.01 23.14
CA GLU J 329 -20.35 64.88 22.63
C GLU J 329 -20.29 64.88 21.10
N TRP J 330 -21.24 64.23 20.43
CA TRP J 330 -21.22 64.18 18.98
C TRP J 330 -21.50 65.56 18.38
N LYS J 331 -20.94 65.79 17.19
CA LYS J 331 -21.13 67.07 16.52
C LYS J 331 -22.55 67.18 15.97
N ALA J 332 -23.10 68.38 16.01
CA ALA J 332 -24.44 68.64 15.50
C ALA J 332 -24.45 68.59 13.98
N ILE J 369 -17.14 52.10 29.24
CA ILE J 369 -16.00 51.54 29.96
C ILE J 369 -16.00 50.02 29.87
N SER J 370 -16.72 49.48 28.90
CA SER J 370 -16.74 48.04 28.66
C SER J 370 -16.96 47.80 27.18
N ASP J 371 -16.58 46.60 26.73
CA ASP J 371 -16.60 46.29 25.30
C ASP J 371 -18.01 46.20 24.75
N LYS J 372 -18.94 45.65 25.54
CA LYS J 372 -20.32 45.54 25.08
C LYS J 372 -20.96 46.91 24.86
N GLN J 373 -20.73 47.84 25.80
CA GLN J 373 -21.26 49.19 25.64
C GLN J 373 -20.67 49.86 24.40
N ARG J 374 -19.39 49.64 24.14
CA ARG J 374 -18.77 50.27 22.97
C ARG J 374 -19.24 49.63 21.67
N ARG J 375 -19.54 48.33 21.66
CA ARG J 375 -20.17 47.73 20.49
C ARG J 375 -21.56 48.31 20.26
N LEU J 376 -22.33 48.50 21.33
CA LEU J 376 -23.63 49.14 21.19
C LEU J 376 -23.50 50.56 20.65
N LEU J 377 -22.48 51.29 21.12
CA LEU J 377 -22.24 52.64 20.61
C LEU J 377 -21.85 52.62 19.14
N ALA J 378 -21.05 51.62 18.74
CA ALA J 378 -20.70 51.49 17.33
C ALA J 378 -21.93 51.21 16.47
N LYS J 379 -22.83 50.36 16.97
CA LYS J 379 -24.08 50.11 16.25
C LYS J 379 -24.92 51.38 16.15
N ASP J 380 -24.98 52.16 17.24
CA ASP J 380 -25.70 53.42 17.21
C ASP J 380 -25.13 54.37 16.17
N ALA J 381 -23.79 54.46 16.11
CA ALA J 381 -23.15 55.31 15.12
C ALA J 381 -23.41 54.83 13.70
N MET J 382 -23.41 53.50 13.49
CA MET J 382 -23.70 52.96 12.17
C MET J 382 -25.12 53.27 11.74
N ILE J 383 -26.08 53.19 12.68
CA ILE J 383 -27.47 53.45 12.33
C ILE J 383 -27.77 54.95 12.26
N ALA J 384 -26.94 55.80 12.86
CA ALA J 384 -27.15 57.24 12.82
C ALA J 384 -26.45 57.92 11.67
N GLN J 385 -25.60 57.21 10.93
CA GLN J 385 -24.90 57.82 9.80
C GLN J 385 -25.82 58.01 8.60
N ARG J 386 -26.80 57.14 8.43
CA ARG J 386 -27.57 57.11 7.19
C ARG J 386 -28.46 58.35 7.04
N SER J 387 -29.21 58.70 8.07
CA SER J 387 -30.18 59.78 7.93
C SER J 387 -30.07 60.84 9.01
N LYS J 388 -29.80 60.45 10.26
CA LYS J 388 -29.75 61.41 11.34
C LYS J 388 -28.64 62.43 11.11
N LYS J 389 -28.98 63.71 11.27
CA LYS J 389 -28.02 64.78 11.03
C LYS J 389 -27.18 65.04 12.28
N ILE J 390 -26.59 63.99 12.83
CA ILE J 390 -25.66 64.08 13.95
C ILE J 390 -24.44 63.23 13.60
N GLN J 391 -23.27 63.87 13.56
CA GLN J 391 -22.06 63.20 13.11
C GLN J 391 -21.33 62.59 14.30
N PRO J 392 -21.11 61.28 14.32
CA PRO J 392 -20.30 60.69 15.40
C PRO J 392 -18.87 61.21 15.39
N THR J 393 -18.30 61.37 16.57
CA THR J 393 -16.94 61.86 16.74
C THR J 393 -16.06 60.78 17.37
N ALA J 394 -14.75 61.01 17.31
CA ALA J 394 -13.78 60.06 17.82
C ALA J 394 -12.55 60.82 18.31
N LYS J 395 -11.54 60.07 18.76
CA LYS J 395 -10.29 60.66 19.21
C LYS J 395 -9.16 59.68 18.93
N VAL J 396 -7.94 60.21 18.88
CA VAL J 396 -6.76 59.42 18.56
C VAL J 396 -6.11 58.95 19.85
N VAL J 397 -5.83 57.64 19.94
CA VAL J 397 -5.20 57.06 21.11
C VAL J 397 -3.87 56.39 20.80
N TYR J 398 -3.49 56.26 19.53
CA TYR J 398 -2.28 55.56 19.17
C TYR J 398 -1.87 55.96 17.75
N ILE J 399 -0.56 56.03 17.54
CA ILE J 399 0.01 56.33 16.22
C ILE J 399 0.66 55.06 15.70
N GLN J 400 0.22 54.61 14.52
CA GLN J 400 0.73 53.37 13.94
C GLN J 400 1.98 53.62 13.09
N ARG J 401 1.85 54.49 12.09
CA ARG J 401 2.96 54.83 11.22
C ARG J 401 3.03 56.34 11.05
N ARG J 402 4.26 56.85 10.90
CA ARG J 402 4.51 58.27 10.72
C ARG J 402 5.30 58.48 9.44
N SER J 403 4.89 59.45 8.63
CA SER J 403 5.67 59.80 7.45
C SER J 403 7.04 60.35 7.86
N TRP J 404 7.04 61.54 8.46
CA TRP J 404 8.20 62.18 9.07
C TRP J 404 9.48 61.95 8.25
N ARG J 405 9.44 62.39 7.00
CA ARG J 405 10.61 62.33 6.14
C ARG J 405 11.44 63.61 6.31
N GLN J 406 12.49 63.73 5.51
CA GLN J 406 13.27 64.97 5.50
C GLN J 406 12.43 66.07 4.86
N TYR J 407 12.36 67.21 5.53
CA TYR J 407 11.52 68.32 5.10
C TYR J 407 12.36 69.54 4.78
N VAL J 408 12.00 70.24 3.71
CA VAL J 408 12.65 71.48 3.33
C VAL J 408 11.85 72.64 3.91
N GLY J 409 12.54 73.52 4.64
CA GLY J 409 11.89 74.64 5.27
C GLY J 409 12.84 75.82 5.37
N GLN J 410 12.32 76.93 5.89
CA GLN J 410 13.09 78.16 6.02
C GLN J 410 12.91 78.72 7.43
N LEU J 411 13.91 79.45 7.89
CA LEU J 411 13.89 80.01 9.22
C LEU J 411 12.84 81.11 9.34
N ALA J 412 12.18 81.18 10.50
CA ALA J 412 11.22 82.23 10.77
C ALA J 412 11.95 83.45 11.33
N PRO J 413 11.97 84.59 10.63
CA PRO J 413 12.70 85.78 11.08
C PRO J 413 11.99 86.58 12.16
N SER J 414 11.48 85.88 13.18
CA SER J 414 10.83 86.52 14.32
C SER J 414 11.27 85.99 15.67
N SER J 415 11.80 84.78 15.75
CA SER J 415 12.30 84.22 17.00
C SER J 415 13.81 84.38 17.15
N VAL J 416 14.48 85.03 16.19
CA VAL J 416 15.92 85.22 16.28
C VAL J 416 16.22 86.44 17.14
N ASP J 417 17.27 86.35 17.94
CA ASP J 417 17.67 87.42 18.83
C ASP J 417 19.03 87.98 18.40
N PRO J 418 19.09 89.22 17.91
CA PRO J 418 20.39 89.77 17.50
C PRO J 418 21.38 89.89 18.65
N GLN J 419 20.92 90.16 19.87
CA GLN J 419 21.81 90.36 21.01
C GLN J 419 21.98 89.07 21.80
N SER J 420 22.45 88.03 21.10
CA SER J 420 22.66 86.73 21.74
C SER J 420 23.66 85.94 20.89
N SER J 421 24.85 85.71 21.44
CA SER J 421 25.86 84.88 20.79
C SER J 421 25.84 83.44 21.31
N SER J 422 24.93 83.12 22.21
CA SER J 422 24.84 81.77 22.78
C SER J 422 23.85 80.93 21.97
N THR J 423 23.67 79.69 22.40
CA THR J 423 22.71 78.80 21.75
C THR J 423 21.29 79.25 22.06
N GLN J 424 20.47 79.36 21.02
CA GLN J 424 19.10 79.84 21.15
C GLN J 424 18.14 78.88 20.47
N ASN J 425 16.85 79.07 20.73
CA ASN J 425 15.78 78.25 20.18
C ASN J 425 15.03 79.07 19.14
N VAL J 426 14.92 78.53 17.92
CA VAL J 426 14.24 79.22 16.84
C VAL J 426 13.15 78.32 16.27
N PHE J 427 12.40 78.83 15.30
CA PHE J 427 11.32 78.10 14.66
C PHE J 427 11.53 78.08 13.15
N VAL J 428 11.08 76.99 12.52
CA VAL J 428 11.21 76.79 11.09
C VAL J 428 9.83 76.54 10.50
N ILE J 429 9.51 77.25 9.42
CA ILE J 429 8.25 77.10 8.71
C ILE J 429 8.47 76.17 7.52
N LEU J 430 7.66 75.13 7.43
CA LEU J 430 7.81 74.11 6.40
C LEU J 430 7.11 74.53 5.11
N MET J 431 7.64 74.05 3.98
CA MET J 431 7.03 74.34 2.69
C MET J 431 5.66 73.68 2.56
N ASP J 432 5.45 72.55 3.22
CA ASP J 432 4.15 71.90 3.22
C ASP J 432 3.24 72.63 4.20
N LYS J 433 2.12 73.15 3.69
CA LYS J 433 1.26 74.02 4.49
C LYS J 433 0.35 73.24 5.43
N CYS J 434 0.29 71.92 5.31
CA CYS J 434 -0.54 71.10 6.18
C CYS J 434 0.19 70.61 7.42
N LEU J 435 1.45 70.99 7.60
CA LEU J 435 2.24 70.51 8.72
C LEU J 435 2.52 71.64 9.71
N PRO J 436 2.59 71.33 11.00
CA PRO J 436 2.78 72.37 12.02
C PRO J 436 4.22 72.87 12.04
N LYS J 437 4.50 73.73 13.02
CA LYS J 437 5.80 74.35 13.18
C LYS J 437 6.73 73.46 14.01
N VAL J 438 8.01 73.48 13.67
CA VAL J 438 9.02 72.66 14.32
C VAL J 438 10.08 73.56 14.92
N ARG J 439 10.42 73.30 16.19
CA ARG J 439 11.42 74.09 16.90
C ARG J 439 12.82 73.54 16.63
N ILE J 440 13.76 74.45 16.38
CA ILE J 440 15.12 74.10 15.98
C ILE J 440 16.10 74.79 16.91
N ARG J 441 17.12 74.05 17.35
CA ARG J 441 18.18 74.59 18.20
C ARG J 441 19.45 74.78 17.37
N THR J 442 20.05 75.96 17.49
CA THR J 442 21.26 76.30 16.73
C THR J 442 21.97 77.44 17.45
N ARG J 443 23.10 77.86 16.88
CA ARG J 443 23.81 79.02 17.39
C ARG J 443 24.35 79.92 16.29
N ARG J 444 24.03 79.64 15.03
CA ARG J 444 24.45 80.47 13.89
C ARG J 444 23.24 80.84 13.04
N ALA J 445 22.17 81.29 13.69
CA ALA J 445 20.95 81.63 12.99
C ALA J 445 21.08 82.86 12.11
N ALA J 446 22.10 83.71 12.36
CA ALA J 446 22.25 84.93 11.58
C ALA J 446 22.56 84.64 10.12
N GLU J 447 23.39 83.62 9.86
CA GLU J 447 23.79 83.32 8.50
C GLU J 447 22.72 82.56 7.72
N LEU J 448 21.71 82.02 8.40
CA LEU J 448 20.64 81.26 7.75
C LEU J 448 19.33 82.03 7.70
N LEU J 449 19.38 83.35 7.89
CA LEU J 449 18.15 84.14 7.90
C LEU J 449 17.44 84.08 6.55
N ASP J 450 18.18 84.18 5.46
CA ASP J 450 17.62 84.12 4.11
C ASP J 450 18.28 82.96 3.38
N LYS J 451 17.74 81.77 3.57
CA LYS J 451 18.27 80.56 2.95
C LYS J 451 17.23 79.45 3.10
N ARG J 452 17.46 78.36 2.39
CA ARG J 452 16.62 77.16 2.48
C ARG J 452 17.44 76.04 3.09
N ILE J 453 16.85 75.32 4.05
CA ILE J 453 17.55 74.30 4.82
C ILE J 453 16.72 73.02 4.83
N VAL J 454 17.39 71.92 5.18
CA VAL J 454 16.77 70.61 5.34
C VAL J 454 16.88 70.23 6.81
N ILE J 455 15.77 69.72 7.38
CA ILE J 455 15.72 69.34 8.78
C ILE J 455 15.06 67.98 8.90
N SER J 456 15.08 67.44 10.12
CA SER J 456 14.40 66.20 10.44
C SER J 456 13.72 66.35 11.79
N ILE J 457 12.65 65.59 11.99
CA ILE J 457 11.83 65.67 13.20
C ILE J 457 12.21 64.51 14.11
N ASP J 458 12.45 64.82 15.39
CA ASP J 458 12.92 63.82 16.35
C ASP J 458 11.80 63.28 17.23
N SER J 459 11.10 64.15 17.94
CA SER J 459 10.05 63.71 18.84
C SER J 459 9.08 64.86 19.11
N TRP J 460 7.89 64.50 19.60
CA TRP J 460 6.88 65.46 20.02
C TRP J 460 6.41 65.06 21.42
N PRO J 461 7.06 65.58 22.46
CA PRO J 461 6.64 65.24 23.82
C PRO J 461 5.27 65.80 24.16
N THR J 462 4.64 65.20 25.17
CA THR J 462 3.30 65.60 25.56
C THR J 462 3.26 67.03 26.07
N THR J 463 4.27 67.42 26.85
CA THR J 463 4.29 68.77 27.42
C THR J 463 4.41 69.84 26.34
N HIS J 464 5.25 69.60 25.33
CA HIS J 464 5.51 70.61 24.32
C HIS J 464 4.31 70.85 23.42
N LYS J 465 4.24 72.07 22.88
CA LYS J 465 3.18 72.44 21.96
C LYS J 465 3.55 72.21 20.50
N TYR J 466 4.85 72.05 20.20
CA TYR J 466 5.33 71.84 18.85
C TYR J 466 6.40 70.77 18.86
N PRO J 467 6.56 70.04 17.76
CA PRO J 467 7.62 69.01 17.70
C PRO J 467 9.00 69.63 17.62
N LEU J 468 9.99 68.81 17.98
CA LEU J 468 11.39 69.22 18.02
C LEU J 468 12.18 68.52 16.93
N GLY J 469 13.19 69.21 16.40
CA GLY J 469 13.99 68.67 15.33
C GLY J 469 15.44 69.14 15.34
N HIS J 470 16.18 68.86 14.26
CA HIS J 470 17.58 69.26 14.18
C HIS J 470 17.93 69.59 12.73
N PHE J 471 18.97 70.40 12.58
CA PHE J 471 19.45 70.81 11.26
C PHE J 471 20.17 69.65 10.58
N VAL J 472 20.05 69.59 9.25
CA VAL J 472 20.65 68.50 8.49
C VAL J 472 21.63 69.05 7.45
N ARG J 473 21.13 69.83 6.50
CA ARG J 473 21.94 70.30 5.39
C ARG J 473 21.41 71.63 4.89
N ASP J 474 22.31 72.46 4.39
CA ASP J 474 21.98 73.79 3.89
C ASP J 474 21.95 73.78 2.37
N LEU J 475 20.83 74.21 1.79
CA LEU J 475 20.68 74.20 0.33
C LEU J 475 21.32 75.42 -0.30
N GLY J 476 20.82 76.61 0.03
CA GLY J 476 21.33 77.83 -0.57
C GLY J 476 20.41 79.00 -0.26
N THR J 477 20.75 80.14 -0.85
CA THR J 477 19.97 81.35 -0.63
C THR J 477 18.60 81.25 -1.28
N ILE J 478 17.64 81.95 -0.69
CA ILE J 478 16.28 81.98 -1.22
C ILE J 478 16.27 82.67 -2.57
N GLU J 479 15.39 82.20 -3.47
CA GLU J 479 15.17 82.69 -4.83
C GLU J 479 16.33 82.40 -5.76
N SER J 480 17.40 81.78 -5.29
CA SER J 480 18.50 81.41 -6.17
C SER J 480 18.08 80.26 -7.08
N ALA J 481 18.66 80.24 -8.28
CA ALA J 481 18.27 79.25 -9.28
C ALA J 481 18.54 77.83 -8.80
N GLN J 482 19.71 77.61 -8.18
CA GLN J 482 20.04 76.28 -7.69
C GLN J 482 19.13 75.86 -6.54
N ALA J 483 18.98 76.72 -5.53
CA ALA J 483 18.24 76.35 -4.33
C ALA J 483 16.77 76.06 -4.65
N GLU J 484 16.16 76.90 -5.48
CA GLU J 484 14.76 76.69 -5.85
C GLU J 484 14.62 75.55 -6.86
N GLU J 486 16.47 72.10 -6.48
CA GLU J 486 16.80 71.22 -5.37
C GLU J 486 15.59 71.01 -4.46
N ALA J 487 14.98 72.11 -4.02
CA ALA J 487 13.88 72.02 -3.07
C ALA J 487 12.69 71.26 -3.66
N LEU J 488 12.34 71.53 -4.91
CA LEU J 488 11.20 70.85 -5.52
C LEU J 488 11.50 69.37 -5.76
N LEU J 489 12.75 69.02 -6.00
CA LEU J 489 13.11 67.62 -6.16
C LEU J 489 12.89 66.84 -4.86
N LEU J 490 13.34 67.41 -3.73
CA LEU J 490 13.13 66.76 -2.45
C LEU J 490 11.65 66.74 -2.07
N GLU J 491 10.93 67.83 -2.33
CA GLU J 491 9.52 67.89 -1.95
C GLU J 491 8.66 66.97 -2.81
N HIS J 492 9.02 66.78 -4.08
CA HIS J 492 8.29 65.90 -4.97
C HIS J 492 8.85 64.47 -4.97
N ASP J 493 9.85 64.20 -4.13
CA ASP J 493 10.44 62.87 -3.98
C ASP J 493 11.01 62.37 -5.31
N VAL J 494 12.01 63.08 -5.80
CA VAL J 494 12.72 62.72 -7.02
C VAL J 494 14.19 62.53 -6.69
N GLU J 495 14.73 61.37 -7.06
CA GLU J 495 16.14 61.07 -6.81
C GLU J 495 17.01 61.74 -7.87
N TYR J 496 18.13 62.32 -7.43
CA TYR J 496 19.03 63.01 -8.34
C TYR J 496 20.51 62.80 -8.04
N ARG J 497 20.86 61.98 -7.06
CA ARG J 497 22.27 61.77 -6.75
C ARG J 497 22.92 60.88 -7.81
N PRO J 498 24.23 61.03 -8.02
CA PRO J 498 24.91 60.25 -9.06
C PRO J 498 24.94 58.76 -8.73
N PHE J 499 25.13 57.96 -9.78
CA PHE J 499 25.15 56.52 -9.64
C PHE J 499 26.40 56.07 -8.89
N SER J 500 26.30 54.89 -8.26
CA SER J 500 27.39 54.35 -7.48
C SER J 500 28.32 53.50 -8.34
N LYS J 501 29.42 53.06 -7.73
CA LYS J 501 30.40 52.25 -8.45
C LYS J 501 29.84 50.89 -8.83
N LYS J 502 28.99 50.31 -7.97
CA LYS J 502 28.44 48.99 -8.26
C LYS J 502 27.55 49.00 -9.50
N VAL J 503 26.77 50.06 -9.67
CA VAL J 503 25.94 50.18 -10.87
C VAL J 503 26.80 50.30 -12.11
N LEU J 504 27.86 51.11 -12.04
CA LEU J 504 28.74 51.31 -13.19
C LEU J 504 29.55 50.07 -13.52
N GLU J 505 29.65 49.11 -12.59
CA GLU J 505 30.37 47.88 -12.87
C GLU J 505 29.62 47.02 -13.89
N CYS J 506 28.29 47.05 -13.84
CA CYS J 506 27.49 46.22 -14.73
C CYS J 506 27.59 46.65 -16.19
N LEU J 507 28.03 47.88 -16.45
CA LEU J 507 28.14 48.37 -17.81
C LEU J 507 29.26 47.64 -18.55
N PRO J 508 29.18 47.57 -19.88
CA PRO J 508 30.22 46.89 -20.66
C PRO J 508 31.60 47.50 -20.41
N ALA J 509 32.61 46.63 -20.33
CA ALA J 509 33.97 47.08 -20.08
C ALA J 509 34.54 47.86 -21.25
N GLU J 510 34.06 47.59 -22.47
CA GLU J 510 34.58 48.27 -23.65
C GLU J 510 34.29 49.76 -23.63
N GLY J 511 33.28 50.20 -22.89
CA GLY J 511 32.98 51.62 -22.83
C GLY J 511 32.47 52.12 -24.17
N HIS J 512 33.10 53.18 -24.66
CA HIS J 512 32.71 53.77 -25.94
C HIS J 512 33.32 53.05 -27.14
N ASP J 513 34.16 52.04 -26.90
CA ASP J 513 34.78 51.27 -27.98
C ASP J 513 33.95 50.06 -28.37
N TRP J 514 32.75 49.90 -27.80
CA TRP J 514 31.87 48.80 -28.17
C TRP J 514 31.28 49.05 -29.55
N LYS J 515 31.57 48.14 -30.49
CA LYS J 515 31.05 48.23 -31.85
C LYS J 515 30.51 46.87 -32.26
N ALA J 516 29.41 46.89 -33.02
CA ALA J 516 28.84 45.64 -33.51
C ALA J 516 29.72 45.05 -34.60
N PRO J 517 29.79 43.72 -34.69
CA PRO J 517 30.65 43.09 -35.70
C PRO J 517 30.18 43.39 -37.11
N THR J 518 31.13 43.49 -38.04
CA THR J 518 30.80 43.68 -39.43
C THR J 518 30.02 42.49 -39.99
N LYS J 519 30.43 41.28 -39.63
CA LYS J 519 29.77 40.06 -40.06
C LYS J 519 29.12 39.40 -38.85
N LEU J 520 27.81 39.17 -38.93
CA LEU J 520 27.09 38.55 -37.82
C LEU J 520 27.42 37.07 -37.65
N ASP J 521 28.03 36.44 -38.64
CA ASP J 521 28.38 35.03 -38.58
C ASP J 521 29.86 34.79 -38.28
N ASP J 522 30.59 35.83 -37.90
CA ASP J 522 32.00 35.67 -37.57
C ASP J 522 32.13 34.72 -36.38
N PRO J 523 33.12 33.81 -36.40
CA PRO J 523 33.24 32.85 -35.29
C PRO J 523 33.35 33.50 -33.92
N GLU J 524 34.10 34.59 -33.81
CA GLU J 524 34.18 35.29 -32.54
C GLU J 524 32.85 35.97 -32.19
N ALA J 525 32.19 36.55 -33.19
CA ALA J 525 30.90 37.20 -32.95
C ALA J 525 29.84 36.20 -32.52
N VAL J 526 29.76 35.06 -33.20
CA VAL J 526 28.76 34.05 -32.83
C VAL J 526 29.13 33.39 -31.51
N SER J 527 30.42 33.25 -31.22
CA SER J 527 30.83 32.63 -29.97
C SER J 527 30.53 33.54 -28.78
N LYS J 528 30.81 34.84 -28.91
CA LYS J 528 30.54 35.77 -27.81
C LYS J 528 29.05 36.00 -27.60
N ASP J 529 28.22 35.77 -28.63
CA ASP J 529 26.78 35.95 -28.55
C ASP J 529 26.12 34.67 -29.04
N PRO J 530 25.80 33.75 -28.12
CA PRO J 530 25.17 32.48 -28.55
C PRO J 530 23.81 32.67 -29.19
N LEU J 531 23.16 33.80 -28.98
CA LEU J 531 21.88 34.09 -29.61
C LEU J 531 22.01 34.91 -30.89
N LEU J 532 23.25 35.17 -31.34
CA LEU J 532 23.45 35.96 -32.55
C LEU J 532 23.01 35.24 -33.81
N THR J 533 22.76 33.93 -33.75
CA THR J 533 22.27 33.19 -34.90
C THR J 533 20.85 33.58 -35.28
N LYS J 534 20.15 34.33 -34.44
CA LYS J 534 18.80 34.79 -34.73
C LYS J 534 18.73 36.25 -35.13
N ARG J 535 19.72 37.05 -34.74
CA ARG J 535 19.70 38.49 -35.04
C ARG J 535 19.81 38.70 -36.55
N LYS J 536 18.81 39.36 -37.12
CA LYS J 536 18.79 39.62 -38.54
C LYS J 536 19.73 40.77 -38.90
N ASP J 537 19.99 40.93 -40.20
CA ASP J 537 20.84 41.99 -40.73
C ASP J 537 19.97 42.87 -41.63
N LEU J 538 19.72 44.10 -41.18
CA LEU J 538 18.88 45.04 -41.91
C LEU J 538 19.61 46.37 -42.11
N ARG J 539 20.91 46.30 -42.35
CA ARG J 539 21.73 47.49 -42.59
C ARG J 539 21.68 47.95 -44.05
N ASP J 540 20.72 47.45 -44.82
CA ASP J 540 20.69 47.67 -46.26
C ASP J 540 19.66 48.71 -46.68
N LYS J 541 19.15 49.51 -45.75
CA LYS J 541 18.10 50.48 -46.04
C LYS J 541 18.53 51.88 -45.60
N LEU J 542 18.03 52.88 -46.32
CA LEU J 542 18.24 54.27 -45.93
C LEU J 542 17.34 54.60 -44.75
N ILE J 543 17.94 54.94 -43.62
CA ILE J 543 17.23 55.14 -42.37
C ILE J 543 17.47 56.57 -41.89
N CYS J 544 16.39 57.26 -41.53
CA CYS J 544 16.47 58.62 -41.03
C CYS J 544 15.73 58.72 -39.71
N SER J 545 16.17 59.65 -38.86
CA SER J 545 15.57 59.89 -37.56
C SER J 545 15.33 61.39 -37.40
N ILE J 546 14.19 61.73 -36.79
CA ILE J 546 13.80 63.13 -36.59
C ILE J 546 13.54 63.33 -35.11
N ASP J 547 14.28 64.24 -34.49
CA ASP J 547 14.17 64.54 -33.07
C ASP J 547 14.39 66.03 -32.85
N PRO J 548 13.93 66.57 -31.73
CA PRO J 548 14.14 67.99 -31.46
C PRO J 548 15.61 68.30 -31.35
N PRO J 549 16.01 69.54 -31.67
CA PRO J 549 17.44 69.88 -31.65
C PRO J 549 18.09 69.68 -30.28
N GLY J 550 17.35 69.86 -29.20
CA GLY J 550 17.88 69.64 -27.87
C GLY J 550 17.92 68.20 -27.42
N CYS J 551 17.48 67.27 -28.26
CA CYS J 551 17.45 65.85 -27.92
C CYS J 551 18.77 65.18 -28.28
N VAL J 552 19.13 64.18 -27.47
CA VAL J 552 20.37 63.43 -27.68
C VAL J 552 20.08 61.94 -27.75
N ASP J 553 19.35 61.43 -26.76
CA ASP J 553 19.02 60.00 -26.74
C ASP J 553 18.00 59.68 -27.83
N ILE J 554 18.27 58.64 -28.61
CA ILE J 554 17.47 58.29 -29.77
C ILE J 554 16.70 57.02 -29.48
N ASP J 555 15.40 57.02 -29.81
CA ASP J 555 14.55 55.86 -29.62
C ASP J 555 13.80 55.43 -30.87
N ASP J 556 13.75 56.25 -31.92
CA ASP J 556 12.96 55.94 -33.10
C ASP J 556 13.78 56.18 -34.37
N ALA J 557 13.43 55.44 -35.41
CA ALA J 557 14.06 55.58 -36.72
C ALA J 557 13.10 55.04 -37.77
N LEU J 558 13.04 55.71 -38.93
CA LEU J 558 12.05 55.40 -39.94
C LEU J 558 12.71 55.19 -41.31
N HIS J 559 12.03 54.43 -42.14
CA HIS J 559 12.47 54.15 -43.51
C HIS J 559 11.24 53.79 -44.34
N ALA J 560 11.41 53.86 -45.66
CA ALA J 560 10.31 53.53 -46.56
C ALA J 560 10.87 53.09 -47.90
N LYS J 561 10.08 52.29 -48.61
CA LYS J 561 10.42 51.83 -49.96
C LYS J 561 9.16 51.33 -50.63
N LYS J 562 9.20 51.24 -51.96
CA LYS J 562 8.07 50.80 -52.76
C LYS J 562 8.34 49.39 -53.29
N LEU J 563 7.38 48.50 -53.08
CA LEU J 563 7.45 47.16 -53.64
C LEU J 563 6.98 47.16 -55.09
N PRO J 564 7.45 46.21 -55.90
CA PRO J 564 7.00 46.14 -57.30
C PRO J 564 5.50 45.97 -57.46
N ASN J 565 4.85 45.26 -56.54
CA ASN J 565 3.41 45.04 -56.63
C ASN J 565 2.60 46.29 -56.33
N GLY J 566 3.24 47.36 -55.85
CA GLY J 566 2.55 48.60 -55.55
C GLY J 566 2.26 48.83 -54.09
N ASN J 567 2.69 47.94 -53.20
CA ASN J 567 2.45 48.08 -51.78
C ASN J 567 3.56 48.90 -51.13
N TRP J 568 3.20 49.61 -50.05
CA TRP J 568 4.13 50.43 -49.30
C TRP J 568 4.64 49.64 -48.09
N GLU J 569 5.95 49.61 -47.92
CA GLU J 569 6.59 48.91 -46.81
C GLU J 569 7.11 49.94 -45.80
N VAL J 570 6.80 49.73 -44.52
CA VAL J 570 7.22 50.62 -43.46
C VAL J 570 7.88 49.80 -42.36
N GLY J 571 8.70 50.48 -41.56
CA GLY J 571 9.39 49.83 -40.46
C GLY J 571 9.81 50.80 -39.38
N VAL J 572 9.50 50.49 -38.13
CA VAL J 572 9.83 51.33 -36.98
C VAL J 572 10.96 50.66 -36.22
N HIS J 573 12.04 51.40 -36.00
CA HIS J 573 13.22 50.90 -35.31
C HIS J 573 13.26 51.45 -33.89
N ILE J 574 13.29 50.56 -32.91
CA ILE J 574 13.26 50.92 -31.50
C ILE J 574 14.55 50.42 -30.86
N ALA J 575 15.18 51.26 -30.05
CA ALA J 575 16.42 50.89 -29.38
C ALA J 575 16.22 49.66 -28.50
N ASP J 576 17.22 48.80 -28.47
CA ASP J 576 17.15 47.55 -27.72
C ASP J 576 17.92 47.73 -26.41
N VAL J 577 17.21 48.28 -25.42
CA VAL J 577 17.80 48.51 -24.10
C VAL J 577 18.04 47.19 -23.37
N THR J 578 17.11 46.25 -23.51
CA THR J 578 17.14 45.02 -22.72
C THR J 578 18.34 44.13 -23.02
N HIS J 579 19.06 44.38 -24.11
CA HIS J 579 20.25 43.59 -24.39
C HIS J 579 21.35 43.85 -23.37
N PHE J 580 21.58 45.12 -23.02
CA PHE J 580 22.62 45.48 -22.08
C PHE J 580 22.11 45.62 -20.64
N VAL J 581 20.80 45.48 -20.42
CA VAL J 581 20.20 45.59 -19.10
C VAL J 581 19.63 44.22 -18.75
N LYS J 582 20.08 43.64 -17.65
CA LYS J 582 19.67 42.31 -17.25
C LYS J 582 18.92 42.34 -15.93
N PRO J 583 17.83 41.61 -15.81
CA PRO J 583 17.14 41.51 -14.51
C PRO J 583 18.05 40.88 -13.46
N GLY J 584 17.94 41.37 -12.23
CA GLY J 584 18.75 40.88 -11.14
C GLY J 584 20.09 41.56 -10.96
N THR J 585 20.35 42.65 -11.66
CA THR J 585 21.57 43.41 -11.52
C THR J 585 21.30 44.74 -10.82
N ALA J 586 22.37 45.34 -10.30
CA ALA J 586 22.24 46.62 -9.60
C ALA J 586 21.78 47.72 -10.56
N LEU J 587 22.25 47.68 -11.80
CA LEU J 587 21.80 48.63 -12.80
C LEU J 587 20.30 48.51 -13.02
N ASP J 588 19.79 47.28 -13.11
CA ASP J 588 18.36 47.07 -13.27
C ASP J 588 17.59 47.57 -12.06
N ALA J 589 18.10 47.33 -10.85
CA ALA J 589 17.43 47.80 -9.64
C ALA J 589 17.36 49.31 -9.60
N GLU J 590 18.46 49.99 -9.94
CA GLU J 590 18.45 51.45 -9.97
C GLU J 590 17.51 51.98 -11.04
N GLY J 591 17.48 51.34 -12.21
CA GLY J 591 16.55 51.75 -13.24
C GLY J 591 15.10 51.55 -12.85
N ALA J 592 14.81 50.49 -12.10
CA ALA J 592 13.44 50.21 -11.68
C ALA J 592 13.02 51.10 -10.52
N ALA J 593 13.97 51.56 -9.71
CA ALA J 593 13.63 52.49 -8.63
C ALA J 593 13.13 53.82 -9.20
N ARG J 594 13.87 54.40 -10.14
CA ARG J 594 13.45 55.62 -10.81
C ARG J 594 12.45 55.25 -11.90
N GLY J 595 11.17 55.59 -11.69
CA GLY J 595 10.15 55.15 -12.63
C GLY J 595 10.35 55.71 -14.03
N THR J 596 10.62 57.01 -14.12
CA THR J 596 10.77 57.68 -15.40
C THR J 596 11.84 58.75 -15.28
N SER J 597 12.39 59.15 -16.42
CA SER J 597 13.30 60.28 -16.45
C SER J 597 12.54 61.59 -16.29
N VAL J 598 13.16 62.54 -15.61
CA VAL J 598 12.57 63.84 -15.34
C VAL J 598 13.28 64.86 -16.21
N TYR J 599 12.51 65.60 -17.01
CA TYR J 599 13.05 66.56 -17.97
C TYR J 599 12.72 67.98 -17.53
N LEU J 600 13.75 68.82 -17.47
CA LEU J 600 13.60 70.24 -17.19
C LEU J 600 14.07 71.03 -18.39
N VAL J 601 13.65 72.30 -18.45
CA VAL J 601 14.00 73.13 -19.61
C VAL J 601 15.49 73.42 -19.66
N ASP J 602 16.15 73.47 -18.51
CA ASP J 602 17.58 73.72 -18.45
C ASP J 602 18.40 72.48 -18.11
N LYS J 603 17.95 71.68 -17.13
CA LYS J 603 18.64 70.49 -16.69
C LYS J 603 17.84 69.25 -17.10
N ARG J 604 18.35 68.09 -16.71
CA ARG J 604 17.69 66.82 -17.02
C ARG J 604 18.17 65.77 -16.04
N ILE J 605 17.23 64.94 -15.58
CA ILE J 605 17.53 63.82 -14.69
C ILE J 605 17.18 62.54 -15.44
N ASP J 606 18.16 61.67 -15.61
CA ASP J 606 18.02 60.48 -16.43
C ASP J 606 17.75 59.24 -15.57
N MET J 607 16.94 58.34 -16.13
CA MET J 607 16.70 57.04 -15.50
C MET J 607 17.89 56.10 -15.71
N LEU J 608 18.57 56.21 -16.84
CA LEU J 608 19.71 55.38 -17.19
C LEU J 608 21.00 56.18 -17.17
N PRO J 609 22.14 55.52 -16.97
CA PRO J 609 23.42 56.25 -16.98
C PRO J 609 23.72 56.85 -18.34
N MET J 610 24.59 57.86 -18.33
CA MET J 610 24.98 58.54 -19.57
C MET J 610 25.66 57.58 -20.53
N LEU J 611 26.59 56.77 -20.02
CA LEU J 611 27.43 55.94 -20.89
C LEU J 611 26.59 54.99 -21.73
N LEU J 612 25.59 54.35 -21.12
CA LEU J 612 24.78 53.38 -21.86
C LEU J 612 23.77 54.09 -22.76
N GLY J 613 22.82 54.80 -22.15
CA GLY J 613 21.72 55.36 -22.91
C GLY J 613 22.13 56.45 -23.87
N THR J 614 22.97 57.38 -23.42
CA THR J 614 23.31 58.54 -24.24
C THR J 614 24.15 58.15 -25.45
N ASP J 615 25.11 57.23 -25.27
CA ASP J 615 26.09 56.91 -26.30
C ASP J 615 25.95 55.49 -26.83
N LEU J 616 25.99 54.49 -25.96
CA LEU J 616 26.11 53.11 -26.43
C LEU J 616 24.80 52.56 -26.98
N CYS J 617 23.66 53.00 -26.45
CA CYS J 617 22.38 52.45 -26.85
C CYS J 617 21.60 53.34 -27.81
N SER J 618 21.87 54.64 -27.83
CA SER J 618 21.17 55.54 -28.73
C SER J 618 21.56 55.26 -30.18
N LEU J 619 20.56 55.20 -31.06
CA LEU J 619 20.76 54.85 -32.46
C LEU J 619 21.35 56.06 -33.20
N LYS J 620 22.65 56.25 -33.02
CA LYS J 620 23.33 57.37 -33.64
C LYS J 620 23.55 57.12 -35.13
N PRO J 621 23.52 58.17 -35.95
CA PRO J 621 23.76 57.99 -37.38
C PRO J 621 25.21 57.64 -37.68
N TYR J 622 25.40 57.01 -38.84
CA TYR J 622 26.69 56.65 -39.42
C TYR J 622 27.43 55.56 -38.63
N VAL J 623 26.83 55.03 -37.57
CA VAL J 623 27.45 53.98 -36.77
C VAL J 623 26.44 52.84 -36.61
N ASP J 624 26.98 51.65 -36.34
CA ASP J 624 26.14 50.47 -36.14
C ASP J 624 25.54 50.47 -34.75
N ARG J 625 24.27 50.10 -34.66
CA ARG J 625 23.56 50.06 -33.39
C ARG J 625 22.55 48.92 -33.41
N PHE J 626 22.51 48.15 -32.32
CA PHE J 626 21.50 47.13 -32.15
C PHE J 626 20.13 47.77 -31.94
N ALA J 627 19.09 47.11 -32.47
CA ALA J 627 17.74 47.65 -32.36
C ALA J 627 16.73 46.53 -32.52
N PHE J 628 15.50 46.80 -32.11
CA PHE J 628 14.37 45.92 -32.36
C PHE J 628 13.56 46.48 -33.52
N SER J 629 13.17 45.60 -34.44
CA SER J 629 12.54 46.00 -35.68
C SER J 629 11.14 45.42 -35.79
N VAL J 630 10.19 46.24 -36.24
CA VAL J 630 8.85 45.80 -36.59
C VAL J 630 8.55 46.29 -38.00
N ILE J 631 8.01 45.41 -38.84
CA ILE J 631 7.75 45.71 -40.23
C ILE J 631 6.28 45.49 -40.54
N TRP J 632 5.72 46.38 -41.37
CA TRP J 632 4.34 46.27 -41.82
C TRP J 632 4.30 46.36 -43.34
N GLU J 633 3.24 45.79 -43.91
CA GLU J 633 2.91 45.94 -45.33
C GLU J 633 1.58 46.67 -45.38
N LEU J 634 1.64 48.00 -45.40
CA LEU J 634 0.45 48.84 -45.41
C LEU J 634 0.17 49.33 -46.82
N ASP J 635 -1.04 49.07 -47.30
CA ASP J 635 -1.42 49.43 -48.65
C ASP J 635 -1.60 50.94 -48.78
N ASP J 636 -2.01 51.38 -49.98
CA ASP J 636 -2.23 52.81 -50.21
C ASP J 636 -3.30 53.36 -49.29
N SER J 637 -4.23 52.51 -48.84
CA SER J 637 -5.24 52.90 -47.87
C SER J 637 -4.80 52.65 -46.44
N ALA J 638 -3.56 52.22 -46.23
CA ALA J 638 -2.99 51.98 -44.90
C ALA J 638 -3.79 50.93 -44.13
N ASN J 639 -3.84 49.74 -44.71
CA ASN J 639 -4.52 48.60 -44.12
C ASN J 639 -3.50 47.49 -43.85
N ILE J 640 -3.56 46.92 -42.65
CA ILE J 640 -2.56 45.95 -42.22
C ILE J 640 -2.85 44.61 -42.88
N VAL J 641 -1.84 44.06 -43.56
CA VAL J 641 -1.95 42.72 -44.15
C VAL J 641 -0.81 41.85 -43.66
N ASN J 642 0.32 42.48 -43.31
CA ASN J 642 1.52 41.77 -42.87
C ASN J 642 2.14 42.52 -41.72
N VAL J 643 2.32 41.84 -40.58
CA VAL J 643 3.01 42.41 -39.42
C VAL J 643 4.00 41.37 -38.90
N ASN J 644 5.23 41.81 -38.65
CA ASN J 644 6.29 40.92 -38.17
C ASN J 644 7.19 41.69 -37.20
N PHE J 645 7.69 40.97 -36.20
CA PHE J 645 8.60 41.51 -35.22
C PHE J 645 9.87 40.68 -35.19
N MET J 646 11.02 41.33 -35.02
CA MET J 646 12.29 40.63 -34.99
C MET J 646 13.34 41.52 -34.35
N LYS J 647 14.44 40.90 -33.93
CA LYS J 647 15.62 41.59 -33.45
C LYS J 647 16.69 41.57 -34.54
N SER J 648 17.12 42.74 -34.98
CA SER J 648 18.00 42.84 -36.14
C SER J 648 19.10 43.85 -35.86
N VAL J 649 19.98 44.02 -36.84
CA VAL J 649 21.09 44.97 -36.78
C VAL J 649 20.92 45.94 -37.94
N ILE J 650 20.97 47.24 -37.64
CA ILE J 650 20.77 48.29 -38.62
C ILE J 650 21.89 49.31 -38.49
N ARG J 651 21.82 50.36 -39.32
CA ARG J 651 22.76 51.47 -39.26
C ARG J 651 22.06 52.71 -39.75
N SER J 652 21.93 53.72 -38.89
CA SER J 652 21.24 54.95 -39.25
C SER J 652 22.07 55.78 -40.21
N ARG J 653 21.40 56.42 -41.16
CA ARG J 653 22.07 57.22 -42.18
C ARG J 653 22.16 58.69 -41.78
N GLU J 654 21.02 59.33 -41.54
CA GLU J 654 20.98 60.74 -41.19
C GLU J 654 20.04 60.97 -40.02
N ALA J 655 20.28 62.06 -39.31
CA ALA J 655 19.42 62.53 -38.23
C ALA J 655 18.89 63.91 -38.59
N PHE J 656 17.62 64.16 -38.28
CA PHE J 656 16.95 65.40 -38.67
C PHE J 656 16.21 65.99 -37.48
N SER J 657 15.69 67.19 -37.69
CA SER J 657 14.80 67.86 -36.75
C SER J 657 13.52 68.24 -37.47
N TYR J 658 12.53 68.68 -36.69
CA TYR J 658 11.20 68.93 -37.25
C TYR J 658 11.24 69.99 -38.34
N GLU J 659 11.81 71.17 -38.04
CA GLU J 659 11.85 72.24 -39.02
C GLU J 659 12.83 71.92 -40.15
N GLN J 660 13.95 71.27 -39.81
CA GLN J 660 14.91 70.88 -40.85
C GLN J 660 14.29 69.83 -41.77
N ALA J 661 13.56 68.88 -41.22
CA ALA J 661 12.89 67.88 -42.07
C ALA J 661 11.80 68.53 -42.93
N GLN J 662 11.08 69.50 -42.37
CA GLN J 662 10.06 70.19 -43.17
C GLN J 662 10.69 70.95 -44.33
N LEU J 663 11.81 71.64 -44.06
CA LEU J 663 12.51 72.32 -45.15
C LEU J 663 13.10 71.32 -46.15
N ARG J 664 13.52 70.15 -45.68
CA ARG J 664 14.03 69.11 -46.56
C ARG J 664 12.94 68.63 -47.52
N ILE J 665 11.77 68.27 -46.98
CA ILE J 665 10.70 67.75 -47.82
C ILE J 665 10.17 68.84 -48.74
N ASP J 666 10.13 70.08 -48.25
CA ASP J 666 9.68 71.19 -49.08
C ASP J 666 10.76 71.69 -50.04
N ASP J 667 11.98 71.18 -49.94
CA ASP J 667 13.05 71.52 -50.88
C ASP J 667 12.84 70.71 -52.16
N LYS J 668 12.44 71.38 -53.23
CA LYS J 668 12.07 70.68 -54.46
C LYS J 668 13.29 70.18 -55.23
N THR J 669 14.41 70.90 -55.17
CA THR J 669 15.56 70.55 -55.99
C THR J 669 16.18 69.21 -55.61
N GLN J 670 15.83 68.65 -54.46
CA GLN J 670 16.32 67.33 -54.04
C GLN J 670 15.38 66.26 -54.58
N ASN J 671 15.88 65.46 -55.52
CA ASN J 671 15.10 64.40 -56.13
C ASN J 671 15.57 63.01 -55.69
N ASP J 672 16.25 62.92 -54.56
CA ASP J 672 16.70 61.63 -54.06
C ASP J 672 15.53 60.80 -53.56
N GLU J 673 15.72 59.47 -53.55
CA GLU J 673 14.67 58.56 -53.14
C GLU J 673 14.31 58.71 -51.66
N LEU J 674 15.23 59.24 -50.85
CA LEU J 674 14.97 59.35 -49.41
C LEU J 674 13.81 60.30 -49.12
N THR J 675 13.77 61.44 -49.81
CA THR J 675 12.66 62.36 -49.59
C THR J 675 11.34 61.80 -50.12
N MET J 676 11.39 61.00 -51.19
CA MET J 676 10.19 60.32 -51.65
C MET J 676 9.70 59.32 -50.61
N GLY J 677 10.62 58.60 -49.98
CA GLY J 677 10.22 57.74 -48.87
C GLY J 677 9.61 58.52 -47.72
N MET J 678 10.21 59.68 -47.40
CA MET J 678 9.68 60.52 -46.32
C MET J 678 8.26 60.98 -46.63
N ARG J 679 8.02 61.43 -47.87
CA ARG J 679 6.68 61.91 -48.21
C ARG J 679 5.67 60.77 -48.30
N ALA J 680 6.13 59.57 -48.69
CA ALA J 680 5.26 58.40 -48.61
C ALA J 680 4.87 58.11 -47.17
N LEU J 681 5.83 58.21 -46.25
CA LEU J 681 5.51 58.07 -44.83
C LEU J 681 4.53 59.15 -44.39
N LEU J 682 4.71 60.38 -44.89
CA LEU J 682 3.80 61.46 -44.54
C LEU J 682 2.38 61.16 -44.98
N LYS J 683 2.21 60.67 -46.21
CA LYS J 683 0.87 60.38 -46.71
C LYS J 683 0.26 59.18 -45.98
N LEU J 684 1.08 58.18 -45.64
CA LEU J 684 0.57 57.06 -44.87
C LEU J 684 0.13 57.50 -43.48
N SER J 685 0.89 58.39 -42.85
CA SER J 685 0.48 58.93 -41.55
C SER J 685 -0.78 59.76 -41.67
N VAL J 686 -0.93 60.50 -42.77
CA VAL J 686 -2.16 61.26 -43.00
C VAL J 686 -3.36 60.33 -43.08
N LYS J 687 -3.22 59.23 -43.83
CA LYS J 687 -4.32 58.26 -43.91
C LYS J 687 -4.61 57.63 -42.55
N LEU J 688 -3.55 57.28 -41.81
CA LEU J 688 -3.74 56.69 -40.48
C LEU J 688 -4.47 57.63 -39.55
N LYS J 689 -4.09 58.91 -39.55
CA LYS J 689 -4.73 59.88 -38.67
C LYS J 689 -6.15 60.18 -39.12
N GLN J 690 -6.41 60.15 -40.42
CA GLN J 690 -7.79 60.26 -40.89
C GLN J 690 -8.63 59.11 -40.37
N LYS J 691 -8.09 57.89 -40.41
CA LYS J 691 -8.80 56.74 -39.87
C LYS J 691 -9.03 56.89 -38.37
N ARG J 692 -8.03 57.38 -37.65
CA ARG J 692 -8.17 57.57 -36.21
C ARG J 692 -9.26 58.60 -35.89
N LEU J 693 -9.26 59.72 -36.62
CA LEU J 693 -10.29 60.72 -36.41
C LEU J 693 -11.67 60.19 -36.80
N GLU J 694 -11.73 59.29 -37.78
CA GLU J 694 -12.98 58.59 -38.05
C GLU J 694 -13.41 57.77 -36.83
N ALA J 695 -12.46 57.08 -36.20
CA ALA J 695 -12.78 56.37 -34.97
C ALA J 695 -13.00 57.33 -33.80
N GLY J 696 -12.18 58.38 -33.72
CA GLY J 696 -12.29 59.34 -32.64
C GLY J 696 -11.43 60.57 -32.85
N ALA J 697 -11.98 61.76 -32.63
CA ALA J 697 -11.34 63.01 -32.97
C ALA J 697 -10.97 63.82 -31.73
N LEU J 698 -10.46 63.16 -30.69
CA LEU J 698 -9.99 63.85 -29.48
C LEU J 698 -8.57 64.37 -29.71
N ASN J 699 -8.48 65.38 -30.57
CA ASN J 699 -7.23 66.05 -30.88
C ASN J 699 -7.14 67.33 -30.05
N LEU J 700 -6.00 67.53 -29.39
CA LEU J 700 -5.83 68.61 -28.42
C LEU J 700 -4.71 69.54 -28.86
N ALA J 701 -4.80 70.79 -28.40
CA ALA J 701 -3.74 71.78 -28.60
C ALA J 701 -3.60 72.53 -27.28
N SER J 702 -2.73 72.02 -26.41
CA SER J 702 -2.53 72.59 -25.08
C SER J 702 -1.09 73.08 -24.93
N PRO J 703 -0.83 74.38 -24.98
CA PRO J 703 0.53 74.88 -24.85
C PRO J 703 1.12 74.56 -23.47
N GLU J 704 2.43 74.32 -23.45
CA GLU J 704 3.16 74.09 -22.23
C GLU J 704 3.86 75.35 -21.71
N VAL J 705 3.66 76.49 -22.37
CA VAL J 705 4.29 77.76 -22.03
C VAL J 705 5.81 77.58 -22.03
N LYS J 706 6.37 77.23 -23.19
CA LYS J 706 7.80 77.07 -23.32
C LYS J 706 8.51 78.39 -23.04
N VAL J 707 9.55 78.33 -22.21
CA VAL J 707 10.28 79.52 -21.77
C VAL J 707 11.76 79.31 -22.05
N HIS J 708 12.39 80.30 -22.69
CA HIS J 708 13.84 80.29 -22.92
C HIS J 708 14.28 81.75 -23.02
N MET J 709 14.82 82.29 -21.92
CA MET J 709 15.19 83.69 -21.86
C MET J 709 16.65 83.91 -22.28
N ASP J 710 17.59 83.32 -21.54
CA ASP J 710 19.02 83.47 -21.78
C ASP J 710 19.40 84.95 -21.88
N SER J 711 19.24 85.64 -20.76
CA SER J 711 19.45 87.08 -20.71
C SER J 711 20.93 87.43 -20.74
N GLU J 712 21.56 87.27 -21.90
CA GLU J 712 22.96 87.61 -22.11
C GLU J 712 23.88 86.90 -21.10
N GLU J 718 10.53 86.40 -23.26
CA GLU J 718 10.18 85.85 -24.56
C GLU J 718 9.44 84.52 -24.42
N VAL J 719 8.24 84.58 -23.86
CA VAL J 719 7.44 83.38 -23.62
C VAL J 719 6.76 82.99 -24.94
N GLU J 720 7.24 81.93 -25.56
CA GLU J 720 6.71 81.45 -26.83
C GLU J 720 5.77 80.27 -26.59
N ILE J 721 5.14 79.81 -27.67
CA ILE J 721 4.15 78.74 -27.62
C ILE J 721 4.60 77.62 -28.54
N LYS J 722 4.56 76.38 -28.03
CA LYS J 722 4.93 75.23 -28.83
C LYS J 722 3.90 75.02 -29.95
N LYS J 723 4.40 74.66 -31.13
CA LYS J 723 3.58 74.48 -32.31
C LYS J 723 3.74 73.06 -32.85
N LEU J 724 2.64 72.52 -33.39
CA LEU J 724 2.65 71.18 -33.96
C LEU J 724 2.90 71.27 -35.47
N LEU J 725 3.85 70.48 -35.95
CA LEU J 725 4.27 70.49 -37.34
C LEU J 725 3.95 69.14 -37.96
N ALA J 726 4.05 69.07 -39.29
CA ALA J 726 3.66 67.86 -40.01
C ALA J 726 4.47 66.65 -39.54
N THR J 727 5.78 66.83 -39.32
CA THR J 727 6.60 65.72 -38.84
C THR J 727 6.21 65.29 -37.44
N ASN J 728 5.66 66.21 -36.64
CA ASN J 728 5.21 65.83 -35.29
C ASN J 728 4.08 64.82 -35.36
N SER J 729 3.16 64.98 -36.31
CA SER J 729 2.06 64.06 -36.50
C SER J 729 2.43 62.87 -37.37
N LEU J 730 3.67 62.83 -37.88
CA LEU J 730 4.09 61.73 -38.74
C LEU J 730 4.50 60.51 -37.91
N VAL J 731 5.51 60.67 -37.06
CA VAL J 731 6.00 59.55 -36.27
C VAL J 731 5.02 59.13 -35.19
N GLU J 732 4.07 60.02 -34.84
CA GLU J 732 3.12 59.69 -33.78
C GLU J 732 2.27 58.49 -34.15
N GLU J 733 1.78 58.45 -35.39
CA GLU J 733 0.96 57.33 -35.84
C GLU J 733 1.76 56.04 -35.88
N PHE J 734 3.02 56.11 -36.31
CA PHE J 734 3.86 54.92 -36.33
C PHE J 734 4.11 54.38 -34.93
N MET J 735 4.39 55.28 -33.97
CA MET J 735 4.56 54.84 -32.59
C MET J 735 3.29 54.23 -32.03
N LEU J 736 2.13 54.82 -32.36
CA LEU J 736 0.86 54.27 -31.91
C LEU J 736 0.62 52.88 -32.50
N LEU J 737 0.92 52.70 -33.79
CA LEU J 737 0.73 51.39 -34.41
C LEU J 737 1.65 50.36 -33.78
N ALA J 738 2.91 50.73 -33.51
CA ALA J 738 3.81 49.80 -32.85
C ALA J 738 3.30 49.42 -31.47
N ASN J 739 2.80 50.40 -30.70
CA ASN J 739 2.28 50.13 -29.38
C ASN J 739 1.09 49.17 -29.44
N ILE J 740 0.17 49.42 -30.37
CA ILE J 740 -1.02 48.57 -30.48
C ILE J 740 -0.62 47.14 -30.88
N SER J 741 0.28 47.02 -31.85
CA SER J 741 0.70 45.70 -32.30
C SER J 741 1.39 44.93 -31.20
N VAL J 742 2.29 45.59 -30.45
CA VAL J 742 2.98 44.93 -29.36
C VAL J 742 1.99 44.53 -28.27
N ALA J 743 1.01 45.38 -27.98
CA ALA J 743 0.00 45.04 -26.98
C ALA J 743 -0.75 43.78 -27.38
N ARG J 744 -1.22 43.72 -28.63
CA ARG J 744 -1.95 42.54 -29.08
C ARG J 744 -1.08 41.30 -29.02
N LYS J 745 0.17 41.41 -29.46
CA LYS J 745 1.05 40.25 -29.50
C LYS J 745 1.35 39.73 -28.10
N ILE J 746 1.67 40.64 -27.16
CA ILE J 746 2.02 40.20 -25.81
C ILE J 746 0.79 39.68 -25.07
N TYR J 747 -0.39 40.26 -25.33
CA TYR J 747 -1.59 39.70 -24.71
C TYR J 747 -1.89 38.31 -25.24
N ASP J 748 -1.71 38.09 -26.54
CA ASP J 748 -1.90 36.75 -27.10
C ASP J 748 -0.90 35.77 -26.52
N ALA J 749 0.36 36.21 -26.33
CA ALA J 749 1.37 35.33 -25.78
C ALA J 749 1.12 35.05 -24.31
N PHE J 750 1.10 36.09 -23.49
CA PHE J 750 0.90 35.95 -22.04
C PHE J 750 -0.40 36.62 -21.63
N PRO J 751 -1.48 35.85 -21.46
CA PRO J 751 -2.78 36.45 -21.16
C PRO J 751 -2.99 36.85 -19.71
N GLN J 752 -2.04 36.58 -18.81
CA GLN J 752 -2.22 36.84 -17.40
C GLN J 752 -1.25 37.83 -16.80
N THR J 753 -0.11 38.10 -17.44
CA THR J 753 0.91 38.99 -16.87
C THR J 753 1.45 39.94 -17.92
N ALA J 754 0.56 40.53 -18.71
CA ALA J 754 0.94 41.49 -19.75
C ALA J 754 0.80 42.90 -19.22
N MET J 755 1.82 43.73 -19.46
CA MET J 755 1.83 45.11 -18.98
C MET J 755 1.05 45.98 -19.97
N LEU J 756 -0.08 46.53 -19.52
CA LEU J 756 -0.96 47.33 -20.36
C LEU J 756 -1.34 48.61 -19.64
N ARG J 757 -1.93 49.54 -20.40
CA ARG J 757 -2.40 50.80 -19.87
C ARG J 757 -3.86 51.00 -20.25
N ARG J 758 -4.58 51.73 -19.40
CA ARG J 758 -6.02 51.90 -19.59
C ARG J 758 -6.43 53.30 -19.14
N HIS J 759 -7.59 53.73 -19.64
CA HIS J 759 -8.17 55.02 -19.26
C HIS J 759 -9.68 54.84 -19.20
N ALA J 760 -10.21 54.75 -17.97
CA ALA J 760 -11.63 54.49 -17.77
C ALA J 760 -12.46 55.71 -18.11
N ALA J 761 -13.74 55.46 -18.41
CA ALA J 761 -14.67 56.54 -18.67
C ALA J 761 -14.91 57.34 -17.39
N PRO J 762 -14.97 58.66 -17.49
CA PRO J 762 -15.05 59.49 -16.28
C PRO J 762 -16.49 59.71 -15.85
N PRO J 763 -16.69 60.16 -14.60
CA PRO J 763 -18.04 60.59 -14.20
C PRO J 763 -18.47 61.87 -14.90
N SER J 764 -19.64 62.40 -14.55
CA SER J 764 -20.22 63.52 -15.25
C SER J 764 -20.33 64.80 -14.43
N THR J 765 -20.03 64.77 -13.14
CA THR J 765 -20.22 65.95 -12.29
C THR J 765 -19.35 67.11 -12.74
N ASN J 766 -18.05 66.86 -12.88
CA ASN J 766 -17.15 67.90 -13.38
C ASN J 766 -17.51 68.30 -14.80
N PHE J 767 -18.07 67.38 -15.58
CA PHE J 767 -18.57 67.71 -16.90
C PHE J 767 -19.89 68.48 -16.84
N GLU J 768 -20.79 68.09 -15.94
CA GLU J 768 -22.11 68.72 -15.92
C GLU J 768 -22.04 70.14 -15.39
N ILE J 769 -21.14 70.44 -14.45
CA ILE J 769 -21.03 71.81 -13.97
C ILE J 769 -20.56 72.73 -15.08
N LEU J 770 -19.56 72.29 -15.86
CA LEU J 770 -19.11 73.08 -16.99
C LEU J 770 -20.20 73.20 -18.05
N ASN J 771 -20.95 72.11 -18.28
CA ASN J 771 -22.02 72.16 -19.27
C ASN J 771 -23.10 73.16 -18.85
N GLU J 772 -23.46 73.17 -17.57
CA GLU J 772 -24.44 74.13 -17.08
C GLU J 772 -23.94 75.56 -17.21
N MET J 773 -22.67 75.79 -16.85
CA MET J 773 -22.12 77.14 -16.99
C MET J 773 -22.12 77.57 -18.46
N LEU J 774 -21.78 76.66 -19.37
CA LEU J 774 -21.72 77.00 -20.79
C LEU J 774 -23.11 77.27 -21.35
N ASN J 775 -24.08 76.41 -21.05
CA ASN J 775 -25.42 76.67 -21.56
C ASN J 775 -26.09 77.83 -20.84
N THR J 776 -25.53 78.30 -19.74
CA THR J 776 -26.03 79.53 -19.11
C THR J 776 -25.45 80.76 -19.78
N ARG J 777 -24.13 80.82 -19.96
CA ARG J 777 -23.48 82.02 -20.49
C ARG J 777 -23.16 81.90 -21.97
N LYS J 778 -22.34 80.93 -22.35
CA LYS J 778 -21.92 80.77 -23.74
C LYS J 778 -23.01 80.17 -24.62
N ASN J 779 -23.92 79.39 -24.03
CA ASN J 779 -25.00 78.71 -24.74
C ASN J 779 -24.43 77.68 -25.74
N MET J 780 -23.73 76.71 -25.19
CA MET J 780 -23.27 75.53 -25.93
C MET J 780 -23.56 74.29 -25.09
N SER J 781 -23.18 73.13 -25.63
CA SER J 781 -23.41 71.87 -24.95
C SER J 781 -22.36 70.86 -25.40
N ILE J 782 -21.97 69.97 -24.48
CA ILE J 782 -21.01 68.91 -24.74
C ILE J 782 -21.69 67.59 -24.44
N SER J 783 -21.69 66.69 -25.42
CA SER J 783 -22.35 65.39 -25.27
C SER J 783 -21.39 64.37 -24.68
N LEU J 784 -21.90 63.59 -23.73
CA LEU J 784 -21.14 62.50 -23.11
C LEU J 784 -21.56 61.14 -23.64
N GLU J 785 -22.02 61.08 -24.89
CA GLU J 785 -22.50 59.82 -25.44
C GLU J 785 -21.35 58.86 -25.71
N SER J 786 -20.28 59.33 -26.33
CA SER J 786 -19.15 58.49 -26.69
C SER J 786 -17.95 59.39 -26.97
N SER J 787 -16.85 58.77 -27.43
CA SER J 787 -15.66 59.54 -27.77
C SER J 787 -15.90 60.43 -28.97
N LYS J 788 -16.47 59.87 -30.05
CA LYS J 788 -16.74 60.66 -31.24
C LYS J 788 -17.77 61.75 -30.97
N ALA J 789 -18.80 61.43 -30.17
CA ALA J 789 -19.80 62.43 -29.82
C ALA J 789 -19.18 63.58 -29.03
N LEU J 790 -18.32 63.27 -28.07
CA LEU J 790 -17.66 64.32 -27.29
C LEU J 790 -16.75 65.16 -28.17
N ALA J 791 -16.00 64.52 -29.07
CA ALA J 791 -15.12 65.26 -29.98
C ALA J 791 -15.92 66.19 -30.88
N ASP J 792 -17.04 65.70 -31.42
CA ASP J 792 -17.89 66.55 -32.25
C ASP J 792 -18.47 67.70 -31.44
N SER J 793 -18.86 67.44 -30.19
CA SER J 793 -19.40 68.50 -29.34
C SER J 793 -18.34 69.57 -29.07
N LEU J 794 -17.10 69.17 -28.83
CA LEU J 794 -16.02 70.14 -28.69
C LEU J 794 -15.82 70.92 -29.98
N ASP J 795 -15.86 70.24 -31.12
CA ASP J 795 -15.70 70.91 -32.41
C ASP J 795 -16.84 71.89 -32.69
N ARG J 796 -18.02 71.68 -32.10
CA ARG J 796 -19.15 72.56 -32.36
C ARG J 796 -18.89 73.97 -31.84
N CYS J 797 -18.26 74.09 -30.67
CA CYS J 797 -18.03 75.40 -30.06
C CYS J 797 -17.02 76.17 -30.89
N VAL J 798 -17.51 77.13 -31.67
CA VAL J 798 -16.67 77.97 -32.52
C VAL J 798 -17.11 79.42 -32.35
N ASP J 799 -16.14 80.32 -32.23
CA ASP J 799 -16.41 81.76 -32.14
C ASP J 799 -15.67 82.49 -33.26
N PRO J 800 -16.36 83.24 -34.12
CA PRO J 800 -15.67 83.91 -35.23
C PRO J 800 -14.64 84.94 -34.77
N GLU J 801 -14.86 85.58 -33.63
CA GLU J 801 -13.96 86.65 -33.19
C GLU J 801 -12.69 86.09 -32.56
N ASP J 802 -12.84 85.26 -31.53
CA ASP J 802 -11.70 84.71 -30.81
C ASP J 802 -11.61 83.21 -31.00
N PRO J 803 -10.77 82.72 -31.91
CA PRO J 803 -10.59 81.26 -32.04
C PRO J 803 -9.94 80.64 -30.81
N TYR J 804 -9.29 81.44 -29.97
CA TYR J 804 -8.66 80.92 -28.75
C TYR J 804 -9.68 80.35 -27.78
N PHE J 805 -10.96 80.72 -27.92
CA PHE J 805 -11.99 80.18 -27.04
C PHE J 805 -12.13 78.67 -27.20
N ASN J 806 -11.85 78.14 -28.40
CA ASN J 806 -11.94 76.71 -28.61
C ASN J 806 -10.93 75.97 -27.73
N THR J 807 -9.67 76.39 -27.77
CA THR J 807 -8.67 75.78 -26.91
C THR J 807 -8.99 75.98 -25.44
N LEU J 808 -9.70 77.06 -25.11
CA LEU J 808 -10.09 77.30 -23.73
C LEU J 808 -11.03 76.21 -23.22
N VAL J 809 -12.02 75.82 -24.04
CA VAL J 809 -12.92 74.75 -23.63
C VAL J 809 -12.27 73.38 -23.81
N ARG J 810 -11.25 73.27 -24.67
CA ARG J 810 -10.52 72.01 -24.76
C ARG J 810 -9.71 71.76 -23.49
N ILE J 811 -8.96 72.76 -23.03
CA ILE J 811 -8.18 72.60 -21.81
C ILE J 811 -9.07 72.52 -20.59
N MET J 812 -10.23 73.20 -20.61
CA MET J 812 -11.16 73.11 -19.49
C MET J 812 -11.71 71.69 -19.36
N SER J 813 -12.02 71.06 -20.49
CA SER J 813 -12.46 69.66 -20.48
C SER J 813 -11.30 68.70 -20.22
N THR J 814 -10.06 69.16 -20.40
CA THR J 814 -8.88 68.32 -20.16
C THR J 814 -8.66 68.06 -18.67
N ARG J 815 -9.33 68.80 -17.79
CA ARG J 815 -9.16 68.65 -16.35
C ARG J 815 -10.31 67.88 -15.71
N CYS J 816 -11.15 67.22 -16.51
CA CYS J 816 -12.34 66.56 -15.99
C CYS J 816 -12.27 65.04 -16.02
N MET J 817 -11.48 64.44 -16.91
CA MET J 817 -11.48 63.00 -17.03
C MET J 817 -10.70 62.36 -15.88
N MET J 818 -10.67 61.03 -15.88
CA MET J 818 -9.97 60.27 -14.86
C MET J 818 -8.48 60.21 -15.20
N ALA J 819 -7.74 59.39 -14.46
CA ALA J 819 -6.29 59.27 -14.63
C ALA J 819 -5.95 57.90 -15.18
N ALA J 820 -5.18 57.88 -16.27
CA ALA J 820 -4.72 56.62 -16.85
C ALA J 820 -3.72 55.94 -15.91
N GLN J 821 -3.87 54.63 -15.76
CA GLN J 821 -3.06 53.86 -14.82
C GLN J 821 -2.51 52.61 -15.50
N TYR J 822 -1.27 52.27 -15.18
CA TYR J 822 -0.70 51.01 -15.63
C TYR J 822 -1.31 49.85 -14.86
N PHE J 823 -1.36 48.68 -15.50
CA PHE J 823 -1.90 47.48 -14.87
C PHE J 823 -1.41 46.26 -15.63
N TYR J 824 -1.74 45.09 -15.09
CA TYR J 824 -1.39 43.81 -15.72
C TYR J 824 -2.66 43.10 -16.16
N SER J 825 -2.56 42.42 -17.32
CA SER J 825 -3.74 41.89 -17.99
C SER J 825 -4.48 40.84 -17.17
N GLY J 826 -3.84 40.25 -16.16
CA GLY J 826 -4.52 39.29 -15.32
C GLY J 826 -5.39 39.88 -14.23
N ALA J 827 -5.48 41.21 -14.15
CA ALA J 827 -6.24 41.87 -13.10
C ALA J 827 -7.70 42.13 -13.51
N TYR J 828 -7.89 42.84 -14.62
CA TYR J 828 -9.22 43.20 -15.09
C TYR J 828 -9.62 42.31 -16.26
N SER J 829 -10.89 42.43 -16.66
CA SER J 829 -11.41 41.70 -17.79
C SER J 829 -11.15 42.48 -19.08
N TYR J 830 -11.30 41.78 -20.21
CA TYR J 830 -11.03 42.39 -21.51
C TYR J 830 -11.89 43.63 -21.77
N PRO J 831 -13.18 43.69 -21.45
CA PRO J 831 -13.92 44.95 -21.63
C PRO J 831 -13.31 46.12 -20.88
N ASP J 832 -12.62 45.87 -19.77
CA ASP J 832 -11.98 46.94 -19.01
C ASP J 832 -10.65 47.38 -19.62
N PHE J 833 -10.18 46.71 -20.67
CA PHE J 833 -8.93 47.08 -21.31
C PHE J 833 -9.06 48.33 -22.18
N ARG J 834 -10.28 48.81 -22.43
CA ARG J 834 -10.48 49.91 -23.35
C ARG J 834 -9.87 51.20 -22.81
N HIS J 835 -9.27 51.98 -23.70
CA HIS J 835 -8.68 53.27 -23.38
C HIS J 835 -9.52 54.36 -24.03
N TYR J 836 -10.13 55.20 -23.21
CA TYR J 836 -11.15 56.14 -23.70
C TYR J 836 -10.56 57.20 -24.62
N GLY J 837 -9.35 57.67 -24.32
CA GLY J 837 -8.80 58.81 -25.04
C GLY J 837 -8.67 58.57 -26.53
N LEU J 838 -8.22 57.38 -26.91
CA LEU J 838 -8.00 57.04 -28.32
C LEU J 838 -9.00 56.03 -28.86
N ALA J 839 -9.99 55.64 -28.06
CA ALA J 839 -11.01 54.67 -28.48
C ALA J 839 -10.39 53.36 -28.95
N VAL J 840 -9.36 52.91 -28.24
CA VAL J 840 -8.66 51.66 -28.54
C VAL J 840 -9.01 50.64 -27.47
N ASP J 841 -9.28 49.40 -27.89
CA ASP J 841 -9.70 48.36 -26.96
C ASP J 841 -8.56 47.83 -26.12
N ILE J 842 -7.31 48.00 -26.54
CA ILE J 842 -6.16 47.55 -25.77
C ILE J 842 -4.97 48.41 -26.15
N TYR J 843 -4.13 48.72 -25.15
CA TYR J 843 -3.01 49.63 -25.35
C TYR J 843 -1.84 49.21 -24.47
N THR J 844 -0.65 49.67 -24.85
CA THR J 844 0.56 49.45 -24.07
C THR J 844 1.59 50.49 -24.46
N HIS J 845 2.69 50.52 -23.70
CA HIS J 845 3.81 51.41 -23.95
C HIS J 845 5.02 50.56 -24.35
N PHE J 846 5.61 50.87 -25.50
CA PHE J 846 6.74 50.09 -26.02
C PHE J 846 7.90 50.90 -26.58
N THR J 847 7.69 52.13 -27.03
CA THR J 847 8.61 52.77 -27.96
C THR J 847 9.81 53.47 -27.34
N SER J 848 9.82 53.72 -26.03
CA SER J 848 10.86 54.54 -25.41
C SER J 848 11.46 53.82 -24.21
N PRO J 849 12.23 52.76 -24.43
CA PRO J 849 12.80 52.00 -23.30
C PRO J 849 13.88 52.76 -22.53
N ILE J 850 14.48 53.81 -23.10
CA ILE J 850 15.54 54.51 -22.40
C ILE J 850 14.97 55.29 -21.22
N ARG J 851 13.85 55.97 -21.40
CA ARG J 851 13.33 56.89 -20.41
C ARG J 851 12.15 56.33 -19.62
N ARG J 852 11.65 55.14 -19.96
CA ARG J 852 10.54 54.52 -19.24
C ARG J 852 10.85 53.07 -18.95
N TYR J 853 10.61 52.65 -17.70
CA TYR J 853 10.82 51.25 -17.32
C TYR J 853 9.70 50.35 -17.83
N CYS J 854 8.50 50.89 -18.02
CA CYS J 854 7.40 50.10 -18.58
C CYS J 854 7.75 49.63 -19.99
N ASP J 855 8.41 50.48 -20.77
CA ASP J 855 8.86 50.07 -22.09
C ASP J 855 9.90 48.96 -22.01
N VAL J 856 10.76 48.98 -20.98
CA VAL J 856 11.71 47.89 -20.79
C VAL J 856 10.98 46.59 -20.48
N VAL J 857 9.95 46.66 -19.64
CA VAL J 857 9.18 45.45 -19.32
C VAL J 857 8.48 44.94 -20.58
N ALA J 858 7.93 45.84 -21.39
CA ALA J 858 7.29 45.41 -22.63
C ALA J 858 8.28 44.79 -23.60
N HIS J 859 9.50 45.34 -23.65
CA HIS J 859 10.54 44.73 -24.49
C HIS J 859 10.88 43.34 -24.02
N ARG J 860 11.00 43.14 -22.71
CA ARG J 860 11.26 41.79 -22.20
C ARG J 860 10.13 40.84 -22.54
N GLN J 861 8.88 41.30 -22.40
CA GLN J 861 7.73 40.46 -22.72
C GLN J 861 7.71 40.08 -24.19
N LEU J 862 7.98 41.03 -25.08
CA LEU J 862 7.96 40.75 -26.51
C LEU J 862 9.15 39.91 -26.94
N ALA J 863 10.28 40.02 -26.25
CA ALA J 863 11.40 39.13 -26.53
C ALA J 863 11.09 37.71 -26.09
N GLY J 864 10.39 37.55 -24.97
CA GLY J 864 9.95 36.23 -24.55
C GLY J 864 8.76 35.69 -25.30
N ALA J 865 8.07 36.54 -26.07
CA ALA J 865 6.88 36.15 -26.82
C ALA J 865 7.20 35.57 -28.19
N ILE J 866 8.46 35.56 -28.61
CA ILE J 866 8.85 35.09 -29.93
C ILE J 866 9.77 33.88 -29.86
N GLY J 867 10.08 33.37 -28.67
CA GLY J 867 11.02 32.29 -28.53
C GLY J 867 12.48 32.71 -28.57
N TYR J 868 12.76 34.02 -28.68
CA TYR J 868 14.14 34.47 -28.70
C TYR J 868 14.86 34.15 -27.39
N GLU J 869 14.19 34.37 -26.26
CA GLU J 869 14.77 34.10 -24.95
C GLU J 869 13.63 33.85 -23.97
N PRO J 870 13.76 32.91 -23.04
CA PRO J 870 12.72 32.73 -22.03
C PRO J 870 12.62 33.95 -21.12
N LEU J 871 11.42 34.16 -20.59
CA LEU J 871 11.19 35.27 -19.68
C LEU J 871 11.87 35.01 -18.33
N SER J 872 12.04 36.08 -17.57
CA SER J 872 12.60 35.99 -16.22
C SER J 872 11.51 35.51 -15.27
N LEU J 873 11.78 35.60 -13.96
CA LEU J 873 10.81 35.20 -12.95
C LEU J 873 9.95 36.35 -12.45
N THR J 874 10.49 37.57 -12.38
CA THR J 874 9.74 38.69 -11.82
C THR J 874 8.51 39.04 -12.64
N HIS J 875 8.50 38.70 -13.94
CA HIS J 875 7.42 39.08 -14.84
C HIS J 875 6.41 37.95 -15.06
N ARG J 876 6.46 36.89 -14.25
CA ARG J 876 5.49 35.82 -14.32
C ARG J 876 4.71 35.65 -13.03
N ASP J 877 4.70 36.69 -12.18
CA ASP J 877 4.02 36.64 -10.89
C ASP J 877 3.16 37.88 -10.73
N LYS J 878 1.94 37.68 -10.23
CA LYS J 878 0.98 38.78 -10.14
C LYS J 878 1.41 39.82 -9.10
N ASN J 879 1.95 39.38 -7.97
CA ASN J 879 2.30 40.31 -6.90
C ASN J 879 3.40 41.26 -7.32
N LYS J 880 4.46 40.73 -7.93
CA LYS J 880 5.57 41.59 -8.37
C LYS J 880 5.13 42.55 -9.45
N MET J 881 4.29 42.09 -10.38
CA MET J 881 3.76 42.99 -11.40
C MET J 881 2.91 44.09 -10.80
N ASP J 882 2.11 43.76 -9.78
CA ASP J 882 1.31 44.77 -9.11
C ASP J 882 2.19 45.81 -8.41
N MET J 883 3.25 45.34 -7.75
CA MET J 883 4.19 46.28 -7.11
C MET J 883 4.84 47.19 -8.16
N ILE J 884 5.25 46.62 -9.30
CA ILE J 884 5.86 47.43 -10.35
C ILE J 884 4.87 48.45 -10.87
N CYS J 885 3.61 48.05 -11.07
CA CYS J 885 2.59 48.97 -11.56
C CYS J 885 2.40 50.13 -10.60
N ARG J 886 2.27 49.83 -9.31
CA ARG J 886 2.11 50.89 -8.32
C ARG J 886 3.30 51.84 -8.30
N ASN J 887 4.51 51.28 -8.33
CA ASN J 887 5.71 52.11 -8.30
C ASN J 887 5.78 53.02 -9.51
N ILE J 888 5.55 52.49 -10.71
CA ILE J 888 5.70 53.30 -11.92
C ILE J 888 4.60 54.35 -11.99
N ASN J 889 3.38 54.03 -11.55
CA ASN J 889 2.32 55.03 -11.53
C ASN J 889 2.68 56.18 -10.58
N ARG J 890 3.17 55.84 -9.39
CA ARG J 890 3.54 56.87 -8.42
C ARG J 890 4.66 57.76 -8.97
N LYS J 891 5.69 57.15 -9.56
CA LYS J 891 6.81 57.93 -10.07
C LYS J 891 6.40 58.78 -11.26
N HIS J 892 5.51 58.28 -12.12
CA HIS J 892 5.02 59.08 -13.24
C HIS J 892 4.29 60.32 -12.73
N ARG J 893 3.40 60.15 -11.74
CA ARG J 893 2.69 61.29 -11.20
C ARG J 893 3.65 62.29 -10.56
N ASN J 894 4.62 61.78 -9.79
CA ASN J 894 5.59 62.67 -9.14
C ASN J 894 6.42 63.44 -10.16
N ALA J 895 6.84 62.77 -11.23
CA ALA J 895 7.62 63.44 -12.26
C ALA J 895 6.81 64.52 -12.96
N GLN J 896 5.53 64.24 -13.25
CA GLN J 896 4.68 65.27 -13.85
C GLN J 896 4.53 66.48 -12.93
N PHE J 897 4.31 66.23 -11.63
CA PHE J 897 4.20 67.35 -10.69
C PHE J 897 5.50 68.15 -10.63
N ALA J 898 6.63 67.46 -10.61
CA ALA J 898 7.91 68.16 -10.55
C ALA J 898 8.14 69.02 -11.78
N GLY J 899 7.84 68.49 -12.97
CA GLY J 899 8.00 69.28 -14.18
C GLY J 899 7.10 70.50 -14.20
N ARG J 900 5.84 70.32 -13.80
CA ARG J 900 4.92 71.46 -13.74
C ARG J 900 5.42 72.51 -12.75
N ALA J 901 5.92 72.08 -11.58
CA ALA J 901 6.43 73.02 -10.61
C ALA J 901 7.62 73.79 -11.14
N SER J 902 8.53 73.09 -11.83
CA SER J 902 9.72 73.77 -12.37
C SER J 902 9.34 74.81 -13.42
N ILE J 903 8.44 74.44 -14.34
CA ILE J 903 8.09 75.39 -15.40
C ILE J 903 7.32 76.57 -14.81
N GLU J 904 6.46 76.32 -13.82
CA GLU J 904 5.75 77.43 -13.19
C GLU J 904 6.70 78.36 -12.44
N TYR J 905 7.69 77.80 -11.75
CA TYR J 905 8.67 78.63 -11.05
C TYR J 905 9.47 79.48 -12.02
N TYR J 906 9.88 78.90 -13.15
CA TYR J 906 10.63 79.69 -14.13
C TYR J 906 9.78 80.79 -14.74
N VAL J 907 8.50 80.50 -15.02
CA VAL J 907 7.60 81.55 -15.53
C VAL J 907 7.45 82.66 -14.50
N GLY J 908 7.25 82.30 -13.23
CA GLY J 908 7.13 83.31 -12.20
C GLY J 908 8.38 84.15 -12.06
N GLN J 909 9.55 83.53 -12.15
CA GLN J 909 10.80 84.28 -12.07
C GLN J 909 10.95 85.23 -13.25
N VAL J 910 10.64 84.78 -14.46
CA VAL J 910 10.81 85.64 -15.62
C VAL J 910 9.77 86.76 -15.63
N MET J 911 8.62 86.57 -14.97
CA MET J 911 7.63 87.64 -14.90
C MET J 911 7.84 88.58 -13.72
N ARG J 912 8.54 88.14 -12.68
CA ARG J 912 8.79 89.01 -11.53
C ARG J 912 9.81 90.09 -11.85
N ASN J 913 10.89 89.73 -12.53
CA ASN J 913 11.94 90.69 -12.84
C ASN J 913 11.45 91.78 -13.77
N ASN J 914 10.62 91.43 -14.75
CA ASN J 914 10.13 92.36 -15.76
C ASN J 914 8.70 92.73 -15.42
N GLU J 915 8.47 93.99 -15.06
CA GLU J 915 7.15 94.48 -14.69
C GLU J 915 6.54 95.21 -15.88
N SER J 916 5.45 94.67 -16.41
CA SER J 916 4.77 95.26 -17.55
C SER J 916 3.28 94.92 -17.43
N THR J 917 2.55 95.08 -18.52
CA THR J 917 1.12 94.81 -18.57
C THR J 917 0.86 93.55 -19.38
N GLU J 918 0.14 92.60 -18.79
CA GLU J 918 -0.19 91.34 -19.44
C GLU J 918 -1.68 91.07 -19.30
N THR J 919 -2.29 90.62 -20.39
CA THR J 919 -3.73 90.41 -20.43
C THR J 919 -4.09 89.07 -19.78
N GLY J 920 -5.36 88.69 -19.86
CA GLY J 920 -5.80 87.44 -19.28
C GLY J 920 -7.22 87.12 -19.70
N TYR J 921 -7.67 85.93 -19.27
CA TYR J 921 -9.01 85.45 -19.53
C TYR J 921 -9.65 85.00 -18.23
N VAL J 922 -10.97 85.09 -18.17
CA VAL J 922 -11.74 84.68 -16.99
C VAL J 922 -12.28 83.29 -17.23
N ILE J 923 -11.98 82.37 -16.32
CA ILE J 923 -12.44 80.99 -16.44
C ILE J 923 -13.39 80.58 -15.33
N LYS J 924 -13.45 81.31 -14.22
CA LYS J 924 -14.33 80.95 -13.12
C LYS J 924 -14.76 82.22 -12.39
N VAL J 925 -16.00 82.24 -11.93
CA VAL J 925 -16.57 83.36 -11.19
C VAL J 925 -16.86 82.91 -9.77
N PHE J 926 -16.48 83.73 -8.80
CA PHE J 926 -16.71 83.46 -7.39
C PHE J 926 -17.56 84.56 -6.78
N ASN J 927 -18.28 84.21 -5.72
CA ASN J 927 -19.11 85.19 -5.03
C ASN J 927 -18.31 86.31 -4.40
N ASN J 928 -17.03 86.08 -4.12
CA ASN J 928 -16.15 87.10 -3.57
C ASN J 928 -14.80 87.07 -4.26
N GLY J 929 -14.80 86.94 -5.58
CA GLY J 929 -13.55 86.94 -6.33
C GLY J 929 -13.79 86.55 -7.77
N ILE J 930 -12.72 86.68 -8.56
CA ILE J 930 -12.73 86.34 -9.98
C ILE J 930 -11.43 85.59 -10.29
N VAL J 931 -11.54 84.50 -11.03
CA VAL J 931 -10.39 83.70 -11.46
C VAL J 931 -10.00 84.15 -12.86
N VAL J 932 -8.75 84.58 -13.01
CA VAL J 932 -8.24 85.13 -14.26
C VAL J 932 -7.03 84.32 -14.70
N LEU J 933 -7.06 83.83 -15.94
CA LEU J 933 -6.01 83.00 -16.50
C LEU J 933 -5.34 83.73 -17.66
N VAL J 934 -4.02 83.84 -17.60
CA VAL J 934 -3.26 84.51 -18.65
C VAL J 934 -3.07 83.54 -19.82
N PRO J 935 -3.41 83.95 -21.05
CA PRO J 935 -3.25 83.02 -22.19
C PRO J 935 -1.80 82.80 -22.58
N LYS J 936 -0.95 83.83 -22.49
CA LYS J 936 0.44 83.70 -22.87
C LYS J 936 1.32 83.16 -21.75
N PHE J 937 0.79 83.03 -20.54
CA PHE J 937 1.54 82.48 -19.42
C PHE J 937 0.98 81.17 -18.88
N GLY J 938 -0.35 80.98 -18.92
CA GLY J 938 -0.96 79.76 -18.46
C GLY J 938 -1.12 79.65 -16.95
N VAL J 939 -0.79 80.69 -16.20
CA VAL J 939 -0.90 80.67 -14.74
C VAL J 939 -2.15 81.44 -14.36
N GLU J 940 -3.08 80.74 -13.70
CA GLU J 940 -4.31 81.36 -13.26
C GLU J 940 -4.06 82.29 -12.07
N GLY J 941 -4.96 83.25 -11.89
CA GLY J 941 -4.85 84.17 -10.79
C GLY J 941 -6.22 84.48 -10.21
N LEU J 942 -6.24 84.71 -8.89
CA LEU J 942 -7.46 84.99 -8.16
C LEU J 942 -7.34 86.36 -7.51
N ILE J 943 -8.39 87.16 -7.64
CA ILE J 943 -8.42 88.52 -7.10
C ILE J 943 -9.55 88.59 -6.07
N ARG J 944 -9.18 88.76 -4.80
CA ARG J 944 -10.16 88.78 -3.73
C ARG J 944 -10.99 90.05 -3.76
N LEU J 945 -12.30 89.90 -3.49
CA LEU J 945 -13.22 91.03 -3.52
C LEU J 945 -12.92 92.06 -2.44
N ASP J 946 -12.22 91.66 -1.37
CA ASP J 946 -11.93 92.61 -0.29
C ASP J 946 -11.05 93.76 -0.79
N ASN J 947 -10.07 93.47 -1.65
CA ASN J 947 -9.24 94.50 -2.26
C ASN J 947 -9.73 94.92 -3.64
N LEU J 948 -10.45 94.03 -4.34
CA LEU J 948 -10.99 94.40 -5.65
C LEU J 948 -12.03 95.50 -5.54
N THR J 949 -12.92 95.42 -4.55
CA THR J 949 -14.01 96.37 -4.41
C THR J 949 -13.98 96.98 -3.01
N GLU J 950 -13.96 98.30 -2.95
CA GLU J 950 -14.10 98.99 -1.68
C GLU J 950 -15.52 98.85 -1.16
N ASP J 951 -15.65 98.79 0.17
CA ASP J 951 -16.93 98.56 0.84
C ASP J 951 -17.52 97.24 0.36
N PRO J 952 -16.96 96.11 0.78
CA PRO J 952 -17.41 94.81 0.23
C PRO J 952 -18.86 94.49 0.50
N ASN J 953 -19.48 95.13 1.50
CA ASN J 953 -20.89 94.87 1.77
C ASN J 953 -21.80 95.33 0.64
N SER J 954 -21.32 96.20 -0.24
CA SER J 954 -22.11 96.68 -1.37
C SER J 954 -22.01 95.76 -2.58
N ALA J 955 -21.23 94.68 -2.50
CA ALA J 955 -21.11 93.76 -3.62
C ALA J 955 -22.42 93.00 -3.84
N ALA J 956 -22.65 92.61 -5.09
CA ALA J 956 -23.85 91.87 -5.46
C ALA J 956 -23.50 90.87 -6.55
N PHE J 957 -23.69 89.59 -6.28
CA PHE J 957 -23.43 88.54 -7.24
C PHE J 957 -24.60 87.56 -7.25
N ASP J 958 -24.94 87.06 -8.42
CA ASP J 958 -26.00 86.07 -8.57
C ASP J 958 -25.52 84.92 -9.45
N GLU J 959 -25.99 83.71 -9.13
CA GLU J 959 -25.63 82.53 -9.89
C GLU J 959 -26.49 82.33 -11.13
N VAL J 960 -27.54 83.15 -11.30
CA VAL J 960 -28.41 83.00 -12.47
C VAL J 960 -27.65 83.32 -13.75
N GLU J 961 -26.85 84.39 -13.74
CA GLU J 961 -26.07 84.79 -14.90
C GLU J 961 -24.57 84.74 -14.65
N TYR J 962 -24.14 84.26 -13.48
CA TYR J 962 -22.72 84.18 -13.13
C TYR J 962 -22.05 85.54 -13.26
N LYS J 963 -22.70 86.56 -12.71
CA LYS J 963 -22.26 87.94 -12.81
C LYS J 963 -22.22 88.59 -11.43
N LEU J 964 -21.15 89.35 -11.18
CA LEU J 964 -20.96 90.07 -9.93
C LEU J 964 -20.97 91.57 -10.19
N THR J 965 -21.62 92.30 -9.31
CA THR J 965 -21.74 93.75 -9.42
C THR J 965 -20.93 94.43 -8.30
N PHE J 966 -20.11 95.39 -8.68
CA PHE J 966 -19.27 96.11 -7.73
C PHE J 966 -18.87 97.45 -8.34
N VAL J 967 -18.22 98.27 -7.52
CA VAL J 967 -17.68 99.56 -7.94
C VAL J 967 -16.18 99.54 -7.72
N PRO J 968 -15.37 99.87 -8.72
CA PRO J 968 -13.92 99.84 -8.55
C PRO J 968 -13.40 101.00 -7.72
N THR J 969 -12.24 100.77 -7.12
CA THR J 969 -11.65 101.75 -6.21
C THR J 969 -11.19 103.00 -6.96
N ASN J 970 -10.59 102.81 -8.14
CA ASN J 970 -10.02 103.95 -8.87
C ASN J 970 -11.09 104.95 -9.29
N SER J 971 -12.23 104.46 -9.77
CA SER J 971 -13.31 105.33 -10.23
C SER J 971 -14.62 104.63 -9.95
N ASP J 972 -15.40 105.17 -9.01
CA ASP J 972 -16.64 104.52 -8.59
C ASP J 972 -17.65 104.50 -9.73
N LYS J 973 -18.12 103.30 -10.07
CA LYS J 973 -19.09 103.10 -11.14
C LYS J 973 -19.64 101.67 -11.06
N PRO J 974 -20.95 101.48 -11.26
CA PRO J 974 -21.49 100.12 -11.25
C PRO J 974 -21.10 99.35 -12.50
N ARG J 975 -20.16 98.42 -12.35
CA ARG J 975 -19.63 97.65 -13.46
C ARG J 975 -19.78 96.17 -13.17
N ASP J 976 -20.31 95.42 -14.13
CA ASP J 976 -20.54 93.99 -14.00
C ASP J 976 -19.38 93.21 -14.60
N VAL J 977 -19.07 92.07 -14.00
CA VAL J 977 -18.00 91.20 -14.44
C VAL J 977 -18.60 89.87 -14.90
N TYR J 978 -18.18 89.41 -16.07
CA TYR J 978 -18.63 88.16 -16.66
C TYR J 978 -17.51 87.15 -16.64
N VAL J 979 -17.81 85.95 -17.14
CA VAL J 979 -16.79 84.95 -17.40
C VAL J 979 -16.36 85.11 -18.85
N PHE J 980 -15.14 84.67 -19.16
CA PHE J 980 -14.53 84.79 -20.47
C PHE J 980 -14.29 86.25 -20.88
N ASP J 981 -14.19 87.15 -19.92
CA ASP J 981 -13.95 88.55 -20.19
C ASP J 981 -12.44 88.80 -20.30
N LYS J 982 -12.05 90.06 -20.46
CA LYS J 982 -10.66 90.45 -20.60
C LYS J 982 -10.32 91.53 -19.59
N VAL J 983 -9.29 91.28 -18.79
CA VAL J 983 -8.82 92.23 -17.78
C VAL J 983 -7.30 92.25 -17.83
N GLU J 984 -6.72 93.33 -17.30
CA GLU J 984 -5.27 93.52 -17.31
C GLU J 984 -4.71 93.14 -15.94
N VAL J 985 -3.66 92.33 -15.93
CA VAL J 985 -3.10 91.76 -14.72
C VAL J 985 -1.59 91.92 -14.71
N GLN J 986 -1.05 92.31 -13.56
CA GLN J 986 0.39 92.38 -13.33
C GLN J 986 0.73 91.54 -12.09
N VAL J 987 2.03 91.49 -11.76
CA VAL J 987 2.53 90.68 -10.67
C VAL J 987 3.37 91.54 -9.74
N ARG J 988 3.18 91.34 -8.44
CA ARG J 988 3.95 92.02 -7.40
C ARG J 988 4.85 91.00 -6.69
N SER J 989 5.57 91.48 -5.67
CA SER J 989 6.43 90.62 -4.88
C SER J 989 5.61 89.81 -3.88
N VAL J 990 6.23 88.79 -3.31
CA VAL J 990 5.57 87.88 -2.38
C VAL J 990 6.27 88.00 -1.03
N MET J 991 5.50 88.33 0.00
CA MET J 991 6.03 88.45 1.36
C MET J 991 5.72 87.23 2.20
N ASP J 992 4.43 86.92 2.37
CA ASP J 992 3.98 85.79 3.19
C ASP J 992 4.60 85.81 4.58
N GLU J 1001 2.60 85.41 -6.59
CA GLU J 1001 1.18 85.70 -6.45
C GLU J 1001 0.75 86.79 -7.44
N LEU J 1002 -0.43 86.63 -8.02
CA LEU J 1002 -0.95 87.54 -9.03
C LEU J 1002 -2.06 88.40 -8.44
N LEU J 1003 -2.28 89.56 -9.07
CA LEU J 1003 -3.25 90.52 -8.58
C LEU J 1003 -3.65 91.45 -9.72
N LEU J 1004 -4.75 92.18 -9.50
CA LEU J 1004 -5.28 93.07 -10.52
C LEU J 1004 -4.31 94.23 -10.79
N LYS J 1005 -4.13 94.54 -12.07
CA LYS J 1005 -3.28 95.65 -12.48
C LYS J 1005 -4.03 96.98 -12.38
N LEU K 225 -16.84 -32.47 54.82
CA LEU K 225 -18.25 -32.63 55.15
C LEU K 225 -18.69 -34.09 55.09
N ASN K 226 -19.64 -34.44 55.96
CA ASN K 226 -20.26 -35.75 55.93
C ASN K 226 -21.32 -35.79 54.82
N LEU K 227 -21.77 -37.00 54.50
CA LEU K 227 -22.79 -37.16 53.46
C LEU K 227 -24.07 -36.42 53.83
N GLU K 228 -24.54 -36.62 55.06
CA GLU K 228 -25.74 -35.91 55.52
C GLU K 228 -25.50 -34.41 55.58
N GLU K 229 -24.32 -34.00 56.08
CA GLU K 229 -24.00 -32.58 56.15
C GLU K 229 -23.90 -31.97 54.75
N SER K 230 -23.28 -32.70 53.82
CA SER K 230 -23.18 -32.21 52.44
C SER K 230 -24.56 -32.07 51.81
N TRP K 231 -25.44 -33.06 52.05
CA TRP K 231 -26.79 -32.98 51.50
C TRP K 231 -27.56 -31.81 52.11
N LYS K 232 -27.41 -31.57 53.41
CA LYS K 232 -28.07 -30.44 54.04
C LYS K 232 -27.56 -29.12 53.48
N ALA K 233 -26.24 -29.02 53.26
CA ALA K 233 -25.68 -27.82 52.65
C ALA K 233 -26.22 -27.62 51.23
N ILE K 234 -26.34 -28.72 50.47
CA ILE K 234 -26.89 -28.63 49.12
C ILE K 234 -28.33 -28.11 49.17
N LYS K 235 -29.12 -28.65 50.08
CA LYS K 235 -30.52 -28.23 50.19
C LYS K 235 -30.63 -26.78 50.62
N GLU K 236 -29.76 -26.33 51.53
CA GLU K 236 -29.83 -24.95 52.00
C GLU K 236 -29.38 -23.97 50.94
N MET K 237 -28.31 -24.29 50.20
CA MET K 237 -27.76 -23.35 49.24
C MET K 237 -28.64 -23.18 48.00
N ASN K 238 -29.58 -24.10 47.76
CA ASN K 238 -30.49 -24.01 46.62
C ASN K 238 -31.83 -23.47 47.12
N HIS K 239 -31.88 -22.15 47.30
CA HIS K 239 -33.10 -21.48 47.74
C HIS K 239 -33.30 -20.20 46.96
N TYR K 240 -34.54 -19.95 46.55
CA TYR K 240 -34.90 -18.70 45.92
C TYR K 240 -36.40 -18.49 46.10
N CYS K 241 -36.82 -17.23 46.01
CA CYS K 241 -38.22 -16.86 46.13
C CYS K 241 -38.88 -17.00 44.77
N PHE K 242 -39.70 -18.05 44.61
CA PHE K 242 -40.35 -18.34 43.35
C PHE K 242 -41.68 -17.60 43.29
N LEU K 243 -41.73 -16.53 42.51
CA LEU K 243 -42.95 -15.76 42.35
C LEU K 243 -43.45 -15.80 40.91
N ASP K 254 -47.89 -4.30 33.19
CA ASP K 254 -48.50 -3.05 32.76
C ASP K 254 -47.49 -2.12 32.08
N PHE K 255 -46.57 -2.71 31.33
CA PHE K 255 -45.61 -1.97 30.53
C PHE K 255 -46.11 -1.91 29.09
N ALA K 256 -46.16 -0.70 28.53
CA ALA K 256 -46.70 -0.52 27.19
C ALA K 256 -45.84 -1.21 26.13
N PHE K 257 -44.52 -1.05 26.22
CA PHE K 257 -43.62 -1.65 25.25
C PHE K 257 -43.66 -3.17 25.32
N THR K 258 -43.64 -3.73 26.52
CA THR K 258 -43.70 -5.18 26.70
C THR K 258 -45.00 -5.74 26.16
N ASN K 259 -46.12 -5.07 26.44
CA ASN K 259 -47.40 -5.52 25.92
C ASN K 259 -47.44 -5.46 24.40
N PHE K 260 -46.88 -4.40 23.83
CA PHE K 260 -46.87 -4.27 22.37
C PHE K 260 -46.04 -5.39 21.72
N ILE K 261 -44.85 -5.66 22.26
CA ILE K 261 -43.99 -6.65 21.64
C ILE K 261 -44.40 -8.08 22.04
N ILE K 262 -44.50 -8.34 23.33
CA ILE K 262 -44.82 -9.68 23.83
C ILE K 262 -46.33 -9.78 23.87
N LYS K 263 -46.92 -10.22 22.76
CA LYS K 263 -48.36 -10.36 22.64
C LYS K 263 -48.68 -11.79 22.19
N ASP K 264 -49.77 -12.33 22.73
CA ASP K 264 -50.22 -13.71 22.48
C ASP K 264 -49.08 -14.71 22.39
N LEU K 283 -53.99 -28.70 11.06
CA LEU K 283 -54.36 -30.10 11.11
C LEU K 283 -54.01 -30.81 9.80
N SER K 284 -53.96 -30.04 8.71
CA SER K 284 -53.57 -30.61 7.43
C SER K 284 -52.12 -31.10 7.47
N LEU K 285 -51.23 -30.34 8.11
CA LEU K 285 -49.84 -30.75 8.20
C LEU K 285 -49.68 -32.01 9.05
N LYS K 286 -50.45 -32.11 10.14
CA LYS K 286 -50.32 -33.26 11.04
C LYS K 286 -50.70 -34.56 10.35
N LYS K 287 -51.76 -34.54 9.55
CA LYS K 287 -52.20 -35.73 8.86
C LYS K 287 -51.45 -35.99 7.55
N HIS K 288 -50.57 -35.08 7.14
CA HIS K 288 -49.83 -35.23 5.89
C HIS K 288 -48.33 -35.33 6.11
N ASN K 289 -47.89 -35.66 7.31
CA ASN K 289 -46.47 -35.87 7.55
C ASN K 289 -46.01 -37.16 6.86
N ASN K 290 -44.69 -37.36 6.87
CA ASN K 290 -44.02 -38.51 6.28
C ASN K 290 -44.10 -38.48 4.76
N GLU K 291 -44.85 -37.52 4.23
CA GLU K 291 -44.87 -37.21 2.80
C GLU K 291 -44.48 -35.78 2.52
N LEU K 292 -44.89 -34.84 3.39
CA LEU K 292 -44.48 -33.45 3.24
C LEU K 292 -43.02 -33.24 3.64
N LEU K 293 -42.49 -34.08 4.52
CA LEU K 293 -41.17 -33.90 5.09
C LEU K 293 -40.27 -35.11 4.88
N GLY K 294 -40.54 -35.91 3.84
CA GLY K 294 -39.80 -37.13 3.59
C GLY K 294 -38.79 -36.98 2.46
N ILE K 295 -38.20 -38.12 2.08
CA ILE K 295 -37.30 -38.17 0.95
C ILE K 295 -38.11 -38.15 -0.34
N PHE K 296 -37.43 -37.85 -1.45
CA PHE K 296 -38.12 -37.64 -2.71
C PHE K 296 -38.54 -38.97 -3.35
N VAL K 297 -39.83 -39.12 -3.58
CA VAL K 297 -40.37 -40.22 -4.38
C VAL K 297 -41.30 -39.60 -5.42
N PRO K 298 -41.15 -39.94 -6.70
CA PRO K 298 -41.98 -39.31 -7.74
C PRO K 298 -43.46 -39.57 -7.52
N CYS K 299 -44.28 -38.61 -7.95
CA CYS K 299 -45.72 -38.68 -7.72
C CYS K 299 -46.34 -39.88 -8.43
N ASN K 300 -46.08 -40.03 -9.72
CA ASN K 300 -46.66 -41.11 -10.51
C ASN K 300 -45.65 -42.24 -10.69
N LEU K 301 -45.46 -42.99 -9.60
CA LEU K 301 -44.57 -44.13 -9.61
C LEU K 301 -45.38 -45.40 -9.52
N PRO K 302 -45.33 -46.28 -10.52
CA PRO K 302 -46.08 -47.55 -10.43
C PRO K 302 -45.58 -48.39 -9.27
N LYS K 303 -46.51 -49.16 -8.70
CA LYS K 303 -46.17 -49.99 -7.54
C LYS K 303 -45.09 -51.01 -7.85
N THR K 304 -45.02 -51.47 -9.10
CA THR K 304 -43.97 -52.42 -9.48
C THR K 304 -42.59 -51.80 -9.34
N THR K 305 -42.42 -50.58 -9.85
CA THR K 305 -41.13 -49.91 -9.76
C THR K 305 -40.76 -49.61 -8.31
N ARG K 306 -41.75 -49.20 -7.51
CA ARG K 306 -41.51 -48.96 -6.09
C ARG K 306 -41.06 -50.22 -5.38
N LYS K 307 -41.72 -51.35 -5.67
CA LYS K 307 -41.33 -52.62 -5.05
C LYS K 307 -39.93 -53.03 -5.47
N VAL K 308 -39.60 -52.85 -6.75
CA VAL K 308 -38.26 -53.20 -7.21
C VAL K 308 -37.21 -52.35 -6.52
N ALA K 309 -37.48 -51.06 -6.36
CA ALA K 309 -36.54 -50.19 -5.67
C ALA K 309 -36.37 -50.60 -4.21
N ILE K 310 -37.47 -50.95 -3.54
CA ILE K 310 -37.38 -51.35 -2.14
C ILE K 310 -36.63 -52.66 -1.99
N GLU K 311 -36.82 -53.58 -2.94
CA GLU K 311 -36.19 -54.90 -2.85
C GLU K 311 -34.67 -54.81 -2.99
N ASN K 312 -34.17 -53.87 -3.79
CA ASN K 312 -32.73 -53.76 -3.99
C ASN K 312 -32.01 -53.43 -2.68
N PHE K 313 -32.57 -52.53 -1.89
CA PHE K 313 -31.91 -52.08 -0.67
C PHE K 313 -32.02 -53.09 0.47
N ASN K 314 -32.79 -54.16 0.29
CA ASN K 314 -32.85 -55.25 1.27
C ASN K 314 -31.84 -56.35 0.98
N ARG K 315 -30.76 -56.04 0.27
CA ARG K 315 -29.71 -56.98 -0.06
C ARG K 315 -28.37 -56.35 0.30
N PRO K 316 -27.33 -57.17 0.52
CA PRO K 316 -26.06 -56.62 1.03
C PRO K 316 -25.46 -55.58 0.10
N SER K 317 -24.89 -54.55 0.70
CA SER K 317 -24.18 -53.49 0.00
C SER K 317 -22.79 -53.98 -0.42
N PRO K 318 -22.14 -53.28 -1.35
CA PRO K 318 -20.80 -53.72 -1.78
C PRO K 318 -19.81 -53.86 -0.64
N ASP K 319 -19.88 -52.99 0.38
CA ASP K 319 -18.98 -53.13 1.52
C ASP K 319 -19.30 -54.37 2.35
N ASP K 320 -20.58 -54.74 2.43
CA ASP K 320 -20.98 -55.88 3.25
C ASP K 320 -20.34 -57.17 2.74
N ILE K 321 -20.34 -57.37 1.42
CA ILE K 321 -19.80 -58.60 0.84
C ILE K 321 -18.31 -58.71 1.13
N ILE K 322 -17.57 -57.62 0.95
CA ILE K 322 -16.13 -57.65 1.18
C ILE K 322 -15.82 -57.85 2.65
N GLN K 323 -16.58 -57.18 3.54
CA GLN K 323 -16.35 -57.35 4.96
C GLN K 323 -16.69 -58.76 5.44
N SER K 324 -17.64 -59.42 4.76
CA SER K 324 -17.99 -60.78 5.13
C SER K 324 -16.83 -61.74 4.90
N ALA K 325 -16.13 -61.60 3.77
CA ALA K 325 -15.04 -62.51 3.45
C ALA K 325 -13.79 -62.24 4.26
N GLN K 326 -13.56 -60.98 4.66
CA GLN K 326 -12.35 -60.62 5.39
C GLN K 326 -12.37 -61.13 6.83
N LEU K 327 -13.50 -61.66 7.31
CA LEU K 327 -13.55 -62.17 8.67
C LEU K 327 -12.61 -63.35 8.87
N ASN K 328 -12.54 -64.24 7.88
CA ASN K 328 -11.66 -65.41 8.01
C ASN K 328 -10.20 -65.01 8.07
N ALA K 329 -9.81 -63.92 7.41
CA ALA K 329 -8.42 -63.49 7.43
C ALA K 329 -8.05 -62.87 8.77
N PHE K 330 -8.72 -61.79 9.14
CA PHE K 330 -8.46 -61.08 10.39
C PHE K 330 -9.52 -61.51 11.40
N ASN K 331 -9.15 -62.44 12.27
CA ASN K 331 -10.07 -62.99 13.26
C ASN K 331 -10.47 -61.93 14.28
N GLU L 301 4.28 -67.34 20.83
CA GLU L 301 5.53 -66.69 21.19
C GLU L 301 6.70 -67.67 21.18
N TRP L 302 6.51 -68.80 20.51
CA TRP L 302 7.52 -69.85 20.46
C TRP L 302 7.65 -70.37 19.04
N ALA L 303 8.80 -70.98 18.77
CA ALA L 303 9.07 -71.62 17.48
C ALA L 303 8.98 -73.13 17.64
N HIS L 304 8.22 -73.77 16.75
CA HIS L 304 8.01 -75.21 16.78
C HIS L 304 8.72 -75.87 15.62
N VAL L 305 9.45 -76.94 15.89
CA VAL L 305 10.13 -77.73 14.87
C VAL L 305 9.28 -78.97 14.58
N VAL L 306 8.93 -79.17 13.32
CA VAL L 306 8.11 -80.30 12.88
C VAL L 306 8.90 -81.09 11.84
N ASP L 307 8.93 -82.41 12.02
CA ASP L 307 9.61 -83.30 11.08
C ASP L 307 9.12 -84.73 11.24
N ASN L 314 -4.90 -87.54 7.80
CA ASN L 314 -6.17 -87.24 7.15
C ASN L 314 -6.12 -85.87 6.48
N PHE L 315 -5.18 -85.69 5.55
CA PHE L 315 -5.04 -84.42 4.87
C PHE L 315 -6.25 -84.11 3.99
N ASP L 316 -6.78 -85.13 3.32
CA ASP L 316 -7.92 -84.91 2.42
C ASP L 316 -9.14 -84.40 3.19
N GLU L 317 -9.42 -84.98 4.36
CA GLU L 317 -10.52 -84.50 5.17
C GLU L 317 -10.19 -83.19 5.87
N LEU L 318 -8.91 -82.96 6.18
CA LEU L 318 -8.52 -81.73 6.87
C LEU L 318 -8.78 -80.51 6.00
N ILE L 319 -8.51 -80.61 4.71
CA ILE L 319 -8.71 -79.49 3.78
C ILE L 319 -9.53 -79.95 2.59
N PRO L 320 -10.84 -80.17 2.75
CA PRO L 320 -11.65 -80.64 1.63
C PRO L 320 -11.74 -79.66 0.47
N ASN L 321 -11.51 -78.37 0.71
CA ASN L 321 -11.65 -77.34 -0.32
C ASN L 321 -10.36 -76.53 -0.38
N PRO L 322 -9.32 -77.06 -1.04
CA PRO L 322 -8.06 -76.32 -1.16
C PRO L 322 -8.24 -75.07 -2.02
N ALA L 323 -7.43 -74.06 -1.72
CA ALA L 323 -7.49 -72.81 -2.46
C ALA L 323 -6.91 -72.95 -3.86
N ARG L 324 -5.95 -73.86 -4.04
CA ARG L 324 -5.34 -74.07 -5.35
C ARG L 324 -4.99 -75.55 -5.49
N SER L 325 -4.99 -76.03 -6.73
CA SER L 325 -4.70 -77.42 -7.03
C SER L 325 -3.56 -77.52 -8.03
N TRP L 326 -2.78 -78.59 -7.92
CA TRP L 326 -1.65 -78.85 -8.79
C TRP L 326 -1.77 -80.26 -9.37
N PRO L 327 -1.28 -80.48 -10.60
CA PRO L 327 -1.36 -81.80 -11.25
C PRO L 327 -0.23 -82.75 -10.85
N PHE L 328 0.06 -82.81 -9.56
CA PHE L 328 1.06 -83.75 -9.05
C PHE L 328 0.84 -83.93 -7.56
N GLU L 329 1.42 -85.01 -7.03
CA GLU L 329 1.28 -85.34 -5.62
C GLU L 329 2.27 -84.54 -4.79
N LEU L 330 1.76 -83.85 -3.78
CA LEU L 330 2.60 -82.98 -2.96
C LEU L 330 3.48 -83.80 -2.02
N ASP L 331 4.64 -83.24 -1.70
CA ASP L 331 5.53 -83.85 -0.72
C ASP L 331 4.99 -83.60 0.69
N THR L 332 5.61 -84.28 1.66
CA THR L 332 5.14 -84.15 3.04
C THR L 332 5.30 -82.71 3.55
N PHE L 333 6.43 -82.08 3.24
CA PHE L 333 6.68 -80.73 3.73
C PHE L 333 5.70 -79.73 3.12
N GLN L 334 5.36 -79.92 1.85
CA GLN L 334 4.36 -79.04 1.22
C GLN L 334 3.00 -79.18 1.89
N LYS L 335 2.58 -80.41 2.18
CA LYS L 335 1.31 -80.63 2.87
C LYS L 335 1.32 -80.02 4.26
N GLU L 336 2.43 -80.17 4.99
CA GLU L 336 2.53 -79.58 6.32
C GLU L 336 2.43 -78.06 6.26
N ALA L 337 3.13 -77.45 5.29
CA ALA L 337 3.07 -76.00 5.14
C ALA L 337 1.65 -75.54 4.80
N VAL L 338 0.97 -76.26 3.90
CA VAL L 338 -0.39 -75.90 3.54
C VAL L 338 -1.31 -76.00 4.76
N TYR L 339 -1.19 -77.09 5.51
CA TYR L 339 -2.05 -77.29 6.67
C TYR L 339 -1.84 -76.20 7.72
N HIS L 340 -0.58 -75.85 7.99
CA HIS L 340 -0.34 -74.82 8.99
C HIS L 340 -0.65 -73.42 8.47
N LEU L 341 -0.69 -73.23 7.15
CA LEU L 341 -1.18 -71.97 6.61
C LEU L 341 -2.70 -71.87 6.71
N GLU L 342 -3.39 -73.02 6.66
CA GLU L 342 -4.85 -73.02 6.77
C GLU L 342 -5.34 -72.88 8.20
N GLN L 343 -4.45 -72.90 9.19
CA GLN L 343 -4.84 -72.69 10.57
C GLN L 343 -4.64 -71.26 11.05
N GLY L 344 -3.83 -70.47 10.37
CA GLY L 344 -3.59 -69.10 10.77
C GLY L 344 -2.27 -68.91 11.50
N ASP L 345 -1.23 -69.63 11.08
CA ASP L 345 0.07 -69.55 11.72
C ASP L 345 1.14 -69.30 10.67
N SER L 346 2.23 -68.67 11.10
CA SER L 346 3.38 -68.45 10.24
C SER L 346 4.18 -69.73 10.07
N VAL L 347 4.91 -69.81 8.96
CA VAL L 347 5.63 -71.02 8.57
C VAL L 347 7.04 -70.66 8.14
N PHE L 348 8.01 -71.46 8.58
CA PHE L 348 9.39 -71.38 8.12
C PHE L 348 9.71 -72.65 7.35
N VAL L 349 10.17 -72.51 6.11
CA VAL L 349 10.51 -73.64 5.26
C VAL L 349 11.99 -73.55 4.91
N ALA L 350 12.73 -74.61 5.21
CA ALA L 350 14.15 -74.72 4.89
C ALA L 350 14.37 -76.06 4.20
N ALA L 351 14.20 -76.08 2.88
CA ALA L 351 14.32 -77.30 2.09
C ALA L 351 15.45 -77.14 1.08
N HIS L 352 15.87 -78.27 0.52
CA HIS L 352 16.95 -78.27 -0.46
C HIS L 352 16.51 -77.57 -1.74
N THR L 353 17.49 -77.24 -2.58
CA THR L 353 17.20 -76.54 -3.81
C THR L 353 16.46 -77.45 -4.80
N SER L 354 15.64 -76.83 -5.65
CA SER L 354 14.81 -77.53 -6.63
C SER L 354 13.93 -78.58 -5.96
N ALA L 355 13.32 -78.21 -4.83
CA ALA L 355 12.40 -79.08 -4.13
C ALA L 355 10.95 -78.63 -4.23
N GLY L 356 10.68 -77.42 -4.72
CA GLY L 356 9.33 -76.94 -4.86
C GLY L 356 8.90 -75.99 -3.75
N LYS L 357 9.74 -75.01 -3.42
CA LYS L 357 9.38 -74.04 -2.39
C LYS L 357 8.36 -73.03 -2.87
N THR L 358 8.32 -72.76 -4.18
CA THR L 358 7.40 -71.76 -4.71
C THR L 358 5.94 -72.19 -4.66
N VAL L 359 5.67 -73.47 -4.37
CA VAL L 359 4.29 -73.92 -4.22
C VAL L 359 3.63 -73.28 -3.01
N VAL L 360 4.40 -73.07 -1.94
CA VAL L 360 3.86 -72.44 -0.73
C VAL L 360 3.41 -71.02 -1.02
N ALA L 361 4.23 -70.26 -1.74
CA ALA L 361 3.89 -68.87 -2.05
C ALA L 361 2.64 -68.78 -2.93
N GLU L 362 2.53 -69.67 -3.91
CA GLU L 362 1.35 -69.68 -4.77
C GLU L 362 0.08 -69.98 -3.97
N TYR L 363 0.17 -70.92 -3.04
CA TYR L 363 -0.99 -71.23 -2.19
C TYR L 363 -1.33 -70.04 -1.29
N ALA L 364 -0.33 -69.35 -0.78
CA ALA L 364 -0.59 -68.16 0.03
C ALA L 364 -1.30 -67.08 -0.79
N ILE L 365 -0.86 -66.87 -2.03
CA ILE L 365 -1.51 -65.89 -2.89
C ILE L 365 -2.94 -66.29 -3.19
N ALA L 366 -3.17 -67.58 -3.44
CA ALA L 366 -4.54 -68.06 -3.68
C ALA L 366 -5.42 -67.85 -2.45
N MET L 367 -4.88 -68.13 -1.26
CA MET L 367 -5.63 -67.90 -0.03
C MET L 367 -5.99 -66.44 0.14
N ALA L 368 -5.04 -65.54 -0.12
CA ALA L 368 -5.32 -64.11 -0.01
C ALA L 368 -6.38 -63.68 -1.02
N HIS L 369 -6.32 -64.20 -2.24
CA HIS L 369 -7.34 -63.87 -3.24
C HIS L 369 -8.72 -64.36 -2.81
N ARG L 370 -8.78 -65.56 -2.22
CA ARG L 370 -10.06 -66.07 -1.73
C ARG L 370 -10.59 -65.21 -0.59
N ASN L 371 -9.72 -64.76 0.30
CA ASN L 371 -10.12 -63.93 1.43
C ASN L 371 -10.20 -62.44 1.08
N MET L 372 -9.88 -62.07 -0.16
CA MET L 372 -9.91 -60.67 -0.61
C MET L 372 -8.98 -59.80 0.24
N THR L 373 -7.77 -60.28 0.49
CA THR L 373 -6.74 -59.54 1.20
C THR L 373 -5.56 -59.30 0.25
N LYS L 374 -4.48 -58.72 0.80
CA LYS L 374 -3.31 -58.37 0.01
C LYS L 374 -2.10 -59.20 0.42
N THR L 375 -1.18 -59.36 -0.51
CA THR L 375 0.06 -60.10 -0.30
C THR L 375 1.23 -59.27 -0.82
N ILE L 376 2.36 -59.33 -0.12
CA ILE L 376 3.58 -58.63 -0.50
C ILE L 376 4.70 -59.64 -0.62
N TYR L 377 5.41 -59.61 -1.75
CA TYR L 377 6.54 -60.50 -2.02
C TYR L 377 7.81 -59.66 -2.06
N THR L 378 8.85 -60.13 -1.39
CA THR L 378 10.09 -59.37 -1.26
C THR L 378 11.29 -60.29 -1.49
N SER L 379 12.29 -59.78 -2.21
CA SER L 379 13.54 -60.48 -2.45
C SER L 379 14.72 -59.55 -2.16
N PRO L 380 15.82 -60.10 -1.64
CA PRO L 380 17.00 -59.25 -1.39
C PRO L 380 17.58 -58.62 -2.65
N ILE L 381 17.52 -59.31 -3.78
CA ILE L 381 18.21 -58.90 -5.01
C ILE L 381 17.17 -58.36 -5.99
N LYS L 382 17.44 -57.18 -6.56
CA LYS L 382 16.53 -56.58 -7.52
C LYS L 382 16.47 -57.34 -8.83
N ALA L 383 17.47 -58.17 -9.12
CA ALA L 383 17.46 -58.95 -10.36
C ALA L 383 16.33 -59.96 -10.37
N LEU L 384 16.06 -60.60 -9.24
CA LEU L 384 15.05 -61.64 -9.16
C LEU L 384 13.63 -61.10 -9.18
N SER L 385 13.44 -59.81 -8.86
CA SER L 385 12.10 -59.24 -8.80
C SER L 385 11.41 -59.27 -10.15
N ASN L 386 12.12 -58.90 -11.21
CA ASN L 386 11.52 -58.90 -12.55
C ASN L 386 11.17 -60.30 -13.00
N GLN L 387 12.06 -61.26 -12.76
CA GLN L 387 11.80 -62.64 -13.15
C GLN L 387 10.58 -63.20 -12.42
N LYS L 388 10.51 -62.96 -11.10
CA LYS L 388 9.36 -63.44 -10.35
C LYS L 388 8.08 -62.73 -10.75
N PHE L 389 8.17 -61.45 -11.10
CA PHE L 389 7.01 -60.72 -11.61
C PHE L 389 6.48 -61.36 -12.90
N ARG L 390 7.38 -61.67 -13.83
CA ARG L 390 6.96 -62.31 -15.07
C ARG L 390 6.37 -63.69 -14.80
N ASP L 391 7.00 -64.46 -13.92
CA ASP L 391 6.48 -65.80 -13.62
C ASP L 391 5.09 -65.73 -12.99
N PHE L 392 4.88 -64.81 -12.05
CA PHE L 392 3.58 -64.71 -11.40
C PHE L 392 2.53 -64.18 -12.36
N LYS L 393 2.90 -63.25 -13.25
CA LYS L 393 1.95 -62.76 -14.23
C LYS L 393 1.52 -63.87 -15.18
N GLU L 394 2.46 -64.73 -15.56
CA GLU L 394 2.11 -65.87 -16.42
C GLU L 394 1.25 -66.89 -15.67
N THR L 395 1.56 -67.14 -14.40
CA THR L 395 0.91 -68.21 -13.67
C THR L 395 -0.52 -67.84 -13.27
N PHE L 396 -0.73 -66.62 -12.80
CA PHE L 396 -2.03 -66.19 -12.29
C PHE L 396 -2.73 -65.32 -13.31
N ASP L 397 -4.00 -65.63 -13.59
CA ASP L 397 -4.81 -64.88 -14.55
C ASP L 397 -5.93 -64.08 -13.90
N ASP L 398 -6.41 -64.49 -12.73
CA ASP L 398 -7.47 -63.78 -12.04
C ASP L 398 -6.94 -62.86 -10.95
N VAL L 399 -5.63 -62.78 -10.77
CA VAL L 399 -5.01 -61.97 -9.71
C VAL L 399 -4.17 -60.88 -10.37
N ASN L 400 -4.43 -59.64 -9.98
CA ASN L 400 -3.65 -58.50 -10.47
C ASN L 400 -2.28 -58.48 -9.79
N ILE L 401 -1.23 -58.32 -10.58
CA ILE L 401 0.14 -58.33 -10.08
C ILE L 401 0.76 -56.96 -10.29
N GLY L 402 1.48 -56.48 -9.28
CA GLY L 402 2.14 -55.20 -9.36
C GLY L 402 3.61 -55.32 -9.02
N LEU L 403 4.36 -54.28 -9.39
CA LEU L 403 5.79 -54.22 -9.13
C LEU L 403 6.16 -52.82 -8.67
N ILE L 404 6.99 -52.73 -7.63
CA ILE L 404 7.48 -51.46 -7.11
C ILE L 404 8.97 -51.61 -6.86
N THR L 405 9.77 -50.95 -7.69
CA THR L 405 11.22 -50.95 -7.52
C THR L 405 11.75 -49.52 -7.56
N GLY L 406 13.06 -49.36 -7.53
CA GLY L 406 13.65 -48.04 -7.67
C GLY L 406 13.63 -47.49 -9.08
N ASP L 407 13.29 -48.31 -10.06
CA ASP L 407 13.25 -47.92 -11.46
C ASP L 407 11.84 -47.81 -12.03
N VAL L 408 10.93 -48.70 -11.62
CA VAL L 408 9.60 -48.79 -12.21
C VAL L 408 8.55 -48.87 -11.11
N GLN L 409 7.30 -48.67 -11.50
CA GLN L 409 6.17 -48.77 -10.58
C GLN L 409 4.94 -49.10 -11.41
N ILE L 410 4.53 -50.37 -11.39
CA ILE L 410 3.44 -50.87 -12.22
C ILE L 410 2.30 -51.34 -11.31
N ASN L 411 1.10 -50.82 -11.56
CA ASN L 411 -0.13 -51.18 -10.87
C ASN L 411 0.03 -51.12 -9.35
N PRO L 412 0.20 -49.93 -8.77
CA PRO L 412 0.37 -49.85 -7.31
C PRO L 412 -0.87 -50.29 -6.54
N ASP L 413 -2.04 -50.31 -7.16
CA ASP L 413 -3.30 -50.62 -6.49
C ASP L 413 -3.66 -52.10 -6.59
N ALA L 414 -2.79 -52.94 -7.15
CA ALA L 414 -3.09 -54.34 -7.29
C ALA L 414 -3.09 -55.04 -5.93
N ASN L 415 -3.73 -56.21 -5.88
CA ASN L 415 -3.81 -56.97 -4.65
C ASN L 415 -2.55 -57.79 -4.37
N CYS L 416 -1.69 -57.98 -5.37
CA CYS L 416 -0.43 -58.70 -5.22
C CYS L 416 0.71 -57.78 -5.64
N LEU L 417 1.63 -57.51 -4.73
CA LEU L 417 2.71 -56.56 -4.97
C LEU L 417 4.06 -57.23 -4.74
N ILE L 418 4.98 -56.98 -5.67
CA ILE L 418 6.37 -57.44 -5.57
C ILE L 418 7.25 -56.20 -5.47
N MET L 419 8.10 -56.16 -4.44
CA MET L 419 8.92 -55.00 -4.20
C MET L 419 10.24 -55.43 -3.57
N THR L 420 11.10 -54.46 -3.30
CA THR L 420 12.36 -54.68 -2.61
C THR L 420 12.21 -54.35 -1.13
N THR L 421 13.18 -54.81 -0.34
CA THR L 421 13.10 -54.62 1.10
C THR L 421 13.16 -53.14 1.47
N GLU L 422 14.01 -52.36 0.80
CA GLU L 422 14.12 -50.94 1.11
C GLU L 422 12.84 -50.20 0.73
N ILE L 423 12.18 -50.62 -0.34
CA ILE L 423 10.89 -50.03 -0.70
C ILE L 423 9.88 -50.25 0.42
N LEU L 424 9.83 -51.45 0.96
CA LEU L 424 8.93 -51.74 2.08
C LEU L 424 9.32 -50.92 3.32
N ARG L 425 10.61 -50.76 3.55
CA ARG L 425 11.07 -49.94 4.69
C ARG L 425 10.58 -48.51 4.56
N SER L 426 10.77 -47.91 3.38
CA SER L 426 10.30 -46.54 3.15
C SER L 426 8.78 -46.45 3.27
N MET L 427 8.08 -47.46 2.75
CA MET L 427 6.62 -47.47 2.83
C MET L 427 6.15 -47.51 4.28
N LEU L 428 6.79 -48.34 5.11
CA LEU L 428 6.44 -48.40 6.53
C LEU L 428 6.76 -47.08 7.23
N TYR L 429 7.88 -46.46 6.88
CA TYR L 429 8.22 -45.18 7.49
C TYR L 429 7.20 -44.10 7.12
N ARG L 430 6.72 -44.12 5.88
CA ARG L 430 5.71 -43.15 5.46
C ARG L 430 4.34 -43.44 6.06
N GLY L 431 4.09 -44.67 6.51
CA GLY L 431 2.80 -45.04 7.05
C GLY L 431 1.72 -45.16 6.00
N ALA L 432 1.93 -46.05 5.03
CA ALA L 432 0.97 -46.22 3.94
C ALA L 432 -0.31 -46.90 4.43
N ASP L 433 -1.41 -46.57 3.77
CA ASP L 433 -2.72 -47.08 4.16
C ASP L 433 -2.98 -48.50 3.65
N LEU L 434 -2.21 -48.97 2.67
CA LEU L 434 -2.43 -50.31 2.14
C LEU L 434 -1.93 -51.40 3.09
N ILE L 435 -1.12 -51.03 4.09
CA ILE L 435 -0.60 -52.03 5.02
C ILE L 435 -1.72 -52.62 5.87
N ARG L 436 -2.79 -51.86 6.09
CA ARG L 436 -3.90 -52.34 6.91
C ARG L 436 -4.62 -53.54 6.29
N ASP L 437 -4.52 -53.73 4.98
CA ASP L 437 -5.19 -54.83 4.30
C ASP L 437 -4.26 -56.00 4.02
N VAL L 438 -2.99 -55.92 4.42
CA VAL L 438 -2.02 -56.97 4.08
C VAL L 438 -2.18 -58.13 5.05
N GLU L 439 -2.34 -59.33 4.50
CA GLU L 439 -2.46 -60.54 5.29
C GLU L 439 -1.16 -61.34 5.38
N PHE L 440 -0.43 -61.45 4.27
CA PHE L 440 0.79 -62.23 4.21
C PHE L 440 1.94 -61.39 3.68
N VAL L 441 3.12 -61.55 4.26
CA VAL L 441 4.36 -61.02 3.71
C VAL L 441 5.33 -62.18 3.55
N ILE L 442 5.88 -62.33 2.34
CA ILE L 442 6.73 -63.45 1.99
C ILE L 442 8.15 -62.94 1.77
N PHE L 443 9.11 -63.56 2.46
CA PHE L 443 10.52 -63.28 2.26
C PHE L 443 11.16 -64.50 1.60
N ASP L 444 11.65 -64.32 0.38
CA ASP L 444 12.33 -65.38 -0.35
C ASP L 444 13.84 -65.15 -0.27
N GLN L 445 14.59 -66.26 -0.29
CA GLN L 445 16.05 -66.24 -0.26
C GLN L 445 16.55 -65.55 1.01
N VAL L 446 16.10 -66.06 2.15
CA VAL L 446 16.47 -65.48 3.44
C VAL L 446 17.97 -65.69 3.70
N HIS L 447 18.53 -66.81 3.25
CA HIS L 447 19.93 -67.12 3.52
C HIS L 447 20.90 -66.17 2.83
N TYR L 448 20.42 -65.32 1.92
CA TYR L 448 21.26 -64.34 1.26
C TYR L 448 21.23 -62.98 1.96
N VAL L 449 20.62 -62.89 3.14
CA VAL L 449 20.48 -61.62 3.85
C VAL L 449 21.44 -61.51 5.02
N ASN L 450 22.41 -62.41 5.12
CA ASN L 450 23.37 -62.39 6.22
C ASN L 450 24.50 -61.39 6.01
N ASP L 451 24.35 -60.46 5.06
CA ASP L 451 25.38 -59.46 4.79
C ASP L 451 25.31 -58.36 5.83
N GLN L 452 26.08 -57.28 5.61
CA GLN L 452 26.04 -56.11 6.48
C GLN L 452 25.03 -55.08 5.99
N ASP L 453 25.05 -54.77 4.69
CA ASP L 453 24.09 -53.82 4.15
C ASP L 453 22.69 -54.42 4.05
N ARG L 454 22.60 -55.73 3.82
CA ARG L 454 21.30 -56.40 3.72
C ARG L 454 20.74 -56.81 5.06
N GLY L 455 21.51 -56.70 6.14
CA GLY L 455 21.07 -57.19 7.43
C GLY L 455 20.24 -56.20 8.23
N VAL L 456 20.65 -54.93 8.23
CA VAL L 456 19.98 -53.94 9.07
C VAL L 456 18.58 -53.64 8.55
N VAL L 457 18.41 -53.54 7.23
CA VAL L 457 17.11 -53.21 6.67
C VAL L 457 16.11 -54.34 6.91
N TRP L 458 16.57 -55.58 6.78
CA TRP L 458 15.68 -56.72 7.03
C TRP L 458 15.20 -56.73 8.48
N GLU L 459 16.11 -56.51 9.42
CA GLU L 459 15.73 -56.49 10.83
C GLU L 459 14.79 -55.33 11.14
N GLU L 460 15.05 -54.16 10.56
CA GLU L 460 14.16 -53.02 10.80
C GLU L 460 12.77 -53.28 10.23
N VAL L 461 12.70 -53.88 9.04
CA VAL L 461 11.40 -54.20 8.45
C VAL L 461 10.66 -55.20 9.32
N ILE L 462 11.36 -56.23 9.82
CA ILE L 462 10.72 -57.19 10.70
C ILE L 462 10.20 -56.52 11.96
N ILE L 463 10.99 -55.62 12.54
CA ILE L 463 10.59 -54.98 13.79
C ILE L 463 9.38 -54.08 13.58
N MET L 464 9.36 -53.31 12.49
CA MET L 464 8.34 -52.28 12.32
C MET L 464 7.00 -52.82 11.83
N LEU L 465 6.90 -54.10 11.46
CA LEU L 465 5.66 -54.60 10.89
C LEU L 465 4.57 -54.68 11.95
N PRO L 466 3.30 -54.42 11.58
CA PRO L 466 2.21 -54.49 12.56
C PRO L 466 1.88 -55.92 12.99
N GLN L 467 0.91 -56.06 13.88
CA GLN L 467 0.62 -57.35 14.51
C GLN L 467 -0.41 -58.19 13.77
N HIS L 468 -1.04 -57.66 12.73
CA HIS L 468 -2.05 -58.40 11.99
C HIS L 468 -1.50 -59.06 10.73
N VAL L 469 -0.18 -59.06 10.55
CA VAL L 469 0.47 -59.58 9.37
C VAL L 469 1.15 -60.91 9.73
N LYS L 470 0.88 -61.94 8.94
CA LYS L 470 1.52 -63.24 9.09
C LYS L 470 2.70 -63.34 8.13
N PHE L 471 3.59 -64.28 8.44
CA PHE L 471 4.89 -64.38 7.77
C PHE L 471 5.05 -65.72 7.08
N ILE L 472 5.68 -65.71 5.91
CA ILE L 472 6.13 -66.91 5.21
C ILE L 472 7.59 -66.71 4.86
N LEU L 473 8.44 -67.67 5.25
CA LEU L 473 9.88 -67.56 5.07
C LEU L 473 10.38 -68.76 4.27
N LEU L 474 11.19 -68.48 3.24
CA LEU L 474 11.75 -69.52 2.38
C LEU L 474 13.25 -69.27 2.21
N SER L 475 14.02 -70.34 2.30
CA SER L 475 15.48 -70.28 2.15
C SER L 475 15.99 -71.70 1.94
N ALA L 476 17.31 -71.85 1.96
CA ALA L 476 17.95 -73.15 1.82
C ALA L 476 18.39 -73.65 3.20
N THR L 477 19.07 -74.80 3.20
CA THR L 477 19.55 -75.39 4.44
C THR L 477 20.82 -74.68 4.89
N VAL L 478 20.74 -73.96 6.01
CA VAL L 478 21.86 -73.19 6.53
C VAL L 478 22.06 -73.55 8.01
N PRO L 479 23.27 -73.44 8.53
CA PRO L 479 23.49 -73.79 9.96
C PRO L 479 22.68 -72.93 10.92
N ASN L 480 22.46 -71.67 10.59
CA ASN L 480 21.72 -70.75 11.46
C ASN L 480 20.30 -70.63 10.92
N THR L 481 19.44 -71.55 11.36
CA THR L 481 18.05 -71.59 10.92
C THR L 481 17.08 -71.40 12.08
N TYR L 482 17.29 -72.11 13.20
CA TYR L 482 16.38 -72.00 14.33
C TYR L 482 16.46 -70.63 14.99
N GLU L 483 17.62 -69.97 14.90
CA GLU L 483 17.78 -68.68 15.56
C GLU L 483 16.92 -67.60 14.91
N PHE L 484 16.86 -67.59 13.57
CA PHE L 484 16.02 -66.61 12.88
C PHE L 484 14.56 -66.77 13.26
N ALA L 485 14.06 -68.01 13.23
CA ALA L 485 12.67 -68.26 13.58
C ALA L 485 12.39 -67.92 15.04
N ASN L 486 13.31 -68.28 15.93
CA ASN L 486 13.12 -67.96 17.35
C ASN L 486 13.08 -66.46 17.57
N TRP L 487 13.99 -65.71 16.93
CA TRP L 487 14.00 -64.26 17.08
C TRP L 487 12.70 -63.65 16.56
N ILE L 488 12.22 -64.11 15.41
CA ILE L 488 10.99 -63.55 14.85
C ILE L 488 9.81 -63.86 15.75
N GLY L 489 9.70 -65.12 16.21
CA GLY L 489 8.60 -65.51 17.08
C GLY L 489 8.67 -64.89 18.46
N ARG L 490 9.85 -64.45 18.89
CA ARG L 490 9.95 -63.75 20.17
C ARG L 490 9.63 -62.27 20.03
N THR L 491 10.12 -61.63 18.98
CA THR L 491 9.86 -60.21 18.77
C THR L 491 8.38 -59.96 18.46
N LYS L 492 7.80 -60.76 17.57
CA LYS L 492 6.41 -60.57 17.19
C LYS L 492 5.42 -61.33 18.05
N GLN L 493 5.90 -62.23 18.91
CA GLN L 493 5.04 -63.06 19.76
C GLN L 493 4.01 -63.81 18.92
N LYS L 494 4.51 -64.54 17.91
CA LYS L 494 3.67 -65.33 17.03
C LYS L 494 4.18 -66.75 16.99
N ASN L 495 3.28 -67.68 16.64
CA ASN L 495 3.65 -69.08 16.47
C ASN L 495 4.13 -69.31 15.05
N ILE L 496 5.33 -69.87 14.92
CA ILE L 496 5.92 -70.17 13.62
C ILE L 496 6.46 -71.59 13.65
N TYR L 497 6.22 -72.33 12.57
CA TYR L 497 6.62 -73.73 12.46
C TYR L 497 7.79 -73.85 11.49
N VAL L 498 8.80 -74.62 11.88
CA VAL L 498 10.00 -74.81 11.07
C VAL L 498 9.88 -76.17 10.37
N ILE L 499 9.88 -76.14 9.04
CA ILE L 499 9.71 -77.33 8.22
C ILE L 499 10.95 -77.52 7.37
N SER L 500 11.49 -78.73 7.37
CA SER L 500 12.70 -79.06 6.62
C SER L 500 12.49 -80.37 5.86
N THR L 501 13.31 -80.54 4.78
CA THR L 501 13.27 -81.71 3.92
C THR L 501 14.47 -82.61 4.19
N PRO L 502 14.30 -83.93 4.05
CA PRO L 502 15.42 -84.85 4.32
C PRO L 502 16.56 -84.75 3.31
N LYS L 503 16.25 -84.81 2.02
CA LYS L 503 17.30 -84.87 1.00
C LYS L 503 16.80 -84.24 -0.28
N ARG L 504 17.70 -84.13 -1.25
CA ARG L 504 17.36 -83.55 -2.55
C ARG L 504 16.40 -84.47 -3.29
N PRO L 505 15.30 -83.95 -3.83
CA PRO L 505 14.41 -84.80 -4.64
C PRO L 505 15.09 -85.39 -5.86
N VAL L 506 16.00 -84.65 -6.48
CA VAL L 506 16.78 -85.14 -7.62
C VAL L 506 18.23 -85.29 -7.17
N PRO L 507 18.88 -86.42 -7.45
CA PRO L 507 20.24 -86.63 -6.95
C PRO L 507 21.30 -86.16 -7.92
N LEU L 508 22.45 -85.80 -7.35
CA LEU L 508 23.58 -85.29 -8.11
C LEU L 508 24.77 -86.23 -7.99
N GLU L 509 25.59 -86.26 -9.03
CA GLU L 509 26.79 -87.08 -9.06
C GLU L 509 27.96 -86.24 -9.56
N ILE L 510 29.17 -86.60 -9.11
CA ILE L 510 30.38 -85.87 -9.44
C ILE L 510 31.28 -86.79 -10.26
N ASN L 511 31.74 -86.29 -11.40
CA ASN L 511 32.58 -87.04 -12.31
C ASN L 511 33.85 -86.25 -12.61
N ILE L 512 34.82 -86.93 -13.20
CA ILE L 512 36.07 -86.31 -13.63
C ILE L 512 36.34 -86.71 -15.07
N TRP L 513 36.73 -85.73 -15.89
CA TRP L 513 36.99 -85.94 -17.31
C TRP L 513 38.48 -85.92 -17.57
N ALA L 514 38.97 -86.91 -18.30
CA ALA L 514 40.40 -87.00 -18.59
C ALA L 514 40.60 -87.90 -19.81
N LYS L 515 41.14 -87.33 -20.89
CA LYS L 515 41.58 -88.08 -22.06
C LYS L 515 40.41 -88.80 -22.75
N LYS L 516 39.37 -88.02 -23.04
CA LYS L 516 38.26 -88.43 -23.91
C LYS L 516 37.37 -89.50 -23.29
N GLU L 517 37.19 -89.47 -21.97
CA GLU L 517 36.14 -90.26 -21.33
C GLU L 517 35.86 -89.67 -19.95
N LEU L 518 34.76 -90.12 -19.34
CA LEU L 518 34.27 -89.58 -18.09
C LEU L 518 34.32 -90.67 -17.02
N ILE L 519 34.89 -90.35 -15.86
CA ILE L 519 35.09 -91.30 -14.78
C ILE L 519 34.16 -90.90 -13.63
N PRO L 520 33.14 -91.69 -13.32
CA PRO L 520 32.33 -91.40 -12.12
C PRO L 520 33.13 -91.71 -10.86
N VAL L 521 33.19 -90.73 -9.95
CA VAL L 521 34.04 -90.85 -8.76
C VAL L 521 33.22 -90.66 -7.49
N ILE L 522 32.09 -89.94 -7.59
CA ILE L 522 31.12 -89.87 -6.51
C ILE L 522 29.75 -90.22 -7.07
N ASN L 523 29.06 -91.13 -6.40
CA ASN L 523 27.75 -91.60 -6.84
C ASN L 523 26.65 -90.71 -6.26
N GLN L 524 25.39 -91.14 -6.41
CA GLN L 524 24.25 -90.36 -5.94
C GLN L 524 24.09 -90.37 -4.43
N ASN L 525 24.83 -91.23 -3.71
CA ASN L 525 24.75 -91.31 -2.27
C ASN L 525 25.83 -90.50 -1.57
N SER L 526 26.58 -89.69 -2.32
CA SER L 526 27.67 -88.88 -1.78
C SER L 526 28.70 -89.75 -1.06
N GLU L 527 29.10 -90.83 -1.71
CA GLU L 527 30.11 -91.75 -1.21
C GLU L 527 31.28 -91.77 -2.19
N PHE L 528 32.47 -91.41 -1.70
CA PHE L 528 33.63 -91.29 -2.57
C PHE L 528 34.10 -92.67 -3.03
N LEU L 529 34.53 -92.75 -4.29
CA LEU L 529 35.03 -93.97 -4.89
C LEU L 529 36.54 -93.81 -5.11
N GLU L 530 37.33 -94.53 -4.31
CA GLU L 530 38.78 -94.38 -4.37
C GLU L 530 39.37 -95.06 -5.60
N ALA L 531 38.81 -96.21 -6.00
CA ALA L 531 39.36 -96.94 -7.13
C ALA L 531 39.27 -96.14 -8.42
N ASN L 532 38.15 -95.44 -8.63
CA ASN L 532 38.00 -94.63 -9.84
C ASN L 532 39.00 -93.48 -9.86
N PHE L 533 39.23 -92.84 -8.71
CA PHE L 533 40.23 -91.77 -8.66
C PHE L 533 41.63 -92.32 -8.91
N ARG L 534 41.93 -93.51 -8.38
CA ARG L 534 43.22 -94.13 -8.64
C ARG L 534 43.39 -94.43 -10.13
N LYS L 535 42.34 -94.93 -10.77
CA LYS L 535 42.41 -95.17 -12.22
C LYS L 535 42.59 -93.88 -12.98
N HIS L 536 41.93 -92.80 -12.54
CA HIS L 536 42.12 -91.49 -13.15
C HIS L 536 43.55 -91.02 -13.03
N LYS L 537 44.17 -91.24 -11.87
CA LYS L 537 45.58 -90.90 -11.70
C LYS L 537 46.45 -91.73 -12.63
N GLU L 538 46.15 -93.01 -12.77
CA GLU L 538 46.99 -93.90 -13.58
C GLU L 538 46.89 -93.57 -15.06
N ILE L 539 45.69 -93.27 -15.56
CA ILE L 539 45.52 -93.07 -17.00
C ILE L 539 46.22 -91.81 -17.48
N LEU L 540 46.34 -90.80 -16.63
CA LEU L 540 47.01 -89.56 -17.01
C LEU L 540 48.52 -89.65 -16.93
N ASN L 541 49.06 -90.87 -16.82
CA ASN L 541 50.51 -91.05 -16.74
C ASN L 541 50.99 -92.05 -17.80
N ASP L 607 47.58 -78.23 -17.46
CA ASP L 607 47.73 -76.79 -17.68
C ASP L 607 46.38 -76.15 -17.96
N GLY L 608 46.14 -75.82 -19.24
CA GLY L 608 44.91 -75.20 -19.64
C GLY L 608 44.29 -75.89 -20.83
N PRO L 609 43.09 -75.48 -21.23
CA PRO L 609 42.44 -76.10 -22.38
C PRO L 609 43.15 -75.75 -23.67
N SER L 610 43.05 -76.66 -24.64
CA SER L 610 43.64 -76.47 -25.95
C SER L 610 42.56 -76.06 -26.95
N LYS L 611 42.99 -75.76 -28.18
CA LYS L 611 42.04 -75.36 -29.21
C LYS L 611 41.14 -76.49 -29.65
N LYS L 612 41.48 -77.73 -29.33
CA LYS L 612 40.69 -78.90 -29.68
C LYS L 612 40.19 -79.61 -28.42
N THR L 613 39.78 -78.83 -27.42
CA THR L 613 39.30 -79.37 -26.16
C THR L 613 37.79 -79.27 -26.01
N TRP L 614 37.22 -78.10 -26.27
CA TRP L 614 35.77 -77.92 -26.14
C TRP L 614 35.01 -78.64 -27.25
N PRO L 615 35.52 -78.68 -28.49
CA PRO L 615 34.92 -79.61 -29.47
C PRO L 615 34.96 -81.06 -29.02
N GLU L 616 36.00 -81.46 -28.27
CA GLU L 616 36.08 -82.83 -27.79
C GLU L 616 35.03 -83.14 -26.73
N ILE L 617 34.41 -82.12 -26.15
CA ILE L 617 33.36 -82.32 -25.16
C ILE L 617 31.97 -82.06 -25.72
N VAL L 618 31.81 -81.10 -26.63
CA VAL L 618 30.49 -80.79 -27.19
C VAL L 618 29.95 -81.90 -28.07
N ASN L 619 30.77 -82.89 -28.42
CA ASN L 619 30.32 -84.02 -29.22
C ASN L 619 30.10 -85.28 -28.40
N TYR L 620 30.94 -85.52 -27.39
CA TYR L 620 30.75 -86.69 -26.53
C TYR L 620 29.43 -86.60 -25.76
N LEU L 621 29.12 -85.43 -25.20
CA LEU L 621 27.88 -85.28 -24.45
C LEU L 621 26.68 -85.18 -25.36
N ARG L 622 26.87 -84.70 -26.59
CA ARG L 622 25.73 -84.57 -27.52
C ARG L 622 25.14 -85.92 -27.87
N LYS L 623 26.00 -86.93 -28.09
CA LYS L 623 25.54 -88.26 -28.45
C LYS L 623 24.95 -89.02 -27.27
N ARG L 624 25.17 -88.56 -26.04
CA ARG L 624 24.65 -89.22 -24.85
C ARG L 624 23.31 -88.65 -24.41
N GLU L 625 22.72 -87.74 -25.20
CA GLU L 625 21.44 -87.10 -24.88
C GLU L 625 21.51 -86.38 -23.53
N LEU L 626 22.62 -85.70 -23.28
CA LEU L 626 22.82 -84.87 -22.10
C LEU L 626 23.27 -83.47 -22.52
N LEU L 627 22.67 -82.96 -23.60
CA LEU L 627 23.17 -81.75 -24.26
C LEU L 627 23.14 -80.50 -23.38
N PRO L 628 22.02 -80.15 -22.70
CA PRO L 628 21.98 -78.85 -22.00
C PRO L 628 23.13 -78.65 -21.03
N MET L 629 24.00 -77.69 -21.35
CA MET L 629 25.29 -77.54 -20.69
C MET L 629 25.50 -76.11 -20.25
N VAL L 630 26.05 -75.94 -19.05
CA VAL L 630 26.49 -74.64 -18.55
C VAL L 630 27.93 -74.79 -18.08
N VAL L 631 28.83 -74.01 -18.66
CA VAL L 631 30.25 -74.06 -18.34
C VAL L 631 30.62 -72.79 -17.58
N PHE L 632 31.27 -72.96 -16.43
CA PHE L 632 31.63 -71.86 -15.56
C PHE L 632 33.11 -71.53 -15.75
N VAL L 633 33.40 -70.36 -16.30
CA VAL L 633 34.75 -69.87 -16.47
C VAL L 633 34.88 -68.57 -15.69
N PHE L 634 35.89 -68.49 -14.83
CA PHE L 634 36.06 -67.36 -13.92
C PHE L 634 36.88 -66.24 -14.56
N SER L 635 36.44 -65.80 -15.75
CA SER L 635 37.12 -64.74 -16.48
C SER L 635 36.21 -64.22 -17.59
N LYS L 636 36.05 -62.90 -17.67
CA LYS L 636 35.20 -62.32 -18.72
C LYS L 636 35.80 -62.56 -20.10
N LYS L 637 37.12 -62.44 -20.23
CA LYS L 637 37.76 -62.57 -21.54
C LYS L 637 37.87 -64.03 -21.99
N ARG L 638 38.07 -64.97 -21.06
CA ARG L 638 38.25 -66.36 -21.44
C ARG L 638 36.98 -66.97 -22.00
N CYS L 639 35.81 -66.51 -21.54
CA CYS L 639 34.55 -67.04 -22.06
C CYS L 639 34.40 -66.76 -23.56
N GLU L 640 34.74 -65.55 -23.98
CA GLU L 640 34.64 -65.20 -25.39
C GLU L 640 35.59 -66.04 -26.24
N GLU L 641 36.81 -66.24 -25.77
CA GLU L 641 37.77 -67.07 -26.50
C GLU L 641 37.29 -68.51 -26.59
N TYR L 642 36.74 -69.05 -25.50
CA TYR L 642 36.23 -70.42 -25.51
C TYR L 642 35.07 -70.55 -26.49
N ALA L 643 34.17 -69.57 -26.52
CA ALA L 643 33.05 -69.61 -27.44
C ALA L 643 33.53 -69.50 -28.89
N ASP L 644 34.52 -68.65 -29.15
CA ASP L 644 35.04 -68.51 -30.50
C ASP L 644 35.78 -69.76 -30.96
N TRP L 645 36.36 -70.52 -30.03
CA TRP L 645 37.04 -71.75 -30.41
C TRP L 645 36.09 -72.80 -30.96
N LEU L 646 34.80 -72.71 -30.63
CA LEU L 646 33.80 -73.63 -31.15
C LEU L 646 33.38 -73.15 -32.54
N GLU L 647 33.89 -73.81 -33.58
CA GLU L 647 33.60 -73.45 -34.96
C GLU L 647 33.00 -74.65 -35.69
N GLY L 648 32.03 -74.37 -36.54
CA GLY L 648 31.35 -75.42 -37.28
C GLY L 648 30.49 -76.33 -36.43
N ILE L 649 29.78 -75.76 -35.44
CA ILE L 649 28.87 -76.49 -34.59
C ILE L 649 27.54 -75.75 -34.55
N ASN L 650 26.45 -76.46 -34.78
CA ASN L 650 25.13 -75.85 -34.84
C ASN L 650 24.13 -76.74 -34.13
N PHE L 651 23.02 -76.11 -33.70
CA PHE L 651 21.93 -76.83 -33.06
C PHE L 651 20.56 -76.44 -33.61
N CYS L 652 20.48 -75.46 -34.51
CA CYS L 652 19.22 -75.03 -35.11
C CYS L 652 19.22 -75.42 -36.58
N ASN L 653 18.19 -76.17 -37.00
CA ASN L 653 18.21 -76.73 -38.35
C ASN L 653 17.73 -75.72 -39.41
N ASN L 654 16.45 -75.38 -39.39
CA ASN L 654 15.95 -74.35 -40.31
C ASN L 654 14.93 -73.39 -39.70
N LYS L 655 14.19 -73.77 -38.67
CA LYS L 655 13.13 -72.93 -38.13
C LYS L 655 13.47 -72.31 -36.80
N GLU L 656 14.30 -72.97 -36.00
CA GLU L 656 14.74 -72.39 -34.74
C GLU L 656 15.52 -71.10 -34.99
N LYS L 657 16.37 -71.10 -36.02
CA LYS L 657 17.11 -69.90 -36.36
C LYS L 657 16.19 -68.76 -36.74
N SER L 658 15.15 -69.05 -37.54
CA SER L 658 14.20 -68.00 -37.93
C SER L 658 13.44 -67.46 -36.72
N GLN L 659 13.01 -68.36 -35.82
CA GLN L 659 12.29 -67.92 -34.64
C GLN L 659 13.17 -67.06 -33.75
N ILE L 660 14.43 -67.46 -33.55
CA ILE L 660 15.35 -66.67 -32.74
C ILE L 660 15.61 -65.31 -33.40
N HIS L 661 15.75 -65.30 -34.72
CA HIS L 661 15.96 -64.03 -35.42
C HIS L 661 14.77 -63.10 -35.25
N MET L 662 13.55 -63.64 -35.36
CA MET L 662 12.37 -62.81 -35.16
C MET L 662 12.29 -62.28 -33.73
N PHE L 663 12.59 -63.14 -32.75
CA PHE L 663 12.56 -62.71 -31.36
C PHE L 663 13.57 -61.60 -31.09
N ILE L 664 14.80 -61.76 -31.61
CA ILE L 664 15.83 -60.74 -31.42
C ILE L 664 15.42 -59.45 -32.10
N GLU L 665 14.91 -59.53 -33.33
CA GLU L 665 14.54 -58.33 -34.07
C GLU L 665 13.42 -57.57 -33.36
N LYS L 666 12.43 -58.29 -32.83
CA LYS L 666 11.35 -57.63 -32.12
C LYS L 666 11.82 -57.03 -30.79
N SER L 667 12.70 -57.75 -30.08
CA SER L 667 13.09 -57.33 -28.74
C SER L 667 13.86 -56.01 -28.76
N ILE L 668 14.77 -55.84 -29.73
CA ILE L 668 15.68 -54.70 -29.70
C ILE L 668 15.10 -53.53 -30.49
N THR L 669 13.79 -53.59 -30.75
CA THR L 669 13.12 -52.48 -31.42
C THR L 669 13.09 -51.24 -30.52
N ARG L 670 13.04 -51.45 -29.20
CA ARG L 670 12.93 -50.33 -28.27
C ARG L 670 14.15 -49.41 -28.29
N LEU L 671 15.29 -49.89 -28.80
CA LEU L 671 16.46 -49.04 -28.93
C LEU L 671 16.35 -48.16 -30.17
N LYS L 672 17.22 -47.16 -30.25
CA LYS L 672 17.27 -46.32 -31.44
C LYS L 672 17.94 -47.07 -32.59
N LYS L 673 17.73 -46.55 -33.80
CA LYS L 673 18.17 -47.25 -35.00
C LYS L 673 19.69 -47.37 -35.05
N GLU L 674 20.41 -46.32 -34.67
CA GLU L 674 21.87 -46.33 -34.72
C GLU L 674 22.49 -47.05 -33.53
N ASP L 675 21.70 -47.43 -32.53
CA ASP L 675 22.20 -48.16 -31.38
C ASP L 675 22.10 -49.68 -31.55
N ARG L 676 21.53 -50.15 -32.66
CA ARG L 676 21.41 -51.58 -32.91
C ARG L 676 22.56 -52.13 -33.73
N ASP L 677 23.53 -51.30 -34.10
CA ASP L 677 24.68 -51.71 -34.90
C ASP L 677 25.93 -51.96 -34.06
N LEU L 678 25.81 -51.95 -32.74
CA LEU L 678 26.98 -52.11 -31.90
C LEU L 678 27.58 -53.50 -32.09
N PRO L 679 28.91 -53.63 -32.06
CA PRO L 679 29.53 -54.94 -32.33
C PRO L 679 29.07 -56.04 -31.39
N GLN L 680 28.80 -55.71 -30.12
CA GLN L 680 28.36 -56.73 -29.18
C GLN L 680 27.02 -57.33 -29.60
N ILE L 681 26.09 -56.49 -30.05
CA ILE L 681 24.80 -56.98 -30.49
C ILE L 681 24.95 -57.89 -31.71
N LEU L 682 25.80 -57.48 -32.67
CA LEU L 682 26.00 -58.31 -33.85
C LEU L 682 26.62 -59.65 -33.50
N LYS L 683 27.64 -59.66 -32.64
CA LYS L 683 28.26 -60.92 -32.26
C LYS L 683 27.30 -61.82 -31.50
N THR L 684 26.50 -61.24 -30.59
CA THR L 684 25.53 -62.03 -29.87
C THR L 684 24.47 -62.61 -30.80
N ARG L 685 24.02 -61.82 -31.78
CA ARG L 685 23.06 -62.33 -32.76
C ARG L 685 23.65 -63.46 -33.57
N SER L 686 24.90 -63.31 -34.02
CA SER L 686 25.53 -64.37 -34.79
C SER L 686 25.69 -65.65 -33.99
N LEU L 687 26.05 -65.51 -32.71
CA LEU L 687 26.22 -66.70 -31.87
C LEU L 687 24.87 -67.34 -31.53
N LEU L 688 23.84 -66.52 -31.27
CA LEU L 688 22.57 -67.05 -30.83
C LEU L 688 21.88 -67.89 -31.90
N GLU L 689 22.18 -67.63 -33.18
CA GLU L 689 21.58 -68.39 -34.26
C GLU L 689 22.03 -69.85 -34.29
N ARG L 690 23.09 -70.19 -33.56
CA ARG L 690 23.61 -71.55 -33.55
C ARG L 690 23.45 -72.23 -32.20
N GLY L 691 22.83 -71.57 -31.21
CA GLY L 691 22.65 -72.17 -29.91
C GLY L 691 23.79 -72.00 -28.94
N ILE L 692 24.65 -71.01 -29.15
CA ILE L 692 25.79 -70.74 -28.27
C ILE L 692 25.68 -69.31 -27.77
N ALA L 693 25.89 -69.10 -26.48
CA ALA L 693 25.83 -67.78 -25.89
C ALA L 693 26.81 -67.68 -24.73
N VAL L 694 27.10 -66.45 -24.33
CA VAL L 694 27.96 -66.16 -23.19
C VAL L 694 27.18 -65.29 -22.21
N HIS L 695 27.62 -65.32 -20.95
CA HIS L 695 26.95 -64.59 -19.89
C HIS L 695 28.00 -64.06 -18.94
N HIS L 696 28.25 -62.75 -18.97
CA HIS L 696 29.19 -62.11 -18.07
C HIS L 696 28.74 -60.67 -17.83
N GLY L 697 29.48 -59.97 -16.97
CA GLY L 697 29.13 -58.62 -16.57
C GLY L 697 29.50 -57.53 -17.54
N GLY L 698 30.13 -57.86 -18.66
CA GLY L 698 30.51 -56.89 -19.66
C GLY L 698 29.47 -56.63 -20.73
N LEU L 699 28.27 -57.19 -20.60
CA LEU L 699 27.21 -57.02 -21.59
C LEU L 699 26.22 -55.95 -21.14
N LEU L 700 25.51 -55.39 -22.11
CA LEU L 700 24.43 -54.47 -21.80
C LEU L 700 23.29 -55.23 -21.12
N PRO L 701 22.52 -54.54 -20.27
CA PRO L 701 21.41 -55.23 -19.59
C PRO L 701 20.41 -55.86 -20.55
N ILE L 702 20.13 -55.20 -21.67
CA ILE L 702 19.17 -55.73 -22.62
C ILE L 702 19.67 -57.04 -23.23
N VAL L 703 20.95 -57.10 -23.60
CA VAL L 703 21.51 -58.32 -24.17
C VAL L 703 21.50 -59.44 -23.14
N LYS L 704 21.82 -59.12 -21.89
CA LYS L 704 21.87 -60.13 -20.84
C LYS L 704 20.48 -60.71 -20.58
N GLU L 705 19.46 -59.86 -20.48
CA GLU L 705 18.12 -60.37 -20.26
C GLU L 705 17.57 -61.08 -21.48
N LEU L 706 17.98 -60.68 -22.69
CA LEU L 706 17.62 -61.41 -23.89
C LEU L 706 18.18 -62.83 -23.85
N ILE L 707 19.44 -62.97 -23.45
CA ILE L 707 20.06 -64.28 -23.32
C ILE L 707 19.33 -65.12 -22.27
N GLU L 708 18.98 -64.49 -21.14
CA GLU L 708 18.28 -65.22 -20.09
C GLU L 708 16.92 -65.72 -20.59
N ILE L 709 16.17 -64.87 -21.29
CA ILE L 709 14.84 -65.26 -21.77
C ILE L 709 14.96 -66.38 -22.80
N LEU L 710 15.93 -66.27 -23.71
CA LEU L 710 16.11 -67.33 -24.70
C LEU L 710 16.52 -68.64 -24.04
N PHE L 711 17.34 -68.57 -22.99
CA PHE L 711 17.72 -69.78 -22.26
C PHE L 711 16.51 -70.41 -21.58
N SER L 712 15.62 -69.58 -21.02
CA SER L 712 14.45 -70.11 -20.34
C SER L 712 13.47 -70.79 -21.29
N LYS L 713 13.56 -70.50 -22.59
CA LYS L 713 12.67 -71.09 -23.58
C LYS L 713 13.27 -72.30 -24.28
N GLY L 714 14.40 -72.80 -23.80
CA GLY L 714 15.03 -73.96 -24.39
C GLY L 714 15.56 -73.75 -25.79
N PHE L 715 16.24 -72.63 -26.03
CA PHE L 715 16.80 -72.32 -27.34
C PHE L 715 18.32 -72.30 -27.35
N ILE L 716 18.97 -72.44 -26.19
CA ILE L 716 20.43 -72.37 -26.08
C ILE L 716 20.91 -73.69 -25.49
N LYS L 717 21.89 -74.31 -26.15
CA LYS L 717 22.41 -75.60 -25.73
C LYS L 717 23.72 -75.49 -24.95
N VAL L 718 24.63 -74.61 -25.37
CA VAL L 718 25.91 -74.42 -24.72
C VAL L 718 26.00 -72.98 -24.25
N LEU L 719 26.31 -72.79 -22.97
CA LEU L 719 26.40 -71.47 -22.36
C LEU L 719 27.68 -71.35 -21.56
N PHE L 720 28.45 -70.31 -21.83
CA PHE L 720 29.64 -69.97 -21.05
C PHE L 720 29.27 -68.85 -20.09
N ALA L 721 29.32 -69.14 -18.80
CA ALA L 721 28.79 -68.23 -17.79
C ALA L 721 29.83 -67.94 -16.72
N THR L 722 29.65 -66.80 -16.06
CA THR L 722 30.47 -66.40 -14.93
C THR L 722 29.76 -66.77 -13.63
N GLU L 723 30.32 -66.35 -12.50
CA GLU L 723 29.79 -66.74 -11.20
C GLU L 723 28.43 -66.10 -10.90
N THR L 724 28.13 -64.95 -11.50
CA THR L 724 26.88 -64.27 -11.20
C THR L 724 25.67 -65.08 -11.65
N PHE L 725 25.84 -65.95 -12.65
CA PHE L 725 24.73 -66.76 -13.14
C PHE L 725 24.18 -67.67 -12.06
N ALA L 726 25.05 -68.26 -11.24
CA ALA L 726 24.60 -69.17 -10.20
C ALA L 726 23.79 -68.46 -9.13
N MET L 727 24.24 -67.27 -8.72
CA MET L 727 23.54 -66.53 -7.67
C MET L 727 22.19 -66.04 -8.18
N GLY L 728 21.12 -66.51 -7.55
CA GLY L 728 19.80 -66.21 -8.07
C GLY L 728 19.63 -66.81 -9.46
N LEU L 729 18.90 -66.10 -10.31
CA LEU L 729 18.77 -66.45 -11.73
C LEU L 729 18.24 -67.87 -11.88
N ASN L 730 16.97 -68.03 -11.52
CA ASN L 730 16.36 -69.35 -11.45
C ASN L 730 16.17 -69.94 -12.84
N LEU L 731 17.28 -70.36 -13.46
CA LEU L 731 17.30 -70.99 -14.77
C LEU L 731 18.15 -72.25 -14.68
N PRO L 732 17.56 -73.38 -14.29
CA PRO L 732 18.36 -74.61 -14.17
C PRO L 732 18.79 -75.18 -15.50
N THR L 733 19.58 -76.25 -15.47
CA THR L 733 20.07 -76.90 -16.67
C THR L 733 20.24 -78.39 -16.38
N ARG L 734 20.90 -79.11 -17.28
CA ARG L 734 21.14 -80.54 -17.13
C ARG L 734 22.59 -80.88 -16.81
N THR L 735 23.56 -80.19 -17.42
CA THR L 735 24.97 -80.47 -17.23
C THR L 735 25.69 -79.22 -16.73
N VAL L 736 26.58 -79.41 -15.76
CA VAL L 736 27.42 -78.34 -15.24
C VAL L 736 28.87 -78.82 -15.28
N ILE L 737 29.73 -78.07 -15.95
CA ILE L 737 31.14 -78.43 -16.11
C ILE L 737 31.99 -77.33 -15.52
N PHE L 738 32.96 -77.71 -14.68
CA PHE L 738 33.85 -76.76 -14.03
C PHE L 738 35.15 -76.70 -14.82
N SER L 739 35.48 -75.51 -15.33
CA SER L 739 36.76 -75.33 -16.03
C SER L 739 37.94 -75.52 -15.09
N SER L 740 37.84 -74.98 -13.88
CA SER L 740 38.87 -75.15 -12.87
C SER L 740 38.24 -74.94 -11.49
N ILE L 741 38.93 -75.43 -10.47
CA ILE L 741 38.45 -75.33 -9.10
C ILE L 741 39.14 -74.20 -8.34
N ARG L 742 39.79 -73.27 -9.06
CA ARG L 742 40.46 -72.14 -8.44
C ARG L 742 40.05 -70.86 -9.16
N LYS L 743 40.03 -69.77 -8.39
CA LYS L 743 39.63 -68.47 -8.93
C LYS L 743 40.44 -67.38 -8.27
N HIS L 744 40.57 -66.25 -8.97
CA HIS L 744 41.30 -65.09 -8.47
C HIS L 744 40.28 -64.06 -7.97
N ASP L 745 40.26 -63.85 -6.66
CA ASP L 745 39.33 -62.93 -6.02
C ASP L 745 40.15 -61.78 -5.41
N GLY L 746 40.45 -60.78 -6.22
CA GLY L 746 41.11 -59.59 -5.74
C GLY L 746 42.58 -59.77 -5.43
N ASN L 747 42.90 -60.54 -4.40
CA ASN L 747 44.27 -60.70 -3.92
C ASN L 747 44.70 -62.15 -4.11
N GLY L 748 45.23 -62.45 -5.29
CA GLY L 748 45.82 -63.74 -5.55
C GLY L 748 44.80 -64.82 -5.88
N LEU L 749 45.33 -66.00 -6.21
CA LEU L 749 44.53 -67.15 -6.55
C LEU L 749 44.16 -67.93 -5.30
N ARG L 750 43.02 -68.62 -5.37
CA ARG L 750 42.52 -69.37 -4.22
C ARG L 750 41.60 -70.48 -4.73
N GLU L 751 41.70 -71.65 -4.10
CA GLU L 751 40.82 -72.76 -4.42
C GLU L 751 39.39 -72.44 -4.01
N LEU L 752 38.44 -72.95 -4.79
CA LEU L 752 37.03 -72.67 -4.56
C LEU L 752 36.60 -73.17 -3.18
N THR L 753 35.85 -72.33 -2.46
CA THR L 753 35.29 -72.74 -1.19
C THR L 753 34.17 -73.76 -1.42
N PRO L 754 33.91 -74.63 -0.44
CA PRO L 754 32.82 -75.60 -0.60
C PRO L 754 31.46 -74.96 -0.82
N GLY L 755 31.21 -73.79 -0.22
CA GLY L 755 29.93 -73.13 -0.40
C GLY L 755 29.69 -72.72 -1.84
N GLU L 756 30.70 -72.13 -2.48
CA GLU L 756 30.56 -71.73 -3.87
C GLU L 756 30.40 -72.95 -4.78
N PHE L 757 31.15 -74.02 -4.50
CA PHE L 757 31.00 -75.24 -5.30
C PHE L 757 29.61 -75.82 -5.16
N THR L 758 29.06 -75.83 -3.94
CA THR L 758 27.71 -76.34 -3.75
C THR L 758 26.68 -75.45 -4.46
N GLN L 759 26.88 -74.13 -4.41
CA GLN L 759 25.96 -73.22 -5.08
C GLN L 759 25.97 -73.43 -6.60
N MET L 760 27.16 -73.60 -7.18
CA MET L 760 27.24 -73.76 -8.63
C MET L 760 26.75 -75.15 -9.07
N ALA L 761 27.16 -76.20 -8.35
CA ALA L 761 26.83 -77.55 -8.79
C ALA L 761 25.37 -77.89 -8.55
N GLY L 762 24.73 -77.23 -7.59
CA GLY L 762 23.33 -77.50 -7.29
C GLY L 762 22.36 -77.13 -8.39
N ARG L 763 22.79 -76.35 -9.37
CA ARG L 763 21.93 -75.94 -10.48
C ARG L 763 22.07 -76.87 -11.68
N ALA L 764 21.96 -78.18 -11.44
CA ALA L 764 22.18 -79.16 -12.49
C ALA L 764 21.06 -80.18 -12.66
N GLY L 765 20.16 -80.31 -11.70
CA GLY L 765 19.06 -81.25 -11.82
C GLY L 765 17.69 -80.62 -11.73
N ARG L 766 16.95 -80.64 -12.82
CA ARG L 766 15.60 -80.09 -12.85
C ARG L 766 14.59 -81.18 -12.52
N ARG L 767 13.69 -80.87 -11.58
CA ARG L 767 12.72 -81.86 -11.13
C ARG L 767 11.77 -82.26 -12.26
N GLY L 768 11.53 -83.54 -12.39
CA GLY L 768 10.62 -84.07 -13.41
C GLY L 768 11.26 -84.44 -14.74
N LEU L 769 11.97 -83.49 -15.35
CA LEU L 769 12.59 -83.72 -16.64
C LEU L 769 13.92 -84.47 -16.55
N ASP L 770 14.52 -84.55 -15.36
CA ASP L 770 15.82 -85.18 -15.19
C ASP L 770 15.74 -86.20 -14.06
N SER L 771 16.43 -87.32 -14.25
CA SER L 771 16.51 -88.35 -13.21
C SER L 771 17.72 -88.18 -12.31
N THR L 772 18.75 -87.48 -12.78
CA THR L 772 19.95 -87.23 -11.97
C THR L 772 20.62 -85.96 -12.47
N GLY L 773 21.44 -85.38 -11.60
CA GLY L 773 22.22 -84.21 -11.97
C GLY L 773 23.67 -84.53 -12.18
N THR L 774 24.19 -84.27 -13.38
CA THR L 774 25.56 -84.59 -13.72
C THR L 774 26.46 -83.36 -13.56
N VAL L 775 27.66 -83.59 -13.04
CA VAL L 775 28.67 -82.56 -12.85
C VAL L 775 30.00 -83.10 -13.35
N ILE L 776 30.69 -82.31 -14.18
CA ILE L 776 31.95 -82.71 -14.78
C ILE L 776 33.04 -81.77 -14.32
N VAL L 777 34.14 -82.32 -13.82
CA VAL L 777 35.31 -81.56 -13.44
C VAL L 777 36.42 -81.88 -14.44
N MET L 778 36.94 -80.84 -15.09
CA MET L 778 37.91 -81.04 -16.15
C MET L 778 39.31 -81.32 -15.60
N ALA L 779 40.14 -81.93 -16.44
CA ALA L 779 41.54 -82.19 -16.11
C ALA L 779 42.35 -81.97 -17.39
N TYR L 780 43.25 -80.99 -17.35
CA TYR L 780 43.95 -80.52 -18.54
C TYR L 780 45.38 -81.05 -18.54
N ASN L 781 45.55 -82.29 -19.01
CA ASN L 781 46.87 -82.90 -19.22
C ASN L 781 47.72 -82.87 -17.94
N SER L 782 47.06 -82.84 -16.79
CA SER L 782 47.78 -82.81 -15.52
C SER L 782 46.88 -83.31 -14.40
N PRO L 783 47.31 -84.32 -13.64
CA PRO L 783 46.51 -84.80 -12.52
C PRO L 783 46.36 -83.75 -11.44
N LEU L 784 45.24 -83.81 -10.73
CA LEU L 784 44.94 -82.90 -9.64
C LEU L 784 45.02 -83.63 -8.30
N SER L 785 45.41 -82.90 -7.27
CA SER L 785 45.55 -83.48 -5.94
C SER L 785 44.19 -83.94 -5.42
N ILE L 786 44.20 -85.04 -4.66
CA ILE L 786 42.96 -85.60 -4.16
C ILE L 786 42.54 -84.96 -2.83
N ALA L 787 43.49 -84.50 -2.02
CA ALA L 787 43.13 -83.84 -0.77
C ALA L 787 42.37 -82.55 -1.02
N THR L 788 42.82 -81.75 -1.99
CA THR L 788 42.12 -80.52 -2.33
C THR L 788 40.72 -80.83 -2.88
N PHE L 789 40.62 -81.88 -3.69
CA PHE L 789 39.31 -82.27 -4.23
C PHE L 789 38.36 -82.67 -3.11
N LYS L 790 38.83 -83.46 -2.15
CA LYS L 790 37.99 -83.87 -1.03
C LYS L 790 37.59 -82.67 -0.18
N GLU L 791 38.53 -81.75 0.06
CA GLU L 791 38.21 -80.56 0.85
C GLU L 791 37.18 -79.68 0.16
N VAL L 792 37.31 -79.52 -1.16
CA VAL L 792 36.39 -78.65 -1.89
C VAL L 792 35.01 -79.29 -1.97
N THR L 793 34.94 -80.60 -2.21
CA THR L 793 33.66 -81.25 -2.42
C THR L 793 32.99 -81.70 -1.13
N MET L 794 33.76 -82.26 -0.19
CA MET L 794 33.23 -82.71 1.09
C MET L 794 33.74 -81.82 2.21
N GLY L 795 32.84 -81.31 3.02
CA GLY L 795 33.19 -80.44 4.12
C GLY L 795 32.01 -79.55 4.49
N VAL L 796 31.93 -79.21 5.77
CA VAL L 796 30.82 -78.38 6.26
C VAL L 796 31.04 -76.93 5.80
N PRO L 797 30.10 -76.32 5.11
CA PRO L 797 30.25 -74.90 4.76
C PRO L 797 30.20 -74.01 5.99
N THR L 798 30.93 -72.91 5.93
CA THR L 798 31.04 -71.96 7.03
C THR L 798 30.42 -70.63 6.63
N ARG L 799 29.67 -70.03 7.57
CA ARG L 799 29.05 -68.74 7.33
C ARG L 799 30.11 -67.66 7.19
N LEU L 800 29.86 -66.71 6.28
CA LEU L 800 30.83 -65.66 6.02
C LEU L 800 30.85 -64.65 7.16
N GLN L 801 31.91 -63.83 7.16
CA GLN L 801 32.07 -62.80 8.17
C GLN L 801 32.77 -61.61 7.54
N SER L 802 32.59 -60.45 8.16
CA SER L 802 33.16 -59.20 7.67
C SER L 802 34.15 -58.64 8.69
N GLN L 803 35.17 -57.95 8.18
CA GLN L 803 36.20 -57.39 9.04
C GLN L 803 35.81 -56.03 9.62
N PHE L 804 34.67 -55.47 9.21
CA PHE L 804 34.18 -54.18 9.69
C PHE L 804 35.24 -53.09 9.52
N ARG L 805 35.50 -52.78 8.26
CA ARG L 805 36.43 -51.71 7.92
C ARG L 805 35.96 -50.39 8.49
N LEU L 806 36.89 -49.63 9.05
CA LEU L 806 36.62 -48.30 9.59
C LEU L 806 37.08 -47.26 8.58
N THR L 807 36.22 -46.30 8.28
CA THR L 807 36.50 -45.25 7.30
C THR L 807 36.48 -43.88 7.98
N TYR L 808 37.06 -42.90 7.29
CA TYR L 808 37.10 -41.54 7.82
C TYR L 808 35.72 -40.89 7.81
N ASN L 809 34.87 -41.24 6.85
CA ASN L 809 33.52 -40.68 6.81
C ASN L 809 32.72 -41.11 8.03
N MET L 810 32.86 -42.37 8.45
CA MET L 810 32.19 -42.84 9.64
C MET L 810 32.68 -42.10 10.89
N ILE L 811 33.99 -41.89 10.99
CA ILE L 811 34.53 -41.18 12.15
C ILE L 811 34.03 -39.74 12.19
N LEU L 812 34.03 -39.08 11.04
CA LEU L 812 33.59 -37.69 10.98
C LEU L 812 32.10 -37.57 11.29
N ASN L 813 31.30 -38.54 10.83
CA ASN L 813 29.87 -38.51 11.13
C ASN L 813 29.59 -38.77 12.61
N LEU L 814 30.39 -39.64 13.24
CA LEU L 814 30.19 -39.96 14.64
C LEU L 814 30.65 -38.85 15.59
N LEU L 815 31.53 -37.96 15.13
CA LEU L 815 32.00 -36.87 15.97
C LEU L 815 30.99 -35.73 16.08
N ARG L 816 30.02 -35.66 15.18
CA ARG L 816 29.00 -34.62 15.23
C ARG L 816 27.82 -34.97 16.14
N ILE L 817 27.75 -36.20 16.62
CA ILE L 817 26.61 -36.64 17.43
C ILE L 817 26.81 -36.19 18.87
N GLU L 818 25.80 -35.53 19.43
CA GLU L 818 25.87 -35.06 20.80
C GLU L 818 25.94 -36.25 21.76
N ALA L 819 26.79 -36.11 22.78
CA ALA L 819 27.11 -37.19 23.74
C ALA L 819 27.71 -38.34 22.92
N LEU L 820 27.32 -39.59 23.15
CA LEU L 820 27.79 -40.74 22.37
C LEU L 820 29.31 -40.87 22.44
N ARG L 821 29.78 -41.23 23.64
CA ARG L 821 31.19 -41.56 23.84
C ARG L 821 31.61 -42.66 22.86
N VAL L 822 32.50 -42.33 21.92
CA VAL L 822 32.79 -43.22 20.81
C VAL L 822 33.56 -44.46 21.27
N GLU L 823 34.53 -44.27 22.18
CA GLU L 823 35.42 -45.37 22.56
C GLU L 823 34.65 -46.52 23.20
N GLU L 824 33.69 -46.21 24.07
CA GLU L 824 32.94 -47.24 24.77
C GLU L 824 32.01 -48.02 23.85
N MET L 825 31.76 -47.55 22.63
CA MET L 825 30.93 -48.29 21.69
C MET L 825 31.74 -49.13 20.71
N ILE L 826 33.00 -48.76 20.45
CA ILE L 826 33.84 -49.54 19.55
C ILE L 826 34.15 -50.91 20.15
N LYS L 827 34.29 -50.99 21.47
CA LYS L 827 34.54 -52.27 22.12
C LYS L 827 33.41 -53.25 21.87
N TYR L 828 32.16 -52.78 22.02
CA TYR L 828 31.00 -53.64 21.84
C TYR L 828 30.26 -53.31 20.54
N LEU L 841 40.07 -52.68 17.37
CA LEU L 841 39.79 -51.47 16.59
C LEU L 841 40.20 -50.22 17.35
N LEU L 842 40.33 -50.34 18.67
CA LEU L 842 40.70 -49.19 19.49
C LEU L 842 42.08 -48.62 19.14
N PRO L 843 43.15 -49.41 18.98
CA PRO L 843 44.43 -48.81 18.59
C PRO L 843 44.38 -48.10 17.25
N ASP L 844 43.55 -48.59 16.32
CA ASP L 844 43.45 -47.94 15.02
C ASP L 844 42.69 -46.61 15.12
N TYR L 845 41.69 -46.53 15.99
CA TYR L 845 40.89 -45.32 16.09
C TYR L 845 41.73 -44.12 16.52
N GLU L 846 42.66 -44.33 17.46
CA GLU L 846 43.51 -43.24 17.91
C GLU L 846 44.41 -42.73 16.79
N LYS L 847 44.95 -43.64 15.97
CA LYS L 847 45.82 -43.23 14.88
C LYS L 847 45.07 -42.42 13.84
N ARG L 848 43.83 -42.81 13.53
CA ARG L 848 43.05 -42.09 12.53
C ARG L 848 42.69 -40.69 13.00
N LEU L 849 42.46 -40.50 14.31
CA LEU L 849 42.16 -39.18 14.84
C LEU L 849 43.33 -38.22 14.67
N ALA L 850 44.55 -38.73 14.75
CA ALA L 850 45.72 -37.87 14.61
C ALA L 850 45.86 -37.34 13.18
N VAL L 851 45.51 -38.16 12.19
CA VAL L 851 45.55 -37.72 10.80
C VAL L 851 44.55 -36.61 10.56
N LEU L 852 43.34 -36.77 11.10
CA LEU L 852 42.29 -35.77 10.89
C LEU L 852 42.65 -34.44 11.52
N LYS L 853 43.36 -34.46 12.64
CA LYS L 853 43.80 -33.22 13.28
C LYS L 853 44.98 -32.58 12.55
N ASP L 854 45.82 -33.39 11.89
CA ASP L 854 46.98 -32.85 11.20
C ASP L 854 46.58 -32.02 9.99
N THR L 855 45.69 -32.56 9.15
CA THR L 855 45.26 -31.90 7.93
C THR L 855 44.09 -30.95 8.17
N GLU L 856 43.86 -30.54 9.42
CA GLU L 856 42.90 -29.48 9.75
C GLU L 856 41.47 -29.84 9.37
N PHE L 857 41.11 -31.11 9.54
CA PHE L 857 39.72 -31.51 9.45
C PHE L 857 38.97 -31.30 10.76
N ILE L 858 39.65 -31.48 11.89
CA ILE L 858 39.12 -31.18 13.22
C ILE L 858 40.18 -30.40 13.97
N ASP L 859 39.74 -29.71 15.03
CA ASP L 859 40.67 -28.96 15.86
C ASP L 859 41.16 -29.84 17.02
N GLN L 860 41.83 -29.21 18.00
CA GLN L 860 42.42 -29.97 19.09
C GLN L 860 41.37 -30.58 20.01
N ASN L 861 40.19 -29.98 20.08
CA ASN L 861 39.10 -30.50 20.90
C ASN L 861 38.19 -31.46 20.13
N HIS L 862 38.60 -31.89 18.94
CA HIS L 862 37.85 -32.82 18.11
C HIS L 862 36.49 -32.25 17.72
N ASN L 863 36.45 -30.96 17.38
CA ASN L 863 35.27 -30.32 16.84
C ASN L 863 35.39 -30.22 15.33
N VAL L 864 34.34 -30.62 14.62
CA VAL L 864 34.39 -30.67 13.16
C VAL L 864 34.42 -29.26 12.59
N LEU L 865 35.38 -28.98 11.72
CA LEU L 865 35.53 -27.68 11.10
C LEU L 865 34.81 -27.68 9.75
N LEU L 866 35.02 -26.61 8.97
CA LEU L 866 34.37 -26.52 7.66
C LEU L 866 34.87 -27.60 6.71
N LYS L 867 36.17 -27.92 6.76
CA LYS L 867 36.72 -28.94 5.89
C LYS L 867 36.12 -30.31 6.18
N GLY L 868 35.93 -30.64 7.46
CA GLY L 868 35.33 -31.91 7.83
C GLY L 868 33.89 -32.03 7.42
N ARG L 869 33.15 -30.92 7.42
CA ARG L 869 31.73 -30.97 7.05
C ARG L 869 31.55 -31.39 5.60
N VAL L 870 32.43 -30.92 4.70
CA VAL L 870 32.36 -31.34 3.31
C VAL L 870 32.62 -32.84 3.18
N ALA L 871 33.62 -33.35 3.90
CA ALA L 871 33.96 -34.77 3.80
C ALA L 871 32.85 -35.66 4.35
N CYS L 872 32.02 -35.15 5.27
CA CYS L 872 30.90 -35.93 5.79
C CYS L 872 29.86 -36.23 4.72
N GLU L 873 29.84 -35.46 3.63
CA GLU L 873 28.85 -35.65 2.57
C GLU L 873 29.39 -36.44 1.38
N ILE L 874 30.64 -36.89 1.44
CA ILE L 874 31.24 -37.70 0.38
C ILE L 874 31.33 -39.12 0.90
N ASN L 875 30.56 -40.03 0.29
CA ASN L 875 30.43 -41.39 0.79
C ASN L 875 31.12 -42.44 -0.06
N SER L 876 31.32 -42.19 -1.35
CA SER L 876 31.66 -43.28 -2.27
C SER L 876 33.01 -43.93 -1.98
N GLY L 877 34.12 -43.25 -2.27
CA GLY L 877 35.41 -43.90 -2.07
C GLY L 877 36.53 -43.16 -1.36
N TYR L 878 36.59 -41.84 -1.51
CA TYR L 878 37.79 -41.10 -1.12
C TYR L 878 37.35 -39.73 -0.62
N GLU L 879 37.22 -39.60 0.70
CA GLU L 879 36.71 -38.37 1.29
C GLU L 879 37.78 -37.29 1.36
N LEU L 880 38.97 -37.66 1.82
CA LEU L 880 40.02 -36.66 2.08
C LEU L 880 40.63 -36.13 0.79
N VAL L 881 40.91 -37.00 -0.18
CA VAL L 881 41.53 -36.57 -1.42
C VAL L 881 40.58 -35.67 -2.22
N LEU L 882 39.31 -36.05 -2.29
CA LEU L 882 38.33 -35.22 -3.00
C LEU L 882 38.15 -33.86 -2.33
N THR L 883 38.12 -33.84 -1.00
CA THR L 883 37.95 -32.58 -0.28
C THR L 883 39.13 -31.64 -0.53
N GLU L 884 40.35 -32.19 -0.50
CA GLU L 884 41.54 -31.38 -0.80
C GLU L 884 41.48 -30.84 -2.22
N LEU L 885 40.98 -31.65 -3.16
CA LEU L 885 40.89 -31.20 -4.54
C LEU L 885 39.91 -30.05 -4.70
N ILE L 886 38.75 -30.13 -4.04
CA ILE L 886 37.73 -29.10 -4.18
C ILE L 886 38.20 -27.78 -3.59
N LEU L 887 38.84 -27.84 -2.41
CA LEU L 887 39.24 -26.62 -1.72
C LEU L 887 40.52 -26.00 -2.27
N ASP L 888 41.18 -26.66 -3.22
CA ASP L 888 42.43 -26.17 -3.80
C ASP L 888 42.19 -25.34 -5.06
N ASN L 889 40.95 -24.89 -5.28
CA ASN L 889 40.53 -24.13 -6.47
C ASN L 889 40.69 -24.94 -7.75
N PHE L 890 40.84 -26.26 -7.62
CA PHE L 890 40.76 -27.15 -8.77
C PHE L 890 39.32 -27.18 -9.28
N LEU L 891 39.16 -27.63 -10.52
CA LEU L 891 37.89 -27.69 -11.24
C LEU L 891 37.33 -26.32 -11.58
N GLY L 892 38.04 -25.23 -11.26
CA GLY L 892 37.54 -23.90 -11.55
C GLY L 892 37.88 -23.43 -12.95
N SER L 893 38.90 -24.04 -13.56
CA SER L 893 39.34 -23.65 -14.89
C SER L 893 38.74 -24.50 -16.00
N PHE L 894 38.35 -25.74 -15.71
CA PHE L 894 37.86 -26.66 -16.72
C PHE L 894 36.38 -26.42 -17.01
N GLU L 895 35.94 -26.96 -18.14
CA GLU L 895 34.56 -26.95 -18.59
C GLU L 895 33.81 -28.17 -18.05
N PRO L 896 32.47 -28.15 -18.06
CA PRO L 896 31.72 -29.32 -17.58
C PRO L 896 32.11 -30.63 -18.23
N GLU L 897 32.40 -30.62 -19.54
CA GLU L 897 32.82 -31.85 -20.21
C GLU L 897 34.14 -32.36 -19.66
N GLU L 898 35.09 -31.45 -19.40
CA GLU L 898 36.39 -31.85 -18.90
C GLU L 898 36.36 -32.22 -17.42
N ILE L 899 35.46 -31.62 -16.65
CA ILE L 899 35.38 -31.92 -15.22
C ILE L 899 34.99 -33.38 -15.01
N VAL L 900 33.96 -33.83 -15.73
CA VAL L 900 33.49 -35.20 -15.56
C VAL L 900 34.50 -36.20 -16.09
N ALA L 901 35.30 -35.80 -17.09
CA ALA L 901 36.32 -36.70 -17.63
C ALA L 901 37.41 -36.99 -16.60
N LEU L 902 37.80 -35.98 -15.83
CA LEU L 902 38.85 -36.17 -14.83
C LEU L 902 38.36 -36.93 -13.61
N LEU L 903 37.07 -36.83 -13.29
CA LEU L 903 36.53 -37.47 -12.10
C LEU L 903 36.35 -38.97 -12.27
N SER L 904 36.51 -39.51 -13.48
CA SER L 904 36.36 -40.94 -13.70
C SER L 904 37.46 -41.77 -13.07
N VAL L 905 38.54 -41.15 -12.60
CA VAL L 905 39.61 -41.89 -11.96
C VAL L 905 39.14 -42.50 -10.64
N PHE L 906 38.19 -41.86 -9.97
CA PHE L 906 37.65 -42.38 -8.72
C PHE L 906 36.56 -43.42 -8.95
N VAL L 907 36.15 -43.65 -10.19
CA VAL L 907 35.09 -44.60 -10.51
C VAL L 907 35.65 -45.84 -11.21
N TYR L 908 36.57 -45.65 -12.15
CA TYR L 908 37.15 -46.75 -12.90
C TYR L 908 38.37 -47.27 -12.17
N GLU L 909 38.40 -48.59 -11.92
CA GLU L 909 39.43 -49.20 -11.10
C GLU L 909 40.68 -49.59 -11.88
N GLY L 910 40.65 -49.51 -13.20
CA GLY L 910 41.86 -49.73 -13.99
C GLY L 910 42.47 -51.11 -13.90
N LYS L 911 41.64 -52.16 -13.96
CA LYS L 911 42.15 -53.52 -13.89
C LYS L 911 42.66 -54.03 -15.22
N THR L 912 42.56 -53.25 -16.28
CA THR L 912 43.03 -53.65 -17.60
C THR L 912 44.54 -53.43 -17.72
N ARG L 913 45.11 -53.97 -18.80
CA ARG L 913 46.52 -53.82 -19.09
C ARG L 913 46.79 -53.22 -20.46
N GLU L 914 45.76 -52.82 -21.20
CA GLU L 914 45.94 -52.26 -22.52
C GLU L 914 46.57 -50.87 -22.44
N GLU L 915 47.20 -50.47 -23.54
CA GLU L 915 47.85 -49.17 -23.60
C GLU L 915 46.82 -48.05 -23.49
N GLU L 916 47.14 -47.06 -22.66
CA GLU L 916 46.30 -45.87 -22.57
C GLU L 916 46.42 -45.04 -23.85
N PRO L 917 45.45 -44.18 -24.10
CA PRO L 917 45.52 -43.31 -25.29
C PRO L 917 46.76 -42.44 -25.25
N PRO L 918 47.67 -42.61 -26.23
CA PRO L 918 48.92 -41.84 -26.19
C PRO L 918 48.70 -40.34 -26.21
N ILE L 919 47.68 -39.86 -26.91
CA ILE L 919 47.35 -38.45 -26.99
C ILE L 919 45.93 -38.27 -26.45
N VAL L 920 45.76 -37.37 -25.49
CA VAL L 920 44.46 -37.03 -24.94
C VAL L 920 44.06 -35.60 -25.32
N THR L 921 44.83 -34.60 -24.90
CA THR L 921 44.65 -33.19 -25.20
C THR L 921 45.81 -32.42 -24.57
N PRO L 922 46.10 -31.20 -25.01
CA PRO L 922 47.08 -30.39 -24.27
C PRO L 922 46.69 -30.19 -22.82
N ARG L 923 45.40 -30.00 -22.55
CA ARG L 923 44.89 -30.02 -21.19
C ARG L 923 44.44 -31.45 -20.87
N LEU L 924 43.87 -31.65 -19.68
CA LEU L 924 43.50 -32.97 -19.17
C LEU L 924 44.75 -33.80 -18.88
N ALA L 925 45.92 -33.28 -19.23
CA ALA L 925 47.19 -33.85 -18.83
C ALA L 925 47.80 -33.13 -17.64
N LYS L 926 47.61 -31.81 -17.57
CA LYS L 926 47.93 -31.09 -16.34
C LYS L 926 47.03 -31.54 -15.19
N GLY L 927 45.76 -31.80 -15.49
CA GLY L 927 44.87 -32.33 -14.47
C GLY L 927 45.31 -33.68 -13.95
N LYS L 928 45.86 -34.52 -14.83
CA LYS L 928 46.40 -35.81 -14.39
C LYS L 928 47.54 -35.63 -13.41
N GLN L 929 48.45 -34.71 -13.71
CA GLN L 929 49.61 -34.49 -12.83
C GLN L 929 49.18 -33.92 -11.49
N ARG L 930 48.24 -32.97 -11.50
CA ARG L 930 47.80 -32.35 -10.26
C ARG L 930 47.14 -33.36 -9.33
N ILE L 931 46.31 -34.24 -9.88
CA ILE L 931 45.65 -35.25 -9.05
C ILE L 931 46.67 -36.22 -8.47
N GLU L 932 47.66 -36.64 -9.27
CA GLU L 932 48.65 -37.59 -8.79
C GLU L 932 49.53 -36.98 -7.70
N GLU L 933 49.89 -35.70 -7.84
CA GLU L 933 50.68 -35.04 -6.80
C GLU L 933 49.89 -34.93 -5.50
N ILE L 934 48.62 -34.56 -5.58
CA ILE L 934 47.80 -34.44 -4.38
C ILE L 934 47.62 -35.80 -3.72
N TYR L 935 47.38 -36.84 -4.51
CA TYR L 935 47.25 -38.18 -3.94
C TYR L 935 48.55 -38.64 -3.31
N LYS L 936 49.68 -38.33 -3.94
CA LYS L 936 50.98 -38.73 -3.38
C LYS L 936 51.25 -38.02 -2.06
N LYS L 937 50.92 -36.73 -1.96
CA LYS L 937 51.09 -36.01 -0.71
C LYS L 937 50.23 -36.60 0.40
N MET L 938 48.98 -36.95 0.06
CA MET L 938 48.10 -37.57 1.06
C MET L 938 48.59 -38.94 1.46
N LEU L 939 49.23 -39.67 0.55
CA LEU L 939 49.73 -41.00 0.86
C LEU L 939 50.91 -40.95 1.83
N CYS L 940 51.71 -39.88 1.77
CA CYS L 940 52.83 -39.74 2.69
C CYS L 940 52.34 -39.48 4.11
N VAL L 941 51.26 -38.72 4.26
CA VAL L 941 50.68 -38.46 5.58
C VAL L 941 50.19 -39.75 6.21
N PHE L 942 49.55 -40.61 5.41
CA PHE L 942 49.03 -41.88 5.93
C PHE L 942 50.17 -42.75 6.46
N ASN L 943 51.28 -42.83 5.73
CA ASN L 943 52.40 -43.65 6.15
C ASN L 943 53.20 -43.04 7.30
N THR L 944 53.12 -41.72 7.47
CA THR L 944 53.81 -41.08 8.59
C THR L 944 53.22 -41.55 9.92
N HIS L 945 51.91 -41.70 9.99
CA HIS L 945 51.23 -42.15 11.19
C HIS L 945 51.15 -43.67 11.31
N GLN L 946 51.74 -44.40 10.35
CA GLN L 946 51.80 -45.86 10.38
C GLN L 946 50.39 -46.47 10.42
N ILE L 947 49.64 -46.22 9.36
CA ILE L 947 48.29 -46.76 9.20
C ILE L 947 48.35 -47.87 8.16
N PRO L 948 47.90 -49.08 8.48
CA PRO L 948 47.83 -50.13 7.45
C PRO L 948 46.89 -49.73 6.32
N LEU L 949 47.29 -50.06 5.09
CA LEU L 949 46.60 -49.64 3.89
C LEU L 949 45.96 -50.82 3.19
N THR L 950 44.79 -50.58 2.60
CA THR L 950 44.12 -51.59 1.81
C THR L 950 44.80 -51.76 0.46
N GLN L 951 44.48 -52.86 -0.23
CA GLN L 951 45.07 -53.12 -1.53
C GLN L 951 44.68 -52.06 -2.54
N ASP L 952 43.42 -51.59 -2.50
CA ASP L 952 42.97 -50.58 -3.44
C ASP L 952 43.73 -49.27 -3.26
N GLU L 953 43.94 -48.85 -2.01
CA GLU L 953 44.62 -47.58 -1.75
C GLU L 953 46.12 -47.68 -1.97
N ALA L 954 46.72 -48.83 -1.69
CA ALA L 954 48.16 -48.98 -1.88
C ALA L 954 48.53 -48.96 -3.36
N GLU L 955 47.83 -49.74 -4.18
CA GLU L 955 48.09 -49.80 -5.61
C GLU L 955 47.09 -48.95 -6.39
N PHE L 956 47.13 -47.65 -6.13
CA PHE L 956 46.24 -46.71 -6.80
C PHE L 956 46.88 -46.17 -8.08
N LEU L 957 48.05 -45.54 -7.96
CA LEU L 957 48.76 -45.03 -9.12
C LEU L 957 49.42 -46.13 -9.94
N ASP L 958 49.62 -47.31 -9.35
CA ASP L 958 50.19 -48.42 -10.10
C ASP L 958 49.26 -48.87 -11.22
N ARG L 959 47.96 -48.94 -10.94
CA ARG L 959 46.99 -49.30 -11.96
C ARG L 959 46.77 -48.14 -12.92
N LYS L 960 46.17 -48.45 -14.07
CA LYS L 960 45.90 -47.46 -15.11
C LYS L 960 44.44 -47.01 -15.00
N ARG L 961 44.19 -46.15 -14.01
CA ARG L 961 42.83 -45.69 -13.72
C ARG L 961 42.43 -44.47 -14.54
N PHE L 962 43.33 -43.95 -15.38
CA PHE L 962 43.03 -42.80 -16.22
C PHE L 962 42.69 -43.19 -17.66
N ALA L 963 42.48 -44.49 -17.92
CA ALA L 963 42.33 -44.96 -19.29
C ALA L 963 40.97 -44.61 -19.90
N MET L 964 39.98 -44.24 -19.09
CA MET L 964 38.64 -44.01 -19.58
C MET L 964 38.31 -42.53 -19.78
N MET L 965 39.30 -41.65 -19.69
CA MET L 965 39.04 -40.22 -19.84
C MET L 965 38.51 -39.90 -21.23
N ASN L 966 39.13 -40.47 -22.27
CA ASN L 966 38.72 -40.20 -23.63
C ASN L 966 37.31 -40.69 -23.90
N VAL L 967 36.97 -41.87 -23.39
CA VAL L 967 35.63 -42.43 -23.58
C VAL L 967 34.59 -41.51 -22.97
N VAL L 968 34.83 -41.06 -21.74
CA VAL L 968 33.89 -40.17 -21.07
C VAL L 968 33.86 -38.81 -21.74
N TYR L 969 35.02 -38.32 -22.18
CA TYR L 969 35.09 -36.99 -22.78
C TYR L 969 34.26 -36.90 -24.06
N GLU L 970 34.35 -37.91 -24.92
CA GLU L 970 33.58 -37.90 -26.16
C GLU L 970 32.10 -38.21 -25.92
N TRP L 971 31.80 -38.98 -24.88
CA TRP L 971 30.39 -39.24 -24.55
C TRP L 971 29.66 -37.95 -24.20
N ALA L 972 30.27 -37.10 -23.39
CA ALA L 972 29.63 -35.86 -23.00
C ALA L 972 29.62 -34.84 -24.13
N ARG L 973 30.65 -34.85 -24.98
CA ARG L 973 30.71 -33.91 -26.10
C ARG L 973 29.66 -34.20 -27.15
N GLY L 974 29.15 -35.43 -27.22
CA GLY L 974 28.18 -35.78 -28.23
C GLY L 974 28.81 -36.55 -29.37
N LEU L 975 28.64 -37.87 -29.36
CA LEU L 975 29.25 -38.72 -30.38
C LEU L 975 28.51 -40.05 -30.36
N SER L 976 28.24 -40.58 -31.55
CA SER L 976 27.51 -41.85 -31.64
C SER L 976 28.25 -42.94 -30.90
N PHE L 977 27.52 -43.73 -30.11
CA PHE L 977 28.14 -44.73 -29.26
C PHE L 977 28.79 -45.86 -30.06
N LYS L 978 28.48 -45.97 -31.36
CA LYS L 978 29.18 -46.94 -32.19
C LYS L 978 30.61 -46.50 -32.49
N GLU L 979 30.81 -45.21 -32.77
CA GLU L 979 32.15 -44.70 -33.01
C GLU L 979 33.00 -44.71 -31.73
N ILE L 980 32.37 -44.51 -30.57
CA ILE L 980 33.11 -44.53 -29.31
C ILE L 980 33.71 -45.90 -29.06
N MET L 981 32.96 -46.97 -29.34
CA MET L 981 33.42 -48.31 -29.07
C MET L 981 34.57 -48.74 -29.97
N GLU L 982 34.82 -48.01 -31.06
CA GLU L 982 35.95 -48.34 -31.93
C GLU L 982 37.29 -48.01 -31.29
N MET L 983 37.29 -47.22 -30.22
CA MET L 983 38.53 -46.81 -29.56
C MET L 983 38.56 -47.09 -28.07
N SER L 984 37.42 -47.39 -27.45
CA SER L 984 37.38 -47.63 -26.02
C SER L 984 38.10 -48.95 -25.68
N PRO L 985 38.74 -49.02 -24.51
CA PRO L 985 39.39 -50.25 -24.07
C PRO L 985 38.51 -51.18 -23.24
N GLU L 986 37.22 -50.91 -23.13
CA GLU L 986 36.31 -51.74 -22.36
C GLU L 986 35.03 -51.97 -23.17
N ALA L 987 34.33 -53.04 -22.84
CA ALA L 987 33.12 -53.43 -23.56
C ALA L 987 32.00 -52.43 -23.31
N GLU L 988 30.89 -52.64 -24.03
CA GLU L 988 29.75 -51.74 -23.90
C GLU L 988 29.16 -51.79 -22.50
N GLY L 989 29.12 -52.98 -21.89
CA GLY L 989 28.57 -53.10 -20.56
C GLY L 989 29.35 -52.34 -19.51
N THR L 990 30.68 -52.30 -19.65
CA THR L 990 31.50 -51.60 -18.68
C THR L 990 31.36 -50.08 -18.82
N VAL L 991 31.19 -49.59 -20.05
CA VAL L 991 31.09 -48.16 -20.27
C VAL L 991 29.84 -47.59 -19.61
N VAL L 992 28.71 -48.30 -19.75
CA VAL L 992 27.46 -47.81 -19.16
C VAL L 992 27.54 -47.80 -17.64
N ARG L 993 28.23 -48.78 -17.05
CA ARG L 993 28.41 -48.81 -15.60
C ARG L 993 29.18 -47.59 -15.11
N VAL L 994 30.21 -47.19 -15.85
CA VAL L 994 31.03 -46.04 -15.44
C VAL L 994 30.20 -44.76 -15.45
N ILE L 995 29.40 -44.58 -16.49
CA ILE L 995 28.55 -43.39 -16.57
C ILE L 995 27.52 -43.40 -15.44
N THR L 996 26.98 -44.57 -15.12
CA THR L 996 26.02 -44.67 -14.03
C THR L 996 26.64 -44.29 -12.69
N TRP L 997 27.87 -44.73 -12.44
CA TRP L 997 28.55 -44.39 -11.20
C TRP L 997 28.94 -42.92 -11.13
N LEU L 998 29.05 -42.25 -12.27
CA LEU L 998 29.42 -40.84 -12.30
C LEU L 998 28.26 -39.93 -11.96
N ASP L 999 27.04 -40.45 -11.86
CA ASP L 999 25.90 -39.64 -11.45
C ASP L 999 25.98 -39.30 -9.96
N GLU L 1000 26.44 -40.26 -9.14
CA GLU L 1000 26.55 -40.01 -7.70
C GLU L 1000 27.64 -39.01 -7.39
N ILE L 1001 28.75 -39.05 -8.14
CA ILE L 1001 29.85 -38.11 -7.89
C ILE L 1001 29.40 -36.68 -8.14
N CYS L 1002 28.63 -36.45 -9.21
CA CYS L 1002 28.15 -35.10 -9.49
C CYS L 1002 27.23 -34.60 -8.40
N ARG L 1003 26.40 -35.48 -7.84
CA ARG L 1003 25.50 -35.09 -6.76
C ARG L 1003 26.27 -34.68 -5.51
N GLU L 1004 27.33 -35.41 -5.18
CA GLU L 1004 28.12 -35.08 -3.99
C GLU L 1004 28.83 -33.74 -4.13
N VAL L 1005 29.39 -33.47 -5.31
CA VAL L 1005 30.09 -32.20 -5.53
C VAL L 1005 29.09 -31.03 -5.51
N LYS L 1006 27.87 -31.25 -5.99
CA LYS L 1006 26.85 -30.21 -5.89
C LYS L 1006 26.52 -29.90 -4.43
N THR L 1007 26.46 -30.93 -3.58
CA THR L 1007 26.20 -30.72 -2.17
C THR L 1007 27.33 -29.94 -1.50
N ALA L 1008 28.59 -30.27 -1.85
CA ALA L 1008 29.71 -29.57 -1.26
C ALA L 1008 29.76 -28.10 -1.65
N SER L 1009 29.23 -27.76 -2.83
CA SER L 1009 29.21 -26.35 -3.25
C SER L 1009 28.29 -25.52 -2.39
N ILE L 1010 27.17 -26.10 -1.94
CA ILE L 1010 26.25 -25.37 -1.07
C ILE L 1010 26.88 -25.16 0.31
N ILE L 1011 27.64 -26.14 0.78
CA ILE L 1011 28.24 -26.04 2.11
C ILE L 1011 29.26 -24.91 2.16
N ILE L 1012 30.07 -24.77 1.10
CA ILE L 1012 31.11 -23.73 1.10
C ILE L 1012 30.64 -22.43 0.47
N GLY L 1013 29.52 -22.43 -0.24
CA GLY L 1013 29.00 -21.20 -0.82
C GLY L 1013 29.69 -20.76 -2.10
N ASN L 1014 29.91 -21.69 -3.03
CA ASN L 1014 30.50 -21.39 -4.33
C ASN L 1014 29.48 -21.72 -5.41
N SER L 1015 28.77 -20.71 -5.90
CA SER L 1015 27.73 -20.94 -6.89
C SER L 1015 28.27 -21.21 -8.28
N THR L 1016 29.51 -20.80 -8.57
CA THR L 1016 30.11 -21.10 -9.86
C THR L 1016 30.29 -22.60 -10.04
N LEU L 1017 30.76 -23.29 -8.99
CA LEU L 1017 30.93 -24.74 -9.08
C LEU L 1017 29.58 -25.45 -9.15
N HIS L 1018 28.54 -24.88 -8.56
CA HIS L 1018 27.23 -25.52 -8.56
C HIS L 1018 26.63 -25.60 -9.95
N MET L 1019 26.75 -24.53 -10.75
CA MET L 1019 26.16 -24.56 -12.08
C MET L 1019 26.98 -25.41 -13.04
N LYS L 1020 28.29 -25.52 -12.82
CA LYS L 1020 29.11 -26.39 -13.66
C LYS L 1020 28.73 -27.85 -13.47
N MET L 1021 28.45 -28.27 -12.24
CA MET L 1021 28.09 -29.65 -11.99
C MET L 1021 26.68 -29.98 -12.46
N SER L 1022 25.78 -28.99 -12.45
CA SER L 1022 24.44 -29.20 -12.97
C SER L 1022 24.47 -29.46 -14.46
N ARG L 1023 25.33 -28.75 -15.19
CA ARG L 1023 25.44 -28.96 -16.63
C ARG L 1023 26.04 -30.32 -16.95
N ALA L 1024 26.97 -30.80 -16.11
CA ALA L 1024 27.61 -32.07 -16.37
C ALA L 1024 26.63 -33.23 -16.30
N GLN L 1025 25.67 -33.16 -15.37
CA GLN L 1025 24.69 -34.23 -15.23
C GLN L 1025 23.83 -34.38 -16.49
N GLU L 1026 23.41 -33.25 -17.07
CA GLU L 1026 22.55 -33.30 -18.25
C GLU L 1026 23.32 -33.73 -19.49
N LEU L 1027 24.64 -33.61 -19.49
CA LEU L 1027 25.44 -33.96 -20.66
C LEU L 1027 25.78 -35.44 -20.75
N ILE L 1028 25.58 -36.22 -19.69
CA ILE L 1028 25.94 -37.62 -19.67
C ILE L 1028 24.70 -38.52 -19.65
N LYS L 1029 23.54 -37.97 -19.96
CA LYS L 1029 22.30 -38.74 -20.03
C LYS L 1029 21.96 -39.05 -21.48
N ARG L 1030 21.75 -40.32 -21.77
CA ARG L 1030 21.38 -40.77 -23.11
C ARG L 1030 20.21 -41.73 -23.02
N ASP L 1031 19.60 -42.01 -24.17
CA ASP L 1031 18.43 -42.87 -24.20
C ASP L 1031 18.77 -44.32 -23.85
N ILE L 1032 19.98 -44.77 -24.18
CA ILE L 1032 20.30 -46.18 -24.06
C ILE L 1032 20.42 -46.60 -22.60
N VAL L 1033 20.76 -45.67 -21.70
CA VAL L 1033 20.88 -46.03 -20.29
C VAL L 1033 19.54 -46.17 -19.59
N PHE L 1034 18.45 -45.72 -20.23
CA PHE L 1034 17.11 -45.82 -19.66
C PHE L 1034 16.23 -46.79 -20.44
N ALA L 1035 16.84 -47.79 -21.09
CA ALA L 1035 16.07 -48.76 -21.84
C ALA L 1035 15.21 -49.62 -20.92
N ALA L 1036 13.97 -49.84 -21.32
CA ALA L 1036 13.04 -50.62 -20.51
C ALA L 1036 13.44 -52.09 -20.49
N SER L 1037 13.13 -52.75 -19.37
CA SER L 1037 13.42 -54.16 -19.22
C SER L 1037 12.55 -55.01 -20.14
N LEU L 1038 13.12 -56.12 -20.62
CA LEU L 1038 12.37 -57.05 -21.46
C LEU L 1038 11.46 -57.96 -20.66
N TYR L 1039 11.61 -58.00 -19.34
CA TYR L 1039 10.72 -58.81 -18.50
C TYR L 1039 9.39 -58.13 -18.24
N LEU L 1040 9.29 -56.83 -18.50
CA LEU L 1040 8.07 -56.09 -18.22
C LEU L 1040 7.12 -56.13 -19.41
PG ATP N . 15.62 -72.25 -5.66
O1G ATP N . 16.35 -71.54 -6.78
O2G ATP N . 16.62 -72.76 -4.65
O3G ATP N . 14.69 -71.27 -4.98
PB ATP N . 13.30 -74.01 -5.71
O1B ATP N . 13.49 -74.68 -4.37
O2B ATP N . 12.38 -72.83 -5.56
O3B ATP N . 14.77 -73.51 -6.27
PA ATP N . 11.28 -74.80 -7.65
O1A ATP N . 10.16 -74.45 -6.71
O2A ATP N . 11.51 -73.64 -8.59
O3A ATP N . 12.65 -75.08 -6.78
O5' ATP N . 10.90 -76.15 -8.51
C5' ATP N . 10.70 -76.02 -9.89
C4' ATP N . 9.76 -77.17 -10.36
O4' ATP N . 9.57 -78.02 -9.44
C3' ATP N . 8.33 -76.61 -10.67
O3' ATP N . 8.18 -76.40 -12.00
C2' ATP N . 7.38 -77.70 -10.20
O2' ATP N . 6.53 -78.16 -11.35
C1' ATP N . 8.13 -78.67 -9.77
N9 ATP N . 7.55 -79.26 -8.59
C8 ATP N . 7.40 -78.64 -7.42
N7 ATP N . 6.84 -79.47 -6.56
C5 ATP N . 6.65 -80.64 -7.18
C6 ATP N . 6.10 -81.87 -6.78
N6 ATP N . 5.61 -82.07 -5.43
N1 ATP N . 6.06 -82.86 -7.67
C2 ATP N . 6.50 -82.70 -8.91
N3 ATP N . 7.01 -81.55 -9.31
C4 ATP N . 7.10 -80.51 -8.47
#